data_2AYZ
#
_entry.id   2AYZ
#
_entity_poly.entity_id   1
_entity_poly.type   'polypeptide(L)'
_entity_poly.pdbx_seq_one_letter_code
;KAVSDNDDMMILVVDDHPINRRLLADQLGSLGYQCKTANDGVDALNVLSKNHIDIVLSDVNMPNMDGYRLTQRIRQLGLT
LPVIGVTANALAEEKQRCLESGMDSCLSKPVTLDVIKQTLTLYAERVRKSRDS
;
_entity_poly.pdbx_strand_id   A
#
# COMPACT_ATOMS: atom_id res chain seq x y z
N LYS A 1 -31.10 10.85 13.84
CA LYS A 1 -31.80 11.03 12.55
C LYS A 1 -30.80 11.38 11.44
N ALA A 2 -29.75 10.59 11.35
CA ALA A 2 -28.69 10.84 10.37
C ALA A 2 -27.73 9.66 10.32
N VAL A 3 -26.69 9.79 9.51
CA VAL A 3 -25.67 8.77 9.39
C VAL A 3 -24.31 9.40 9.63
N SER A 4 -23.37 8.62 10.15
CA SER A 4 -22.03 9.12 10.41
C SER A 4 -20.98 8.21 9.77
N ASP A 5 -21.18 7.93 8.49
CA ASP A 5 -20.25 7.08 7.75
C ASP A 5 -18.98 7.83 7.43
N ASN A 6 -17.86 7.12 7.45
CA ASN A 6 -16.57 7.72 7.17
C ASN A 6 -15.67 6.76 6.42
N ASP A 7 -16.21 5.56 6.16
CA ASP A 7 -15.49 4.49 5.47
C ASP A 7 -14.53 3.75 6.42
N ASP A 8 -13.86 4.52 7.28
CA ASP A 8 -12.99 3.98 8.33
C ASP A 8 -11.64 3.54 7.78
N MET A 9 -11.65 2.64 6.81
CA MET A 9 -10.43 2.07 6.29
C MET A 9 -9.99 2.74 5.00
N MET A 10 -9.15 3.77 5.13
CA MET A 10 -8.64 4.49 3.99
C MET A 10 -7.37 3.83 3.47
N ILE A 11 -7.44 3.18 2.32
CA ILE A 11 -6.33 2.43 1.78
C ILE A 11 -5.71 3.15 0.59
N LEU A 12 -4.38 3.06 0.48
CA LEU A 12 -3.66 3.70 -0.60
C LEU A 12 -3.28 2.68 -1.68
N VAL A 13 -3.82 2.86 -2.87
CA VAL A 13 -3.55 1.99 -3.99
C VAL A 13 -2.65 2.71 -5.00
N VAL A 14 -1.42 2.27 -5.06
CA VAL A 14 -0.46 2.83 -5.99
C VAL A 14 -0.01 1.77 -6.98
N ASP A 15 0.09 2.14 -8.24
CA ASP A 15 0.55 1.20 -9.24
C ASP A 15 1.30 1.93 -10.35
N ASP A 16 2.28 1.24 -10.92
CA ASP A 16 3.06 1.79 -12.02
C ASP A 16 2.49 1.33 -13.35
N HIS A 17 1.47 0.48 -13.29
CA HIS A 17 0.79 0.00 -14.47
C HIS A 17 -0.67 0.45 -14.44
N PRO A 18 -1.14 1.12 -15.51
CA PRO A 18 -2.52 1.62 -15.59
C PRO A 18 -3.55 0.49 -15.50
N ILE A 19 -3.27 -0.65 -16.13
CA ILE A 19 -4.19 -1.77 -16.13
C ILE A 19 -4.24 -2.40 -14.74
N ASN A 20 -3.08 -2.49 -14.10
CA ASN A 20 -2.98 -3.07 -12.77
C ASN A 20 -3.61 -2.12 -11.75
N ARG A 21 -3.35 -0.83 -11.92
CA ARG A 21 -3.94 0.20 -11.06
C ARG A 21 -5.46 0.12 -11.07
N ARG A 22 -6.02 0.02 -12.28
CA ARG A 22 -7.46 -0.08 -12.45
C ARG A 22 -8.03 -1.24 -11.64
N LEU A 23 -7.42 -2.40 -11.82
CA LEU A 23 -7.93 -3.63 -11.24
C LEU A 23 -7.71 -3.68 -9.74
N LEU A 24 -6.60 -3.11 -9.31
CA LEU A 24 -6.27 -3.04 -7.90
C LEU A 24 -7.26 -2.13 -7.16
N ALA A 25 -7.58 -1.00 -7.77
CA ALA A 25 -8.55 -0.07 -7.20
C ALA A 25 -9.96 -0.65 -7.28
N ASP A 26 -10.23 -1.40 -8.35
CA ASP A 26 -11.51 -2.08 -8.54
C ASP A 26 -11.75 -3.08 -7.42
N GLN A 27 -10.72 -3.87 -7.15
CA GLN A 27 -10.77 -4.87 -6.09
C GLN A 27 -11.01 -4.21 -4.74
N LEU A 28 -10.32 -3.10 -4.50
CA LEU A 28 -10.45 -2.36 -3.26
C LEU A 28 -11.86 -1.79 -3.11
N GLY A 29 -12.44 -1.36 -4.22
CA GLY A 29 -13.79 -0.81 -4.20
C GLY A 29 -14.82 -1.84 -3.77
N SER A 30 -14.66 -3.06 -4.25
CA SER A 30 -15.57 -4.14 -3.92
C SER A 30 -15.31 -4.67 -2.52
N LEU A 31 -14.11 -4.40 -2.00
CA LEU A 31 -13.79 -4.68 -0.61
C LEU A 31 -14.59 -3.75 0.30
N GLY A 32 -14.78 -2.52 -0.18
CA GLY A 32 -15.55 -1.54 0.55
C GLY A 32 -14.66 -0.55 1.28
N TYR A 33 -13.43 -0.41 0.81
CA TYR A 33 -12.46 0.47 1.45
C TYR A 33 -12.18 1.68 0.57
N GLN A 34 -11.83 2.79 1.19
CA GLN A 34 -11.47 4.01 0.48
C GLN A 34 -10.26 3.75 -0.41
N CYS A 35 -10.40 4.03 -1.69
CA CYS A 35 -9.32 3.79 -2.64
C CYS A 35 -8.66 5.08 -3.05
N LYS A 36 -7.45 5.32 -2.55
CA LYS A 36 -6.67 6.48 -2.95
C LYS A 36 -5.68 6.08 -4.02
N THR A 37 -5.90 6.54 -5.25
CA THR A 37 -5.12 6.09 -6.39
C THR A 37 -3.88 6.95 -6.60
N ALA A 38 -2.75 6.30 -6.86
CA ALA A 38 -1.49 7.00 -7.11
C ALA A 38 -0.70 6.31 -8.21
N ASN A 39 0.35 6.96 -8.70
CA ASN A 39 1.18 6.40 -9.76
C ASN A 39 2.65 6.78 -9.57
N ASP A 40 3.27 6.16 -8.57
CA ASP A 40 4.72 6.23 -8.33
C ASP A 40 5.03 5.82 -6.91
N GLY A 41 6.27 5.45 -6.67
CA GLY A 41 6.68 5.13 -5.32
C GLY A 41 6.69 6.37 -4.44
N VAL A 42 7.21 7.45 -5.00
CA VAL A 42 7.25 8.73 -4.30
C VAL A 42 5.84 9.31 -4.14
N ASP A 43 4.97 9.00 -5.10
CA ASP A 43 3.58 9.45 -5.05
C ASP A 43 2.86 8.88 -3.85
N ALA A 44 3.23 7.67 -3.47
CA ALA A 44 2.64 7.01 -2.30
C ALA A 44 2.82 7.86 -1.04
N LEU A 45 4.07 8.23 -0.76
CA LEU A 45 4.37 9.02 0.44
C LEU A 45 3.90 10.46 0.27
N ASN A 46 3.86 10.92 -0.97
CA ASN A 46 3.37 12.27 -1.27
C ASN A 46 1.90 12.37 -0.88
N VAL A 47 1.14 11.38 -1.31
CA VAL A 47 -0.27 11.29 -1.00
C VAL A 47 -0.48 11.11 0.51
N LEU A 48 0.45 10.39 1.13
CA LEU A 48 0.43 10.17 2.58
C LEU A 48 0.67 11.47 3.33
N SER A 49 1.45 12.36 2.74
CA SER A 49 1.74 13.65 3.35
C SER A 49 0.57 14.61 3.17
N LYS A 50 -0.22 14.41 2.11
CA LYS A 50 -1.35 15.28 1.83
C LYS A 50 -2.59 14.83 2.61
N ASN A 51 -2.75 13.53 2.76
CA ASN A 51 -3.93 12.97 3.43
C ASN A 51 -3.53 11.74 4.24
N HIS A 52 -4.33 11.41 5.24
CA HIS A 52 -4.01 10.28 6.10
C HIS A 52 -4.44 8.96 5.47
N ILE A 53 -3.60 7.96 5.57
CA ILE A 53 -3.91 6.63 5.05
C ILE A 53 -3.56 5.56 6.08
N ASP A 54 -4.24 4.42 6.00
CA ASP A 54 -4.04 3.33 6.94
C ASP A 54 -3.05 2.30 6.37
N ILE A 55 -3.38 1.77 5.20
CA ILE A 55 -2.54 0.76 4.56
C ILE A 55 -1.93 1.30 3.28
N VAL A 56 -0.61 1.12 3.12
CA VAL A 56 0.05 1.54 1.90
C VAL A 56 0.32 0.35 1.00
N LEU A 57 -0.21 0.38 -0.21
CA LEU A 57 0.09 -0.65 -1.20
C LEU A 57 0.65 -0.01 -2.47
N SER A 58 1.96 -0.03 -2.62
CA SER A 58 2.59 0.55 -3.80
C SER A 58 3.19 -0.54 -4.67
N ASP A 59 2.59 -0.75 -5.83
CA ASP A 59 3.04 -1.79 -6.76
C ASP A 59 3.97 -1.22 -7.82
N VAL A 60 5.21 -1.70 -7.82
CA VAL A 60 6.21 -1.25 -8.78
C VAL A 60 6.78 -2.44 -9.54
N ASN A 61 6.65 -2.41 -10.85
CA ASN A 61 7.15 -3.50 -11.70
C ASN A 61 8.35 -3.03 -12.51
N MET A 62 8.64 -1.74 -12.42
CA MET A 62 9.73 -1.14 -13.16
C MET A 62 10.98 -0.96 -12.31
N PRO A 63 11.96 -1.87 -12.46
CA PRO A 63 13.22 -1.81 -11.72
C PRO A 63 14.22 -0.88 -12.38
N ASN A 64 13.76 0.33 -12.69
CA ASN A 64 14.55 1.30 -13.43
C ASN A 64 14.87 2.53 -12.58
N MET A 65 14.16 2.67 -11.46
CA MET A 65 14.32 3.84 -10.60
C MET A 65 13.92 3.53 -9.16
N ASP A 66 12.68 3.10 -8.95
CA ASP A 66 12.19 2.90 -7.60
C ASP A 66 11.86 1.44 -7.31
N GLY A 67 10.87 1.22 -6.44
CA GLY A 67 10.66 -0.09 -5.87
C GLY A 67 11.72 -0.36 -4.84
N TYR A 68 12.10 0.70 -4.15
CA TYR A 68 13.32 0.75 -3.37
C TYR A 68 13.38 2.06 -2.59
N ARG A 69 13.76 3.11 -3.29
CA ARG A 69 14.06 4.37 -2.67
C ARG A 69 12.83 4.98 -2.01
N LEU A 70 11.66 4.66 -2.54
CA LEU A 70 10.41 5.28 -2.09
C LEU A 70 10.14 4.87 -0.67
N THR A 71 10.74 3.77 -0.30
CA THR A 71 10.60 3.22 1.02
C THR A 71 11.60 3.91 1.92
N GLN A 72 12.71 4.34 1.32
CA GLN A 72 13.66 5.21 2.02
C GLN A 72 12.98 6.53 2.38
N ARG A 73 12.31 7.14 1.41
CA ARG A 73 11.63 8.39 1.62
C ARG A 73 10.53 8.27 2.67
N ILE A 74 9.88 7.11 2.70
CA ILE A 74 8.82 6.88 3.67
C ILE A 74 9.40 6.81 5.09
N ARG A 75 10.54 6.13 5.25
CA ARG A 75 11.18 6.06 6.56
C ARG A 75 11.79 7.40 6.94
N GLN A 76 12.06 8.22 5.93
CA GLN A 76 12.55 9.57 6.16
C GLN A 76 11.43 10.46 6.67
N LEU A 77 10.24 10.25 6.13
CA LEU A 77 9.06 10.98 6.58
C LEU A 77 8.64 10.52 7.97
N GLY A 78 8.88 9.24 8.25
CA GLY A 78 8.56 8.68 9.53
C GLY A 78 7.30 7.82 9.45
N LEU A 79 7.49 6.56 9.09
CA LEU A 79 6.37 5.65 8.92
C LEU A 79 5.82 5.20 10.26
N THR A 80 4.55 5.47 10.48
CA THR A 80 3.85 4.97 11.64
C THR A 80 2.73 4.03 11.20
N LEU A 81 2.93 3.47 10.01
CA LEU A 81 1.95 2.61 9.39
C LEU A 81 2.67 1.64 8.44
N PRO A 82 2.07 0.48 8.16
CA PRO A 82 2.70 -0.56 7.35
C PRO A 82 2.79 -0.21 5.87
N VAL A 83 4.00 -0.28 5.33
CA VAL A 83 4.19 -0.06 3.91
C VAL A 83 4.36 -1.40 3.19
N ILE A 84 3.33 -1.80 2.48
CA ILE A 84 3.37 -3.05 1.75
C ILE A 84 3.83 -2.79 0.32
N GLY A 85 5.05 -3.23 0.03
CA GLY A 85 5.63 -3.01 -1.26
C GLY A 85 5.31 -4.12 -2.23
N VAL A 86 4.33 -3.90 -3.08
CA VAL A 86 4.00 -4.84 -4.13
C VAL A 86 5.04 -4.68 -5.24
N THR A 87 5.65 -5.78 -5.64
CA THR A 87 6.80 -5.70 -6.54
C THR A 87 6.77 -6.80 -7.59
N ALA A 88 7.43 -6.55 -8.72
CA ALA A 88 7.55 -7.56 -9.76
C ALA A 88 8.92 -7.49 -10.43
N ASN A 89 9.78 -8.45 -10.10
CA ASN A 89 11.08 -8.63 -10.74
C ASN A 89 11.92 -7.36 -10.70
N ALA A 90 12.15 -6.85 -9.51
CA ALA A 90 13.04 -5.70 -9.34
C ALA A 90 14.42 -6.17 -8.90
N LEU A 91 14.89 -7.25 -9.53
CA LEU A 91 16.17 -7.89 -9.22
C LEU A 91 16.12 -8.54 -7.83
N ALA A 92 16.10 -7.72 -6.80
CA ALA A 92 16.02 -8.17 -5.42
C ALA A 92 15.16 -7.20 -4.62
N GLU A 93 13.86 -7.33 -4.78
CA GLU A 93 12.90 -6.40 -4.19
C GLU A 93 13.04 -6.35 -2.67
N GLU A 94 13.14 -7.52 -2.05
CA GLU A 94 13.32 -7.60 -0.60
C GLU A 94 14.56 -6.84 -0.17
N LYS A 95 15.61 -6.94 -0.97
CA LYS A 95 16.87 -6.27 -0.67
C LYS A 95 16.71 -4.76 -0.73
N GLN A 96 15.85 -4.27 -1.64
CA GLN A 96 15.62 -2.84 -1.76
C GLN A 96 14.88 -2.34 -0.53
N ARG A 97 13.94 -3.15 -0.07
CA ARG A 97 13.18 -2.84 1.14
C ARG A 97 14.10 -2.75 2.35
N CYS A 98 15.07 -3.65 2.41
CA CYS A 98 16.02 -3.68 3.51
C CYS A 98 16.97 -2.48 3.46
N LEU A 99 17.39 -2.11 2.25
CA LEU A 99 18.34 -1.03 2.06
C LEU A 99 17.74 0.32 2.46
N GLU A 100 16.57 0.61 1.89
CA GLU A 100 15.88 1.87 2.11
C GLU A 100 15.16 1.88 3.47
N SER A 101 14.89 0.67 3.99
CA SER A 101 14.38 0.45 5.36
C SER A 101 13.15 1.28 5.69
N GLY A 102 12.12 1.21 4.86
CA GLY A 102 10.93 1.99 5.10
C GLY A 102 9.67 1.32 4.61
N MET A 103 9.66 0.00 4.54
CA MET A 103 8.51 -0.73 4.01
C MET A 103 7.72 -1.42 5.14
N ASP A 104 7.64 -2.75 5.04
CA ASP A 104 6.97 -3.60 6.02
C ASP A 104 6.87 -5.01 5.47
N SER A 105 6.33 -5.11 4.26
CA SER A 105 6.19 -6.39 3.59
C SER A 105 6.41 -6.24 2.09
N CYS A 106 6.51 -7.36 1.39
CA CYS A 106 6.64 -7.34 -0.06
C CYS A 106 5.66 -8.33 -0.70
N LEU A 107 5.00 -7.89 -1.77
CA LEU A 107 4.03 -8.73 -2.46
C LEU A 107 4.38 -8.84 -3.95
N SER A 108 3.51 -9.49 -4.70
CA SER A 108 3.69 -9.65 -6.13
C SER A 108 2.62 -8.87 -6.89
N LYS A 109 2.95 -8.47 -8.11
CA LYS A 109 2.06 -7.64 -8.94
C LYS A 109 0.62 -8.19 -9.04
N PRO A 110 0.42 -9.50 -9.33
CA PRO A 110 -0.93 -10.06 -9.46
C PRO A 110 -1.67 -10.22 -8.12
N VAL A 111 -1.98 -9.09 -7.48
CA VAL A 111 -2.81 -9.10 -6.28
C VAL A 111 -4.28 -9.29 -6.64
N THR A 112 -4.77 -10.51 -6.52
CA THR A 112 -6.15 -10.82 -6.84
C THR A 112 -7.09 -10.43 -5.72
N LEU A 113 -8.40 -10.57 -5.95
CA LEU A 113 -9.42 -10.20 -4.96
C LEU A 113 -9.22 -10.98 -3.66
N ASP A 114 -9.01 -12.28 -3.78
CA ASP A 114 -8.88 -13.14 -2.60
C ASP A 114 -7.61 -12.81 -1.83
N VAL A 115 -6.52 -12.68 -2.56
CA VAL A 115 -5.24 -12.31 -1.97
C VAL A 115 -5.36 -10.97 -1.24
N ILE A 116 -6.00 -10.02 -1.90
CA ILE A 116 -6.22 -8.69 -1.34
C ILE A 116 -7.06 -8.79 -0.06
N LYS A 117 -8.04 -9.66 -0.08
CA LYS A 117 -8.98 -9.81 1.03
C LYS A 117 -8.28 -10.28 2.31
N GLN A 118 -7.46 -11.31 2.20
CA GLN A 118 -6.79 -11.84 3.39
C GLN A 118 -5.73 -10.87 3.89
N THR A 119 -5.04 -10.20 2.97
CA THR A 119 -4.03 -9.22 3.35
C THR A 119 -4.68 -8.01 4.04
N LEU A 120 -5.78 -7.54 3.47
CA LEU A 120 -6.50 -6.39 4.02
C LEU A 120 -7.08 -6.72 5.38
N THR A 121 -7.64 -7.92 5.51
CA THR A 121 -8.22 -8.37 6.75
C THR A 121 -7.15 -8.53 7.84
N LEU A 122 -6.05 -9.18 7.48
CA LEU A 122 -4.95 -9.38 8.42
C LEU A 122 -4.36 -8.05 8.87
N TYR A 123 -4.18 -7.14 7.92
CA TYR A 123 -3.55 -5.87 8.21
C TYR A 123 -4.52 -4.92 8.90
N ALA A 124 -5.82 -5.10 8.68
CA ALA A 124 -6.82 -4.29 9.35
C ALA A 124 -6.79 -4.54 10.85
N GLU A 125 -6.57 -5.79 11.22
CA GLU A 125 -6.45 -6.15 12.62
C GLU A 125 -5.13 -5.62 13.17
N ARG A 126 -4.09 -5.64 12.32
CA ARG A 126 -2.76 -5.19 12.73
C ARG A 126 -2.76 -3.70 13.02
N VAL A 127 -3.32 -2.90 12.12
CA VAL A 127 -3.36 -1.45 12.30
C VAL A 127 -4.26 -1.09 13.46
N ARG A 128 -5.26 -1.92 13.72
CA ARG A 128 -6.11 -1.73 14.88
C ARG A 128 -5.29 -1.86 16.16
N LYS A 129 -4.29 -2.74 16.15
CA LYS A 129 -3.41 -2.90 17.30
C LYS A 129 -2.33 -1.82 17.33
N SER A 130 -1.87 -1.41 16.15
CA SER A 130 -0.80 -0.41 16.04
C SER A 130 -1.31 1.01 16.33
N ARG A 131 -2.59 1.26 16.12
CA ARG A 131 -3.16 2.59 16.35
C ARG A 131 -3.79 2.69 17.72
N ASP A 132 -4.36 1.60 18.20
CA ASP A 132 -5.02 1.59 19.50
C ASP A 132 -4.03 1.19 20.59
N SER A 133 -3.75 2.13 21.48
CA SER A 133 -2.82 1.91 22.59
C SER A 133 -1.40 1.63 22.08
N LYS A 1 -29.68 13.85 13.32
CA LYS A 1 -30.00 14.51 12.04
C LYS A 1 -29.37 13.74 10.88
N ALA A 2 -28.44 14.38 10.18
CA ALA A 2 -27.78 13.75 9.06
C ALA A 2 -26.51 13.03 9.51
N VAL A 3 -26.36 11.78 9.07
CA VAL A 3 -25.20 10.99 9.43
C VAL A 3 -24.31 10.79 8.21
N SER A 4 -23.08 11.28 8.31
CA SER A 4 -22.14 11.23 7.19
C SER A 4 -20.96 10.32 7.51
N ASP A 5 -20.85 9.22 6.77
CA ASP A 5 -19.73 8.30 6.94
C ASP A 5 -18.47 8.90 6.34
N ASN A 6 -17.39 8.87 7.11
CA ASN A 6 -16.14 9.51 6.72
C ASN A 6 -15.45 8.77 5.59
N ASP A 7 -14.85 7.63 5.90
CA ASP A 7 -14.04 6.90 4.92
C ASP A 7 -13.88 5.43 5.32
N ASP A 8 -13.95 5.18 6.63
CA ASP A 8 -13.80 3.85 7.23
C ASP A 8 -12.33 3.44 7.25
N MET A 9 -11.78 3.27 6.07
CA MET A 9 -10.39 2.87 5.92
C MET A 9 -9.84 3.40 4.61
N MET A 10 -8.81 4.24 4.70
CA MET A 10 -8.22 4.82 3.50
C MET A 10 -6.97 4.04 3.12
N ILE A 11 -7.03 3.38 1.99
CA ILE A 11 -5.92 2.60 1.47
C ILE A 11 -5.37 3.28 0.22
N LEU A 12 -4.06 3.32 0.12
CA LEU A 12 -3.39 3.98 -1.01
C LEU A 12 -3.06 2.97 -2.10
N VAL A 13 -3.64 3.17 -3.27
CA VAL A 13 -3.29 2.35 -4.42
C VAL A 13 -2.34 3.14 -5.33
N VAL A 14 -1.06 2.89 -5.13
CA VAL A 14 -0.02 3.63 -5.85
C VAL A 14 0.68 2.75 -6.84
N ASP A 15 0.10 2.61 -8.03
CA ASP A 15 0.59 1.64 -9.00
C ASP A 15 1.33 2.33 -10.15
N ASP A 16 2.22 1.60 -10.79
CA ASP A 16 3.05 2.15 -11.87
C ASP A 16 2.44 1.93 -13.26
N HIS A 17 1.50 1.01 -13.39
CA HIS A 17 0.90 0.68 -14.68
C HIS A 17 -0.62 0.76 -14.61
N PRO A 18 -1.21 1.80 -15.23
CA PRO A 18 -2.61 2.20 -15.05
C PRO A 18 -3.63 1.05 -14.97
N ILE A 19 -3.43 0.02 -15.77
CA ILE A 19 -4.37 -1.11 -15.80
C ILE A 19 -4.43 -1.83 -14.45
N ASN A 20 -3.31 -1.87 -13.74
CA ASN A 20 -3.26 -2.56 -12.46
C ASN A 20 -3.75 -1.66 -11.35
N ARG A 21 -3.70 -0.35 -11.57
CA ARG A 21 -4.26 0.61 -10.62
C ARG A 21 -5.76 0.37 -10.47
N ARG A 22 -6.44 0.31 -11.60
CA ARG A 22 -7.89 0.12 -11.60
C ARG A 22 -8.27 -1.28 -11.11
N LEU A 23 -7.42 -2.27 -11.38
CA LEU A 23 -7.70 -3.64 -10.96
C LEU A 23 -7.44 -3.82 -9.46
N LEU A 24 -6.39 -3.18 -8.97
CA LEU A 24 -6.06 -3.21 -7.56
C LEU A 24 -7.13 -2.48 -6.77
N ALA A 25 -7.58 -1.35 -7.30
CA ALA A 25 -8.65 -0.58 -6.69
C ALA A 25 -9.99 -1.31 -6.82
N ASP A 26 -10.10 -2.16 -7.82
CA ASP A 26 -11.31 -2.95 -8.04
C ASP A 26 -11.47 -3.98 -6.92
N GLN A 27 -10.39 -4.71 -6.65
CA GLN A 27 -10.40 -5.69 -5.56
C GLN A 27 -10.58 -4.99 -4.22
N LEU A 28 -10.03 -3.80 -4.10
CA LEU A 28 -10.19 -2.98 -2.91
C LEU A 28 -11.65 -2.59 -2.72
N GLY A 29 -12.29 -2.21 -3.82
CA GLY A 29 -13.70 -1.87 -3.79
C GLY A 29 -14.56 -3.07 -3.49
N SER A 30 -14.08 -4.25 -3.86
CA SER A 30 -14.77 -5.49 -3.54
C SER A 30 -14.74 -5.74 -2.03
N LEU A 31 -13.70 -5.25 -1.39
CA LEU A 31 -13.58 -5.32 0.06
C LEU A 31 -14.39 -4.21 0.72
N GLY A 32 -14.78 -3.22 -0.07
CA GLY A 32 -15.50 -2.09 0.45
C GLY A 32 -14.58 -1.07 1.11
N TYR A 33 -13.30 -1.15 0.79
CA TYR A 33 -12.31 -0.26 1.37
C TYR A 33 -11.98 0.87 0.41
N GLN A 34 -11.76 2.06 0.96
CA GLN A 34 -11.55 3.25 0.16
C GLN A 34 -10.19 3.23 -0.53
N CYS A 35 -10.18 3.53 -1.81
CA CYS A 35 -8.98 3.44 -2.62
C CYS A 35 -8.55 4.80 -3.13
N LYS A 36 -7.47 5.33 -2.57
CA LYS A 36 -6.93 6.61 -3.00
C LYS A 36 -5.85 6.37 -4.06
N THR A 37 -6.06 6.91 -5.24
CA THR A 37 -5.25 6.56 -6.40
C THR A 37 -4.05 7.49 -6.57
N ALA A 38 -2.90 6.88 -6.87
CA ALA A 38 -1.68 7.63 -7.14
C ALA A 38 -0.71 6.77 -7.95
N ASN A 39 0.43 7.32 -8.37
CA ASN A 39 1.32 6.61 -9.29
C ASN A 39 2.79 6.97 -9.03
N ASP A 40 3.33 6.41 -7.94
CA ASP A 40 4.78 6.38 -7.64
C ASP A 40 5.00 6.13 -6.17
N GLY A 41 6.21 5.76 -5.80
CA GLY A 41 6.55 5.63 -4.40
C GLY A 41 6.70 6.97 -3.75
N VAL A 42 7.36 7.90 -4.44
CA VAL A 42 7.53 9.25 -3.94
C VAL A 42 6.21 10.02 -4.00
N ASP A 43 5.37 9.65 -4.97
CA ASP A 43 4.04 10.22 -5.09
C ASP A 43 3.22 9.88 -3.85
N ALA A 44 3.37 8.64 -3.39
CA ALA A 44 2.69 8.18 -2.18
C ALA A 44 3.19 8.94 -0.98
N LEU A 45 4.46 9.29 -0.99
CA LEU A 45 5.07 10.07 0.07
C LEU A 45 4.41 11.45 0.17
N ASN A 46 4.19 12.06 -0.98
CA ASN A 46 3.60 13.40 -1.04
C ASN A 46 2.14 13.37 -0.61
N VAL A 47 1.37 12.45 -1.19
CA VAL A 47 -0.06 12.34 -0.87
C VAL A 47 -0.25 11.95 0.59
N LEU A 48 0.68 11.15 1.13
CA LEU A 48 0.65 10.78 2.55
C LEU A 48 0.88 12.00 3.43
N SER A 49 1.68 12.93 2.92
CA SER A 49 1.96 14.17 3.64
C SER A 49 0.77 15.12 3.55
N LYS A 50 -0.07 14.92 2.53
CA LYS A 50 -1.26 15.75 2.34
C LYS A 50 -2.43 15.22 3.16
N ASN A 51 -2.50 13.89 3.26
CA ASN A 51 -3.52 13.23 4.07
C ASN A 51 -2.97 11.88 4.52
N HIS A 52 -3.20 11.54 5.77
CA HIS A 52 -2.59 10.35 6.36
C HIS A 52 -3.38 9.09 6.03
N ILE A 53 -3.10 8.53 4.86
CA ILE A 53 -3.60 7.22 4.48
C ILE A 53 -3.06 6.17 5.47
N ASP A 54 -3.90 5.21 5.85
CA ASP A 54 -3.54 4.29 6.93
C ASP A 54 -2.77 3.07 6.43
N ILE A 55 -3.04 2.65 5.20
CA ILE A 55 -2.32 1.51 4.63
C ILE A 55 -1.88 1.85 3.20
N VAL A 56 -0.61 1.63 2.89
CA VAL A 56 -0.08 1.98 1.57
C VAL A 56 0.30 0.74 0.77
N LEU A 57 -0.15 0.69 -0.49
CA LEU A 57 0.24 -0.37 -1.41
C LEU A 57 0.99 0.22 -2.60
N SER A 58 2.31 0.13 -2.57
CA SER A 58 3.13 0.65 -3.67
C SER A 58 3.35 -0.43 -4.71
N ASP A 59 2.63 -0.34 -5.81
CA ASP A 59 2.68 -1.32 -6.88
C ASP A 59 3.68 -0.90 -7.96
N VAL A 60 4.70 -1.72 -8.15
CA VAL A 60 5.78 -1.39 -9.07
C VAL A 60 6.11 -2.58 -9.96
N ASN A 61 5.93 -2.41 -11.26
CA ASN A 61 6.26 -3.45 -12.23
C ASN A 61 7.39 -2.96 -13.14
N MET A 62 8.43 -2.43 -12.52
CA MET A 62 9.57 -1.92 -13.26
C MET A 62 10.87 -2.37 -12.59
N PRO A 63 11.33 -3.60 -12.91
CA PRO A 63 12.60 -4.13 -12.39
C PRO A 63 13.80 -3.30 -12.85
N ASN A 64 13.56 -2.40 -13.80
CA ASN A 64 14.59 -1.49 -14.27
C ASN A 64 14.89 -0.42 -13.22
N MET A 65 13.93 -0.19 -12.35
CA MET A 65 14.05 0.78 -11.27
C MET A 65 13.43 0.23 -10.02
N ASP A 66 14.25 -0.49 -9.24
CA ASP A 66 13.81 -1.23 -8.07
C ASP A 66 12.87 -0.42 -7.18
N GLY A 67 11.75 -1.02 -6.83
CA GLY A 67 10.73 -0.34 -6.07
C GLY A 67 11.05 -0.27 -4.59
N TYR A 68 12.13 -0.90 -4.17
CA TYR A 68 12.56 -0.85 -2.80
C TYR A 68 12.85 0.59 -2.38
N ARG A 69 13.49 1.32 -3.27
CA ARG A 69 14.03 2.61 -2.94
C ARG A 69 12.94 3.55 -2.42
N LEU A 70 11.72 3.33 -2.84
CA LEU A 70 10.65 4.29 -2.57
C LEU A 70 10.29 4.19 -1.10
N THR A 71 10.53 3.01 -0.58
CA THR A 71 10.29 2.72 0.81
C THR A 71 11.40 3.29 1.66
N GLN A 72 12.59 3.40 1.06
CA GLN A 72 13.72 4.01 1.74
C GLN A 72 13.40 5.46 2.06
N ARG A 73 12.78 6.13 1.12
CA ARG A 73 12.37 7.52 1.31
C ARG A 73 11.25 7.60 2.34
N ILE A 74 10.34 6.62 2.33
CA ILE A 74 9.24 6.57 3.29
C ILE A 74 9.78 6.38 4.71
N ARG A 75 10.85 5.61 4.85
CA ARG A 75 11.49 5.38 6.13
C ARG A 75 12.14 6.66 6.63
N GLN A 76 12.75 7.40 5.72
CA GLN A 76 13.37 8.68 6.04
C GLN A 76 12.30 9.67 6.48
N LEU A 77 11.15 9.61 5.82
CA LEU A 77 10.04 10.50 6.09
C LEU A 77 9.40 10.20 7.45
N GLY A 78 9.57 8.97 7.91
CA GLY A 78 9.02 8.59 9.20
C GLY A 78 7.64 7.96 9.05
N LEU A 79 7.62 6.73 8.56
CA LEU A 79 6.37 6.01 8.37
C LEU A 79 5.74 5.64 9.70
N THR A 80 4.44 5.89 9.81
CA THR A 80 3.69 5.49 11.00
C THR A 80 2.55 4.57 10.61
N LEU A 81 2.75 3.86 9.50
CA LEU A 81 1.73 2.96 8.96
C LEU A 81 2.40 1.87 8.15
N PRO A 82 1.75 0.69 8.04
CA PRO A 82 2.30 -0.45 7.32
C PRO A 82 2.39 -0.23 5.81
N VAL A 83 3.53 -0.57 5.24
CA VAL A 83 3.72 -0.45 3.80
C VAL A 83 3.78 -1.82 3.14
N ILE A 84 2.92 -2.03 2.16
CA ILE A 84 2.90 -3.28 1.42
C ILE A 84 3.35 -3.05 -0.02
N GLY A 85 4.49 -3.63 -0.37
CA GLY A 85 5.01 -3.45 -1.70
C GLY A 85 4.51 -4.51 -2.66
N VAL A 86 3.91 -4.06 -3.76
CA VAL A 86 3.44 -4.97 -4.78
C VAL A 86 4.48 -5.06 -5.89
N THR A 87 5.32 -6.06 -5.83
CA THR A 87 6.45 -6.16 -6.74
C THR A 87 6.36 -7.39 -7.63
N ALA A 88 7.26 -7.48 -8.62
CA ALA A 88 7.35 -8.67 -9.44
C ALA A 88 8.80 -8.94 -9.80
N ASN A 89 9.39 -9.91 -9.12
CA ASN A 89 10.78 -10.34 -9.35
C ASN A 89 11.74 -9.15 -9.41
N ALA A 90 11.88 -8.46 -8.29
CA ALA A 90 12.77 -7.31 -8.22
C ALA A 90 14.21 -7.77 -7.94
N LEU A 91 14.66 -8.75 -8.72
CA LEU A 91 15.99 -9.35 -8.58
C LEU A 91 16.10 -10.11 -7.26
N ALA A 92 16.21 -9.37 -6.17
CA ALA A 92 16.33 -9.95 -4.84
C ALA A 92 15.60 -9.07 -3.84
N GLU A 93 14.28 -9.17 -3.85
CA GLU A 93 13.42 -8.31 -3.04
C GLU A 93 13.72 -8.49 -1.56
N GLU A 94 14.23 -9.65 -1.18
CA GLU A 94 14.61 -9.90 0.20
C GLU A 94 15.71 -8.94 0.63
N LYS A 95 16.69 -8.76 -0.24
CA LYS A 95 17.82 -7.89 0.03
C LYS A 95 17.39 -6.43 0.03
N GLN A 96 16.51 -6.08 -0.92
CA GLN A 96 16.08 -4.70 -1.04
C GLN A 96 15.12 -4.33 0.08
N ARG A 97 14.38 -5.31 0.57
CA ARG A 97 13.50 -5.11 1.73
C ARG A 97 14.32 -4.72 2.95
N CYS A 98 15.51 -5.31 3.07
CA CYS A 98 16.44 -4.92 4.12
C CYS A 98 17.06 -3.56 3.80
N LEU A 99 17.13 -3.24 2.51
CA LEU A 99 17.73 -2.00 2.05
C LEU A 99 16.86 -0.78 2.38
N GLU A 100 15.58 -0.81 2.02
CA GLU A 100 14.71 0.32 2.34
C GLU A 100 14.29 0.30 3.81
N SER A 101 13.96 -0.89 4.29
CA SER A 101 13.59 -1.12 5.68
C SER A 101 12.49 -0.17 6.16
N GLY A 102 11.42 -0.06 5.40
CA GLY A 102 10.30 0.75 5.85
C GLY A 102 8.97 0.20 5.38
N MET A 103 8.99 -1.02 4.86
CA MET A 103 7.80 -1.63 4.29
C MET A 103 7.00 -2.37 5.35
N ASP A 104 6.86 -3.69 5.15
CA ASP A 104 6.25 -4.60 6.11
C ASP A 104 5.95 -5.93 5.42
N SER A 105 5.25 -5.85 4.30
CA SER A 105 4.89 -7.05 3.54
C SER A 105 5.11 -6.82 2.04
N CYS A 106 5.26 -7.91 1.30
CA CYS A 106 5.47 -7.84 -0.13
C CYS A 106 4.58 -8.84 -0.85
N LEU A 107 4.06 -8.44 -2.01
CA LEU A 107 3.18 -9.29 -2.81
C LEU A 107 3.59 -9.20 -4.28
N SER A 108 2.82 -9.85 -5.13
CA SER A 108 3.08 -9.80 -6.55
C SER A 108 2.04 -8.91 -7.24
N LYS A 109 2.47 -8.27 -8.33
CA LYS A 109 1.62 -7.35 -9.11
C LYS A 109 0.19 -7.87 -9.32
N PRO A 110 0.01 -9.10 -9.86
CA PRO A 110 -1.34 -9.66 -10.07
C PRO A 110 -1.96 -10.18 -8.77
N VAL A 111 -2.22 -9.28 -7.84
CA VAL A 111 -2.87 -9.65 -6.58
C VAL A 111 -4.29 -10.14 -6.84
N THR A 112 -4.54 -11.39 -6.50
CA THR A 112 -5.85 -11.99 -6.70
C THR A 112 -6.78 -11.65 -5.53
N LEU A 113 -8.06 -11.97 -5.69
CA LEU A 113 -9.08 -11.64 -4.68
C LEU A 113 -8.76 -12.24 -3.31
N ASP A 114 -8.39 -13.51 -3.30
CA ASP A 114 -8.16 -14.23 -2.05
C ASP A 114 -6.92 -13.71 -1.36
N VAL A 115 -5.85 -13.52 -2.14
CA VAL A 115 -4.59 -13.03 -1.61
C VAL A 115 -4.74 -11.62 -1.07
N ILE A 116 -5.38 -10.75 -1.85
CA ILE A 116 -5.59 -9.37 -1.45
C ILE A 116 -6.49 -9.29 -0.21
N LYS A 117 -7.43 -10.23 -0.10
CA LYS A 117 -8.33 -10.27 1.04
C LYS A 117 -7.57 -10.64 2.30
N GLN A 118 -6.57 -11.50 2.15
CA GLN A 118 -5.75 -11.92 3.27
C GLN A 118 -4.98 -10.74 3.85
N THR A 119 -4.23 -10.04 2.98
CA THR A 119 -3.45 -8.90 3.41
C THR A 119 -4.35 -7.77 3.90
N LEU A 120 -5.44 -7.54 3.18
CA LEU A 120 -6.39 -6.49 3.52
C LEU A 120 -6.97 -6.70 4.90
N THR A 121 -7.59 -7.85 5.12
CA THR A 121 -8.24 -8.14 6.38
C THR A 121 -7.24 -8.18 7.54
N LEU A 122 -6.08 -8.77 7.30
CA LEU A 122 -5.05 -8.89 8.32
C LEU A 122 -4.54 -7.52 8.77
N TYR A 123 -4.33 -6.63 7.81
CA TYR A 123 -3.76 -5.33 8.12
C TYR A 123 -4.82 -4.34 8.57
N ALA A 124 -6.05 -4.56 8.13
CA ALA A 124 -7.17 -3.75 8.59
C ALA A 124 -7.39 -3.95 10.08
N GLU A 125 -7.27 -5.21 10.51
CA GLU A 125 -7.35 -5.52 11.92
C GLU A 125 -6.10 -5.02 12.64
N ARG A 126 -4.96 -5.10 11.96
CA ARG A 126 -3.68 -4.66 12.49
C ARG A 126 -3.74 -3.18 12.87
N VAL A 127 -4.23 -2.35 11.96
CA VAL A 127 -4.32 -0.92 12.23
C VAL A 127 -5.46 -0.60 13.17
N ARG A 128 -6.55 -1.36 13.07
CA ARG A 128 -7.72 -1.12 13.90
C ARG A 128 -7.42 -1.37 15.38
N LYS A 129 -6.74 -2.48 15.66
CA LYS A 129 -6.46 -2.87 17.04
C LYS A 129 -5.25 -2.11 17.61
N SER A 130 -4.29 -1.74 16.75
CA SER A 130 -3.15 -0.98 17.22
C SER A 130 -3.53 0.47 17.47
N ARG A 131 -4.39 1.02 16.61
CA ARG A 131 -4.93 2.35 16.81
C ARG A 131 -5.97 2.32 17.93
N ASP A 132 -6.46 1.11 18.21
CA ASP A 132 -7.42 0.87 19.28
C ASP A 132 -8.70 1.65 19.05
N SER A 133 -9.39 1.31 17.97
CA SER A 133 -10.62 1.98 17.61
C SER A 133 -11.80 1.03 17.80
N LYS A 1 -33.50 11.45 13.17
CA LYS A 1 -32.25 10.83 13.68
C LYS A 1 -31.25 10.69 12.54
N ALA A 2 -30.15 11.41 12.66
CA ALA A 2 -29.13 11.41 11.63
C ALA A 2 -27.89 10.66 12.07
N VAL A 3 -27.26 9.96 11.15
CA VAL A 3 -26.04 9.22 11.42
C VAL A 3 -25.06 9.39 10.28
N SER A 4 -23.87 9.90 10.58
CA SER A 4 -22.85 10.13 9.58
C SER A 4 -21.61 9.30 9.87
N ASP A 5 -21.12 8.62 8.85
CA ASP A 5 -19.87 7.88 8.96
C ASP A 5 -18.78 8.60 8.18
N ASN A 6 -18.04 7.85 7.38
CA ASN A 6 -16.96 8.40 6.55
C ASN A 6 -16.65 7.41 5.45
N ASP A 7 -16.38 6.19 5.87
CA ASP A 7 -16.13 5.07 4.99
C ASP A 7 -15.81 3.85 5.84
N ASP A 8 -14.57 3.80 6.31
CA ASP A 8 -14.09 2.76 7.22
C ASP A 8 -12.59 2.94 7.42
N MET A 9 -11.85 2.79 6.32
CA MET A 9 -10.40 2.92 6.35
C MET A 9 -9.89 3.45 5.03
N MET A 10 -8.88 4.31 5.09
CA MET A 10 -8.31 4.91 3.89
C MET A 10 -7.12 4.09 3.40
N ILE A 11 -7.28 3.47 2.24
CA ILE A 11 -6.25 2.65 1.64
C ILE A 11 -5.60 3.39 0.48
N LEU A 12 -4.27 3.40 0.45
CA LEU A 12 -3.54 4.06 -0.62
C LEU A 12 -3.15 3.05 -1.69
N VAL A 13 -3.85 3.10 -2.81
CA VAL A 13 -3.59 2.19 -3.91
C VAL A 13 -2.63 2.84 -4.91
N VAL A 14 -1.36 2.46 -4.82
CA VAL A 14 -0.32 3.00 -5.69
C VAL A 14 0.20 1.90 -6.61
N ASP A 15 0.18 2.14 -7.93
CA ASP A 15 0.76 1.18 -8.87
C ASP A 15 1.34 1.88 -10.09
N ASP A 16 2.46 1.35 -10.59
CA ASP A 16 3.23 2.01 -11.64
C ASP A 16 2.61 1.81 -13.03
N HIS A 17 1.67 0.88 -13.15
CA HIS A 17 0.99 0.64 -14.42
C HIS A 17 -0.51 0.90 -14.28
N PRO A 18 -0.92 2.17 -14.38
CA PRO A 18 -2.26 2.67 -13.99
C PRO A 18 -3.44 1.70 -14.23
N ILE A 19 -3.44 0.98 -15.34
CA ILE A 19 -4.51 0.04 -15.64
C ILE A 19 -4.66 -1.02 -14.54
N ASN A 20 -3.53 -1.35 -13.91
CA ASN A 20 -3.51 -2.33 -12.84
C ASN A 20 -4.12 -1.73 -11.57
N ARG A 21 -3.79 -0.48 -11.28
CA ARG A 21 -4.38 0.21 -10.14
C ARG A 21 -5.88 0.39 -10.32
N ARG A 22 -6.29 0.59 -11.56
CA ARG A 22 -7.72 0.64 -11.89
C ARG A 22 -8.40 -0.65 -11.45
N LEU A 23 -7.82 -1.76 -11.85
CA LEU A 23 -8.41 -3.08 -11.63
C LEU A 23 -8.38 -3.44 -10.16
N LEU A 24 -7.29 -3.11 -9.51
CA LEU A 24 -7.16 -3.37 -8.09
C LEU A 24 -8.12 -2.49 -7.28
N ALA A 25 -8.41 -1.31 -7.81
CA ALA A 25 -9.36 -0.41 -7.16
C ALA A 25 -10.78 -0.95 -7.31
N ASP A 26 -11.00 -1.74 -8.35
CA ASP A 26 -12.27 -2.43 -8.53
C ASP A 26 -12.45 -3.47 -7.42
N GLN A 27 -11.39 -4.25 -7.20
CA GLN A 27 -11.35 -5.23 -6.11
C GLN A 27 -11.50 -4.54 -4.76
N LEU A 28 -10.82 -3.40 -4.63
CA LEU A 28 -10.91 -2.57 -3.42
C LEU A 28 -12.34 -2.10 -3.20
N GLY A 29 -13.02 -1.81 -4.29
CA GLY A 29 -14.42 -1.44 -4.24
C GLY A 29 -15.28 -2.56 -3.72
N SER A 30 -14.89 -3.79 -4.00
CA SER A 30 -15.59 -4.96 -3.48
C SER A 30 -15.23 -5.21 -2.02
N LEU A 31 -14.13 -4.61 -1.59
CA LEU A 31 -13.69 -4.71 -0.20
C LEU A 31 -14.49 -3.75 0.67
N GLY A 32 -14.72 -2.55 0.15
CA GLY A 32 -15.51 -1.56 0.89
C GLY A 32 -14.63 -0.58 1.63
N TYR A 33 -13.49 -0.24 1.05
CA TYR A 33 -12.58 0.72 1.66
C TYR A 33 -12.31 1.87 0.70
N GLN A 34 -11.98 3.02 1.26
CA GLN A 34 -11.64 4.20 0.47
C GLN A 34 -10.34 3.96 -0.28
N CYS A 35 -10.36 4.15 -1.59
CA CYS A 35 -9.19 3.88 -2.42
C CYS A 35 -8.64 5.17 -3.02
N LYS A 36 -7.45 5.57 -2.57
CA LYS A 36 -6.80 6.74 -3.11
C LYS A 36 -5.76 6.32 -4.14
N THR A 37 -5.91 6.77 -5.37
CA THR A 37 -5.11 6.27 -6.49
C THR A 37 -3.81 7.05 -6.65
N ALA A 38 -2.73 6.33 -6.95
CA ALA A 38 -1.42 6.93 -7.14
C ALA A 38 -0.56 6.01 -8.00
N ASN A 39 0.61 6.47 -8.43
CA ASN A 39 1.42 5.67 -9.34
C ASN A 39 2.91 6.02 -9.26
N ASP A 40 3.54 5.60 -8.15
CA ASP A 40 4.99 5.70 -7.94
C ASP A 40 5.31 5.54 -6.46
N GLY A 41 6.53 5.13 -6.15
CA GLY A 41 6.94 4.95 -4.77
C GLY A 41 6.90 6.25 -3.99
N VAL A 42 7.55 7.28 -4.52
CA VAL A 42 7.58 8.57 -3.86
C VAL A 42 6.24 9.29 -4.00
N ASP A 43 5.54 9.02 -5.10
CA ASP A 43 4.20 9.57 -5.31
C ASP A 43 3.27 9.17 -4.16
N ALA A 44 3.49 7.97 -3.61
CA ALA A 44 2.73 7.50 -2.47
C ALA A 44 2.95 8.41 -1.26
N LEU A 45 4.18 8.88 -1.09
CA LEU A 45 4.51 9.79 -0.01
C LEU A 45 3.93 11.17 -0.30
N ASN A 46 3.90 11.52 -1.57
CA ASN A 46 3.35 12.80 -2.02
C ASN A 46 1.87 12.91 -1.68
N VAL A 47 1.10 11.89 -2.06
CA VAL A 47 -0.32 11.86 -1.76
C VAL A 47 -0.53 11.68 -0.24
N LEU A 48 0.38 10.95 0.41
CA LEU A 48 0.36 10.81 1.86
C LEU A 48 0.44 12.16 2.55
N SER A 49 1.27 13.05 1.99
CA SER A 49 1.44 14.38 2.53
C SER A 49 0.14 15.19 2.41
N LYS A 50 -0.56 14.99 1.30
CA LYS A 50 -1.83 15.69 1.07
C LYS A 50 -2.95 15.12 1.94
N ASN A 51 -2.98 13.80 2.06
CA ASN A 51 -4.03 13.12 2.83
C ASN A 51 -3.46 11.86 3.47
N HIS A 52 -3.49 11.82 4.80
CA HIS A 52 -3.01 10.66 5.54
C HIS A 52 -3.80 9.41 5.19
N ILE A 53 -3.13 8.28 5.16
CA ILE A 53 -3.74 7.02 4.82
C ILE A 53 -3.35 5.96 5.84
N ASP A 54 -4.18 4.93 6.02
CA ASP A 54 -3.90 3.90 7.00
C ASP A 54 -2.85 2.93 6.50
N ILE A 55 -3.14 2.26 5.41
CA ILE A 55 -2.23 1.28 4.84
C ILE A 55 -1.86 1.67 3.41
N VAL A 56 -0.56 1.63 3.11
CA VAL A 56 -0.08 1.98 1.78
C VAL A 56 0.40 0.72 1.06
N LEU A 57 0.07 0.60 -0.22
CA LEU A 57 0.56 -0.50 -1.02
C LEU A 57 1.25 0.03 -2.28
N SER A 58 2.57 -0.06 -2.29
CA SER A 58 3.36 0.40 -3.42
C SER A 58 3.59 -0.72 -4.42
N ASP A 59 2.78 -0.71 -5.47
CA ASP A 59 2.86 -1.70 -6.54
C ASP A 59 3.86 -1.25 -7.59
N VAL A 60 5.01 -1.89 -7.63
CA VAL A 60 6.07 -1.46 -8.55
C VAL A 60 6.58 -2.62 -9.40
N ASN A 61 6.37 -2.50 -10.71
CA ASN A 61 6.95 -3.43 -11.67
C ASN A 61 8.06 -2.75 -12.43
N MET A 62 8.47 -1.59 -11.92
CA MET A 62 9.54 -0.82 -12.53
C MET A 62 10.89 -1.43 -12.17
N PRO A 63 11.58 -2.02 -13.17
CA PRO A 63 12.86 -2.68 -12.94
C PRO A 63 14.03 -1.70 -12.92
N ASN A 64 13.71 -0.42 -13.11
CA ASN A 64 14.71 0.62 -13.15
C ASN A 64 14.91 1.24 -11.77
N MET A 65 16.15 1.15 -11.27
CA MET A 65 16.55 1.80 -10.01
C MET A 65 15.95 1.12 -8.78
N ASP A 66 15.24 0.00 -8.99
CA ASP A 66 14.71 -0.82 -7.89
C ASP A 66 13.67 -0.07 -7.06
N GLY A 67 13.16 -0.73 -6.03
CA GLY A 67 12.32 -0.05 -5.07
C GLY A 67 13.19 0.73 -4.11
N TYR A 68 14.34 0.13 -3.83
CA TYR A 68 15.49 0.77 -3.16
C TYR A 68 15.14 2.05 -2.38
N ARG A 69 15.64 3.14 -2.91
CA ARG A 69 15.67 4.40 -2.20
C ARG A 69 14.26 4.92 -1.88
N LEU A 70 13.27 4.52 -2.66
CA LEU A 70 11.92 5.04 -2.45
C LEU A 70 11.42 4.54 -1.12
N THR A 71 11.91 3.37 -0.75
CA THR A 71 11.60 2.78 0.53
C THR A 71 12.26 3.61 1.62
N GLN A 72 13.50 4.00 1.35
CA GLN A 72 14.24 4.89 2.25
C GLN A 72 13.47 6.19 2.49
N ARG A 73 12.94 6.77 1.42
CA ARG A 73 12.19 8.01 1.50
C ARG A 73 11.01 7.87 2.45
N ILE A 74 10.38 6.71 2.43
CA ILE A 74 9.28 6.41 3.33
C ILE A 74 9.74 6.55 4.80
N ARG A 75 10.88 5.97 5.11
CA ARG A 75 11.43 6.03 6.46
C ARG A 75 11.88 7.45 6.82
N GLN A 76 12.30 8.21 5.83
CA GLN A 76 12.76 9.58 6.04
C GLN A 76 11.58 10.51 6.30
N LEU A 77 10.48 10.26 5.60
CA LEU A 77 9.28 11.08 5.74
C LEU A 77 8.54 10.72 7.02
N GLY A 78 9.04 9.71 7.72
CA GLY A 78 8.52 9.37 9.03
C GLY A 78 7.25 8.55 8.98
N LEU A 79 7.16 7.64 8.02
CA LEU A 79 6.02 6.75 7.95
C LEU A 79 6.29 5.48 8.75
N THR A 80 5.57 5.34 9.86
CA THR A 80 5.69 4.16 10.69
C THR A 80 4.53 3.20 10.39
N LEU A 81 3.63 3.66 9.53
CA LEU A 81 2.49 2.86 9.12
C LEU A 81 2.93 1.79 8.14
N PRO A 82 2.22 0.65 8.11
CA PRO A 82 2.59 -0.50 7.28
C PRO A 82 2.65 -0.17 5.78
N VAL A 83 3.83 -0.36 5.20
CA VAL A 83 4.00 -0.18 3.77
C VAL A 83 4.13 -1.53 3.08
N ILE A 84 3.10 -1.90 2.34
CA ILE A 84 3.09 -3.16 1.62
C ILE A 84 3.79 -3.00 0.27
N GLY A 85 4.92 -3.67 0.12
CA GLY A 85 5.65 -3.59 -1.13
C GLY A 85 5.21 -4.65 -2.11
N VAL A 86 4.25 -4.30 -2.95
CA VAL A 86 3.79 -5.20 -3.99
C VAL A 86 4.72 -5.10 -5.19
N THR A 87 5.65 -6.03 -5.29
CA THR A 87 6.73 -5.90 -6.25
C THR A 87 6.79 -7.06 -7.23
N ALA A 88 7.83 -7.05 -8.05
CA ALA A 88 8.12 -8.14 -8.96
C ALA A 88 9.62 -8.38 -8.93
N ASN A 89 10.06 -9.56 -9.37
CA ASN A 89 11.49 -9.92 -9.34
C ASN A 89 12.34 -8.90 -10.09
N ALA A 90 12.97 -8.02 -9.32
CA ALA A 90 13.89 -7.04 -9.87
C ALA A 90 15.14 -6.99 -9.00
N LEU A 91 16.07 -7.88 -9.30
CA LEU A 91 17.31 -8.03 -8.53
C LEU A 91 17.00 -8.66 -7.17
N ALA A 92 16.65 -7.82 -6.20
CA ALA A 92 16.36 -8.28 -4.85
C ALA A 92 15.67 -7.18 -4.06
N GLU A 93 14.42 -6.90 -4.38
CA GLU A 93 13.66 -5.82 -3.76
C GLU A 93 13.56 -6.03 -2.25
N GLU A 94 13.53 -7.28 -1.82
CA GLU A 94 13.49 -7.59 -0.39
C GLU A 94 14.73 -7.04 0.31
N LYS A 95 15.88 -7.15 -0.34
CA LYS A 95 17.13 -6.66 0.21
C LYS A 95 17.11 -5.14 0.29
N GLN A 96 16.54 -4.51 -0.71
CA GLN A 96 16.45 -3.05 -0.74
C GLN A 96 15.47 -2.57 0.32
N ARG A 97 14.46 -3.38 0.57
CA ARG A 97 13.50 -3.13 1.62
C ARG A 97 14.18 -3.17 2.98
N CYS A 98 15.22 -3.99 3.09
CA CYS A 98 15.99 -4.09 4.31
C CYS A 98 16.94 -2.91 4.46
N LEU A 99 17.60 -2.53 3.38
CA LEU A 99 18.58 -1.45 3.42
C LEU A 99 17.92 -0.08 3.61
N GLU A 100 16.95 0.22 2.77
CA GLU A 100 16.24 1.49 2.82
C GLU A 100 15.17 1.50 3.92
N SER A 101 14.74 0.30 4.33
CA SER A 101 13.90 0.10 5.53
C SER A 101 12.65 0.99 5.58
N GLY A 102 11.83 0.94 4.54
CA GLY A 102 10.63 1.77 4.53
C GLY A 102 9.36 1.02 4.14
N MET A 103 9.31 -0.27 4.38
CA MET A 103 8.15 -1.05 3.96
C MET A 103 7.41 -1.67 5.14
N ASP A 104 7.22 -2.99 5.07
CA ASP A 104 6.57 -3.79 6.11
C ASP A 104 6.33 -5.20 5.57
N SER A 105 5.76 -5.26 4.37
CA SER A 105 5.49 -6.53 3.71
C SER A 105 5.99 -6.51 2.27
N CYS A 106 5.91 -7.65 1.60
CA CYS A 106 6.27 -7.76 0.19
C CYS A 106 5.37 -8.78 -0.49
N LEU A 107 4.63 -8.35 -1.51
CA LEU A 107 3.72 -9.23 -2.23
C LEU A 107 4.03 -9.19 -3.72
N SER A 108 3.19 -9.87 -4.49
CA SER A 108 3.34 -9.91 -5.93
C SER A 108 2.43 -8.88 -6.59
N LYS A 109 2.91 -8.25 -7.66
CA LYS A 109 2.12 -7.27 -8.42
C LYS A 109 0.70 -7.76 -8.75
N PRO A 110 0.52 -9.02 -9.21
CA PRO A 110 -0.82 -9.58 -9.45
C PRO A 110 -1.57 -9.87 -8.15
N VAL A 111 -1.86 -8.82 -7.38
CA VAL A 111 -2.66 -8.93 -6.17
C VAL A 111 -4.13 -9.16 -6.50
N THR A 112 -4.49 -10.40 -6.74
CA THR A 112 -5.86 -10.77 -7.06
C THR A 112 -6.74 -10.63 -5.82
N LEU A 113 -8.07 -10.71 -6.01
CA LEU A 113 -9.02 -10.56 -4.91
C LEU A 113 -8.72 -11.55 -3.77
N ASP A 114 -8.31 -12.75 -4.13
CA ASP A 114 -7.99 -13.79 -3.14
C ASP A 114 -6.88 -13.35 -2.20
N VAL A 115 -5.70 -13.10 -2.77
CA VAL A 115 -4.53 -12.76 -1.97
C VAL A 115 -4.66 -11.35 -1.35
N ILE A 116 -5.39 -10.47 -2.03
CA ILE A 116 -5.59 -9.12 -1.53
C ILE A 116 -6.49 -9.14 -0.29
N LYS A 117 -7.46 -10.05 -0.27
CA LYS A 117 -8.36 -10.15 0.86
C LYS A 117 -7.63 -10.66 2.09
N GLN A 118 -6.76 -11.64 1.87
CA GLN A 118 -5.94 -12.19 2.94
C GLN A 118 -5.11 -11.10 3.60
N THR A 119 -4.29 -10.42 2.80
CA THR A 119 -3.42 -9.37 3.30
C THR A 119 -4.20 -8.19 3.89
N LEU A 120 -5.28 -7.80 3.23
CA LEU A 120 -6.07 -6.65 3.67
C LEU A 120 -6.74 -6.93 5.01
N THR A 121 -7.35 -8.09 5.13
CA THR A 121 -8.04 -8.47 6.37
C THR A 121 -7.04 -8.65 7.51
N LEU A 122 -5.91 -9.30 7.23
CA LEU A 122 -4.87 -9.51 8.23
C LEU A 122 -4.31 -8.18 8.71
N TYR A 123 -4.11 -7.25 7.78
CA TYR A 123 -3.54 -5.96 8.11
C TYR A 123 -4.54 -5.07 8.82
N ALA A 124 -5.79 -5.13 8.40
CA ALA A 124 -6.86 -4.40 9.04
C ALA A 124 -7.04 -4.88 10.48
N GLU A 125 -6.78 -6.16 10.69
CA GLU A 125 -6.88 -6.74 12.03
C GLU A 125 -5.78 -6.18 12.94
N ARG A 126 -4.54 -6.10 12.45
CA ARG A 126 -3.43 -5.65 13.29
C ARG A 126 -3.50 -4.16 13.55
N VAL A 127 -3.96 -3.37 12.57
CA VAL A 127 -4.09 -1.94 12.77
C VAL A 127 -5.27 -1.64 13.70
N ARG A 128 -6.29 -2.51 13.66
CA ARG A 128 -7.43 -2.38 14.56
C ARG A 128 -7.03 -2.85 15.97
N LYS A 129 -6.05 -3.74 16.03
CA LYS A 129 -5.52 -4.20 17.30
C LYS A 129 -4.71 -3.09 17.97
N SER A 130 -3.84 -2.45 17.18
CA SER A 130 -3.09 -1.32 17.67
C SER A 130 -4.02 -0.16 18.03
N ARG A 131 -5.08 -0.01 17.24
CA ARG A 131 -6.10 1.00 17.49
C ARG A 131 -6.75 0.77 18.85
N ASP A 132 -7.35 -0.41 19.00
CA ASP A 132 -8.04 -0.80 20.24
C ASP A 132 -9.17 0.17 20.58
N SER A 133 -10.31 -0.04 19.96
CA SER A 133 -11.48 0.78 20.22
C SER A 133 -12.63 -0.11 20.65
N LYS A 1 -29.47 4.42 17.74
CA LYS A 1 -30.14 5.39 18.62
C LYS A 1 -29.14 6.28 19.36
N ALA A 2 -27.85 6.07 19.12
CA ALA A 2 -26.81 6.81 19.83
C ALA A 2 -25.84 7.48 18.87
N VAL A 3 -24.83 6.75 18.42
CA VAL A 3 -23.81 7.30 17.56
C VAL A 3 -23.36 6.28 16.52
N SER A 4 -22.94 6.76 15.36
CA SER A 4 -22.47 5.90 14.29
C SER A 4 -20.99 6.12 14.02
N ASP A 5 -20.31 5.12 13.50
CA ASP A 5 -18.91 5.25 13.15
C ASP A 5 -18.74 5.15 11.65
N ASN A 6 -18.20 6.19 11.05
CA ASN A 6 -17.98 6.22 9.61
C ASN A 6 -16.73 5.43 9.26
N ASP A 7 -15.71 5.58 10.09
CA ASP A 7 -14.42 4.90 9.93
C ASP A 7 -13.84 5.11 8.54
N ASP A 8 -13.09 6.19 8.40
CA ASP A 8 -12.47 6.54 7.13
C ASP A 8 -11.19 5.72 6.94
N MET A 9 -11.38 4.44 6.71
CA MET A 9 -10.26 3.55 6.44
C MET A 9 -9.79 3.78 5.01
N MET A 10 -8.82 4.67 4.87
CA MET A 10 -8.34 5.08 3.56
C MET A 10 -7.17 4.23 3.12
N ILE A 11 -7.41 3.42 2.11
CA ILE A 11 -6.37 2.59 1.55
C ILE A 11 -5.81 3.24 0.30
N LEU A 12 -4.50 3.39 0.25
CA LEU A 12 -3.85 4.05 -0.87
C LEU A 12 -3.41 3.03 -1.90
N VAL A 13 -4.16 2.95 -2.99
CA VAL A 13 -3.86 2.03 -4.06
C VAL A 13 -3.00 2.72 -5.12
N VAL A 14 -1.72 2.42 -5.07
CA VAL A 14 -0.76 2.99 -5.99
C VAL A 14 -0.41 2.00 -7.07
N ASP A 15 -0.31 2.46 -8.30
CA ASP A 15 0.22 1.64 -9.37
C ASP A 15 0.83 2.52 -10.44
N ASP A 16 2.01 2.15 -10.89
CA ASP A 16 2.72 2.91 -11.91
C ASP A 16 1.89 3.02 -13.18
N HIS A 17 1.14 1.97 -13.51
CA HIS A 17 0.41 1.94 -14.76
C HIS A 17 -1.10 1.81 -14.54
N PRO A 18 -1.88 2.69 -15.20
CA PRO A 18 -3.34 2.79 -15.03
C PRO A 18 -4.11 1.46 -15.13
N ILE A 19 -3.66 0.56 -15.99
CA ILE A 19 -4.36 -0.70 -16.19
C ILE A 19 -4.40 -1.54 -14.91
N ASN A 20 -3.24 -1.68 -14.27
CA ASN A 20 -3.15 -2.47 -13.07
C ASN A 20 -3.69 -1.68 -11.89
N ARG A 21 -3.56 -0.35 -11.97
CA ARG A 21 -4.18 0.56 -11.03
C ARG A 21 -5.67 0.31 -10.92
N ARG A 22 -6.36 0.26 -12.06
CA ARG A 22 -7.80 0.05 -12.08
C ARG A 22 -8.15 -1.31 -11.49
N LEU A 23 -7.32 -2.32 -11.76
CA LEU A 23 -7.58 -3.67 -11.26
C LEU A 23 -7.45 -3.71 -9.74
N LEU A 24 -6.31 -3.24 -9.23
CA LEU A 24 -6.04 -3.25 -7.79
C LEU A 24 -7.05 -2.37 -7.05
N ALA A 25 -7.47 -1.28 -7.68
CA ALA A 25 -8.46 -0.38 -7.10
C ALA A 25 -9.84 -1.02 -7.09
N ASP A 26 -10.11 -1.86 -8.09
CA ASP A 26 -11.40 -2.55 -8.18
C ASP A 26 -11.50 -3.61 -7.09
N GLN A 27 -10.38 -4.26 -6.82
CA GLN A 27 -10.30 -5.22 -5.72
C GLN A 27 -10.62 -4.51 -4.40
N LEU A 28 -10.07 -3.31 -4.23
CA LEU A 28 -10.32 -2.51 -3.04
C LEU A 28 -11.79 -2.09 -2.99
N GLY A 29 -12.37 -1.89 -4.16
CA GLY A 29 -13.78 -1.56 -4.24
C GLY A 29 -14.65 -2.66 -3.65
N SER A 30 -14.23 -3.90 -3.88
CA SER A 30 -14.94 -5.05 -3.33
C SER A 30 -14.68 -5.18 -1.84
N LEU A 31 -13.58 -4.60 -1.37
CA LEU A 31 -13.28 -4.56 0.05
C LEU A 31 -14.19 -3.55 0.76
N GLY A 32 -14.57 -2.50 0.04
CA GLY A 32 -15.51 -1.53 0.57
C GLY A 32 -14.83 -0.42 1.35
N TYR A 33 -13.52 -0.31 1.23
CA TYR A 33 -12.77 0.71 1.94
C TYR A 33 -12.54 1.93 1.04
N GLN A 34 -12.00 3.00 1.63
CA GLN A 34 -11.74 4.24 0.90
C GLN A 34 -10.61 4.04 -0.10
N CYS A 35 -10.81 4.50 -1.32
CA CYS A 35 -9.85 4.28 -2.39
C CYS A 35 -9.13 5.58 -2.77
N LYS A 36 -7.83 5.63 -2.49
CA LYS A 36 -7.00 6.77 -2.87
C LYS A 36 -5.95 6.32 -3.89
N THR A 37 -6.07 6.77 -5.12
CA THR A 37 -5.20 6.29 -6.18
C THR A 37 -3.97 7.17 -6.39
N ALA A 38 -2.84 6.53 -6.72
CA ALA A 38 -1.59 7.24 -7.02
C ALA A 38 -0.76 6.41 -7.99
N ASN A 39 0.33 6.96 -8.53
CA ASN A 39 1.13 6.22 -9.50
C ASN A 39 2.64 6.43 -9.33
N ASP A 40 3.21 5.86 -8.26
CA ASP A 40 4.65 5.75 -8.04
C ASP A 40 4.94 5.47 -6.58
N GLY A 41 6.16 5.03 -6.28
CA GLY A 41 6.53 4.79 -4.91
C GLY A 41 6.72 6.10 -4.17
N VAL A 42 7.34 7.06 -4.85
CA VAL A 42 7.52 8.39 -4.29
C VAL A 42 6.20 9.15 -4.30
N ASP A 43 5.36 8.85 -5.28
CA ASP A 43 4.01 9.45 -5.35
C ASP A 43 3.20 9.05 -4.13
N ALA A 44 3.45 7.85 -3.64
CA ALA A 44 2.76 7.33 -2.47
C ALA A 44 3.06 8.18 -1.24
N LEU A 45 4.34 8.44 -0.98
CA LEU A 45 4.72 9.24 0.18
C LEU A 45 4.32 10.69 -0.02
N ASN A 46 4.25 11.12 -1.27
CA ASN A 46 3.77 12.45 -1.60
C ASN A 46 2.31 12.61 -1.16
N VAL A 47 1.48 11.67 -1.57
CA VAL A 47 0.08 11.65 -1.17
C VAL A 47 -0.03 11.50 0.35
N LEU A 48 0.92 10.76 0.93
CA LEU A 48 0.97 10.55 2.38
C LEU A 48 1.25 11.86 3.11
N SER A 49 2.02 12.73 2.49
CA SER A 49 2.34 14.01 3.09
C SER A 49 1.13 14.93 3.06
N LYS A 50 0.27 14.73 2.06
CA LYS A 50 -0.92 15.55 1.92
C LYS A 50 -2.11 14.96 2.68
N ASN A 51 -2.08 13.67 2.96
CA ASN A 51 -3.18 12.99 3.62
C ASN A 51 -2.68 11.81 4.45
N HIS A 52 -3.30 11.63 5.62
CA HIS A 52 -2.92 10.57 6.56
C HIS A 52 -2.80 9.20 5.89
N ILE A 53 -3.92 8.68 5.40
CA ILE A 53 -4.00 7.32 4.86
C ILE A 53 -3.77 6.27 5.96
N ASP A 54 -4.35 5.09 5.80
CA ASP A 54 -4.23 4.02 6.78
C ASP A 54 -3.24 2.96 6.31
N ILE A 55 -3.50 2.42 5.12
CA ILE A 55 -2.67 1.36 4.56
C ILE A 55 -2.14 1.78 3.20
N VAL A 56 -0.84 1.58 2.97
CA VAL A 56 -0.23 1.94 1.70
C VAL A 56 0.05 0.71 0.85
N LEU A 57 -0.43 0.72 -0.38
CA LEU A 57 -0.15 -0.33 -1.33
C LEU A 57 0.59 0.25 -2.54
N SER A 58 1.90 0.12 -2.56
CA SER A 58 2.68 0.64 -3.67
C SER A 58 2.93 -0.44 -4.70
N ASP A 59 2.09 -0.45 -5.73
CA ASP A 59 2.17 -1.45 -6.78
C ASP A 59 2.94 -0.91 -7.98
N VAL A 60 3.90 -1.70 -8.45
CA VAL A 60 4.72 -1.28 -9.59
C VAL A 60 4.67 -2.32 -10.70
N ASN A 61 4.07 -1.94 -11.82
CA ASN A 61 4.01 -2.82 -12.98
C ASN A 61 5.12 -2.47 -13.96
N MET A 62 6.05 -1.66 -13.48
CA MET A 62 7.18 -1.23 -14.29
C MET A 62 8.49 -1.64 -13.63
N PRO A 63 9.35 -2.34 -14.37
CA PRO A 63 10.65 -2.81 -13.86
C PRO A 63 11.65 -1.67 -13.69
N ASN A 64 11.37 -0.79 -12.73
CA ASN A 64 12.23 0.36 -12.45
C ASN A 64 13.49 -0.08 -11.69
N MET A 65 14.49 0.80 -11.67
CA MET A 65 15.74 0.51 -10.99
C MET A 65 15.59 0.58 -9.48
N ASP A 66 14.77 1.53 -9.02
CA ASP A 66 14.57 1.74 -7.60
C ASP A 66 13.32 1.03 -7.12
N GLY A 67 13.52 -0.01 -6.33
CA GLY A 67 12.41 -0.70 -5.70
C GLY A 67 12.60 -0.77 -4.21
N TYR A 68 13.41 0.15 -3.68
CA TYR A 68 13.74 0.15 -2.26
C TYR A 68 13.75 1.57 -1.69
N ARG A 69 14.53 2.41 -2.31
CA ARG A 69 14.92 3.67 -1.72
C ARG A 69 13.70 4.51 -1.36
N LEU A 70 12.62 4.25 -2.07
CA LEU A 70 11.42 5.08 -1.97
C LEU A 70 10.82 4.93 -0.59
N THR A 71 10.95 3.73 -0.07
CA THR A 71 10.48 3.40 1.25
C THR A 71 11.49 3.88 2.28
N GLN A 72 12.75 3.94 1.87
CA GLN A 72 13.80 4.52 2.70
C GLN A 72 13.43 5.95 3.06
N ARG A 73 12.98 6.69 2.06
CA ARG A 73 12.47 8.05 2.25
C ARG A 73 11.27 8.05 3.19
N ILE A 74 10.40 7.06 3.03
CA ILE A 74 9.22 6.91 3.90
C ILE A 74 9.65 6.66 5.36
N ARG A 75 10.76 5.95 5.53
CA ARG A 75 11.30 5.67 6.85
C ARG A 75 11.80 6.96 7.50
N GLN A 76 12.53 7.75 6.72
CA GLN A 76 13.03 9.03 7.20
C GLN A 76 11.89 10.00 7.46
N LEU A 77 10.76 9.76 6.79
CA LEU A 77 9.57 10.60 6.94
C LEU A 77 8.92 10.39 8.32
N GLY A 78 9.23 9.26 8.95
CA GLY A 78 8.64 8.96 10.23
C GLY A 78 7.28 8.31 10.09
N LEU A 79 7.22 7.27 9.26
CA LEU A 79 5.97 6.54 9.01
C LEU A 79 5.39 5.97 10.29
N THR A 80 4.06 5.93 10.35
CA THR A 80 3.37 5.36 11.49
C THR A 80 2.24 4.43 11.03
N LEU A 81 2.46 3.79 9.89
CA LEU A 81 1.46 2.92 9.28
C LEU A 81 2.16 1.82 8.48
N PRO A 82 1.48 0.70 8.22
CA PRO A 82 2.05 -0.43 7.48
C PRO A 82 2.08 -0.20 5.96
N VAL A 83 3.19 -0.60 5.34
CA VAL A 83 3.36 -0.43 3.90
C VAL A 83 3.52 -1.78 3.20
N ILE A 84 2.82 -1.94 2.08
CA ILE A 84 2.94 -3.15 1.27
C ILE A 84 3.45 -2.78 -0.11
N GLY A 85 4.46 -3.50 -0.57
CA GLY A 85 5.01 -3.25 -1.89
C GLY A 85 4.81 -4.44 -2.80
N VAL A 86 3.96 -4.29 -3.79
CA VAL A 86 3.72 -5.35 -4.75
C VAL A 86 4.53 -5.08 -6.01
N THR A 87 5.49 -5.95 -6.28
CA THR A 87 6.46 -5.70 -7.32
C THR A 87 6.34 -6.70 -8.47
N ALA A 88 6.80 -6.31 -9.65
CA ALA A 88 6.75 -7.18 -10.82
C ALA A 88 8.15 -7.64 -11.19
N ASN A 89 8.46 -8.91 -10.88
CA ASN A 89 9.74 -9.52 -11.23
C ASN A 89 10.92 -8.73 -10.69
N ALA A 90 10.80 -8.29 -9.44
CA ALA A 90 11.85 -7.51 -8.81
C ALA A 90 12.83 -8.42 -8.09
N LEU A 91 13.85 -8.86 -8.81
CA LEU A 91 14.86 -9.75 -8.26
C LEU A 91 15.54 -9.15 -7.03
N ALA A 92 15.42 -9.85 -5.90
CA ALA A 92 16.07 -9.47 -4.65
C ALA A 92 15.44 -8.21 -4.05
N GLU A 93 14.17 -7.98 -4.35
CA GLU A 93 13.44 -6.86 -3.78
C GLU A 93 13.30 -7.05 -2.28
N GLU A 94 13.26 -8.31 -1.85
CA GLU A 94 13.22 -8.64 -0.44
C GLU A 94 14.43 -8.08 0.30
N LYS A 95 15.58 -8.10 -0.37
CA LYS A 95 16.81 -7.59 0.22
C LYS A 95 16.78 -6.06 0.26
N GLN A 96 16.21 -5.44 -0.76
CA GLN A 96 16.12 -3.99 -0.79
C GLN A 96 15.10 -3.52 0.24
N ARG A 97 14.11 -4.35 0.51
CA ARG A 97 13.14 -4.08 1.56
C ARG A 97 13.84 -4.05 2.92
N CYS A 98 14.85 -4.90 3.07
CA CYS A 98 15.68 -4.89 4.26
C CYS A 98 16.54 -3.62 4.29
N LEU A 99 16.82 -3.07 3.10
CA LEU A 99 17.60 -1.85 2.97
C LEU A 99 16.80 -0.62 3.43
N GLU A 100 15.58 -0.45 2.91
CA GLU A 100 14.78 0.73 3.25
C GLU A 100 14.13 0.57 4.63
N SER A 101 13.61 -0.62 4.89
CA SER A 101 12.95 -0.96 6.15
C SER A 101 11.85 0.03 6.55
N GLY A 102 10.94 0.32 5.63
CA GLY A 102 9.80 1.12 5.97
C GLY A 102 8.50 0.48 5.54
N MET A 103 8.63 -0.60 4.78
CA MET A 103 7.48 -1.29 4.22
C MET A 103 6.80 -2.17 5.27
N ASP A 104 6.88 -3.49 5.04
CA ASP A 104 6.40 -4.52 5.96
C ASP A 104 6.22 -5.82 5.20
N SER A 105 5.44 -5.76 4.13
CA SER A 105 5.19 -6.94 3.31
C SER A 105 5.40 -6.62 1.83
N CYS A 106 5.98 -7.57 1.10
CA CYS A 106 6.18 -7.43 -0.33
C CYS A 106 5.53 -8.59 -1.07
N LEU A 107 4.74 -8.27 -2.08
CA LEU A 107 4.00 -9.30 -2.81
C LEU A 107 4.38 -9.30 -4.28
N SER A 108 3.81 -10.23 -5.02
CA SER A 108 4.07 -10.36 -6.44
C SER A 108 2.96 -9.68 -7.24
N LYS A 109 3.34 -8.98 -8.31
CA LYS A 109 2.40 -8.24 -9.15
C LYS A 109 1.18 -9.06 -9.58
N PRO A 110 1.33 -10.36 -9.92
CA PRO A 110 0.18 -11.24 -10.16
C PRO A 110 -0.61 -11.55 -8.88
N VAL A 111 -1.11 -10.51 -8.23
CA VAL A 111 -1.94 -10.67 -7.05
C VAL A 111 -3.38 -11.01 -7.43
N THR A 112 -4.16 -11.44 -6.46
CA THR A 112 -5.55 -11.79 -6.68
C THR A 112 -6.43 -11.21 -5.58
N LEU A 113 -7.75 -11.32 -5.75
CA LEU A 113 -8.70 -10.80 -4.77
C LEU A 113 -8.51 -11.47 -3.41
N ASP A 114 -8.38 -12.79 -3.41
CA ASP A 114 -8.23 -13.52 -2.16
C ASP A 114 -6.88 -13.22 -1.50
N VAL A 115 -5.83 -13.15 -2.31
CA VAL A 115 -4.51 -12.84 -1.81
C VAL A 115 -4.48 -11.47 -1.15
N ILE A 116 -5.04 -10.48 -1.83
CA ILE A 116 -5.11 -9.13 -1.30
C ILE A 116 -6.06 -9.09 -0.10
N LYS A 117 -6.98 -10.04 -0.05
CA LYS A 117 -7.93 -10.14 1.05
C LYS A 117 -7.21 -10.56 2.33
N GLN A 118 -6.27 -11.50 2.21
CA GLN A 118 -5.49 -11.92 3.37
C GLN A 118 -4.72 -10.74 3.94
N THR A 119 -4.01 -10.04 3.06
CA THR A 119 -3.21 -8.90 3.48
C THR A 119 -4.07 -7.79 4.07
N LEU A 120 -5.18 -7.48 3.40
CA LEU A 120 -6.07 -6.41 3.84
C LEU A 120 -6.71 -6.74 5.19
N THR A 121 -7.26 -7.94 5.31
CA THR A 121 -7.96 -8.35 6.52
C THR A 121 -7.02 -8.42 7.72
N LEU A 122 -5.81 -8.92 7.50
CA LEU A 122 -4.83 -9.04 8.57
C LEU A 122 -4.32 -7.66 8.99
N TYR A 123 -4.14 -6.77 8.02
CA TYR A 123 -3.67 -5.43 8.31
C TYR A 123 -4.75 -4.62 8.99
N ALA A 124 -5.99 -4.85 8.57
CA ALA A 124 -7.13 -4.17 9.15
C ALA A 124 -7.29 -4.53 10.62
N GLU A 125 -6.99 -5.78 10.97
CA GLU A 125 -7.06 -6.21 12.36
C GLU A 125 -5.93 -5.57 13.16
N ARG A 126 -4.78 -5.37 12.52
CA ARG A 126 -3.63 -4.77 13.18
C ARG A 126 -3.94 -3.31 13.54
N VAL A 127 -4.49 -2.56 12.59
CA VAL A 127 -4.84 -1.17 12.84
C VAL A 127 -6.06 -1.11 13.76
N ARG A 128 -6.92 -2.11 13.67
CA ARG A 128 -8.10 -2.19 14.53
C ARG A 128 -7.70 -2.32 15.99
N LYS A 129 -6.81 -3.26 16.26
CA LYS A 129 -6.33 -3.50 17.63
C LYS A 129 -5.55 -2.30 18.15
N SER A 130 -4.76 -1.69 17.28
CA SER A 130 -3.94 -0.55 17.66
C SER A 130 -4.78 0.71 17.90
N ARG A 131 -5.94 0.78 17.25
CA ARG A 131 -6.83 1.92 17.42
C ARG A 131 -7.75 1.71 18.62
N ASP A 132 -8.57 0.67 18.54
CA ASP A 132 -9.53 0.34 19.59
C ASP A 132 -10.15 -1.02 19.33
N SER A 133 -11.17 -1.03 18.48
CA SER A 133 -11.86 -2.26 18.12
C SER A 133 -12.59 -2.07 16.79
N LYS A 1 -25.51 18.95 12.45
CA LYS A 1 -26.48 18.42 13.44
C LYS A 1 -26.93 17.02 13.05
N ALA A 2 -27.12 16.81 11.74
CA ALA A 2 -27.51 15.51 11.22
C ALA A 2 -26.36 14.51 11.32
N VAL A 3 -26.70 13.24 11.41
CA VAL A 3 -25.72 12.19 11.53
C VAL A 3 -24.92 12.04 10.23
N SER A 4 -23.62 12.26 10.32
CA SER A 4 -22.74 12.16 9.16
C SER A 4 -21.72 11.05 9.39
N ASP A 5 -21.13 10.55 8.32
CA ASP A 5 -20.18 9.44 8.42
C ASP A 5 -18.76 9.96 8.49
N ASN A 6 -17.82 9.04 8.70
CA ASN A 6 -16.40 9.38 8.74
C ASN A 6 -15.67 8.63 7.65
N ASP A 7 -15.20 7.45 8.02
CA ASP A 7 -14.40 6.61 7.17
C ASP A 7 -14.24 5.27 7.88
N ASP A 8 -13.01 4.76 7.92
CA ASP A 8 -12.66 3.53 8.63
C ASP A 8 -11.30 3.03 8.19
N MET A 9 -11.21 2.60 6.94
CA MET A 9 -9.98 2.04 6.41
C MET A 9 -9.65 2.66 5.06
N MET A 10 -8.85 3.70 5.08
CA MET A 10 -8.42 4.35 3.85
C MET A 10 -7.14 3.69 3.35
N ILE A 11 -7.22 3.11 2.16
CA ILE A 11 -6.09 2.42 1.55
C ILE A 11 -5.61 3.19 0.34
N LEU A 12 -4.29 3.31 0.21
CA LEU A 12 -3.70 4.04 -0.91
C LEU A 12 -3.10 3.09 -1.92
N VAL A 13 -3.62 3.13 -3.14
CA VAL A 13 -3.14 2.27 -4.20
C VAL A 13 -2.25 3.06 -5.17
N VAL A 14 -0.94 2.89 -5.02
CA VAL A 14 0.03 3.67 -5.78
C VAL A 14 0.74 2.82 -6.81
N ASP A 15 0.15 2.68 -7.99
CA ASP A 15 0.71 1.81 -9.03
C ASP A 15 1.31 2.64 -10.17
N ASP A 16 2.42 2.15 -10.74
CA ASP A 16 3.11 2.89 -11.79
C ASP A 16 2.63 2.51 -13.20
N HIS A 17 1.81 1.46 -13.32
CA HIS A 17 1.33 1.03 -14.63
C HIS A 17 -0.20 0.96 -14.64
N PRO A 18 -0.85 2.08 -15.06
CA PRO A 18 -2.30 2.32 -14.97
C PRO A 18 -3.22 1.10 -15.01
N ILE A 19 -2.93 0.13 -15.88
CA ILE A 19 -3.76 -1.07 -15.98
C ILE A 19 -3.86 -1.80 -14.64
N ASN A 20 -2.77 -1.80 -13.88
CA ASN A 20 -2.77 -2.44 -12.57
C ASN A 20 -3.56 -1.60 -11.60
N ARG A 21 -3.44 -0.28 -11.72
CA ARG A 21 -4.14 0.67 -10.87
C ARG A 21 -5.64 0.39 -10.87
N ARG A 22 -6.23 0.30 -12.06
CA ARG A 22 -7.66 0.10 -12.18
C ARG A 22 -8.07 -1.28 -11.67
N LEU A 23 -7.21 -2.28 -11.88
CA LEU A 23 -7.50 -3.65 -11.45
C LEU A 23 -7.43 -3.77 -9.93
N LEU A 24 -6.39 -3.20 -9.36
CA LEU A 24 -6.13 -3.26 -7.93
C LEU A 24 -7.17 -2.44 -7.17
N ALA A 25 -7.52 -1.29 -7.73
CA ALA A 25 -8.57 -0.45 -7.14
C ALA A 25 -9.93 -1.12 -7.25
N ASP A 26 -10.10 -1.90 -8.32
CA ASP A 26 -11.34 -2.67 -8.51
C ASP A 26 -11.51 -3.66 -7.38
N GLN A 27 -10.45 -4.44 -7.12
CA GLN A 27 -10.48 -5.44 -6.05
C GLN A 27 -10.69 -4.79 -4.70
N LEU A 28 -10.08 -3.62 -4.50
CA LEU A 28 -10.25 -2.87 -3.26
C LEU A 28 -11.69 -2.39 -3.10
N GLY A 29 -12.30 -2.01 -4.21
CA GLY A 29 -13.68 -1.56 -4.18
C GLY A 29 -14.63 -2.67 -3.81
N SER A 30 -14.39 -3.87 -4.35
CA SER A 30 -15.21 -5.03 -4.03
C SER A 30 -15.06 -5.41 -2.56
N LEU A 31 -13.89 -5.08 -2.00
CA LEU A 31 -13.62 -5.33 -0.58
C LEU A 31 -14.49 -4.43 0.29
N GLY A 32 -14.83 -3.26 -0.22
CA GLY A 32 -15.59 -2.30 0.55
C GLY A 32 -14.68 -1.39 1.34
N TYR A 33 -13.41 -1.32 0.93
CA TYR A 33 -12.43 -0.49 1.61
C TYR A 33 -12.18 0.77 0.80
N GLN A 34 -11.77 1.83 1.47
CA GLN A 34 -11.57 3.12 0.81
C GLN A 34 -10.38 3.06 -0.12
N CYS A 35 -10.58 3.48 -1.35
CA CYS A 35 -9.54 3.40 -2.37
C CYS A 35 -9.11 4.79 -2.81
N LYS A 36 -7.87 5.14 -2.49
CA LYS A 36 -7.29 6.40 -2.95
C LYS A 36 -6.21 6.12 -3.98
N THR A 37 -6.36 6.69 -5.17
CA THR A 37 -5.51 6.34 -6.30
C THR A 37 -4.34 7.30 -6.48
N ALA A 38 -3.15 6.74 -6.64
CA ALA A 38 -1.95 7.51 -6.89
C ALA A 38 -0.99 6.68 -7.73
N ASN A 39 0.14 7.24 -8.18
CA ASN A 39 0.97 6.53 -9.15
C ASN A 39 2.45 6.89 -9.04
N ASP A 40 3.10 6.40 -7.98
CA ASP A 40 4.57 6.41 -7.84
C ASP A 40 4.94 6.18 -6.39
N GLY A 41 6.15 5.69 -6.17
CA GLY A 41 6.60 5.46 -4.84
C GLY A 41 6.82 6.77 -4.09
N VAL A 42 7.38 7.74 -4.78
CA VAL A 42 7.61 9.06 -4.19
C VAL A 42 6.29 9.82 -4.06
N ASP A 43 5.35 9.55 -4.98
CA ASP A 43 4.04 10.17 -4.92
C ASP A 43 3.27 9.68 -3.71
N ALA A 44 3.55 8.45 -3.30
CA ALA A 44 2.95 7.87 -2.10
C ALA A 44 3.28 8.73 -0.89
N LEU A 45 4.53 9.14 -0.76
CA LEU A 45 4.95 9.98 0.34
C LEU A 45 4.29 11.35 0.26
N ASN A 46 4.17 11.86 -0.97
CA ASN A 46 3.58 13.16 -1.25
C ASN A 46 2.13 13.21 -0.75
N VAL A 47 1.34 12.23 -1.17
CA VAL A 47 -0.06 12.16 -0.76
C VAL A 47 -0.18 11.80 0.72
N LEU A 48 0.78 11.02 1.22
CA LEU A 48 0.80 10.60 2.63
C LEU A 48 0.91 11.80 3.57
N SER A 49 1.68 12.80 3.17
CA SER A 49 1.87 13.98 3.99
C SER A 49 0.65 14.90 3.89
N LYS A 50 0.05 14.94 2.70
CA LYS A 50 -1.13 15.75 2.47
C LYS A 50 -2.32 15.23 3.28
N ASN A 51 -2.64 13.96 3.10
CA ASN A 51 -3.78 13.35 3.78
C ASN A 51 -3.37 12.03 4.40
N HIS A 52 -3.82 11.77 5.61
CA HIS A 52 -3.43 10.56 6.31
C HIS A 52 -4.18 9.35 5.80
N ILE A 53 -3.59 8.68 4.84
CA ILE A 53 -4.04 7.36 4.44
C ILE A 53 -3.50 6.35 5.45
N ASP A 54 -4.30 5.33 5.78
CA ASP A 54 -3.95 4.46 6.90
C ASP A 54 -3.16 3.23 6.46
N ILE A 55 -3.33 2.82 5.21
CA ILE A 55 -2.57 1.69 4.68
C ILE A 55 -1.93 2.06 3.34
N VAL A 56 -0.61 1.87 3.24
CA VAL A 56 0.09 2.18 2.01
C VAL A 56 0.30 0.93 1.16
N LEU A 57 -0.19 0.95 -0.07
CA LEU A 57 0.04 -0.13 -1.01
C LEU A 57 0.75 0.40 -2.25
N SER A 58 2.06 0.25 -2.31
CA SER A 58 2.82 0.73 -3.46
C SER A 58 2.94 -0.39 -4.49
N ASP A 59 2.16 -0.26 -5.54
CA ASP A 59 2.10 -1.27 -6.58
C ASP A 59 3.17 -0.99 -7.64
N VAL A 60 4.24 -1.78 -7.60
CA VAL A 60 5.42 -1.53 -8.41
C VAL A 60 5.53 -2.52 -9.56
N ASN A 61 5.51 -2.01 -10.79
CA ASN A 61 5.61 -2.83 -11.97
C ASN A 61 6.97 -2.63 -12.62
N MET A 62 7.55 -1.46 -12.37
CA MET A 62 8.84 -1.10 -12.97
C MET A 62 9.91 -0.87 -11.91
N PRO A 63 10.48 -1.95 -11.34
CA PRO A 63 11.54 -1.87 -10.36
C PRO A 63 12.92 -2.08 -10.98
N ASN A 64 13.12 -1.52 -12.16
CA ASN A 64 14.35 -1.75 -12.92
C ASN A 64 15.48 -0.83 -12.47
N MET A 65 15.13 0.35 -11.97
CA MET A 65 16.12 1.31 -11.51
C MET A 65 15.76 1.86 -10.15
N ASP A 66 14.51 2.32 -10.01
CA ASP A 66 14.02 2.81 -8.74
C ASP A 66 13.28 1.69 -8.02
N GLY A 67 11.97 1.62 -8.22
CA GLY A 67 11.17 0.55 -7.65
C GLY A 67 11.32 0.46 -6.15
N TYR A 68 12.03 -0.58 -5.69
CA TYR A 68 12.32 -0.78 -4.26
C TYR A 68 12.92 0.47 -3.62
N ARG A 69 13.62 1.21 -4.43
CA ARG A 69 14.28 2.40 -3.97
C ARG A 69 13.27 3.34 -3.30
N LEU A 70 12.02 3.27 -3.73
CA LEU A 70 10.97 4.13 -3.21
C LEU A 70 10.76 3.85 -1.73
N THR A 71 11.10 2.63 -1.33
CA THR A 71 10.96 2.20 0.04
C THR A 71 12.00 2.91 0.86
N GLN A 72 13.12 3.18 0.21
CA GLN A 72 14.20 3.94 0.86
C GLN A 72 13.74 5.36 1.15
N ARG A 73 13.08 5.98 0.18
CA ARG A 73 12.54 7.32 0.35
C ARG A 73 11.52 7.34 1.48
N ILE A 74 10.72 6.29 1.58
CA ILE A 74 9.75 6.14 2.65
C ILE A 74 10.42 6.15 4.02
N ARG A 75 11.44 5.32 4.18
CA ARG A 75 12.17 5.22 5.43
C ARG A 75 12.86 6.53 5.77
N GLN A 76 13.45 7.16 4.76
CA GLN A 76 14.17 8.41 4.96
C GLN A 76 13.22 9.53 5.33
N LEU A 77 11.98 9.45 4.85
CA LEU A 77 10.95 10.40 5.21
C LEU A 77 10.55 10.20 6.66
N GLY A 78 10.16 8.97 7.00
CA GLY A 78 9.74 8.67 8.35
C GLY A 78 8.35 8.09 8.39
N LEU A 79 8.21 6.86 7.95
CA LEU A 79 6.92 6.18 7.95
C LEU A 79 6.44 5.91 9.37
N THR A 80 5.18 6.18 9.62
CA THR A 80 4.59 5.92 10.91
C THR A 80 3.55 4.81 10.81
N LEU A 81 3.35 4.33 9.59
CA LEU A 81 2.30 3.36 9.31
C LEU A 81 2.83 2.25 8.38
N PRO A 82 2.17 1.08 8.37
CA PRO A 82 2.62 -0.08 7.58
C PRO A 82 2.59 0.18 6.07
N VAL A 83 3.72 -0.13 5.42
CA VAL A 83 3.79 -0.05 3.97
C VAL A 83 3.91 -1.44 3.37
N ILE A 84 2.97 -1.78 2.51
CA ILE A 84 3.00 -3.04 1.80
C ILE A 84 3.19 -2.79 0.32
N GLY A 85 4.30 -3.25 -0.21
CA GLY A 85 4.60 -3.02 -1.61
C GLY A 85 4.34 -4.24 -2.45
N VAL A 86 3.57 -4.08 -3.49
CA VAL A 86 3.28 -5.17 -4.40
C VAL A 86 4.31 -5.15 -5.53
N THR A 87 5.34 -5.94 -5.37
CA THR A 87 6.46 -5.96 -6.28
C THR A 87 6.27 -6.98 -7.39
N ALA A 88 7.17 -6.97 -8.37
CA ALA A 88 7.10 -7.93 -9.46
C ALA A 88 8.50 -8.38 -9.88
N ASN A 89 8.86 -9.60 -9.45
CA ASN A 89 10.12 -10.22 -9.84
C ASN A 89 11.32 -9.44 -9.31
N ALA A 90 11.97 -8.69 -10.20
CA ALA A 90 13.16 -7.91 -9.86
C ALA A 90 14.28 -8.79 -9.31
N LEU A 91 14.18 -10.09 -9.57
CA LEU A 91 15.15 -11.09 -9.13
C LEU A 91 15.09 -11.30 -7.61
N ALA A 92 15.20 -10.22 -6.86
CA ALA A 92 15.17 -10.26 -5.41
C ALA A 92 14.38 -9.09 -4.85
N GLU A 93 13.07 -9.13 -5.05
CA GLU A 93 12.20 -8.04 -4.61
C GLU A 93 12.27 -7.85 -3.09
N GLU A 94 12.09 -8.94 -2.36
CA GLU A 94 12.10 -8.90 -0.90
C GLU A 94 13.46 -8.41 -0.39
N LYS A 95 14.52 -8.88 -1.03
CA LYS A 95 15.87 -8.46 -0.68
C LYS A 95 16.07 -6.96 -0.94
N GLN A 96 15.45 -6.46 -2.01
CA GLN A 96 15.59 -5.05 -2.34
C GLN A 96 14.78 -4.20 -1.37
N ARG A 97 13.69 -4.77 -0.88
CA ARG A 97 12.89 -4.11 0.15
C ARG A 97 13.68 -4.03 1.45
N CYS A 98 14.60 -4.97 1.65
CA CYS A 98 15.46 -4.97 2.81
C CYS A 98 16.56 -3.91 2.69
N LEU A 99 16.97 -3.65 1.45
CA LEU A 99 18.01 -2.65 1.19
C LEU A 99 17.50 -1.23 1.46
N GLU A 100 16.36 -0.90 0.88
CA GLU A 100 15.77 0.42 1.01
C GLU A 100 15.06 0.55 2.39
N SER A 101 14.64 -0.60 2.93
CA SER A 101 14.21 -0.75 4.33
C SER A 101 13.16 0.27 4.81
N GLY A 102 12.05 0.43 4.11
CA GLY A 102 11.06 1.41 4.54
C GLY A 102 9.62 0.94 4.37
N MET A 103 9.39 -0.36 4.35
CA MET A 103 8.07 -0.89 4.02
C MET A 103 7.42 -1.57 5.22
N ASP A 104 7.49 -2.89 5.20
CA ASP A 104 6.91 -3.78 6.20
C ASP A 104 6.79 -5.16 5.59
N SER A 105 6.07 -5.21 4.47
CA SER A 105 5.87 -6.47 3.75
C SER A 105 5.77 -6.22 2.25
N CYS A 106 5.99 -7.27 1.47
CA CYS A 106 5.90 -7.18 0.02
C CYS A 106 5.08 -8.34 -0.54
N LEU A 107 4.37 -8.07 -1.63
CA LEU A 107 3.56 -9.09 -2.28
C LEU A 107 3.93 -9.17 -3.75
N SER A 108 3.22 -9.98 -4.52
CA SER A 108 3.51 -10.13 -5.93
C SER A 108 2.39 -9.53 -6.78
N LYS A 109 2.79 -8.80 -7.82
CA LYS A 109 1.86 -8.12 -8.75
C LYS A 109 0.68 -9.01 -9.17
N PRO A 110 0.90 -10.28 -9.58
CA PRO A 110 -0.21 -11.20 -9.88
C PRO A 110 -1.01 -11.59 -8.63
N VAL A 111 -1.60 -10.59 -7.99
CA VAL A 111 -2.41 -10.80 -6.81
C VAL A 111 -3.88 -11.03 -7.20
N THR A 112 -4.55 -11.91 -6.48
CA THR A 112 -5.94 -12.22 -6.75
C THR A 112 -6.87 -11.62 -5.70
N LEU A 113 -8.17 -11.66 -5.97
CA LEU A 113 -9.19 -11.13 -5.05
C LEU A 113 -9.08 -11.76 -3.66
N ASP A 114 -8.82 -13.06 -3.62
CA ASP A 114 -8.74 -13.76 -2.34
C ASP A 114 -7.48 -13.42 -1.59
N VAL A 115 -6.36 -13.37 -2.30
CA VAL A 115 -5.09 -13.00 -1.70
C VAL A 115 -5.16 -11.59 -1.13
N ILE A 116 -5.71 -10.67 -1.90
CA ILE A 116 -5.86 -9.31 -1.46
C ILE A 116 -6.83 -9.23 -0.27
N LYS A 117 -7.77 -10.16 -0.20
CA LYS A 117 -8.77 -10.19 0.85
C LYS A 117 -8.14 -10.54 2.20
N GLN A 118 -7.33 -11.58 2.23
CA GLN A 118 -6.68 -11.99 3.47
C GLN A 118 -5.73 -10.91 3.97
N THR A 119 -4.94 -10.36 3.06
CA THR A 119 -4.00 -9.30 3.41
C THR A 119 -4.72 -8.04 3.90
N LEU A 120 -5.78 -7.65 3.19
CA LEU A 120 -6.58 -6.48 3.56
C LEU A 120 -7.13 -6.63 4.97
N THR A 121 -7.85 -7.72 5.17
CA THR A 121 -8.51 -8.01 6.43
C THR A 121 -7.50 -8.15 7.58
N LEU A 122 -6.38 -8.81 7.29
CA LEU A 122 -5.34 -9.03 8.29
C LEU A 122 -4.74 -7.70 8.76
N TYR A 123 -4.49 -6.80 7.83
CA TYR A 123 -3.82 -5.56 8.16
C TYR A 123 -4.77 -4.51 8.71
N ALA A 124 -6.04 -4.59 8.31
CA ALA A 124 -7.06 -3.70 8.84
C ALA A 124 -7.24 -3.95 10.34
N GLU A 125 -7.26 -5.22 10.72
CA GLU A 125 -7.36 -5.58 12.12
C GLU A 125 -6.04 -5.32 12.84
N ARG A 126 -4.94 -5.37 12.09
CA ARG A 126 -3.62 -5.16 12.64
C ARG A 126 -3.43 -3.71 13.06
N VAL A 127 -3.78 -2.78 12.17
CA VAL A 127 -3.65 -1.37 12.49
C VAL A 127 -4.59 -0.97 13.62
N ARG A 128 -5.75 -1.62 13.67
CA ARG A 128 -6.68 -1.40 14.77
C ARG A 128 -6.08 -1.89 16.09
N LYS A 129 -5.45 -3.06 16.05
CA LYS A 129 -4.82 -3.64 17.22
C LYS A 129 -3.67 -2.77 17.72
N SER A 130 -2.83 -2.32 16.79
CA SER A 130 -1.66 -1.52 17.12
C SER A 130 -2.05 -0.18 17.74
N ARG A 131 -3.09 0.46 17.21
CA ARG A 131 -3.51 1.76 17.70
C ARG A 131 -4.27 1.62 19.03
N ASP A 132 -4.83 0.44 19.26
CA ASP A 132 -5.48 0.15 20.52
C ASP A 132 -4.44 -0.05 21.61
N SER A 133 -3.39 -0.79 21.26
CA SER A 133 -2.26 -1.06 22.16
C SER A 133 -2.74 -1.68 23.47
N LYS A 1 -32.22 6.72 15.95
CA LYS A 1 -31.42 7.78 16.60
C LYS A 1 -30.03 7.28 16.92
N ALA A 2 -29.09 7.55 16.03
CA ALA A 2 -27.71 7.10 16.21
C ALA A 2 -26.76 7.88 15.30
N VAL A 3 -25.76 8.49 15.92
CA VAL A 3 -24.71 9.16 15.17
C VAL A 3 -23.36 8.62 15.61
N SER A 4 -23.13 7.35 15.34
CA SER A 4 -21.89 6.70 15.69
C SER A 4 -21.35 5.89 14.51
N ASP A 5 -20.50 6.51 13.72
CA ASP A 5 -19.87 5.84 12.60
C ASP A 5 -18.42 6.28 12.46
N ASN A 6 -17.62 5.43 11.86
CA ASN A 6 -16.25 5.77 11.56
C ASN A 6 -15.85 5.07 10.28
N ASP A 7 -15.68 3.75 10.41
CA ASP A 7 -15.15 2.85 9.36
C ASP A 7 -14.55 3.59 8.16
N ASP A 8 -13.48 4.32 8.41
CA ASP A 8 -12.84 5.10 7.36
C ASP A 8 -11.40 4.66 7.17
N MET A 9 -11.24 3.43 6.71
CA MET A 9 -9.92 2.91 6.41
C MET A 9 -9.53 3.28 4.99
N MET A 10 -8.61 4.23 4.87
CA MET A 10 -8.18 4.70 3.56
C MET A 10 -6.98 3.90 3.09
N ILE A 11 -7.11 3.32 1.91
CA ILE A 11 -6.06 2.52 1.31
C ILE A 11 -5.53 3.21 0.07
N LEU A 12 -4.22 3.30 -0.06
CA LEU A 12 -3.60 4.01 -1.17
C LEU A 12 -3.11 3.03 -2.22
N VAL A 13 -3.76 3.05 -3.38
CA VAL A 13 -3.37 2.20 -4.49
C VAL A 13 -2.40 2.97 -5.40
N VAL A 14 -1.11 2.75 -5.18
CA VAL A 14 -0.07 3.47 -5.91
C VAL A 14 0.55 2.57 -6.98
N ASP A 15 -0.09 2.47 -8.12
CA ASP A 15 0.40 1.58 -9.17
C ASP A 15 1.08 2.38 -10.28
N ASP A 16 2.18 1.85 -10.77
CA ASP A 16 3.00 2.55 -11.77
C ASP A 16 2.49 2.30 -13.20
N HIS A 17 1.69 1.27 -13.40
CA HIS A 17 1.21 0.94 -14.74
C HIS A 17 -0.32 0.78 -14.75
N PRO A 18 -1.02 1.83 -15.25
CA PRO A 18 -2.46 2.08 -15.10
C PRO A 18 -3.38 0.86 -15.00
N ILE A 19 -3.12 -0.19 -15.79
CA ILE A 19 -4.01 -1.34 -15.82
C ILE A 19 -4.17 -1.97 -14.43
N ASN A 20 -3.11 -1.94 -13.62
CA ASN A 20 -3.16 -2.58 -12.32
C ASN A 20 -3.78 -1.64 -11.28
N ARG A 21 -3.69 -0.35 -11.51
CA ARG A 21 -4.30 0.63 -10.62
C ARG A 21 -5.81 0.45 -10.58
N ARG A 22 -6.42 0.44 -11.76
CA ARG A 22 -7.86 0.30 -11.87
C ARG A 22 -8.31 -1.08 -11.41
N LEU A 23 -7.54 -2.10 -11.77
CA LEU A 23 -7.86 -3.47 -11.38
C LEU A 23 -7.77 -3.65 -9.87
N LEU A 24 -6.74 -3.05 -9.28
CA LEU A 24 -6.55 -3.11 -7.84
C LEU A 24 -7.65 -2.34 -7.12
N ALA A 25 -8.07 -1.23 -7.71
CA ALA A 25 -9.16 -0.43 -7.16
C ALA A 25 -10.48 -1.19 -7.27
N ASP A 26 -10.59 -2.04 -8.28
CA ASP A 26 -11.76 -2.90 -8.45
C ASP A 26 -11.81 -3.91 -7.31
N GLN A 27 -10.67 -4.52 -7.01
CA GLN A 27 -10.56 -5.46 -5.90
C GLN A 27 -10.84 -4.76 -4.57
N LEU A 28 -10.32 -3.55 -4.42
CA LEU A 28 -10.58 -2.74 -3.24
C LEU A 28 -12.07 -2.41 -3.12
N GLY A 29 -12.73 -2.29 -4.27
CA GLY A 29 -14.15 -2.04 -4.28
C GLY A 29 -14.94 -3.21 -3.75
N SER A 30 -14.48 -4.41 -4.04
CA SER A 30 -15.08 -5.62 -3.50
C SER A 30 -14.93 -5.66 -1.99
N LEU A 31 -13.81 -5.11 -1.50
CA LEU A 31 -13.57 -4.99 -0.07
C LEU A 31 -14.48 -3.91 0.52
N GLY A 32 -14.72 -2.88 -0.27
CA GLY A 32 -15.57 -1.79 0.17
C GLY A 32 -14.81 -0.77 0.98
N TYR A 33 -13.50 -0.69 0.77
CA TYR A 33 -12.66 0.24 1.50
C TYR A 33 -12.36 1.50 0.68
N GLN A 34 -11.83 2.51 1.34
CA GLN A 34 -11.53 3.79 0.71
C GLN A 34 -10.37 3.64 -0.27
N CYS A 35 -10.58 4.07 -1.49
CA CYS A 35 -9.57 3.94 -2.53
C CYS A 35 -8.93 5.30 -2.82
N LYS A 36 -7.63 5.38 -2.60
CA LYS A 36 -6.87 6.59 -2.89
C LYS A 36 -5.94 6.36 -4.06
N THR A 37 -6.16 7.07 -5.15
CA THR A 37 -5.44 6.82 -6.39
C THR A 37 -4.13 7.61 -6.47
N ALA A 38 -3.05 6.91 -6.77
CA ALA A 38 -1.74 7.53 -7.01
C ALA A 38 -0.92 6.57 -7.85
N ASN A 39 0.15 7.05 -8.46
CA ASN A 39 0.87 6.22 -9.42
C ASN A 39 2.37 6.47 -9.43
N ASP A 40 3.03 6.05 -8.34
CA ASP A 40 4.49 6.04 -8.24
C ASP A 40 4.90 5.97 -6.76
N GLY A 41 6.11 5.52 -6.50
CA GLY A 41 6.57 5.35 -5.13
C GLY A 41 6.68 6.66 -4.38
N VAL A 42 7.28 7.67 -5.00
CA VAL A 42 7.51 8.94 -4.33
C VAL A 42 6.21 9.75 -4.19
N ASP A 43 5.28 9.59 -5.13
CA ASP A 43 3.98 10.25 -5.03
C ASP A 43 3.21 9.72 -3.82
N ALA A 44 3.48 8.47 -3.45
CA ALA A 44 2.93 7.91 -2.24
C ALA A 44 3.39 8.70 -1.02
N LEU A 45 4.64 9.15 -1.05
CA LEU A 45 5.19 10.01 0.00
C LEU A 45 4.50 11.37 -0.04
N ASN A 46 4.29 11.87 -1.25
CA ASN A 46 3.63 13.16 -1.45
C ASN A 46 2.24 13.16 -0.82
N VAL A 47 1.43 12.18 -1.18
CA VAL A 47 0.08 12.09 -0.66
C VAL A 47 0.10 11.77 0.83
N LEU A 48 1.10 11.02 1.28
CA LEU A 48 1.28 10.72 2.70
C LEU A 48 1.53 12.01 3.49
N SER A 49 2.32 12.91 2.93
CA SER A 49 2.63 14.16 3.57
C SER A 49 1.40 15.06 3.61
N LYS A 50 0.50 14.87 2.65
CA LYS A 50 -0.71 15.67 2.54
C LYS A 50 -1.79 15.17 3.49
N ASN A 51 -1.99 13.87 3.53
CA ASN A 51 -3.08 13.28 4.31
C ASN A 51 -2.69 11.87 4.79
N HIS A 52 -3.17 11.51 5.97
CA HIS A 52 -2.87 10.20 6.55
C HIS A 52 -3.64 9.09 5.83
N ILE A 53 -2.90 8.24 5.13
CA ILE A 53 -3.44 7.00 4.60
C ILE A 53 -3.10 5.88 5.57
N ASP A 54 -3.99 4.90 5.71
CA ASP A 54 -3.81 3.86 6.72
C ASP A 54 -3.01 2.68 6.17
N ILE A 55 -3.39 2.21 4.99
CA ILE A 55 -2.70 1.11 4.35
C ILE A 55 -2.18 1.54 2.98
N VAL A 56 -0.88 1.42 2.77
CA VAL A 56 -0.29 1.83 1.50
C VAL A 56 0.27 0.62 0.77
N LEU A 57 -0.17 0.42 -0.47
CA LEU A 57 0.35 -0.64 -1.31
C LEU A 57 0.93 -0.05 -2.59
N SER A 58 2.25 -0.04 -2.69
CA SER A 58 2.90 0.55 -3.85
C SER A 58 3.28 -0.53 -4.86
N ASP A 59 2.64 -0.46 -6.01
CA ASP A 59 2.81 -1.45 -7.06
C ASP A 59 3.72 -0.90 -8.17
N VAL A 60 4.83 -1.58 -8.41
CA VAL A 60 5.81 -1.14 -9.39
C VAL A 60 6.12 -2.23 -10.40
N ASN A 61 5.82 -1.95 -11.66
CA ASN A 61 6.11 -2.90 -12.74
C ASN A 61 7.36 -2.46 -13.49
N MET A 62 7.78 -1.23 -13.25
CA MET A 62 8.98 -0.68 -13.88
C MET A 62 10.22 -1.08 -13.09
N PRO A 63 11.05 -1.97 -13.66
CA PRO A 63 12.25 -2.49 -13.00
C PRO A 63 13.41 -1.49 -13.04
N ASN A 64 13.24 -0.37 -12.36
CA ASN A 64 14.30 0.62 -12.25
C ASN A 64 14.97 0.50 -10.89
N MET A 65 15.94 1.36 -10.61
CA MET A 65 16.65 1.35 -9.33
C MET A 65 15.86 2.16 -8.30
N ASP A 66 14.55 2.18 -8.45
CA ASP A 66 13.69 2.93 -7.56
C ASP A 66 12.97 1.99 -6.61
N GLY A 67 12.83 0.72 -7.01
CA GLY A 67 12.27 -0.29 -6.14
C GLY A 67 13.05 -0.37 -4.85
N TYR A 68 12.38 -0.75 -3.75
CA TYR A 68 12.94 -0.63 -2.40
C TYR A 68 13.16 0.83 -2.00
N ARG A 69 13.92 1.53 -2.82
CA ARG A 69 14.42 2.83 -2.48
C ARG A 69 13.31 3.83 -2.18
N LEU A 70 12.15 3.60 -2.77
CA LEU A 70 11.07 4.59 -2.71
C LEU A 70 10.48 4.59 -1.31
N THR A 71 10.63 3.45 -0.69
CA THR A 71 10.15 3.25 0.65
C THR A 71 11.20 3.75 1.63
N GLN A 72 12.45 3.76 1.18
CA GLN A 72 13.51 4.42 1.93
C GLN A 72 13.13 5.88 2.15
N ARG A 73 12.55 6.49 1.13
CA ARG A 73 11.95 7.81 1.25
C ARG A 73 10.87 7.80 2.34
N ILE A 74 10.03 6.76 2.33
CA ILE A 74 9.02 6.58 3.37
C ILE A 74 9.67 6.60 4.77
N ARG A 75 10.84 5.96 4.89
CA ARG A 75 11.57 5.90 6.15
C ARG A 75 12.13 7.28 6.52
N GLN A 76 12.60 8.01 5.51
CA GLN A 76 13.12 9.36 5.70
C GLN A 76 12.06 10.26 6.32
N LEU A 77 10.82 10.10 5.85
CA LEU A 77 9.71 10.87 6.37
C LEU A 77 9.34 10.40 7.77
N GLY A 78 9.18 9.09 7.92
CA GLY A 78 8.78 8.53 9.18
C GLY A 78 7.33 8.07 9.14
N LEU A 79 7.14 6.82 8.80
CA LEU A 79 5.79 6.28 8.63
C LEU A 79 5.23 5.75 9.94
N THR A 80 3.91 5.74 10.03
CA THR A 80 3.21 5.24 11.18
C THR A 80 2.22 4.15 10.76
N LEU A 81 2.38 3.70 9.52
CA LEU A 81 1.45 2.76 8.91
C LEU A 81 2.22 1.71 8.11
N PRO A 82 1.58 0.54 7.84
CA PRO A 82 2.22 -0.56 7.12
C PRO A 82 2.23 -0.36 5.60
N VAL A 83 3.35 -0.71 4.97
CA VAL A 83 3.47 -0.63 3.53
C VAL A 83 3.58 -2.02 2.91
N ILE A 84 2.67 -2.32 2.02
CA ILE A 84 2.73 -3.55 1.26
C ILE A 84 3.27 -3.26 -0.12
N GLY A 85 4.45 -3.77 -0.39
CA GLY A 85 5.11 -3.48 -1.65
C GLY A 85 4.79 -4.48 -2.73
N VAL A 86 3.93 -4.09 -3.66
CA VAL A 86 3.62 -4.92 -4.81
C VAL A 86 4.74 -4.78 -5.83
N THR A 87 5.70 -5.68 -5.79
CA THR A 87 6.90 -5.54 -6.58
C THR A 87 6.94 -6.52 -7.74
N ALA A 88 7.22 -6.02 -8.93
CA ALA A 88 7.43 -6.85 -10.10
C ALA A 88 8.84 -6.64 -10.63
N ASN A 89 9.56 -7.74 -10.84
CA ASN A 89 10.93 -7.72 -11.37
C ASN A 89 11.89 -7.05 -10.39
N ALA A 90 11.50 -7.05 -9.11
CA ALA A 90 12.34 -6.48 -8.06
C ALA A 90 12.80 -7.58 -7.12
N LEU A 91 13.94 -8.17 -7.42
CA LEU A 91 14.47 -9.28 -6.64
C LEU A 91 15.26 -8.78 -5.44
N ALA A 92 15.59 -9.71 -4.53
CA ALA A 92 16.28 -9.37 -3.28
C ALA A 92 15.42 -8.41 -2.46
N GLU A 93 14.12 -8.59 -2.56
CA GLU A 93 13.15 -7.69 -1.95
C GLU A 93 13.15 -7.82 -0.44
N GLU A 94 13.53 -8.99 0.06
CA GLU A 94 13.63 -9.19 1.51
C GLU A 94 14.75 -8.31 2.05
N LYS A 95 15.90 -8.37 1.40
CA LYS A 95 17.04 -7.57 1.79
C LYS A 95 16.77 -6.09 1.54
N GLN A 96 16.05 -5.77 0.47
CA GLN A 96 15.75 -4.38 0.16
C GLN A 96 14.79 -3.82 1.20
N ARG A 97 13.86 -4.65 1.66
CA ARG A 97 12.91 -4.27 2.69
C ARG A 97 13.65 -3.91 3.98
N CYS A 98 14.77 -4.57 4.22
CA CYS A 98 15.60 -4.26 5.36
C CYS A 98 16.39 -2.97 5.13
N LEU A 99 16.79 -2.75 3.87
CA LEU A 99 17.59 -1.58 3.51
C LEU A 99 16.78 -0.30 3.56
N GLU A 100 15.63 -0.28 2.88
CA GLU A 100 14.78 0.91 2.86
C GLU A 100 14.03 1.04 4.18
N SER A 101 13.70 -0.12 4.77
CA SER A 101 13.12 -0.19 6.10
C SER A 101 11.89 0.68 6.29
N GLY A 102 10.92 0.56 5.40
CA GLY A 102 9.67 1.29 5.59
C GLY A 102 8.46 0.51 5.14
N MET A 103 8.70 -0.69 4.59
CA MET A 103 7.64 -1.50 4.04
C MET A 103 6.84 -2.22 5.14
N ASP A 104 6.69 -3.52 4.99
CA ASP A 104 6.01 -4.38 5.96
C ASP A 104 5.90 -5.78 5.38
N SER A 105 5.28 -5.87 4.21
CA SER A 105 5.17 -7.14 3.50
C SER A 105 5.34 -6.93 2.00
N CYS A 106 6.02 -7.85 1.35
CA CYS A 106 6.27 -7.76 -0.09
C CYS A 106 5.39 -8.75 -0.85
N LEU A 107 4.86 -8.32 -1.99
CA LEU A 107 4.01 -9.17 -2.81
C LEU A 107 4.40 -9.06 -4.28
N SER A 108 3.70 -9.78 -5.13
CA SER A 108 3.95 -9.76 -6.56
C SER A 108 2.85 -8.98 -7.28
N LYS A 109 3.17 -8.51 -8.49
CA LYS A 109 2.22 -7.72 -9.30
C LYS A 109 0.85 -8.42 -9.46
N PRO A 110 0.80 -9.72 -9.84
CA PRO A 110 -0.47 -10.44 -9.96
C PRO A 110 -1.09 -10.78 -8.60
N VAL A 111 -1.56 -9.75 -7.91
CA VAL A 111 -2.25 -9.92 -6.63
C VAL A 111 -3.70 -10.30 -6.85
N THR A 112 -4.08 -11.48 -6.38
CA THR A 112 -5.45 -11.95 -6.50
C THR A 112 -6.33 -11.35 -5.41
N LEU A 113 -7.63 -11.32 -5.66
CA LEU A 113 -8.61 -10.77 -4.72
C LEU A 113 -8.47 -11.42 -3.34
N ASP A 114 -8.37 -12.74 -3.30
CA ASP A 114 -8.32 -13.45 -2.02
C ASP A 114 -6.97 -13.30 -1.36
N VAL A 115 -5.93 -13.09 -2.15
CA VAL A 115 -4.61 -12.86 -1.60
C VAL A 115 -4.58 -11.49 -0.91
N ILE A 116 -5.10 -10.49 -1.60
CA ILE A 116 -5.20 -9.16 -1.02
C ILE A 116 -6.23 -9.14 0.11
N LYS A 117 -7.13 -10.11 0.10
CA LYS A 117 -8.16 -10.22 1.12
C LYS A 117 -7.55 -10.60 2.47
N GLN A 118 -6.62 -11.56 2.47
CA GLN A 118 -5.98 -11.95 3.72
C GLN A 118 -5.11 -10.82 4.25
N THR A 119 -4.37 -10.18 3.36
CA THR A 119 -3.53 -9.05 3.75
C THR A 119 -4.37 -7.90 4.30
N LEU A 120 -5.44 -7.55 3.57
CA LEU A 120 -6.33 -6.46 3.96
C LEU A 120 -6.97 -6.75 5.30
N THR A 121 -7.54 -7.94 5.44
CA THR A 121 -8.23 -8.34 6.66
C THR A 121 -7.28 -8.35 7.86
N LEU A 122 -6.09 -8.91 7.66
CA LEU A 122 -5.10 -9.00 8.72
C LEU A 122 -4.61 -7.62 9.14
N TYR A 123 -4.44 -6.74 8.16
CA TYR A 123 -3.95 -5.38 8.44
C TYR A 123 -5.03 -4.56 9.12
N ALA A 124 -6.27 -4.69 8.65
CA ALA A 124 -7.39 -3.95 9.19
C ALA A 124 -7.62 -4.28 10.66
N GLU A 125 -7.48 -5.54 11.02
CA GLU A 125 -7.64 -5.95 12.40
C GLU A 125 -6.49 -5.41 13.25
N ARG A 126 -5.29 -5.43 12.68
CA ARG A 126 -4.10 -5.03 13.42
C ARG A 126 -4.10 -3.54 13.70
N VAL A 127 -4.53 -2.73 12.73
CA VAL A 127 -4.60 -1.28 12.94
C VAL A 127 -5.77 -0.93 13.87
N ARG A 128 -6.82 -1.74 13.82
CA ARG A 128 -7.95 -1.59 14.73
C ARG A 128 -7.48 -1.81 16.16
N LYS A 129 -6.64 -2.84 16.35
CA LYS A 129 -6.04 -3.10 17.65
C LYS A 129 -5.13 -1.95 18.06
N SER A 130 -4.32 -1.49 17.10
CA SER A 130 -3.40 -0.38 17.35
C SER A 130 -4.13 0.93 17.68
N ARG A 131 -5.41 0.98 17.37
CA ARG A 131 -6.21 2.16 17.64
C ARG A 131 -6.91 2.06 18.98
N ASP A 132 -7.23 0.85 19.39
CA ASP A 132 -7.99 0.65 20.63
C ASP A 132 -7.07 0.40 21.82
N SER A 133 -5.99 -0.34 21.60
CA SER A 133 -5.06 -0.66 22.66
C SER A 133 -3.63 -0.32 22.25
N LYS A 1 -27.15 8.50 20.89
CA LYS A 1 -27.98 7.80 19.88
C LYS A 1 -27.20 6.66 19.24
N ALA A 2 -27.78 6.01 18.25
CA ALA A 2 -27.11 4.91 17.56
C ALA A 2 -26.16 5.43 16.48
N VAL A 3 -25.31 6.38 16.85
CA VAL A 3 -24.34 6.96 15.93
C VAL A 3 -23.01 7.10 16.66
N SER A 4 -22.05 6.27 16.28
CA SER A 4 -20.75 6.26 16.96
C SER A 4 -19.61 6.03 15.97
N ASP A 5 -19.38 4.76 15.63
CA ASP A 5 -18.26 4.37 14.78
C ASP A 5 -18.53 4.68 13.31
N ASN A 6 -17.51 4.49 12.49
CA ASN A 6 -17.61 4.72 11.06
C ASN A 6 -16.73 3.72 10.31
N ASP A 7 -15.73 3.18 11.01
CA ASP A 7 -14.72 2.31 10.39
C ASP A 7 -14.08 3.01 9.19
N ASP A 8 -13.46 4.15 9.48
CA ASP A 8 -12.88 5.01 8.45
C ASP A 8 -11.54 4.47 7.98
N MET A 9 -11.56 3.27 7.43
CA MET A 9 -10.35 2.60 6.96
C MET A 9 -9.95 3.15 5.59
N MET A 10 -8.93 3.99 5.60
CA MET A 10 -8.43 4.59 4.37
C MET A 10 -7.28 3.79 3.81
N ILE A 11 -7.44 3.37 2.56
CA ILE A 11 -6.44 2.55 1.88
C ILE A 11 -5.87 3.31 0.69
N LEU A 12 -4.56 3.24 0.52
CA LEU A 12 -3.89 3.92 -0.56
C LEU A 12 -3.46 2.92 -1.62
N VAL A 13 -4.15 2.94 -2.75
CA VAL A 13 -3.85 2.04 -3.85
C VAL A 13 -2.98 2.74 -4.88
N VAL A 14 -1.68 2.54 -4.77
CA VAL A 14 -0.72 3.13 -5.69
C VAL A 14 -0.18 2.06 -6.63
N ASP A 15 -0.01 2.43 -7.89
CA ASP A 15 0.63 1.53 -8.85
C ASP A 15 1.19 2.34 -10.03
N ASP A 16 2.28 1.86 -10.61
CA ASP A 16 2.97 2.59 -11.68
C ASP A 16 2.39 2.29 -13.06
N HIS A 17 1.61 1.21 -13.17
CA HIS A 17 1.06 0.80 -14.46
C HIS A 17 -0.47 0.82 -14.41
N PRO A 18 -1.06 1.98 -14.78
CA PRO A 18 -2.49 2.31 -14.57
C PRO A 18 -3.49 1.14 -14.69
N ILE A 19 -3.22 0.19 -15.58
CA ILE A 19 -4.10 -0.97 -15.74
C ILE A 19 -4.24 -1.75 -14.42
N ASN A 20 -3.16 -1.85 -13.66
CA ASN A 20 -3.17 -2.58 -12.41
C ASN A 20 -3.71 -1.71 -11.29
N ARG A 21 -3.52 -0.41 -11.42
CA ARG A 21 -4.12 0.56 -10.52
C ARG A 21 -5.62 0.36 -10.45
N ARG A 22 -6.24 0.28 -11.62
CA ARG A 22 -7.68 0.11 -11.71
C ARG A 22 -8.10 -1.25 -11.16
N LEU A 23 -7.28 -2.27 -11.41
CA LEU A 23 -7.58 -3.63 -10.96
C LEU A 23 -7.49 -3.74 -9.44
N LEU A 24 -6.45 -3.15 -8.88
CA LEU A 24 -6.21 -3.17 -7.44
C LEU A 24 -7.34 -2.43 -6.71
N ALA A 25 -7.76 -1.31 -7.27
CA ALA A 25 -8.87 -0.54 -6.71
C ALA A 25 -10.19 -1.26 -6.94
N ASP A 26 -10.23 -2.10 -7.97
CA ASP A 26 -11.42 -2.88 -8.29
C ASP A 26 -11.70 -3.90 -7.19
N GLN A 27 -10.66 -4.61 -6.80
CA GLN A 27 -10.77 -5.60 -5.73
C GLN A 27 -11.02 -4.90 -4.39
N LEU A 28 -10.47 -3.70 -4.24
CA LEU A 28 -10.72 -2.89 -3.05
C LEU A 28 -12.19 -2.47 -3.01
N GLY A 29 -12.78 -2.28 -4.18
CA GLY A 29 -14.19 -1.97 -4.28
C GLY A 29 -15.06 -3.11 -3.78
N SER A 30 -14.62 -4.34 -4.05
CA SER A 30 -15.28 -5.53 -3.51
C SER A 30 -15.27 -5.50 -1.99
N LEU A 31 -14.17 -4.97 -1.42
CA LEU A 31 -14.08 -4.79 0.02
C LEU A 31 -15.02 -3.68 0.48
N GLY A 32 -14.93 -2.54 -0.19
CA GLY A 32 -15.80 -1.42 0.13
C GLY A 32 -15.17 -0.43 1.09
N TYR A 33 -13.84 -0.42 1.13
CA TYR A 33 -13.11 0.55 1.95
C TYR A 33 -12.67 1.74 1.10
N GLN A 34 -12.07 2.74 1.73
CA GLN A 34 -11.66 3.95 1.03
C GLN A 34 -10.50 3.68 0.07
N CYS A 35 -10.72 3.92 -1.21
CA CYS A 35 -9.70 3.70 -2.22
C CYS A 35 -9.11 5.03 -2.68
N LYS A 36 -7.91 5.35 -2.20
CA LYS A 36 -7.21 6.56 -2.64
C LYS A 36 -6.09 6.19 -3.59
N THR A 37 -6.21 6.60 -4.84
CA THR A 37 -5.30 6.19 -5.89
C THR A 37 -4.11 7.14 -6.04
N ALA A 38 -2.97 6.56 -6.38
CA ALA A 38 -1.77 7.30 -6.77
C ALA A 38 -1.03 6.46 -7.81
N ASN A 39 -0.01 7.00 -8.47
CA ASN A 39 0.62 6.23 -9.54
C ASN A 39 2.12 6.47 -9.63
N ASP A 40 2.86 5.92 -8.66
CA ASP A 40 4.33 5.89 -8.65
C ASP A 40 4.81 5.59 -7.24
N GLY A 41 6.05 5.14 -7.13
CA GLY A 41 6.62 4.90 -5.83
C GLY A 41 6.84 6.19 -5.08
N VAL A 42 7.46 7.14 -5.75
CA VAL A 42 7.73 8.44 -5.14
C VAL A 42 6.44 9.25 -5.02
N ASP A 43 5.48 9.02 -5.92
CA ASP A 43 4.18 9.66 -5.84
C ASP A 43 3.50 9.35 -4.51
N ALA A 44 3.77 8.16 -3.99
CA ALA A 44 3.24 7.74 -2.70
C ALA A 44 3.79 8.62 -1.59
N LEU A 45 5.04 9.04 -1.72
CA LEU A 45 5.66 9.95 -0.77
C LEU A 45 4.95 11.30 -0.78
N ASN A 46 4.58 11.73 -1.98
CA ASN A 46 3.88 13.00 -2.16
C ASN A 46 2.50 12.95 -1.51
N VAL A 47 1.72 11.92 -1.83
CA VAL A 47 0.37 11.81 -1.30
C VAL A 47 0.38 11.55 0.21
N LEU A 48 1.41 10.85 0.69
CA LEU A 48 1.56 10.58 2.12
C LEU A 48 1.87 11.85 2.90
N SER A 49 2.57 12.79 2.26
CA SER A 49 2.90 14.05 2.89
C SER A 49 1.71 15.01 2.85
N LYS A 50 0.79 14.74 1.92
CA LYS A 50 -0.42 15.55 1.80
C LYS A 50 -1.51 15.05 2.74
N ASN A 51 -1.68 13.74 2.82
CA ASN A 51 -2.72 13.13 3.64
C ASN A 51 -2.19 11.87 4.31
N HIS A 52 -2.73 11.56 5.50
CA HIS A 52 -2.27 10.40 6.25
C HIS A 52 -3.20 9.22 6.04
N ILE A 53 -2.87 8.37 5.07
CA ILE A 53 -3.60 7.15 4.82
C ILE A 53 -3.13 6.06 5.80
N ASP A 54 -3.97 5.07 6.08
CA ASP A 54 -3.59 4.03 7.03
C ASP A 54 -2.78 2.94 6.36
N ILE A 55 -3.42 2.19 5.47
CA ILE A 55 -2.74 1.11 4.76
C ILE A 55 -2.23 1.62 3.42
N VAL A 56 -0.91 1.61 3.25
CA VAL A 56 -0.31 2.08 2.01
C VAL A 56 0.21 0.91 1.17
N LEU A 57 -0.27 0.81 -0.06
CA LEU A 57 0.18 -0.22 -0.98
C LEU A 57 0.76 0.42 -2.22
N SER A 58 2.05 0.24 -2.45
CA SER A 58 2.69 0.78 -3.64
C SER A 58 3.10 -0.33 -4.58
N ASP A 59 2.38 -0.47 -5.68
CA ASP A 59 2.63 -1.51 -6.66
C ASP A 59 3.57 -1.01 -7.75
N VAL A 60 4.69 -1.69 -7.90
CA VAL A 60 5.67 -1.34 -8.91
C VAL A 60 5.88 -2.51 -9.87
N ASN A 61 5.65 -2.27 -11.16
CA ASN A 61 5.74 -3.32 -12.16
C ASN A 61 7.18 -3.48 -12.58
N MET A 62 7.95 -2.43 -12.36
CA MET A 62 9.29 -2.35 -12.88
C MET A 62 10.28 -1.99 -11.78
N PRO A 63 11.24 -2.90 -11.49
CA PRO A 63 12.29 -2.67 -10.49
C PRO A 63 13.34 -1.67 -10.98
N ASN A 64 13.07 -1.05 -12.12
CA ASN A 64 13.99 -0.09 -12.73
C ASN A 64 13.73 1.32 -12.21
N MET A 65 12.73 1.45 -11.34
CA MET A 65 12.37 2.75 -10.81
C MET A 65 12.25 2.72 -9.29
N ASP A 66 11.68 3.78 -8.73
CA ASP A 66 11.59 3.95 -7.28
C ASP A 66 10.55 3.01 -6.67
N GLY A 67 10.92 1.74 -6.54
CA GLY A 67 10.07 0.79 -5.85
C GLY A 67 10.60 0.54 -4.45
N TYR A 68 11.52 -0.40 -4.33
CA TYR A 68 12.27 -0.59 -3.09
C TYR A 68 12.76 0.74 -2.54
N ARG A 69 13.41 1.48 -3.43
CA ARG A 69 14.03 2.74 -3.09
C ARG A 69 13.01 3.75 -2.55
N LEU A 70 11.75 3.58 -2.94
CA LEU A 70 10.70 4.54 -2.56
C LEU A 70 10.48 4.42 -1.07
N THR A 71 10.77 3.24 -0.58
CA THR A 71 10.58 2.93 0.80
C THR A 71 11.77 3.49 1.58
N GLN A 72 12.89 3.62 0.88
CA GLN A 72 14.05 4.32 1.44
C GLN A 72 13.68 5.78 1.70
N ARG A 73 12.93 6.37 0.78
CA ARG A 73 12.46 7.73 0.93
C ARG A 73 11.47 7.83 2.09
N ILE A 74 10.65 6.79 2.23
CA ILE A 74 9.70 6.69 3.33
C ILE A 74 10.44 6.66 4.66
N ARG A 75 11.60 6.01 4.68
CA ARG A 75 12.44 5.96 5.87
C ARG A 75 12.96 7.37 6.22
N GLN A 76 13.26 8.15 5.20
CA GLN A 76 13.72 9.52 5.40
C GLN A 76 12.56 10.44 5.77
N LEU A 77 11.35 9.98 5.47
CA LEU A 77 10.14 10.72 5.77
C LEU A 77 9.65 10.40 7.18
N GLY A 78 10.00 9.21 7.65
CA GLY A 78 9.57 8.78 8.96
C GLY A 78 8.19 8.20 8.94
N LEU A 79 8.09 6.94 8.55
CA LEU A 79 6.80 6.27 8.45
C LEU A 79 6.26 5.93 9.83
N THR A 80 4.95 6.05 9.97
CA THR A 80 4.26 5.66 11.19
C THR A 80 3.12 4.72 10.84
N LEU A 81 3.21 4.12 9.66
CA LEU A 81 2.13 3.32 9.10
C LEU A 81 2.70 2.10 8.38
N PRO A 82 1.86 1.06 8.16
CA PRO A 82 2.28 -0.14 7.44
C PRO A 82 2.42 0.09 5.95
N VAL A 83 3.65 0.01 5.46
CA VAL A 83 3.91 0.15 4.03
C VAL A 83 4.07 -1.22 3.39
N ILE A 84 3.09 -1.60 2.60
CA ILE A 84 3.12 -2.87 1.91
C ILE A 84 3.53 -2.67 0.46
N GLY A 85 4.75 -3.07 0.15
CA GLY A 85 5.29 -2.85 -1.17
C GLY A 85 4.93 -3.96 -2.14
N VAL A 86 3.95 -3.69 -2.98
CA VAL A 86 3.60 -4.62 -4.04
C VAL A 86 4.64 -4.50 -5.15
N THR A 87 5.30 -5.60 -5.46
CA THR A 87 6.40 -5.56 -6.39
C THR A 87 6.32 -6.67 -7.41
N ALA A 88 6.65 -6.35 -8.66
CA ALA A 88 6.74 -7.35 -9.70
C ALA A 88 8.20 -7.61 -10.03
N ASN A 89 8.70 -8.75 -9.55
CA ASN A 89 10.08 -9.18 -9.79
C ASN A 89 11.09 -8.07 -9.47
N ALA A 90 11.20 -7.73 -8.20
CA ALA A 90 12.17 -6.73 -7.77
C ALA A 90 13.51 -7.38 -7.46
N LEU A 91 13.59 -8.68 -7.73
CA LEU A 91 14.79 -9.47 -7.50
C LEU A 91 15.19 -9.45 -6.03
N ALA A 92 14.55 -10.32 -5.26
CA ALA A 92 14.76 -10.38 -3.81
C ALA A 92 14.26 -9.11 -3.14
N GLU A 93 13.02 -8.75 -3.45
CA GLU A 93 12.40 -7.54 -2.90
C GLU A 93 12.40 -7.54 -1.38
N GLU A 94 12.48 -8.72 -0.78
CA GLU A 94 12.59 -8.85 0.66
C GLU A 94 13.83 -8.11 1.17
N LYS A 95 14.97 -8.34 0.51
CA LYS A 95 16.21 -7.71 0.90
C LYS A 95 16.17 -6.23 0.60
N GLN A 96 15.53 -5.84 -0.51
CA GLN A 96 15.45 -4.44 -0.87
C GLN A 96 14.64 -3.68 0.16
N ARG A 97 13.56 -4.28 0.64
CA ARG A 97 12.73 -3.68 1.68
C ARG A 97 13.55 -3.43 2.95
N CYS A 98 14.43 -4.38 3.29
CA CYS A 98 15.25 -4.26 4.47
C CYS A 98 16.35 -3.22 4.26
N LEU A 99 16.82 -3.11 3.02
CA LEU A 99 17.88 -2.17 2.67
C LEU A 99 17.38 -0.73 2.71
N GLU A 100 16.22 -0.49 2.10
CA GLU A 100 15.62 0.84 2.07
C GLU A 100 14.96 1.17 3.42
N SER A 101 14.58 0.11 4.14
CA SER A 101 14.10 0.18 5.53
C SER A 101 12.99 1.22 5.75
N GLY A 102 11.95 1.15 4.94
CA GLY A 102 10.84 2.08 5.07
C GLY A 102 9.51 1.47 4.67
N MET A 103 9.41 0.15 4.78
CA MET A 103 8.23 -0.54 4.28
C MET A 103 7.43 -1.18 5.42
N ASP A 104 7.46 -2.51 5.46
CA ASP A 104 6.73 -3.34 6.42
C ASP A 104 6.70 -4.75 5.89
N SER A 105 6.10 -4.90 4.72
CA SER A 105 5.99 -6.18 4.05
C SER A 105 6.02 -5.99 2.54
N CYS A 106 6.27 -7.05 1.78
CA CYS A 106 6.26 -6.96 0.33
C CYS A 106 5.36 -8.03 -0.28
N LEU A 107 4.62 -7.66 -1.31
CA LEU A 107 3.76 -8.58 -2.03
C LEU A 107 4.15 -8.59 -3.50
N SER A 108 3.40 -9.31 -4.31
CA SER A 108 3.67 -9.38 -5.73
C SER A 108 2.58 -8.67 -6.52
N LYS A 109 2.95 -8.14 -7.69
CA LYS A 109 2.03 -7.39 -8.56
C LYS A 109 0.69 -8.11 -8.80
N PRO A 110 0.67 -9.45 -9.02
CA PRO A 110 -0.57 -10.22 -9.13
C PRO A 110 -1.38 -10.26 -7.83
N VAL A 111 -1.80 -9.10 -7.36
CA VAL A 111 -2.71 -9.01 -6.21
C VAL A 111 -4.12 -9.34 -6.66
N THR A 112 -4.41 -10.62 -6.77
CA THR A 112 -5.72 -11.09 -7.17
C THR A 112 -6.72 -10.94 -6.03
N LEU A 113 -7.96 -11.39 -6.25
CA LEU A 113 -8.97 -11.37 -5.19
C LEU A 113 -8.50 -12.24 -4.03
N ASP A 114 -7.71 -13.26 -4.35
CA ASP A 114 -7.16 -14.16 -3.36
C ASP A 114 -6.14 -13.43 -2.51
N VAL A 115 -5.10 -12.95 -3.16
CA VAL A 115 -4.01 -12.26 -2.48
C VAL A 115 -4.52 -11.03 -1.71
N ILE A 116 -5.39 -10.27 -2.34
CA ILE A 116 -5.86 -9.03 -1.75
C ILE A 116 -6.74 -9.27 -0.52
N LYS A 117 -7.48 -10.37 -0.50
CA LYS A 117 -8.40 -10.61 0.60
C LYS A 117 -7.66 -11.07 1.85
N GLN A 118 -6.72 -12.00 1.70
CA GLN A 118 -5.96 -12.48 2.84
C GLN A 118 -5.19 -11.32 3.48
N THR A 119 -4.59 -10.49 2.63
CA THR A 119 -3.83 -9.34 3.10
C THR A 119 -4.76 -8.29 3.75
N LEU A 120 -5.83 -7.92 3.04
CA LEU A 120 -6.72 -6.86 3.51
C LEU A 120 -7.36 -7.23 4.84
N THR A 121 -7.93 -8.42 4.91
CA THR A 121 -8.65 -8.85 6.10
C THR A 121 -7.72 -8.92 7.32
N LEU A 122 -6.53 -9.47 7.13
CA LEU A 122 -5.59 -9.64 8.25
C LEU A 122 -5.05 -8.29 8.72
N TYR A 123 -4.84 -7.36 7.80
CA TYR A 123 -4.28 -6.07 8.15
C TYR A 123 -5.33 -5.13 8.70
N ALA A 124 -6.57 -5.26 8.22
CA ALA A 124 -7.67 -4.45 8.70
C ALA A 124 -7.95 -4.72 10.17
N GLU A 125 -7.94 -5.99 10.54
CA GLU A 125 -8.14 -6.36 11.93
C GLU A 125 -6.91 -5.99 12.76
N ARG A 126 -5.73 -6.09 12.16
CA ARG A 126 -4.48 -5.79 12.86
C ARG A 126 -4.39 -4.31 13.23
N VAL A 127 -4.78 -3.43 12.31
CA VAL A 127 -4.73 -2.00 12.59
C VAL A 127 -5.84 -1.61 13.57
N ARG A 128 -6.95 -2.33 13.52
CA ARG A 128 -8.07 -2.06 14.41
C ARG A 128 -7.73 -2.47 15.84
N LYS A 129 -7.11 -3.64 16.00
CA LYS A 129 -6.75 -4.12 17.34
C LYS A 129 -5.57 -3.33 17.91
N SER A 130 -4.65 -2.92 17.05
CA SER A 130 -3.51 -2.10 17.48
C SER A 130 -3.96 -0.67 17.79
N ARG A 131 -5.12 -0.29 17.27
CA ARG A 131 -5.68 1.01 17.55
C ARG A 131 -6.44 0.99 18.87
N ASP A 132 -7.42 0.08 18.96
CA ASP A 132 -8.26 -0.09 20.13
C ASP A 132 -8.98 1.20 20.50
N SER A 133 -10.12 1.41 19.88
CA SER A 133 -10.95 2.58 20.14
C SER A 133 -12.36 2.14 20.47
N LYS A 1 -33.15 13.20 10.54
CA LYS A 1 -32.20 12.38 11.34
C LYS A 1 -31.72 11.19 10.52
N ALA A 2 -30.41 11.08 10.35
CA ALA A 2 -29.82 10.03 9.54
C ALA A 2 -28.42 9.71 10.00
N VAL A 3 -27.78 8.77 9.29
CA VAL A 3 -26.41 8.39 9.58
C VAL A 3 -25.67 8.15 8.26
N SER A 4 -24.63 8.93 8.02
CA SER A 4 -23.86 8.81 6.80
C SER A 4 -22.40 8.49 7.12
N ASP A 5 -22.02 7.24 6.88
CA ASP A 5 -20.65 6.80 7.11
C ASP A 5 -19.81 7.04 5.87
N ASN A 6 -18.74 7.80 6.04
CA ASN A 6 -17.81 8.08 4.96
C ASN A 6 -17.02 6.85 4.61
N ASP A 7 -15.97 6.67 5.37
CA ASP A 7 -15.02 5.61 5.16
C ASP A 7 -14.03 5.62 6.31
N ASP A 8 -14.27 4.71 7.24
CA ASP A 8 -13.44 4.59 8.43
C ASP A 8 -12.04 4.05 8.12
N MET A 9 -11.80 3.68 6.86
CA MET A 9 -10.52 3.12 6.47
C MET A 9 -10.11 3.58 5.08
N MET A 10 -8.98 4.27 5.00
CA MET A 10 -8.48 4.77 3.73
C MET A 10 -7.18 4.06 3.35
N ILE A 11 -7.19 3.44 2.18
CA ILE A 11 -6.06 2.67 1.69
C ILE A 11 -5.55 3.26 0.39
N LEU A 12 -4.23 3.28 0.23
CA LEU A 12 -3.63 3.87 -0.95
C LEU A 12 -3.24 2.80 -1.96
N VAL A 13 -3.98 2.76 -3.06
CA VAL A 13 -3.68 1.83 -4.15
C VAL A 13 -2.84 2.51 -5.21
N VAL A 14 -1.54 2.27 -5.14
CA VAL A 14 -0.60 2.89 -6.05
C VAL A 14 -0.05 1.86 -7.02
N ASP A 15 0.17 2.27 -8.26
CA ASP A 15 0.85 1.44 -9.23
C ASP A 15 1.42 2.32 -10.33
N ASP A 16 2.57 1.93 -10.87
CA ASP A 16 3.30 2.77 -11.81
C ASP A 16 2.75 2.66 -13.24
N HIS A 17 1.91 1.68 -13.50
CA HIS A 17 1.31 1.52 -14.83
C HIS A 17 -0.20 1.34 -14.72
N PRO A 18 -0.93 2.47 -14.83
CA PRO A 18 -2.36 2.65 -14.50
C PRO A 18 -3.26 1.40 -14.53
N ILE A 19 -3.12 0.55 -15.55
CA ILE A 19 -4.01 -0.60 -15.70
C ILE A 19 -4.01 -1.50 -14.45
N ASN A 20 -2.86 -1.64 -13.81
CA ASN A 20 -2.76 -2.47 -12.62
C ASN A 20 -3.40 -1.78 -11.43
N ARG A 21 -3.18 -0.47 -11.34
CA ARG A 21 -3.72 0.34 -10.26
C ARG A 21 -5.25 0.26 -10.22
N ARG A 22 -5.88 0.42 -11.37
CA ARG A 22 -7.34 0.40 -11.44
C ARG A 22 -7.90 -0.99 -11.13
N LEU A 23 -7.17 -2.03 -11.54
CA LEU A 23 -7.59 -3.40 -11.27
C LEU A 23 -7.44 -3.71 -9.77
N LEU A 24 -6.35 -3.24 -9.20
CA LEU A 24 -6.08 -3.41 -7.76
C LEU A 24 -7.14 -2.67 -6.95
N ALA A 25 -7.51 -1.48 -7.41
CA ALA A 25 -8.49 -0.65 -6.73
C ALA A 25 -9.88 -1.25 -6.82
N ASP A 26 -10.12 -2.05 -7.84
CA ASP A 26 -11.39 -2.75 -7.99
C ASP A 26 -11.51 -3.81 -6.90
N GLN A 27 -10.43 -4.54 -6.68
CA GLN A 27 -10.38 -5.56 -5.65
C GLN A 27 -10.56 -4.91 -4.27
N LEU A 28 -9.80 -3.85 -4.01
CA LEU A 28 -9.87 -3.13 -2.74
C LEU A 28 -11.27 -2.57 -2.50
N GLY A 29 -11.88 -2.03 -3.55
CA GLY A 29 -13.22 -1.51 -3.45
C GLY A 29 -14.24 -2.59 -3.12
N SER A 30 -13.99 -3.79 -3.63
CA SER A 30 -14.87 -4.93 -3.38
C SER A 30 -14.78 -5.37 -1.92
N LEU A 31 -13.64 -5.10 -1.29
CA LEU A 31 -13.47 -5.43 0.12
C LEU A 31 -14.30 -4.50 1.01
N GLY A 32 -14.40 -3.25 0.59
CA GLY A 32 -15.16 -2.27 1.36
C GLY A 32 -14.27 -1.20 1.97
N TYR A 33 -13.21 -0.85 1.26
CA TYR A 33 -12.30 0.19 1.72
C TYR A 33 -12.26 1.32 0.70
N GLN A 34 -11.82 2.50 1.13
CA GLN A 34 -11.70 3.64 0.23
C GLN A 34 -10.37 3.61 -0.50
N CYS A 35 -10.44 3.45 -1.81
CA CYS A 35 -9.25 3.32 -2.63
C CYS A 35 -8.75 4.67 -3.14
N LYS A 36 -7.63 5.13 -2.60
CA LYS A 36 -7.00 6.35 -3.08
C LYS A 36 -5.87 5.98 -4.04
N THR A 37 -6.03 6.33 -5.30
CA THR A 37 -5.11 5.89 -6.33
C THR A 37 -3.95 6.86 -6.53
N ALA A 38 -2.81 6.31 -6.91
CA ALA A 38 -1.62 7.10 -7.24
C ALA A 38 -0.75 6.31 -8.22
N ASN A 39 0.29 6.94 -8.76
CA ASN A 39 1.15 6.24 -9.71
C ASN A 39 2.61 6.60 -9.53
N ASP A 40 3.19 6.12 -8.42
CA ASP A 40 4.63 6.17 -8.14
C ASP A 40 4.87 5.96 -6.65
N GLY A 41 6.11 5.70 -6.28
CA GLY A 41 6.44 5.56 -4.89
C GLY A 41 6.50 6.91 -4.20
N VAL A 42 7.10 7.89 -4.89
CA VAL A 42 7.19 9.24 -4.37
C VAL A 42 5.83 9.94 -4.43
N ASP A 43 5.01 9.54 -5.40
CA ASP A 43 3.62 10.00 -5.49
C ASP A 43 2.90 9.71 -4.17
N ALA A 44 3.16 8.52 -3.63
CA ALA A 44 2.59 8.11 -2.36
C ALA A 44 3.13 8.97 -1.22
N LEU A 45 4.41 9.31 -1.30
CA LEU A 45 5.06 10.15 -0.29
C LEU A 45 4.35 11.49 -0.15
N ASN A 46 4.02 12.08 -1.31
CA ASN A 46 3.37 13.38 -1.35
C ASN A 46 2.00 13.34 -0.68
N VAL A 47 1.17 12.40 -1.11
CA VAL A 47 -0.18 12.29 -0.59
C VAL A 47 -0.17 11.90 0.90
N LEU A 48 0.82 11.10 1.29
CA LEU A 48 0.97 10.69 2.68
C LEU A 48 1.28 11.88 3.57
N SER A 49 2.03 12.84 3.03
CA SER A 49 2.38 14.05 3.78
C SER A 49 1.16 14.93 3.98
N LYS A 50 0.28 14.96 2.98
CA LYS A 50 -0.92 15.79 3.03
C LYS A 50 -2.01 15.15 3.87
N ASN A 51 -2.04 13.82 3.88
CA ASN A 51 -3.08 13.09 4.58
C ASN A 51 -2.57 11.69 4.98
N HIS A 52 -2.86 11.28 6.20
CA HIS A 52 -2.42 9.98 6.68
C HIS A 52 -3.31 8.87 6.12
N ILE A 53 -2.85 8.24 5.05
CA ILE A 53 -3.41 6.99 4.60
C ILE A 53 -2.90 5.89 5.52
N ASP A 54 -3.79 5.03 6.01
CA ASP A 54 -3.40 4.09 7.06
C ASP A 54 -2.51 2.98 6.52
N ILE A 55 -2.82 2.49 5.33
CA ILE A 55 -1.98 1.48 4.69
C ILE A 55 -1.69 1.87 3.25
N VAL A 56 -0.42 1.79 2.87
CA VAL A 56 -0.02 2.17 1.52
C VAL A 56 0.51 0.96 0.75
N LEU A 57 -0.10 0.70 -0.40
CA LEU A 57 0.37 -0.38 -1.27
C LEU A 57 0.89 0.19 -2.58
N SER A 58 2.20 0.08 -2.78
CA SER A 58 2.82 0.59 -4.01
C SER A 58 3.20 -0.55 -4.93
N ASP A 59 2.49 -0.66 -6.03
CA ASP A 59 2.74 -1.69 -7.04
C ASP A 59 3.66 -1.16 -8.13
N VAL A 60 4.75 -1.88 -8.37
CA VAL A 60 5.71 -1.50 -9.38
C VAL A 60 5.80 -2.56 -10.46
N ASN A 61 5.62 -2.16 -11.70
CA ASN A 61 5.68 -3.08 -12.83
C ASN A 61 7.10 -3.14 -13.37
N MET A 62 7.92 -2.20 -12.94
CA MET A 62 9.26 -2.05 -13.45
C MET A 62 10.32 -2.37 -12.39
N PRO A 63 10.82 -3.61 -12.36
CA PRO A 63 11.86 -4.02 -11.42
C PRO A 63 13.23 -3.43 -11.79
N ASN A 64 13.29 -2.81 -12.95
CA ASN A 64 14.50 -2.15 -13.42
C ASN A 64 14.58 -0.73 -12.86
N MET A 65 13.60 -0.36 -12.05
CA MET A 65 13.53 0.97 -11.48
C MET A 65 13.36 0.92 -9.98
N ASP A 66 12.51 1.78 -9.44
CA ASP A 66 12.37 1.91 -8.00
C ASP A 66 11.13 1.20 -7.47
N GLY A 67 11.35 0.26 -6.57
CA GLY A 67 10.28 -0.37 -5.84
C GLY A 67 10.64 -0.48 -4.37
N TYR A 68 11.77 0.14 -4.02
CA TYR A 68 12.31 0.08 -2.68
C TYR A 68 12.62 1.47 -2.13
N ARG A 69 13.38 2.22 -2.92
CA ARG A 69 13.96 3.46 -2.47
C ARG A 69 12.88 4.43 -1.99
N LEU A 70 11.70 4.27 -2.54
CA LEU A 70 10.61 5.21 -2.27
C LEU A 70 10.21 5.15 -0.81
N THR A 71 10.41 3.99 -0.22
CA THR A 71 10.11 3.79 1.18
C THR A 71 11.32 4.22 2.00
N GLN A 72 12.49 4.18 1.37
CA GLN A 72 13.69 4.75 1.97
C GLN A 72 13.46 6.24 2.23
N ARG A 73 12.72 6.86 1.31
CA ARG A 73 12.29 8.24 1.48
C ARG A 73 11.18 8.33 2.53
N ILE A 74 10.38 7.26 2.65
CA ILE A 74 9.34 7.18 3.66
C ILE A 74 9.95 7.26 5.07
N ARG A 75 11.01 6.50 5.33
CA ARG A 75 11.65 6.54 6.64
C ARG A 75 12.37 7.88 6.83
N GLN A 76 12.84 8.46 5.73
CA GLN A 76 13.44 9.78 5.75
C GLN A 76 12.43 10.82 6.24
N LEU A 77 11.19 10.66 5.81
CA LEU A 77 10.11 11.54 6.22
C LEU A 77 9.68 11.23 7.65
N GLY A 78 9.50 9.95 7.94
CA GLY A 78 9.07 9.53 9.26
C GLY A 78 7.88 8.61 9.18
N LEU A 79 8.13 7.33 8.95
CA LEU A 79 7.07 6.36 8.73
C LEU A 79 6.24 6.16 9.99
N THR A 80 4.93 6.07 9.81
CA THR A 80 4.01 5.83 10.90
C THR A 80 2.85 4.95 10.43
N LEU A 81 3.17 4.05 9.50
CA LEU A 81 2.16 3.21 8.87
C LEU A 81 2.82 2.04 8.15
N PRO A 82 2.10 0.94 7.95
CA PRO A 82 2.59 -0.23 7.23
C PRO A 82 2.63 -0.03 5.73
N VAL A 83 3.75 -0.36 5.11
CA VAL A 83 3.88 -0.26 3.67
C VAL A 83 3.92 -1.66 3.05
N ILE A 84 3.06 -1.88 2.06
CA ILE A 84 3.00 -3.15 1.37
C ILE A 84 3.36 -2.95 -0.09
N GLY A 85 4.50 -3.49 -0.49
CA GLY A 85 4.97 -3.32 -1.84
C GLY A 85 4.53 -4.43 -2.75
N VAL A 86 3.72 -4.09 -3.74
CA VAL A 86 3.35 -5.02 -4.77
C VAL A 86 4.42 -4.99 -5.85
N THR A 87 4.99 -6.14 -6.17
CA THR A 87 6.16 -6.17 -7.01
C THR A 87 6.09 -7.28 -8.05
N ALA A 88 6.70 -7.04 -9.21
CA ALA A 88 6.82 -8.09 -10.21
C ALA A 88 8.28 -8.39 -10.49
N ASN A 89 8.73 -9.52 -9.93
CA ASN A 89 10.08 -10.03 -10.13
C ASN A 89 11.15 -8.95 -9.95
N ALA A 90 11.12 -8.30 -8.80
CA ALA A 90 12.05 -7.22 -8.51
C ALA A 90 13.32 -7.77 -7.86
N LEU A 91 13.92 -8.77 -8.51
CA LEU A 91 15.10 -9.44 -8.01
C LEU A 91 14.82 -10.07 -6.64
N ALA A 92 15.29 -9.42 -5.59
CA ALA A 92 15.01 -9.86 -4.24
C ALA A 92 14.29 -8.73 -3.50
N GLU A 93 12.96 -8.77 -3.53
CA GLU A 93 12.15 -7.74 -2.94
C GLU A 93 12.41 -7.62 -1.44
N GLU A 94 12.65 -8.74 -0.78
CA GLU A 94 12.95 -8.75 0.64
C GLU A 94 14.27 -8.03 0.89
N LYS A 95 15.16 -8.07 -0.10
CA LYS A 95 16.45 -7.44 0.01
C LYS A 95 16.33 -5.94 -0.14
N GLN A 96 15.43 -5.48 -1.02
CA GLN A 96 15.23 -4.04 -1.16
C GLN A 96 14.45 -3.52 0.03
N ARG A 97 13.61 -4.37 0.60
CA ARG A 97 12.89 -4.04 1.82
C ARG A 97 13.87 -3.82 2.97
N CYS A 98 14.96 -4.60 2.97
CA CYS A 98 16.02 -4.42 3.93
C CYS A 98 16.84 -3.18 3.60
N LEU A 99 16.94 -2.88 2.32
CA LEU A 99 17.72 -1.74 1.84
C LEU A 99 17.05 -0.41 2.23
N GLU A 100 15.78 -0.25 1.88
CA GLU A 100 15.05 0.97 2.16
C GLU A 100 14.58 1.00 3.62
N SER A 101 14.41 -0.20 4.19
CA SER A 101 14.10 -0.36 5.61
C SER A 101 12.89 0.43 6.09
N GLY A 102 11.78 0.33 5.38
CA GLY A 102 10.58 1.02 5.83
C GLY A 102 9.29 0.31 5.49
N MET A 103 9.35 -0.65 4.56
CA MET A 103 8.14 -1.30 4.03
C MET A 103 7.36 -2.07 5.11
N ASP A 104 7.37 -3.41 4.99
CA ASP A 104 6.77 -4.34 5.96
C ASP A 104 6.38 -5.63 5.26
N SER A 105 5.53 -5.49 4.24
CA SER A 105 5.05 -6.65 3.50
C SER A 105 5.32 -6.48 2.01
N CYS A 106 5.51 -7.59 1.31
CA CYS A 106 5.76 -7.56 -0.12
C CYS A 106 4.95 -8.65 -0.81
N LEU A 107 4.28 -8.29 -1.89
CA LEU A 107 3.44 -9.24 -2.62
C LEU A 107 3.79 -9.23 -4.11
N SER A 108 3.11 -10.07 -4.86
CA SER A 108 3.34 -10.17 -6.29
C SER A 108 2.28 -9.39 -7.05
N LYS A 109 2.58 -9.04 -8.29
CA LYS A 109 1.67 -8.25 -9.12
C LYS A 109 0.31 -8.95 -9.34
N PRO A 110 0.28 -10.24 -9.71
CA PRO A 110 -0.98 -10.97 -9.88
C PRO A 110 -1.64 -11.35 -8.55
N VAL A 111 -2.11 -10.34 -7.84
CA VAL A 111 -2.85 -10.56 -6.59
C VAL A 111 -4.34 -10.69 -6.87
N THR A 112 -4.89 -11.86 -6.58
CA THR A 112 -6.31 -12.13 -6.80
C THR A 112 -7.17 -11.56 -5.68
N LEU A 113 -8.49 -11.70 -5.82
CA LEU A 113 -9.45 -11.18 -4.84
C LEU A 113 -9.17 -11.74 -3.45
N ASP A 114 -8.97 -13.04 -3.35
CA ASP A 114 -8.81 -13.68 -2.04
C ASP A 114 -7.43 -13.45 -1.47
N VAL A 115 -6.41 -13.46 -2.32
CA VAL A 115 -5.05 -13.18 -1.87
C VAL A 115 -4.97 -11.75 -1.32
N ILE A 116 -5.58 -10.83 -2.06
CA ILE A 116 -5.70 -9.46 -1.62
C ILE A 116 -6.52 -9.40 -0.33
N LYS A 117 -7.54 -10.24 -0.26
CA LYS A 117 -8.45 -10.25 0.88
C LYS A 117 -7.75 -10.64 2.17
N GLN A 118 -6.97 -11.72 2.15
CA GLN A 118 -6.30 -12.18 3.36
C GLN A 118 -5.31 -11.14 3.86
N THR A 119 -4.49 -10.60 2.96
CA THR A 119 -3.52 -9.59 3.33
C THR A 119 -4.19 -8.31 3.82
N LEU A 120 -5.21 -7.87 3.09
CA LEU A 120 -5.93 -6.63 3.42
C LEU A 120 -6.63 -6.73 4.77
N THR A 121 -7.50 -7.73 4.91
CA THR A 121 -8.30 -7.89 6.11
C THR A 121 -7.42 -8.01 7.35
N LEU A 122 -6.38 -8.82 7.26
CA LEU A 122 -5.51 -9.06 8.40
C LEU A 122 -4.87 -7.76 8.89
N TYR A 123 -4.24 -7.02 7.99
CA TYR A 123 -3.50 -5.83 8.38
C TYR A 123 -4.43 -4.66 8.70
N ALA A 124 -5.42 -4.43 7.85
CA ALA A 124 -6.33 -3.30 8.01
C ALA A 124 -7.14 -3.42 9.29
N GLU A 125 -7.59 -4.61 9.59
CA GLU A 125 -8.38 -4.83 10.79
C GLU A 125 -7.48 -4.81 12.03
N ARG A 126 -6.23 -5.23 11.85
CA ARG A 126 -5.25 -5.26 12.93
C ARG A 126 -4.98 -3.85 13.44
N VAL A 127 -4.73 -2.91 12.53
CA VAL A 127 -4.46 -1.55 12.93
C VAL A 127 -5.71 -0.89 13.49
N ARG A 128 -6.85 -1.18 12.89
CA ARG A 128 -8.11 -0.61 13.34
C ARG A 128 -8.41 -1.06 14.77
N LYS A 129 -8.29 -2.37 15.04
CA LYS A 129 -8.61 -2.91 16.35
C LYS A 129 -7.52 -2.55 17.37
N SER A 130 -6.34 -2.17 16.90
CA SER A 130 -5.28 -1.72 17.80
C SER A 130 -5.64 -0.38 18.41
N ARG A 131 -6.23 0.50 17.61
CA ARG A 131 -6.66 1.81 18.09
C ARG A 131 -8.02 1.71 18.75
N ASP A 132 -8.79 0.72 18.31
CA ASP A 132 -10.16 0.45 18.79
C ASP A 132 -11.13 1.51 18.29
N SER A 133 -12.41 1.26 18.46
CA SER A 133 -13.44 2.16 17.99
C SER A 133 -14.28 2.67 19.16
N LYS A 1 -33.91 8.53 12.37
CA LYS A 1 -32.80 7.66 11.94
C LYS A 1 -31.63 8.50 11.45
N ALA A 2 -30.49 8.35 12.10
CA ALA A 2 -29.32 9.17 11.80
C ALA A 2 -28.40 8.47 10.82
N VAL A 3 -28.19 9.09 9.67
CA VAL A 3 -27.28 8.56 8.68
C VAL A 3 -25.88 9.12 8.89
N SER A 4 -24.97 8.26 9.33
CA SER A 4 -23.61 8.68 9.63
C SER A 4 -22.62 7.79 8.89
N ASP A 5 -21.78 8.41 8.06
CA ASP A 5 -20.81 7.68 7.27
C ASP A 5 -19.61 8.56 6.94
N ASN A 6 -18.69 8.01 6.17
CA ASN A 6 -17.52 8.73 5.69
C ASN A 6 -16.69 7.80 4.81
N ASP A 7 -15.83 7.05 5.47
CA ASP A 7 -14.93 6.09 4.80
C ASP A 7 -14.53 5.02 5.80
N ASP A 8 -14.20 5.47 7.01
CA ASP A 8 -13.75 4.63 8.12
C ASP A 8 -12.31 4.19 7.90
N MET A 9 -12.08 3.52 6.79
CA MET A 9 -10.77 3.03 6.45
C MET A 9 -10.41 3.40 5.02
N MET A 10 -9.34 4.16 4.85
CA MET A 10 -8.89 4.53 3.52
C MET A 10 -7.56 3.86 3.21
N ILE A 11 -7.55 3.10 2.14
CA ILE A 11 -6.39 2.35 1.72
C ILE A 11 -5.81 3.00 0.47
N LEU A 12 -4.49 3.09 0.41
CA LEU A 12 -3.82 3.72 -0.70
C LEU A 12 -3.41 2.68 -1.74
N VAL A 13 -4.09 2.70 -2.86
CA VAL A 13 -3.80 1.78 -3.96
C VAL A 13 -2.94 2.48 -5.00
N VAL A 14 -1.64 2.28 -4.89
CA VAL A 14 -0.70 2.90 -5.80
C VAL A 14 -0.19 1.88 -6.81
N ASP A 15 0.00 2.30 -8.04
CA ASP A 15 0.56 1.42 -9.06
C ASP A 15 1.32 2.23 -10.11
N ASP A 16 2.32 1.61 -10.72
CA ASP A 16 3.19 2.30 -11.69
C ASP A 16 2.72 2.06 -13.13
N HIS A 17 1.89 1.05 -13.33
CA HIS A 17 1.42 0.70 -14.67
C HIS A 17 -0.11 0.76 -14.72
N PRO A 18 -0.65 1.98 -15.02
CA PRO A 18 -2.07 2.37 -14.86
C PRO A 18 -3.13 1.26 -14.90
N ILE A 19 -3.03 0.33 -15.85
CA ILE A 19 -4.03 -0.72 -15.98
C ILE A 19 -4.14 -1.57 -14.70
N ASN A 20 -3.04 -1.68 -13.97
CA ASN A 20 -3.03 -2.48 -12.75
C ASN A 20 -3.64 -1.70 -11.61
N ARG A 21 -3.45 -0.38 -11.61
CA ARG A 21 -4.13 0.51 -10.69
C ARG A 21 -5.64 0.36 -10.80
N ARG A 22 -6.10 0.24 -12.04
CA ARG A 22 -7.51 0.05 -12.33
C ARG A 22 -8.03 -1.22 -11.65
N LEU A 23 -7.28 -2.30 -11.78
CA LEU A 23 -7.67 -3.59 -11.22
C LEU A 23 -7.53 -3.60 -9.70
N LEU A 24 -6.49 -2.95 -9.22
CA LEU A 24 -6.20 -2.88 -7.80
C LEU A 24 -7.28 -2.09 -7.06
N ALA A 25 -7.72 -1.00 -7.67
CA ALA A 25 -8.79 -0.18 -7.12
C ALA A 25 -10.13 -0.91 -7.22
N ASP A 26 -10.24 -1.81 -8.19
CA ASP A 26 -11.41 -2.67 -8.32
C ASP A 26 -11.46 -3.65 -7.16
N GLN A 27 -10.32 -4.28 -6.89
CA GLN A 27 -10.18 -5.19 -5.76
C GLN A 27 -10.48 -4.45 -4.45
N LEU A 28 -9.93 -3.26 -4.31
CA LEU A 28 -10.14 -2.42 -3.14
C LEU A 28 -11.62 -2.05 -3.01
N GLY A 29 -12.23 -1.72 -4.14
CA GLY A 29 -13.64 -1.40 -4.16
C GLY A 29 -14.51 -2.59 -3.78
N SER A 30 -14.02 -3.78 -4.08
CA SER A 30 -14.70 -5.01 -3.71
C SER A 30 -14.64 -5.23 -2.20
N LEU A 31 -13.58 -4.73 -1.59
CA LEU A 31 -13.45 -4.77 -0.13
C LEU A 31 -14.46 -3.82 0.51
N GLY A 32 -14.82 -2.77 -0.21
CA GLY A 32 -15.82 -1.83 0.26
C GLY A 32 -15.22 -0.62 0.93
N TYR A 33 -13.89 -0.57 1.00
CA TYR A 33 -13.21 0.51 1.69
C TYR A 33 -12.83 1.62 0.72
N GLN A 34 -12.48 2.77 1.27
CA GLN A 34 -12.10 3.92 0.46
C GLN A 34 -10.78 3.65 -0.24
N CYS A 35 -10.80 3.69 -1.56
CA CYS A 35 -9.62 3.41 -2.36
C CYS A 35 -9.03 4.69 -2.91
N LYS A 36 -7.87 5.10 -2.39
CA LYS A 36 -7.20 6.29 -2.88
C LYS A 36 -6.12 5.89 -3.88
N THR A 37 -6.34 6.22 -5.13
CA THR A 37 -5.46 5.78 -6.20
C THR A 37 -4.39 6.82 -6.52
N ALA A 38 -3.15 6.35 -6.62
CA ALA A 38 -2.02 7.18 -7.02
C ALA A 38 -1.13 6.40 -7.98
N ASN A 39 -0.05 7.00 -8.48
CA ASN A 39 0.70 6.38 -9.56
C ASN A 39 2.20 6.55 -9.40
N ASP A 40 2.78 5.77 -8.47
CA ASP A 40 4.22 5.74 -8.24
C ASP A 40 4.52 5.08 -6.91
N GLY A 41 5.79 5.04 -6.53
CA GLY A 41 6.16 4.56 -5.23
C GLY A 41 6.36 5.72 -4.28
N VAL A 42 7.00 6.77 -4.78
CA VAL A 42 7.21 7.97 -4.00
C VAL A 42 5.91 8.75 -3.85
N ASP A 43 5.05 8.64 -4.86
CA ASP A 43 3.76 9.32 -4.84
C ASP A 43 2.93 8.85 -3.66
N ALA A 44 3.12 7.58 -3.32
CA ALA A 44 2.46 7.00 -2.14
C ALA A 44 2.84 7.76 -0.88
N LEU A 45 4.11 8.13 -0.78
CA LEU A 45 4.61 8.84 0.38
C LEU A 45 4.14 10.30 0.35
N ASN A 46 4.11 10.88 -0.84
CA ASN A 46 3.67 12.27 -1.03
C ASN A 46 2.20 12.43 -0.64
N VAL A 47 1.36 11.54 -1.15
CA VAL A 47 -0.05 11.54 -0.81
C VAL A 47 -0.24 11.26 0.68
N LEU A 48 0.67 10.48 1.26
CA LEU A 48 0.68 10.24 2.70
C LEU A 48 0.98 11.53 3.45
N SER A 49 1.80 12.39 2.85
CA SER A 49 2.11 13.69 3.44
C SER A 49 0.94 14.64 3.28
N LYS A 50 0.02 14.28 2.38
CA LYS A 50 -1.16 15.10 2.11
C LYS A 50 -2.37 14.68 2.95
N ASN A 51 -2.64 13.38 3.03
CA ASN A 51 -3.85 12.89 3.68
C ASN A 51 -3.52 11.86 4.77
N HIS A 52 -4.55 11.30 5.38
CA HIS A 52 -4.38 10.36 6.49
C HIS A 52 -4.73 8.93 6.07
N ILE A 53 -3.87 8.32 5.27
CA ILE A 53 -4.08 6.94 4.82
C ILE A 53 -3.68 5.96 5.93
N ASP A 54 -4.35 4.81 5.98
CA ASP A 54 -4.09 3.83 7.04
C ASP A 54 -3.20 2.68 6.56
N ILE A 55 -3.48 2.16 5.38
CA ILE A 55 -2.70 1.05 4.83
C ILE A 55 -2.13 1.45 3.46
N VAL A 56 -0.86 1.15 3.22
CA VAL A 56 -0.20 1.58 1.99
C VAL A 56 0.36 0.39 1.21
N LEU A 57 -0.10 0.20 -0.01
CA LEU A 57 0.42 -0.83 -0.90
C LEU A 57 0.76 -0.23 -2.25
N SER A 58 2.04 -0.24 -2.61
CA SER A 58 2.48 0.38 -3.86
C SER A 58 2.93 -0.68 -4.86
N ASP A 59 2.45 -0.56 -6.07
CA ASP A 59 2.74 -1.52 -7.15
C ASP A 59 3.81 -0.99 -8.08
N VAL A 60 4.86 -1.76 -8.29
CA VAL A 60 5.95 -1.38 -9.17
C VAL A 60 6.20 -2.46 -10.22
N ASN A 61 6.09 -2.10 -11.49
CA ASN A 61 6.32 -3.04 -12.58
C ASN A 61 7.71 -2.82 -13.17
N MET A 62 8.08 -1.55 -13.26
CA MET A 62 9.37 -1.17 -13.81
C MET A 62 10.49 -1.53 -12.84
N PRO A 63 11.33 -2.52 -13.22
CA PRO A 63 12.33 -3.12 -12.33
C PRO A 63 13.31 -2.11 -11.72
N ASN A 64 13.97 -1.32 -12.55
CA ASN A 64 15.06 -0.47 -12.11
C ASN A 64 14.60 0.97 -11.93
N MET A 65 13.30 1.19 -11.90
CA MET A 65 12.78 2.54 -11.72
C MET A 65 12.36 2.78 -10.28
N ASP A 66 13.34 3.11 -9.45
CA ASP A 66 13.11 3.49 -8.05
C ASP A 66 12.54 2.34 -7.23
N GLY A 67 12.68 1.11 -7.74
CA GLY A 67 12.17 -0.06 -7.03
C GLY A 67 12.99 -0.41 -5.81
N TYR A 68 13.06 0.54 -4.88
CA TYR A 68 13.88 0.47 -3.69
C TYR A 68 13.87 1.82 -2.98
N ARG A 69 14.43 2.81 -3.64
CA ARG A 69 14.73 4.09 -3.02
C ARG A 69 13.47 4.77 -2.50
N LEU A 70 12.33 4.45 -3.10
CA LEU A 70 11.08 5.09 -2.73
C LEU A 70 10.75 4.71 -1.30
N THR A 71 11.21 3.52 -0.94
CA THR A 71 11.06 2.99 0.38
C THR A 71 12.01 3.72 1.33
N GLN A 72 13.19 4.07 0.81
CA GLN A 72 14.16 4.85 1.57
C GLN A 72 13.59 6.22 1.91
N ARG A 73 13.03 6.87 0.90
CA ARG A 73 12.45 8.20 1.06
C ARG A 73 11.32 8.16 2.08
N ILE A 74 10.59 7.04 2.11
CA ILE A 74 9.50 6.85 3.06
C ILE A 74 10.02 6.91 4.49
N ARG A 75 11.07 6.15 4.78
CA ARG A 75 11.64 6.09 6.12
C ARG A 75 12.41 7.36 6.44
N GLN A 76 12.85 8.05 5.40
CA GLN A 76 13.61 9.28 5.55
C GLN A 76 12.69 10.41 6.01
N LEU A 77 11.56 10.55 5.33
CA LEU A 77 10.62 11.61 5.65
C LEU A 77 9.88 11.29 6.95
N GLY A 78 9.07 10.25 6.93
CA GLY A 78 8.29 9.90 8.10
C GLY A 78 7.16 8.96 7.77
N LEU A 79 7.38 7.69 8.04
CA LEU A 79 6.35 6.67 7.82
C LEU A 79 5.54 6.47 9.09
N THR A 80 4.43 5.75 8.95
CA THR A 80 3.53 5.49 10.06
C THR A 80 2.69 4.24 9.77
N LEU A 81 2.49 3.98 8.49
CA LEU A 81 1.63 2.90 8.06
C LEU A 81 2.46 1.69 7.67
N PRO A 82 1.85 0.49 7.63
CA PRO A 82 2.48 -0.69 7.08
C PRO A 82 2.61 -0.57 5.56
N VAL A 83 3.84 -0.57 5.07
CA VAL A 83 4.08 -0.42 3.65
C VAL A 83 4.27 -1.79 3.00
N ILE A 84 3.27 -2.22 2.27
CA ILE A 84 3.33 -3.46 1.54
C ILE A 84 3.74 -3.19 0.09
N GLY A 85 4.97 -3.55 -0.22
CA GLY A 85 5.49 -3.31 -1.56
C GLY A 85 5.15 -4.43 -2.51
N VAL A 86 4.10 -4.25 -3.27
CA VAL A 86 3.74 -5.19 -4.31
C VAL A 86 4.61 -4.89 -5.54
N THR A 87 5.41 -5.85 -5.97
CA THR A 87 6.43 -5.59 -6.96
C THR A 87 6.60 -6.76 -7.92
N ALA A 88 7.24 -6.49 -9.05
CA ALA A 88 7.58 -7.53 -10.00
C ALA A 88 8.92 -7.23 -10.67
N ASN A 89 9.72 -8.27 -10.87
CA ASN A 89 10.93 -8.20 -11.68
C ASN A 89 12.02 -7.31 -11.07
N ALA A 90 12.06 -7.20 -9.75
CA ALA A 90 13.06 -6.36 -9.10
C ALA A 90 14.29 -7.19 -8.71
N LEU A 91 14.16 -8.51 -8.83
CA LEU A 91 15.26 -9.47 -8.63
C LEU A 91 15.57 -9.69 -7.16
N ALA A 92 15.60 -8.62 -6.38
CA ALA A 92 15.88 -8.71 -4.96
C ALA A 92 15.01 -7.72 -4.19
N GLU A 93 13.70 -7.86 -4.36
CA GLU A 93 12.74 -6.96 -3.74
C GLU A 93 12.92 -6.90 -2.24
N GLU A 94 13.01 -8.08 -1.62
CA GLU A 94 13.18 -8.18 -0.18
C GLU A 94 14.46 -7.49 0.27
N LYS A 95 15.47 -7.53 -0.58
CA LYS A 95 16.75 -6.90 -0.29
C LYS A 95 16.63 -5.38 -0.32
N GLN A 96 15.85 -4.84 -1.26
CA GLN A 96 15.69 -3.40 -1.34
C GLN A 96 14.80 -2.92 -0.21
N ARG A 97 13.88 -3.78 0.20
CA ARG A 97 13.06 -3.49 1.37
C ARG A 97 13.94 -3.29 2.60
N CYS A 98 14.96 -4.14 2.72
CA CYS A 98 15.86 -4.09 3.87
C CYS A 98 16.79 -2.88 3.81
N LEU A 99 17.29 -2.59 2.61
CA LEU A 99 18.25 -1.51 2.43
C LEU A 99 17.60 -0.13 2.62
N GLU A 100 16.50 0.10 1.92
CA GLU A 100 15.80 1.37 2.00
C GLU A 100 14.97 1.46 3.29
N SER A 101 14.63 0.29 3.82
CA SER A 101 14.06 0.14 5.18
C SER A 101 12.87 1.05 5.47
N GLY A 102 11.86 1.03 4.62
CA GLY A 102 10.69 1.85 4.87
C GLY A 102 9.41 1.13 4.47
N MET A 103 9.45 -0.19 4.48
CA MET A 103 8.35 -0.99 3.97
C MET A 103 7.58 -1.67 5.10
N ASP A 104 7.57 -3.00 5.07
CA ASP A 104 6.89 -3.85 6.04
C ASP A 104 6.85 -5.26 5.50
N SER A 105 6.23 -5.41 4.34
CA SER A 105 6.14 -6.70 3.66
C SER A 105 6.24 -6.52 2.16
N CYS A 106 6.50 -7.59 1.44
CA CYS A 106 6.60 -7.53 -0.01
C CYS A 106 5.62 -8.52 -0.66
N LEU A 107 5.08 -8.13 -1.81
CA LEU A 107 4.13 -8.96 -2.54
C LEU A 107 4.45 -8.93 -4.03
N SER A 108 3.62 -9.58 -4.83
CA SER A 108 3.82 -9.63 -6.27
C SER A 108 2.72 -8.86 -6.98
N LYS A 109 3.11 -8.09 -8.00
CA LYS A 109 2.19 -7.28 -8.81
C LYS A 109 0.85 -7.99 -9.13
N PRO A 110 0.86 -9.26 -9.62
CA PRO A 110 -0.38 -10.01 -9.90
C PRO A 110 -1.11 -10.44 -8.62
N VAL A 111 -1.62 -9.47 -7.86
CA VAL A 111 -2.42 -9.76 -6.68
C VAL A 111 -3.89 -9.92 -7.05
N THR A 112 -4.48 -11.04 -6.66
CA THR A 112 -5.89 -11.30 -6.93
C THR A 112 -6.78 -10.75 -5.82
N LEU A 113 -8.09 -10.86 -6.01
CA LEU A 113 -9.07 -10.38 -5.02
C LEU A 113 -8.87 -11.06 -3.68
N ASP A 114 -8.70 -12.38 -3.70
CA ASP A 114 -8.55 -13.14 -2.46
C ASP A 114 -7.27 -12.76 -1.73
N VAL A 115 -6.19 -12.65 -2.50
CA VAL A 115 -4.88 -12.31 -1.94
C VAL A 115 -4.91 -10.92 -1.30
N ILE A 116 -5.47 -9.96 -2.03
CA ILE A 116 -5.56 -8.59 -1.52
C ILE A 116 -6.43 -8.55 -0.27
N LYS A 117 -7.46 -9.40 -0.23
CA LYS A 117 -8.36 -9.46 0.93
C LYS A 117 -7.65 -10.03 2.14
N GLN A 118 -6.70 -10.93 1.91
CA GLN A 118 -5.91 -11.51 2.98
C GLN A 118 -5.13 -10.43 3.71
N THR A 119 -4.26 -9.76 2.97
CA THR A 119 -3.39 -8.72 3.54
C THR A 119 -4.21 -7.53 4.05
N LEU A 120 -5.24 -7.15 3.30
CA LEU A 120 -6.09 -6.02 3.66
C LEU A 120 -6.72 -6.20 5.03
N THR A 121 -7.57 -7.20 5.13
CA THR A 121 -8.36 -7.43 6.33
C THR A 121 -7.48 -7.77 7.54
N LEU A 122 -6.37 -8.48 7.30
CA LEU A 122 -5.47 -8.86 8.37
C LEU A 122 -4.80 -7.63 8.99
N TYR A 123 -4.24 -6.78 8.14
CA TYR A 123 -3.53 -5.60 8.62
C TYR A 123 -4.51 -4.54 9.12
N ALA A 124 -5.70 -4.51 8.54
CA ALA A 124 -6.74 -3.60 8.97
C ALA A 124 -7.10 -3.83 10.42
N GLU A 125 -7.29 -5.08 10.80
CA GLU A 125 -7.61 -5.41 12.17
C GLU A 125 -6.41 -5.18 13.08
N ARG A 126 -5.21 -5.34 12.53
CA ARG A 126 -3.98 -5.16 13.29
C ARG A 126 -3.81 -3.69 13.69
N VAL A 127 -3.98 -2.79 12.74
CA VAL A 127 -3.86 -1.37 13.03
C VAL A 127 -5.05 -0.91 13.86
N ARG A 128 -6.20 -1.55 13.67
CA ARG A 128 -7.40 -1.21 14.43
C ARG A 128 -7.20 -1.44 15.92
N LYS A 129 -6.71 -2.63 16.29
CA LYS A 129 -6.48 -2.93 17.70
C LYS A 129 -5.31 -2.13 18.25
N SER A 130 -4.30 -1.90 17.43
CA SER A 130 -3.12 -1.13 17.86
C SER A 130 -3.47 0.34 18.06
N ARG A 131 -4.55 0.79 17.43
CA ARG A 131 -5.04 2.15 17.62
C ARG A 131 -6.11 2.21 18.70
N ASP A 132 -6.70 1.05 18.97
CA ASP A 132 -7.80 0.93 19.91
C ASP A 132 -7.37 1.28 21.33
N SER A 133 -6.27 0.70 21.78
CA SER A 133 -5.78 0.95 23.12
C SER A 133 -4.87 2.19 23.12
N LYS A 1 -31.76 6.78 13.28
CA LYS A 1 -31.82 8.25 13.38
C LYS A 1 -30.41 8.82 13.45
N ALA A 2 -30.13 9.80 12.59
CA ALA A 2 -28.82 10.45 12.48
C ALA A 2 -27.80 9.51 11.83
N VAL A 3 -27.07 10.04 10.87
CA VAL A 3 -26.08 9.26 10.15
C VAL A 3 -24.67 9.62 10.60
N SER A 4 -23.87 8.62 10.94
CA SER A 4 -22.49 8.83 11.32
C SER A 4 -21.55 8.02 10.43
N ASP A 5 -21.44 8.44 9.17
CA ASP A 5 -20.56 7.77 8.22
C ASP A 5 -19.66 8.79 7.54
N ASN A 6 -18.36 8.57 7.64
CA ASN A 6 -17.39 9.46 7.01
C ASN A 6 -16.61 8.73 5.93
N ASP A 7 -16.17 7.52 6.27
CA ASP A 7 -15.24 6.74 5.42
C ASP A 7 -14.72 5.54 6.20
N ASP A 8 -14.34 5.81 7.46
CA ASP A 8 -13.83 4.81 8.40
C ASP A 8 -12.40 4.42 8.10
N MET A 9 -12.15 3.93 6.90
CA MET A 9 -10.82 3.44 6.55
C MET A 9 -10.45 3.83 5.12
N MET A 10 -9.37 4.60 4.99
CA MET A 10 -8.88 5.02 3.69
C MET A 10 -7.58 4.32 3.36
N ILE A 11 -7.56 3.61 2.26
CA ILE A 11 -6.39 2.85 1.83
C ILE A 11 -5.86 3.44 0.53
N LEU A 12 -4.55 3.49 0.39
CA LEU A 12 -3.93 4.10 -0.78
C LEU A 12 -3.39 3.02 -1.71
N VAL A 13 -4.01 2.90 -2.88
CA VAL A 13 -3.59 1.94 -3.89
C VAL A 13 -2.74 2.63 -4.95
N VAL A 14 -1.46 2.34 -4.90
CA VAL A 14 -0.52 2.90 -5.87
C VAL A 14 -0.12 1.83 -6.87
N ASP A 15 0.04 2.22 -8.12
CA ASP A 15 0.56 1.32 -9.15
C ASP A 15 1.14 2.11 -10.32
N ASP A 16 2.27 1.65 -10.86
CA ASP A 16 2.91 2.35 -11.97
C ASP A 16 2.41 1.87 -13.34
N HIS A 17 1.58 0.83 -13.36
CA HIS A 17 1.11 0.25 -14.62
C HIS A 17 -0.41 0.43 -14.77
N PRO A 18 -0.83 1.52 -15.45
CA PRO A 18 -2.23 2.00 -15.50
C PRO A 18 -3.32 0.93 -15.42
N ILE A 19 -3.23 -0.10 -16.25
CA ILE A 19 -4.25 -1.16 -16.28
C ILE A 19 -4.39 -1.82 -14.91
N ASN A 20 -3.27 -2.03 -14.25
CA ASN A 20 -3.23 -2.70 -12.96
C ASN A 20 -3.78 -1.79 -11.88
N ARG A 21 -3.59 -0.49 -12.04
CA ARG A 21 -4.13 0.49 -11.11
C ARG A 21 -5.64 0.36 -11.01
N ARG A 22 -6.29 0.35 -12.16
CA ARG A 22 -7.74 0.22 -12.22
C ARG A 22 -8.20 -1.04 -11.49
N LEU A 23 -7.54 -2.15 -11.79
CA LEU A 23 -7.97 -3.45 -11.27
C LEU A 23 -7.62 -3.61 -9.79
N LEU A 24 -6.53 -2.98 -9.38
CA LEU A 24 -6.10 -3.01 -7.99
C LEU A 24 -7.07 -2.20 -7.12
N ALA A 25 -7.43 -1.02 -7.62
CA ALA A 25 -8.42 -0.19 -6.95
C ALA A 25 -9.79 -0.85 -7.01
N ASP A 26 -10.00 -1.64 -8.05
CA ASP A 26 -11.23 -2.42 -8.21
C ASP A 26 -11.35 -3.43 -7.08
N GLN A 27 -10.30 -4.23 -6.91
CA GLN A 27 -10.23 -5.23 -5.85
C GLN A 27 -10.37 -4.56 -4.48
N LEU A 28 -9.70 -3.42 -4.32
CA LEU A 28 -9.77 -2.65 -3.08
C LEU A 28 -11.20 -2.22 -2.80
N GLY A 29 -11.91 -1.79 -3.84
CA GLY A 29 -13.28 -1.36 -3.71
C GLY A 29 -14.20 -2.50 -3.35
N SER A 30 -13.92 -3.68 -3.90
CA SER A 30 -14.73 -4.86 -3.62
C SER A 30 -14.58 -5.30 -2.16
N LEU A 31 -13.42 -5.01 -1.57
CA LEU A 31 -13.19 -5.29 -0.16
C LEU A 31 -14.10 -4.44 0.70
N GLY A 32 -14.33 -3.21 0.27
CA GLY A 32 -15.19 -2.31 1.00
C GLY A 32 -14.41 -1.22 1.71
N TYR A 33 -13.27 -0.86 1.17
CA TYR A 33 -12.46 0.23 1.73
C TYR A 33 -12.21 1.31 0.68
N GLN A 34 -11.97 2.53 1.13
CA GLN A 34 -11.74 3.65 0.22
C GLN A 34 -10.44 3.46 -0.52
N CYS A 35 -10.47 3.64 -1.83
CA CYS A 35 -9.30 3.42 -2.66
C CYS A 35 -8.76 4.74 -3.21
N LYS A 36 -7.71 5.24 -2.58
CA LYS A 36 -7.04 6.45 -3.04
C LYS A 36 -5.97 6.09 -4.04
N THR A 37 -6.05 6.60 -5.26
CA THR A 37 -5.16 6.18 -6.32
C THR A 37 -3.90 7.04 -6.40
N ALA A 38 -2.78 6.39 -6.74
CA ALA A 38 -1.51 7.09 -6.97
C ALA A 38 -0.66 6.26 -7.93
N ASN A 39 0.36 6.86 -8.53
CA ASN A 39 1.18 6.13 -9.50
C ASN A 39 2.66 6.47 -9.40
N ASP A 40 3.29 5.98 -8.34
CA ASP A 40 4.74 6.06 -8.14
C ASP A 40 5.07 5.77 -6.69
N GLY A 41 6.29 5.33 -6.45
CA GLY A 41 6.73 5.08 -5.10
C GLY A 41 6.80 6.37 -4.30
N VAL A 42 7.41 7.38 -4.89
CA VAL A 42 7.49 8.69 -4.27
C VAL A 42 6.12 9.35 -4.17
N ASP A 43 5.25 9.04 -5.13
CA ASP A 43 3.88 9.57 -5.12
C ASP A 43 3.13 9.11 -3.88
N ALA A 44 3.40 7.87 -3.47
CA ALA A 44 2.79 7.29 -2.28
C ALA A 44 3.09 8.10 -1.03
N LEU A 45 4.35 8.44 -0.82
CA LEU A 45 4.74 9.24 0.35
C LEU A 45 4.32 10.69 0.17
N ASN A 46 4.28 11.14 -1.08
CA ASN A 46 3.86 12.50 -1.40
C ASN A 46 2.42 12.75 -0.94
N VAL A 47 1.52 11.88 -1.36
CA VAL A 47 0.12 11.98 -0.95
C VAL A 47 -0.01 11.76 0.56
N LEU A 48 0.89 10.95 1.12
CA LEU A 48 0.93 10.72 2.56
C LEU A 48 1.21 12.02 3.32
N SER A 49 2.04 12.88 2.73
CA SER A 49 2.34 14.19 3.31
C SER A 49 1.10 15.09 3.21
N LYS A 50 0.30 14.87 2.17
CA LYS A 50 -0.92 15.64 1.96
C LYS A 50 -1.99 15.24 2.97
N ASN A 51 -2.28 13.95 3.05
CA ASN A 51 -3.34 13.45 3.92
C ASN A 51 -2.94 12.10 4.50
N HIS A 52 -3.53 11.74 5.62
CA HIS A 52 -3.21 10.48 6.28
C HIS A 52 -4.03 9.33 5.70
N ILE A 53 -3.35 8.21 5.49
CA ILE A 53 -3.98 6.99 4.99
C ILE A 53 -3.68 5.86 5.97
N ASP A 54 -4.61 4.93 6.12
CA ASP A 54 -4.46 3.84 7.10
C ASP A 54 -3.33 2.89 6.70
N ILE A 55 -3.45 2.31 5.52
CA ILE A 55 -2.44 1.40 5.01
C ILE A 55 -2.06 1.79 3.58
N VAL A 56 -0.76 1.77 3.28
CA VAL A 56 -0.30 2.16 1.97
C VAL A 56 0.26 0.95 1.21
N LEU A 57 -0.30 0.71 0.03
CA LEU A 57 0.20 -0.36 -0.83
C LEU A 57 0.65 0.23 -2.16
N SER A 58 1.94 0.24 -2.40
CA SER A 58 2.48 0.83 -3.61
C SER A 58 3.06 -0.24 -4.53
N ASP A 59 2.47 -0.38 -5.71
CA ASP A 59 2.96 -1.31 -6.70
C ASP A 59 4.06 -0.67 -7.54
N VAL A 60 5.28 -1.10 -7.28
CA VAL A 60 6.43 -0.64 -8.02
C VAL A 60 6.99 -1.80 -8.83
N ASN A 61 6.33 -2.08 -9.94
CA ASN A 61 6.75 -3.17 -10.83
C ASN A 61 7.84 -2.67 -11.75
N MET A 62 8.31 -1.48 -11.47
CA MET A 62 9.33 -0.81 -12.26
C MET A 62 10.68 -0.98 -11.59
N PRO A 63 11.50 -1.91 -12.10
CA PRO A 63 12.84 -2.17 -11.55
C PRO A 63 13.85 -1.10 -11.95
N ASN A 64 13.40 -0.19 -12.80
CA ASN A 64 14.22 0.90 -13.27
C ASN A 64 14.28 2.00 -12.22
N MET A 65 15.47 2.17 -11.63
CA MET A 65 15.76 3.26 -10.71
C MET A 65 15.11 3.06 -9.34
N ASP A 66 13.89 3.56 -9.18
CA ASP A 66 13.28 3.67 -7.86
C ASP A 66 12.24 2.58 -7.60
N GLY A 67 12.71 1.36 -7.46
CA GLY A 67 11.82 0.26 -7.10
C GLY A 67 11.90 -0.05 -5.61
N TYR A 68 13.03 0.26 -5.01
CA TYR A 68 13.26 0.05 -3.59
C TYR A 68 13.45 1.38 -2.86
N ARG A 69 14.18 2.26 -3.53
CA ARG A 69 14.58 3.54 -2.96
C ARG A 69 13.37 4.33 -2.46
N LEU A 70 12.22 4.06 -3.05
CA LEU A 70 11.01 4.83 -2.75
C LEU A 70 10.58 4.55 -1.32
N THR A 71 10.86 3.34 -0.86
CA THR A 71 10.55 2.95 0.49
C THR A 71 11.61 3.56 1.42
N GLN A 72 12.81 3.78 0.88
CA GLN A 72 13.82 4.54 1.62
C GLN A 72 13.33 5.96 1.87
N ARG A 73 12.76 6.56 0.83
CA ARG A 73 12.18 7.89 0.94
C ARG A 73 11.03 7.89 1.94
N ILE A 74 10.36 6.75 2.07
CA ILE A 74 9.29 6.61 3.05
C ILE A 74 9.84 6.64 4.48
N ARG A 75 10.99 6.00 4.68
CA ARG A 75 11.64 6.02 5.99
C ARG A 75 12.27 7.40 6.25
N GLN A 76 12.55 8.12 5.18
CA GLN A 76 13.01 9.50 5.28
C GLN A 76 11.87 10.41 5.72
N LEU A 77 10.69 10.16 5.16
CA LEU A 77 9.50 10.91 5.49
C LEU A 77 9.06 10.62 6.92
N GLY A 78 9.14 9.37 7.32
CA GLY A 78 8.72 8.98 8.64
C GLY A 78 7.34 8.35 8.62
N LEU A 79 7.28 7.10 8.16
CA LEU A 79 6.01 6.39 8.05
C LEU A 79 5.32 6.24 9.41
N THR A 80 4.04 6.56 9.44
CA THR A 80 3.25 6.39 10.65
C THR A 80 2.29 5.22 10.48
N LEU A 81 2.53 4.44 9.43
CA LEU A 81 1.64 3.36 9.05
C LEU A 81 2.41 2.32 8.23
N PRO A 82 1.94 1.07 8.23
CA PRO A 82 2.60 -0.02 7.50
C PRO A 82 2.51 0.14 5.98
N VAL A 83 3.63 -0.12 5.31
CA VAL A 83 3.68 -0.03 3.85
C VAL A 83 3.87 -1.41 3.24
N ILE A 84 2.97 -1.78 2.34
CA ILE A 84 3.09 -3.03 1.62
C ILE A 84 3.47 -2.76 0.18
N GLY A 85 4.66 -3.16 -0.20
CA GLY A 85 5.15 -2.90 -1.54
C GLY A 85 4.82 -4.02 -2.49
N VAL A 86 3.95 -3.74 -3.44
CA VAL A 86 3.58 -4.71 -4.44
C VAL A 86 4.60 -4.68 -5.57
N THR A 87 5.40 -5.72 -5.68
CA THR A 87 6.50 -5.71 -6.64
C THR A 87 6.31 -6.79 -7.71
N ALA A 88 7.06 -6.67 -8.80
CA ALA A 88 7.09 -7.70 -9.81
C ALA A 88 8.48 -7.83 -10.42
N ASN A 89 9.19 -8.87 -9.98
CA ASN A 89 10.50 -9.24 -10.55
C ASN A 89 11.44 -8.05 -10.68
N ALA A 90 11.76 -7.41 -9.56
CA ALA A 90 12.66 -6.27 -9.57
C ALA A 90 14.07 -6.71 -9.20
N LEU A 91 14.50 -7.82 -9.82
CA LEU A 91 15.81 -8.42 -9.58
C LEU A 91 15.92 -8.98 -8.16
N ALA A 92 16.11 -8.11 -7.18
CA ALA A 92 16.23 -8.53 -5.79
C ALA A 92 15.54 -7.51 -4.89
N GLU A 93 14.28 -7.23 -5.20
CA GLU A 93 13.53 -6.19 -4.50
C GLU A 93 13.32 -6.52 -3.04
N GLU A 94 13.30 -7.80 -2.70
CA GLU A 94 13.15 -8.21 -1.32
C GLU A 94 14.33 -7.70 -0.50
N LYS A 95 15.54 -7.88 -1.02
CA LYS A 95 16.73 -7.44 -0.35
C LYS A 95 16.81 -5.92 -0.33
N GLN A 96 16.40 -5.28 -1.42
CA GLN A 96 16.47 -3.83 -1.50
C GLN A 96 15.45 -3.20 -0.56
N ARG A 97 14.34 -3.88 -0.36
CA ARG A 97 13.33 -3.44 0.58
C ARG A 97 13.92 -3.41 1.99
N CYS A 98 14.69 -4.45 2.30
CA CYS A 98 15.35 -4.55 3.60
C CYS A 98 16.39 -3.43 3.76
N LEU A 99 16.99 -3.03 2.66
CA LEU A 99 17.98 -1.96 2.67
C LEU A 99 17.31 -0.60 2.89
N GLU A 100 16.30 -0.28 2.08
CA GLU A 100 15.64 1.02 2.12
C GLU A 100 14.76 1.17 3.38
N SER A 101 14.33 0.04 3.94
CA SER A 101 13.70 -0.02 5.27
C SER A 101 12.56 0.97 5.47
N GLY A 102 11.60 0.98 4.57
CA GLY A 102 10.49 1.91 4.69
C GLY A 102 9.17 1.27 4.30
N MET A 103 9.07 -0.03 4.42
CA MET A 103 7.87 -0.74 4.03
C MET A 103 7.21 -1.42 5.22
N ASP A 104 7.13 -2.75 5.15
CA ASP A 104 6.55 -3.59 6.20
C ASP A 104 6.45 -5.01 5.69
N SER A 105 5.82 -5.15 4.52
CA SER A 105 5.71 -6.44 3.85
C SER A 105 5.78 -6.26 2.34
N CYS A 106 6.03 -7.35 1.63
CA CYS A 106 6.11 -7.33 0.18
C CYS A 106 5.00 -8.16 -0.44
N LEU A 107 4.50 -7.72 -1.58
CA LEU A 107 3.45 -8.43 -2.29
C LEU A 107 3.83 -8.60 -3.76
N SER A 108 2.98 -9.27 -4.51
CA SER A 108 3.23 -9.47 -5.93
C SER A 108 2.17 -8.75 -6.76
N LYS A 109 2.62 -8.09 -7.82
CA LYS A 109 1.72 -7.34 -8.72
C LYS A 109 0.48 -8.14 -9.12
N PRO A 110 0.62 -9.40 -9.60
CA PRO A 110 -0.54 -10.24 -9.95
C PRO A 110 -1.31 -10.74 -8.72
N VAL A 111 -1.88 -9.81 -7.97
CA VAL A 111 -2.66 -10.14 -6.79
C VAL A 111 -4.11 -10.45 -7.18
N THR A 112 -4.65 -11.54 -6.63
CA THR A 112 -6.01 -11.95 -6.91
C THR A 112 -6.98 -11.41 -5.84
N LEU A 113 -8.28 -11.58 -6.09
CA LEU A 113 -9.32 -11.07 -5.19
C LEU A 113 -9.20 -11.70 -3.80
N ASP A 114 -9.06 -13.01 -3.74
CA ASP A 114 -9.01 -13.70 -2.46
C ASP A 114 -7.69 -13.44 -1.77
N VAL A 115 -6.63 -13.34 -2.55
CA VAL A 115 -5.30 -13.07 -2.01
C VAL A 115 -5.27 -11.70 -1.34
N ILE A 116 -5.80 -10.68 -2.02
CA ILE A 116 -5.86 -9.35 -1.45
C ILE A 116 -6.79 -9.32 -0.24
N LYS A 117 -7.77 -10.21 -0.23
CA LYS A 117 -8.72 -10.29 0.87
C LYS A 117 -8.04 -10.71 2.17
N GLN A 118 -7.23 -11.77 2.12
CA GLN A 118 -6.55 -12.25 3.31
C GLN A 118 -5.59 -11.20 3.86
N THR A 119 -4.76 -10.65 2.98
CA THR A 119 -3.77 -9.67 3.39
C THR A 119 -4.43 -8.41 3.93
N LEU A 120 -5.46 -7.92 3.26
CA LEU A 120 -6.15 -6.71 3.67
C LEU A 120 -6.91 -6.92 4.98
N THR A 121 -7.53 -8.08 5.13
CA THR A 121 -8.28 -8.39 6.35
C THR A 121 -7.34 -8.50 7.55
N LEU A 122 -6.22 -9.20 7.37
CA LEU A 122 -5.23 -9.34 8.42
C LEU A 122 -4.62 -7.99 8.78
N TYR A 123 -4.28 -7.21 7.76
CA TYR A 123 -3.67 -5.92 7.96
C TYR A 123 -4.62 -4.95 8.64
N ALA A 124 -5.86 -4.90 8.17
CA ALA A 124 -6.87 -4.00 8.72
C ALA A 124 -7.08 -4.26 10.20
N GLU A 125 -7.15 -5.53 10.57
CA GLU A 125 -7.34 -5.92 11.95
C GLU A 125 -6.12 -5.48 12.78
N ARG A 126 -4.94 -5.81 12.29
CA ARG A 126 -3.70 -5.59 13.03
C ARG A 126 -3.38 -4.10 13.17
N VAL A 127 -3.72 -3.29 12.18
CA VAL A 127 -3.50 -1.86 12.27
C VAL A 127 -4.55 -1.21 13.17
N ARG A 128 -5.75 -1.78 13.16
CA ARG A 128 -6.84 -1.30 13.99
C ARG A 128 -6.46 -1.42 15.46
N LYS A 129 -6.00 -2.61 15.84
CA LYS A 129 -5.62 -2.85 17.23
C LYS A 129 -4.25 -2.24 17.54
N SER A 130 -3.49 -1.90 16.50
CA SER A 130 -2.20 -1.25 16.68
C SER A 130 -2.37 0.13 17.32
N ARG A 131 -3.32 0.91 16.82
CA ARG A 131 -3.57 2.24 17.40
C ARG A 131 -4.66 2.17 18.47
N ASP A 132 -5.71 1.40 18.20
CA ASP A 132 -6.83 1.29 19.12
C ASP A 132 -6.91 -0.14 19.65
N SER A 133 -6.36 -0.35 20.84
CA SER A 133 -6.30 -1.67 21.44
C SER A 133 -7.40 -1.84 22.48
N LYS A 1 -34.62 8.45 7.63
CA LYS A 1 -33.44 8.63 8.51
C LYS A 1 -32.22 9.02 7.68
N ALA A 2 -31.13 9.36 8.34
CA ALA A 2 -29.90 9.74 7.65
C ALA A 2 -28.86 8.64 7.76
N VAL A 3 -28.28 8.28 6.61
CA VAL A 3 -27.25 7.25 6.57
C VAL A 3 -25.88 7.85 6.85
N SER A 4 -25.53 7.94 8.13
CA SER A 4 -24.30 8.59 8.55
C SER A 4 -23.09 7.65 8.44
N ASP A 5 -22.92 7.02 7.27
CA ASP A 5 -21.72 6.25 6.99
C ASP A 5 -20.82 7.03 6.07
N ASN A 6 -19.64 7.38 6.53
CA ASN A 6 -18.77 8.26 5.78
C ASN A 6 -17.58 7.53 5.15
N ASP A 7 -16.93 6.67 5.92
CA ASP A 7 -15.64 6.14 5.50
C ASP A 7 -15.25 4.89 6.27
N ASP A 8 -14.96 5.08 7.56
CA ASP A 8 -14.44 4.04 8.46
C ASP A 8 -12.94 3.81 8.20
N MET A 9 -12.60 3.50 6.95
CA MET A 9 -11.22 3.20 6.61
C MET A 9 -10.85 3.70 5.22
N MET A 10 -9.66 4.28 5.11
CA MET A 10 -9.17 4.80 3.84
C MET A 10 -7.91 4.07 3.41
N ILE A 11 -7.92 3.48 2.24
CA ILE A 11 -6.80 2.68 1.75
C ILE A 11 -6.20 3.29 0.49
N LEU A 12 -4.89 3.16 0.34
CA LEU A 12 -4.19 3.71 -0.82
C LEU A 12 -3.92 2.62 -1.84
N VAL A 13 -4.53 2.75 -3.01
CA VAL A 13 -4.31 1.82 -4.10
C VAL A 13 -3.36 2.44 -5.12
N VAL A 14 -2.13 1.95 -5.13
CA VAL A 14 -1.09 2.53 -5.96
C VAL A 14 -0.52 1.51 -6.95
N ASP A 15 -0.39 1.93 -8.19
CA ASP A 15 0.37 1.19 -9.20
C ASP A 15 0.91 2.17 -10.22
N ASP A 16 2.19 2.05 -10.52
CA ASP A 16 2.84 2.93 -11.49
C ASP A 16 2.11 2.87 -12.82
N HIS A 17 1.65 1.69 -13.18
CA HIS A 17 0.95 1.49 -14.44
C HIS A 17 -0.56 1.54 -14.21
N PRO A 18 -1.36 1.72 -15.27
CA PRO A 18 -2.82 1.80 -15.12
C PRO A 18 -3.51 0.44 -14.99
N ILE A 19 -2.85 -0.63 -15.44
CA ILE A 19 -3.48 -1.94 -15.51
C ILE A 19 -3.73 -2.53 -14.12
N ASN A 20 -2.71 -2.53 -13.27
CA ASN A 20 -2.86 -3.12 -11.95
C ASN A 20 -3.49 -2.12 -11.02
N ARG A 21 -3.39 -0.86 -11.36
CA ARG A 21 -4.06 0.20 -10.61
C ARG A 21 -5.58 0.02 -10.70
N ARG A 22 -6.09 -0.13 -11.92
CA ARG A 22 -7.53 -0.29 -12.11
C ARG A 22 -8.01 -1.60 -11.50
N LEU A 23 -7.16 -2.62 -11.55
CA LEU A 23 -7.50 -3.93 -11.00
C LEU A 23 -7.55 -3.90 -9.47
N LEU A 24 -6.48 -3.40 -8.87
CA LEU A 24 -6.36 -3.36 -7.41
C LEU A 24 -7.34 -2.36 -6.81
N ALA A 25 -7.65 -1.30 -7.55
CA ALA A 25 -8.66 -0.34 -7.13
C ALA A 25 -10.04 -0.99 -7.14
N ASP A 26 -10.25 -1.89 -8.09
CA ASP A 26 -11.51 -2.64 -8.17
C ASP A 26 -11.57 -3.64 -7.02
N GLN A 27 -10.43 -4.21 -6.68
CA GLN A 27 -10.31 -5.11 -5.54
C GLN A 27 -10.71 -4.38 -4.26
N LEU A 28 -10.18 -3.17 -4.09
CA LEU A 28 -10.53 -2.34 -2.94
C LEU A 28 -12.00 -1.92 -3.02
N GLY A 29 -12.50 -1.74 -4.23
CA GLY A 29 -13.90 -1.44 -4.42
C GLY A 29 -14.78 -2.57 -3.93
N SER A 30 -14.28 -3.80 -4.07
CA SER A 30 -14.98 -4.96 -3.56
C SER A 30 -14.95 -4.98 -2.03
N LEU A 31 -13.88 -4.41 -1.47
CA LEU A 31 -13.78 -4.24 -0.02
C LEU A 31 -14.82 -3.23 0.46
N GLY A 32 -15.07 -2.23 -0.38
CA GLY A 32 -16.05 -1.22 -0.04
C GLY A 32 -15.46 -0.10 0.79
N TYR A 33 -14.15 0.09 0.66
CA TYR A 33 -13.45 1.12 1.43
C TYR A 33 -13.03 2.27 0.53
N GLN A 34 -12.57 3.35 1.15
CA GLN A 34 -12.13 4.53 0.41
C GLN A 34 -10.87 4.21 -0.40
N CYS A 35 -10.96 4.43 -1.71
CA CYS A 35 -9.84 4.13 -2.60
C CYS A 35 -9.11 5.40 -3.00
N LYS A 36 -7.91 5.57 -2.46
CA LYS A 36 -7.07 6.70 -2.84
C LYS A 36 -6.07 6.26 -3.91
N THR A 37 -6.18 6.84 -5.09
CA THR A 37 -5.38 6.41 -6.23
C THR A 37 -4.06 7.16 -6.33
N ALA A 38 -3.00 6.43 -6.63
CA ALA A 38 -1.68 7.01 -6.89
C ALA A 38 -0.93 6.12 -7.87
N ASN A 39 0.17 6.61 -8.43
CA ASN A 39 0.92 5.81 -9.40
C ASN A 39 2.42 6.03 -9.29
N ASP A 40 2.98 5.48 -8.21
CA ASP A 40 4.43 5.44 -7.96
C ASP A 40 4.67 5.11 -6.50
N GLY A 41 5.85 4.59 -6.20
CA GLY A 41 6.18 4.30 -4.82
C GLY A 41 6.35 5.57 -4.02
N VAL A 42 7.05 6.53 -4.61
CA VAL A 42 7.27 7.83 -3.97
C VAL A 42 5.99 8.65 -3.99
N ASP A 43 5.15 8.42 -4.99
CA ASP A 43 3.83 9.07 -5.08
C ASP A 43 3.04 8.82 -3.80
N ALA A 44 3.15 7.61 -3.28
CA ALA A 44 2.49 7.25 -2.02
C ALA A 44 2.97 8.13 -0.88
N LEU A 45 4.25 8.51 -0.91
CA LEU A 45 4.84 9.37 0.10
C LEU A 45 4.23 10.77 0.03
N ASN A 46 4.13 11.29 -1.19
CA ASN A 46 3.60 12.62 -1.41
C ASN A 46 2.14 12.68 -0.99
N VAL A 47 1.39 11.68 -1.43
CA VAL A 47 -0.01 11.56 -1.10
C VAL A 47 -0.21 11.43 0.40
N LEU A 48 0.69 10.70 1.06
CA LEU A 48 0.64 10.50 2.51
C LEU A 48 0.93 11.81 3.25
N SER A 49 1.85 12.60 2.70
CA SER A 49 2.24 13.86 3.31
C SER A 49 1.08 14.86 3.28
N LYS A 50 0.21 14.73 2.30
CA LYS A 50 -0.96 15.60 2.20
C LYS A 50 -2.13 15.03 2.99
N ASN A 51 -2.47 13.79 2.70
CA ASN A 51 -3.63 13.14 3.31
C ASN A 51 -3.20 11.86 4.01
N HIS A 52 -3.77 11.59 5.17
CA HIS A 52 -3.40 10.41 5.94
C HIS A 52 -4.26 9.22 5.54
N ILE A 53 -3.60 8.10 5.26
CA ILE A 53 -4.27 6.89 4.85
C ILE A 53 -3.93 5.76 5.82
N ASP A 54 -4.90 4.88 6.07
CA ASP A 54 -4.73 3.80 7.04
C ASP A 54 -3.63 2.83 6.61
N ILE A 55 -3.80 2.22 5.44
CA ILE A 55 -2.82 1.28 4.92
C ILE A 55 -2.53 1.57 3.45
N VAL A 56 -1.27 1.47 3.05
CA VAL A 56 -0.89 1.82 1.68
C VAL A 56 -0.40 0.59 0.93
N LEU A 57 -1.01 0.32 -0.21
CA LEU A 57 -0.53 -0.74 -1.10
C LEU A 57 0.03 -0.12 -2.38
N SER A 58 1.34 -0.17 -2.54
CA SER A 58 1.98 0.47 -3.70
C SER A 58 2.70 -0.55 -4.57
N ASP A 59 2.27 -0.67 -5.81
CA ASP A 59 2.89 -1.55 -6.78
C ASP A 59 3.95 -0.82 -7.58
N VAL A 60 5.18 -1.27 -7.47
CA VAL A 60 6.31 -0.66 -8.15
C VAL A 60 6.59 -1.39 -9.46
N ASN A 61 6.23 -0.76 -10.56
CA ASN A 61 6.46 -1.31 -11.89
C ASN A 61 7.72 -0.72 -12.50
N MET A 62 8.26 0.28 -11.81
CA MET A 62 9.42 1.01 -12.30
C MET A 62 10.47 1.15 -11.21
N PRO A 63 11.52 0.30 -11.24
CA PRO A 63 12.63 0.39 -10.30
C PRO A 63 13.47 1.65 -10.54
N ASN A 64 13.14 2.72 -9.84
CA ASN A 64 13.82 4.01 -9.98
C ASN A 64 15.15 4.03 -9.22
N MET A 65 15.81 2.88 -9.21
CA MET A 65 17.08 2.65 -8.51
C MET A 65 17.24 1.16 -8.29
N ASP A 66 16.35 0.62 -7.49
CA ASP A 66 16.25 -0.79 -7.21
C ASP A 66 14.95 -1.04 -6.48
N GLY A 67 14.61 -2.29 -6.20
CA GLY A 67 13.35 -2.59 -5.56
C GLY A 67 13.37 -2.34 -4.07
N TYR A 68 13.71 -1.12 -3.69
CA TYR A 68 13.82 -0.75 -2.29
C TYR A 68 13.78 0.76 -2.06
N ARG A 69 14.47 1.49 -2.91
CA ARG A 69 14.93 2.82 -2.55
C ARG A 69 13.80 3.74 -2.11
N LEU A 70 12.62 3.52 -2.64
CA LEU A 70 11.53 4.49 -2.47
C LEU A 70 11.08 4.47 -1.02
N THR A 71 11.18 3.28 -0.48
CA THR A 71 10.86 3.05 0.89
C THR A 71 11.97 3.57 1.79
N GLN A 72 13.19 3.61 1.25
CA GLN A 72 14.32 4.18 1.97
C GLN A 72 14.06 5.66 2.24
N ARG A 73 13.42 6.31 1.29
CA ARG A 73 12.97 7.69 1.46
C ARG A 73 11.98 7.76 2.62
N ILE A 74 11.06 6.80 2.68
CA ILE A 74 10.14 6.68 3.82
C ILE A 74 10.91 6.59 5.13
N ARG A 75 11.92 5.73 5.15
CA ARG A 75 12.75 5.49 6.32
C ARG A 75 13.44 6.78 6.78
N GLN A 76 13.97 7.53 5.83
CA GLN A 76 14.67 8.77 6.14
C GLN A 76 13.72 9.80 6.71
N LEU A 77 12.47 9.78 6.25
CA LEU A 77 11.45 10.68 6.78
C LEU A 77 11.02 10.25 8.17
N GLY A 78 10.96 8.94 8.38
CA GLY A 78 10.63 8.41 9.69
C GLY A 78 9.15 8.15 9.86
N LEU A 79 8.46 7.89 8.75
CA LEU A 79 7.02 7.63 8.79
C LEU A 79 6.76 6.18 9.13
N THR A 80 6.12 5.96 10.28
CA THR A 80 5.80 4.62 10.74
C THR A 80 4.52 4.11 10.07
N LEU A 81 4.50 4.19 8.75
CA LEU A 81 3.33 3.83 7.97
C LEU A 81 3.46 2.41 7.44
N PRO A 82 2.43 1.57 7.63
CA PRO A 82 2.41 0.20 7.14
C PRO A 82 2.27 0.14 5.61
N VAL A 83 3.36 -0.20 4.94
CA VAL A 83 3.35 -0.24 3.48
C VAL A 83 3.35 -1.68 2.97
N ILE A 84 2.28 -2.03 2.29
CA ILE A 84 2.17 -3.31 1.61
C ILE A 84 2.74 -3.15 0.20
N GLY A 85 3.98 -3.54 0.01
CA GLY A 85 4.66 -3.27 -1.23
C GLY A 85 4.51 -4.36 -2.25
N VAL A 86 4.00 -4.00 -3.42
CA VAL A 86 3.92 -4.90 -4.55
C VAL A 86 5.05 -4.57 -5.51
N THR A 87 5.60 -5.55 -6.20
CA THR A 87 6.73 -5.30 -7.07
C THR A 87 6.69 -6.17 -8.31
N ALA A 88 7.13 -5.62 -9.44
CA ALA A 88 7.19 -6.36 -10.68
C ALA A 88 8.61 -6.85 -10.96
N ASN A 89 8.81 -8.16 -10.76
CA ASN A 89 10.10 -8.81 -11.04
C ASN A 89 11.26 -8.10 -10.37
N ALA A 90 11.12 -7.86 -9.07
CA ALA A 90 12.19 -7.29 -8.28
C ALA A 90 12.93 -8.39 -7.55
N LEU A 91 14.05 -8.82 -8.11
CA LEU A 91 14.86 -9.87 -7.51
C LEU A 91 15.63 -9.35 -6.30
N ALA A 92 15.79 -10.21 -5.29
CA ALA A 92 16.53 -9.89 -4.07
C ALA A 92 15.90 -8.73 -3.30
N GLU A 93 14.58 -8.64 -3.37
CA GLU A 93 13.87 -7.55 -2.72
C GLU A 93 13.84 -7.74 -1.21
N GLU A 94 14.11 -8.96 -0.74
CA GLU A 94 14.19 -9.22 0.69
C GLU A 94 15.29 -8.38 1.32
N LYS A 95 16.49 -8.48 0.75
CA LYS A 95 17.64 -7.74 1.25
C LYS A 95 17.45 -6.24 1.05
N GLN A 96 16.85 -5.87 -0.07
CA GLN A 96 16.62 -4.45 -0.35
C GLN A 96 15.61 -3.89 0.63
N ARG A 97 14.69 -4.74 1.08
CA ARG A 97 13.68 -4.34 2.06
C ARG A 97 14.34 -3.99 3.38
N CYS A 98 15.35 -4.72 3.77
CA CYS A 98 16.13 -4.36 4.95
C CYS A 98 16.79 -3.00 4.74
N LEU A 99 17.15 -2.72 3.49
CA LEU A 99 17.79 -1.47 3.14
C LEU A 99 16.84 -0.28 3.22
N GLU A 100 15.64 -0.38 2.63
CA GLU A 100 14.71 0.75 2.68
C GLU A 100 14.08 0.83 4.07
N SER A 101 13.65 -0.33 4.57
CA SER A 101 13.07 -0.46 5.90
C SER A 101 11.91 0.51 6.14
N GLY A 102 10.95 0.53 5.23
CA GLY A 102 9.78 1.35 5.43
C GLY A 102 8.48 0.66 5.08
N MET A 103 8.58 -0.49 4.41
CA MET A 103 7.40 -1.18 3.91
C MET A 103 6.77 -2.04 5.00
N ASP A 104 6.82 -3.36 4.80
CA ASP A 104 6.34 -4.37 5.75
C ASP A 104 6.02 -5.65 4.99
N SER A 105 5.13 -5.53 4.01
CA SER A 105 4.69 -6.67 3.22
C SER A 105 5.36 -6.67 1.86
N CYS A 106 5.60 -7.86 1.32
CA CYS A 106 6.23 -8.00 0.02
C CYS A 106 5.39 -8.91 -0.87
N LEU A 107 4.90 -8.37 -1.98
CA LEU A 107 4.11 -9.13 -2.94
C LEU A 107 4.58 -8.82 -4.36
N SER A 108 4.06 -9.55 -5.32
CA SER A 108 4.43 -9.36 -6.72
C SER A 108 3.26 -8.79 -7.51
N LYS A 109 3.58 -8.11 -8.60
CA LYS A 109 2.58 -7.45 -9.46
C LYS A 109 1.34 -8.34 -9.74
N PRO A 110 1.52 -9.62 -10.15
CA PRO A 110 0.40 -10.55 -10.36
C PRO A 110 -0.35 -10.88 -9.05
N VAL A 111 -0.99 -9.89 -8.50
CA VAL A 111 -1.79 -10.04 -7.29
C VAL A 111 -3.22 -10.46 -7.66
N THR A 112 -3.96 -10.95 -6.68
CA THR A 112 -5.33 -11.40 -6.89
C THR A 112 -6.25 -10.89 -5.77
N LEU A 113 -7.56 -11.04 -5.97
CA LEU A 113 -8.54 -10.53 -5.01
C LEU A 113 -8.38 -11.18 -3.63
N ASP A 114 -8.25 -12.50 -3.61
CA ASP A 114 -8.15 -13.22 -2.34
C ASP A 114 -6.86 -12.83 -1.63
N VAL A 115 -5.79 -12.75 -2.39
CA VAL A 115 -4.48 -12.38 -1.85
C VAL A 115 -4.51 -10.98 -1.26
N ILE A 116 -5.07 -10.03 -1.99
CA ILE A 116 -5.13 -8.65 -1.54
C ILE A 116 -6.06 -8.51 -0.34
N LYS A 117 -7.10 -9.34 -0.31
CA LYS A 117 -8.03 -9.35 0.81
C LYS A 117 -7.35 -9.88 2.06
N GLN A 118 -6.46 -10.85 1.88
CA GLN A 118 -5.72 -11.41 2.99
C GLN A 118 -4.86 -10.34 3.65
N THR A 119 -4.03 -9.68 2.87
CA THR A 119 -3.15 -8.64 3.39
C THR A 119 -3.96 -7.46 3.94
N LEU A 120 -4.99 -7.06 3.19
CA LEU A 120 -5.87 -5.97 3.60
C LEU A 120 -6.46 -6.21 4.98
N THR A 121 -7.12 -7.35 5.12
CA THR A 121 -7.83 -7.68 6.35
C THR A 121 -6.87 -7.98 7.50
N LEU A 122 -5.76 -8.65 7.21
CA LEU A 122 -4.79 -9.01 8.23
C LEU A 122 -4.12 -7.76 8.80
N TYR A 123 -3.80 -6.81 7.92
CA TYR A 123 -3.17 -5.57 8.34
C TYR A 123 -4.20 -4.64 8.98
N ALA A 124 -5.46 -4.82 8.60
CA ALA A 124 -6.56 -4.08 9.20
C ALA A 124 -6.72 -4.48 10.67
N GLU A 125 -6.64 -5.78 10.93
CA GLU A 125 -6.69 -6.28 12.30
C GLU A 125 -5.47 -5.80 13.08
N ARG A 126 -4.35 -5.66 12.37
CA ARG A 126 -3.10 -5.25 12.99
C ARG A 126 -3.18 -3.79 13.43
N VAL A 127 -3.66 -2.92 12.55
CA VAL A 127 -3.79 -1.51 12.88
C VAL A 127 -4.91 -1.32 13.89
N ARG A 128 -5.91 -2.19 13.84
CA ARG A 128 -6.98 -2.17 14.82
C ARG A 128 -6.43 -2.44 16.21
N LYS A 129 -5.59 -3.48 16.32
CA LYS A 129 -4.94 -3.81 17.58
C LYS A 129 -4.03 -2.66 18.03
N SER A 130 -3.44 -1.97 17.05
CA SER A 130 -2.56 -0.85 17.33
C SER A 130 -3.35 0.33 17.91
N ARG A 131 -4.59 0.49 17.44
CA ARG A 131 -5.46 1.56 17.92
C ARG A 131 -6.01 1.21 19.30
N ASP A 132 -6.68 0.07 19.37
CA ASP A 132 -7.28 -0.39 20.62
C ASP A 132 -6.88 -1.84 20.89
N SER A 133 -6.49 -2.11 22.12
CA SER A 133 -6.01 -3.42 22.50
C SER A 133 -7.09 -4.20 23.23
N LYS A 1 -33.12 7.97 10.80
CA LYS A 1 -32.24 8.92 11.52
C LYS A 1 -31.09 9.35 10.61
N ALA A 2 -29.99 9.79 11.21
CA ALA A 2 -28.82 10.20 10.45
C ALA A 2 -27.83 9.06 10.34
N VAL A 3 -27.30 8.85 9.14
CA VAL A 3 -26.30 7.82 8.92
C VAL A 3 -24.90 8.41 9.10
N SER A 4 -24.25 8.05 10.20
CA SER A 4 -22.96 8.60 10.55
C SER A 4 -21.82 7.79 9.90
N ASP A 5 -21.76 7.83 8.58
CA ASP A 5 -20.69 7.16 7.85
C ASP A 5 -19.77 8.20 7.23
N ASN A 6 -18.60 7.76 6.81
CA ASN A 6 -17.63 8.64 6.19
C ASN A 6 -16.82 7.87 5.17
N ASP A 7 -16.03 6.92 5.67
CA ASP A 7 -15.16 6.13 4.83
C ASP A 7 -14.49 5.03 5.64
N ASP A 8 -14.20 5.35 6.91
CA ASP A 8 -13.74 4.36 7.91
C ASP A 8 -12.29 3.96 7.71
N MET A 9 -11.94 3.53 6.51
CA MET A 9 -10.59 3.09 6.22
C MET A 9 -10.12 3.63 4.87
N MET A 10 -9.14 4.53 4.91
CA MET A 10 -8.56 5.09 3.69
C MET A 10 -7.30 4.34 3.31
N ILE A 11 -7.40 3.58 2.23
CA ILE A 11 -6.29 2.78 1.74
C ILE A 11 -5.67 3.41 0.50
N LEU A 12 -4.37 3.28 0.34
CA LEU A 12 -3.67 3.85 -0.80
C LEU A 12 -3.38 2.77 -1.84
N VAL A 13 -4.11 2.82 -2.94
CA VAL A 13 -3.91 1.88 -4.03
C VAL A 13 -2.96 2.49 -5.07
N VAL A 14 -1.71 2.07 -5.02
CA VAL A 14 -0.69 2.62 -5.88
C VAL A 14 -0.24 1.61 -6.93
N ASP A 15 0.03 2.09 -8.12
CA ASP A 15 0.55 1.26 -9.20
C ASP A 15 1.36 2.14 -10.15
N ASP A 16 2.41 1.57 -10.74
CA ASP A 16 3.31 2.29 -11.63
C ASP A 16 2.59 2.76 -12.90
N HIS A 17 1.47 2.13 -13.22
CA HIS A 17 0.65 2.54 -14.36
C HIS A 17 -0.82 2.63 -13.92
N PRO A 18 -1.78 2.94 -14.82
CA PRO A 18 -3.20 2.99 -14.48
C PRO A 18 -3.89 1.62 -14.47
N ILE A 19 -3.39 0.69 -15.29
CA ILE A 19 -4.08 -0.57 -15.52
C ILE A 19 -4.20 -1.43 -14.25
N ASN A 20 -3.12 -1.61 -13.51
CA ASN A 20 -3.17 -2.44 -12.31
C ASN A 20 -3.71 -1.64 -11.15
N ARG A 21 -3.57 -0.32 -11.25
CA ARG A 21 -4.17 0.60 -10.29
C ARG A 21 -5.68 0.41 -10.25
N ARG A 22 -6.31 0.44 -11.42
CA ARG A 22 -7.76 0.28 -11.51
C ARG A 22 -8.17 -1.15 -11.18
N LEU A 23 -7.29 -2.11 -11.47
CA LEU A 23 -7.60 -3.50 -11.18
C LEU A 23 -7.57 -3.78 -9.68
N LEU A 24 -6.55 -3.29 -9.00
CA LEU A 24 -6.41 -3.51 -7.57
C LEU A 24 -7.41 -2.66 -6.79
N ALA A 25 -7.74 -1.48 -7.33
CA ALA A 25 -8.79 -0.65 -6.76
C ALA A 25 -10.15 -1.28 -6.99
N ASP A 26 -10.24 -2.06 -8.06
CA ASP A 26 -11.44 -2.82 -8.38
C ASP A 26 -11.68 -3.87 -7.31
N GLN A 27 -10.62 -4.58 -6.95
CA GLN A 27 -10.68 -5.58 -5.90
C GLN A 27 -11.04 -4.95 -4.55
N LEU A 28 -10.50 -3.76 -4.31
CA LEU A 28 -10.81 -3.00 -3.09
C LEU A 28 -12.28 -2.58 -3.10
N GLY A 29 -12.81 -2.35 -4.29
CA GLY A 29 -14.21 -2.03 -4.43
C GLY A 29 -15.10 -3.19 -4.00
N SER A 30 -14.65 -4.41 -4.25
CA SER A 30 -15.36 -5.58 -3.78
C SER A 30 -15.27 -5.67 -2.25
N LEU A 31 -14.13 -5.27 -1.71
CA LEU A 31 -13.92 -5.23 -0.27
C LEU A 31 -14.86 -4.21 0.37
N GLY A 32 -14.89 -3.02 -0.20
CA GLY A 32 -15.77 -1.97 0.29
C GLY A 32 -15.03 -0.94 1.12
N TYR A 33 -13.80 -0.62 0.74
CA TYR A 33 -13.00 0.35 1.47
C TYR A 33 -12.52 1.46 0.54
N GLN A 34 -12.19 2.62 1.12
CA GLN A 34 -11.83 3.79 0.35
C GLN A 34 -10.48 3.61 -0.33
N CYS A 35 -10.46 3.80 -1.64
CA CYS A 35 -9.25 3.59 -2.42
C CYS A 35 -8.77 4.91 -3.02
N LYS A 36 -7.58 5.33 -2.62
CA LYS A 36 -6.95 6.51 -3.19
C LYS A 36 -5.88 6.08 -4.19
N THR A 37 -6.05 6.45 -5.44
CA THR A 37 -5.20 5.95 -6.52
C THR A 37 -3.98 6.83 -6.75
N ALA A 38 -2.80 6.29 -6.46
CA ALA A 38 -1.54 7.04 -6.60
C ALA A 38 -0.64 6.35 -7.61
N ASN A 39 0.30 7.08 -8.21
CA ASN A 39 1.08 6.54 -9.31
C ASN A 39 2.58 6.77 -9.11
N ASP A 40 3.16 6.04 -8.14
CA ASP A 40 4.61 5.91 -7.94
C ASP A 40 4.88 5.45 -6.53
N GLY A 41 6.08 4.93 -6.29
CA GLY A 41 6.46 4.60 -4.93
C GLY A 41 6.65 5.85 -4.10
N VAL A 42 7.24 6.87 -4.72
CA VAL A 42 7.41 8.15 -4.06
C VAL A 42 6.08 8.90 -3.98
N ASP A 43 5.20 8.64 -4.96
CA ASP A 43 3.88 9.27 -5.00
C ASP A 43 3.08 8.91 -3.77
N ALA A 44 3.32 7.72 -3.25
CA ALA A 44 2.69 7.29 -2.00
C ALA A 44 3.05 8.25 -0.87
N LEU A 45 4.31 8.69 -0.85
CA LEU A 45 4.80 9.61 0.18
C LEU A 45 4.21 10.99 -0.03
N ASN A 46 4.10 11.38 -1.30
CA ASN A 46 3.53 12.67 -1.67
C ASN A 46 2.07 12.75 -1.23
N VAL A 47 1.30 11.73 -1.57
CA VAL A 47 -0.10 11.67 -1.22
C VAL A 47 -0.28 11.53 0.29
N LEU A 48 0.61 10.79 0.93
CA LEU A 48 0.57 10.62 2.38
C LEU A 48 0.80 11.94 3.09
N SER A 49 1.61 12.80 2.48
CA SER A 49 1.86 14.12 3.03
C SER A 49 0.60 14.97 2.95
N LYS A 50 -0.16 14.81 1.86
CA LYS A 50 -1.42 15.53 1.69
C LYS A 50 -2.47 15.03 2.67
N ASN A 51 -2.59 13.72 2.77
CA ASN A 51 -3.56 13.10 3.68
C ASN A 51 -3.00 11.81 4.26
N HIS A 52 -3.17 11.62 5.57
CA HIS A 52 -2.66 10.44 6.24
C HIS A 52 -3.48 9.21 5.91
N ILE A 53 -3.01 8.43 4.95
CA ILE A 53 -3.63 7.17 4.58
C ILE A 53 -3.27 6.09 5.60
N ASP A 54 -4.18 5.15 5.82
CA ASP A 54 -3.99 4.10 6.83
C ASP A 54 -2.95 3.09 6.38
N ILE A 55 -3.23 2.38 5.29
CA ILE A 55 -2.33 1.37 4.77
C ILE A 55 -2.01 1.66 3.30
N VAL A 56 -0.76 1.44 2.90
CA VAL A 56 -0.33 1.71 1.53
C VAL A 56 0.05 0.43 0.81
N LEU A 57 -0.48 0.25 -0.40
CA LEU A 57 -0.08 -0.86 -1.27
C LEU A 57 0.44 -0.29 -2.58
N SER A 58 1.76 -0.20 -2.70
CA SER A 58 2.37 0.41 -3.87
C SER A 58 2.94 -0.65 -4.81
N ASP A 59 2.18 -0.95 -5.85
CA ASP A 59 2.66 -1.78 -6.95
C ASP A 59 3.66 -1.01 -7.80
N VAL A 60 4.88 -1.50 -7.85
CA VAL A 60 5.92 -0.87 -8.62
C VAL A 60 6.54 -1.84 -9.61
N ASN A 61 6.43 -1.51 -10.89
CA ASN A 61 7.04 -2.31 -11.94
C ASN A 61 8.48 -1.86 -12.13
N MET A 62 9.24 -1.95 -11.06
CA MET A 62 10.60 -1.45 -11.02
C MET A 62 11.45 -2.32 -10.11
N PRO A 63 11.99 -3.42 -10.66
CA PRO A 63 12.81 -4.36 -9.92
C PRO A 63 14.30 -4.00 -10.02
N ASN A 64 14.87 -4.20 -11.19
CA ASN A 64 16.27 -3.87 -11.43
C ASN A 64 16.45 -2.36 -11.52
N MET A 65 17.44 -1.85 -10.78
CA MET A 65 17.77 -0.43 -10.73
C MET A 65 16.93 0.31 -9.68
N ASP A 66 17.53 0.50 -8.51
CA ASP A 66 16.92 1.25 -7.40
C ASP A 66 15.66 0.57 -6.85
N GLY A 67 15.49 -0.71 -7.17
CA GLY A 67 14.38 -1.47 -6.64
C GLY A 67 14.58 -1.77 -5.16
N TYR A 68 13.77 -1.08 -4.32
CA TYR A 68 13.91 -1.02 -2.85
C TYR A 68 13.94 0.43 -2.42
N ARG A 69 14.62 1.22 -3.20
CA ARG A 69 15.09 2.50 -2.75
C ARG A 69 13.95 3.44 -2.33
N LEU A 70 12.78 3.20 -2.88
CA LEU A 70 11.67 4.13 -2.70
C LEU A 70 11.20 4.06 -1.26
N THR A 71 11.24 2.86 -0.73
CA THR A 71 10.90 2.62 0.65
C THR A 71 12.00 3.15 1.56
N GLN A 72 13.22 3.20 1.04
CA GLN A 72 14.32 3.81 1.78
C GLN A 72 13.99 5.27 2.09
N ARG A 73 13.36 5.92 1.13
CA ARG A 73 12.87 7.28 1.33
C ARG A 73 11.78 7.30 2.39
N ILE A 74 10.93 6.26 2.41
CA ILE A 74 9.88 6.15 3.40
C ILE A 74 10.44 6.19 4.83
N ARG A 75 11.45 5.37 5.10
CA ARG A 75 12.03 5.30 6.44
C ARG A 75 12.83 6.56 6.75
N GLN A 76 13.36 7.20 5.71
CA GLN A 76 14.13 8.44 5.89
C GLN A 76 13.19 9.59 6.20
N LEU A 77 11.96 9.50 5.72
CA LEU A 77 10.94 10.50 6.00
C LEU A 77 10.39 10.29 7.40
N GLY A 78 10.53 9.08 7.92
CA GLY A 78 10.09 8.78 9.26
C GLY A 78 8.59 8.58 9.35
N LEU A 79 8.07 7.62 8.60
CA LEU A 79 6.66 7.31 8.65
C LEU A 79 6.42 6.13 9.59
N THR A 80 5.28 6.13 10.26
CA THR A 80 4.96 5.07 11.20
C THR A 80 3.80 4.21 10.68
N LEU A 81 3.44 4.42 9.42
CA LEU A 81 2.33 3.71 8.83
C LEU A 81 2.80 2.40 8.20
N PRO A 82 1.92 1.39 8.12
CA PRO A 82 2.23 0.09 7.54
C PRO A 82 2.31 0.15 6.02
N VAL A 83 3.48 -0.17 5.47
CA VAL A 83 3.67 -0.11 4.03
C VAL A 83 3.79 -1.50 3.43
N ILE A 84 3.02 -1.74 2.40
CA ILE A 84 3.13 -2.96 1.63
C ILE A 84 3.60 -2.63 0.22
N GLY A 85 4.56 -3.38 -0.27
CA GLY A 85 5.22 -3.03 -1.50
C GLY A 85 5.13 -4.17 -2.47
N VAL A 86 4.21 -4.04 -3.40
CA VAL A 86 4.02 -5.07 -4.38
C VAL A 86 4.97 -4.82 -5.56
N THR A 87 5.68 -5.84 -5.98
CA THR A 87 6.74 -5.68 -6.97
C THR A 87 6.63 -6.73 -8.07
N ALA A 88 7.36 -6.53 -9.16
CA ALA A 88 7.29 -7.44 -10.30
C ALA A 88 8.68 -7.89 -10.72
N ASN A 89 8.88 -9.21 -10.73
CA ASN A 89 10.14 -9.82 -11.18
C ASN A 89 11.33 -9.30 -10.36
N ALA A 90 11.13 -9.16 -9.07
CA ALA A 90 12.18 -8.70 -8.18
C ALA A 90 12.91 -9.89 -7.57
N LEU A 91 12.16 -10.97 -7.33
CA LEU A 91 12.68 -12.20 -6.73
C LEU A 91 13.07 -11.98 -5.27
N ALA A 92 14.04 -11.12 -5.05
CA ALA A 92 14.51 -10.80 -3.71
C ALA A 92 13.73 -9.61 -3.14
N GLU A 93 12.41 -9.76 -3.11
CA GLU A 93 11.53 -8.70 -2.64
C GLU A 93 11.72 -8.48 -1.15
N GLU A 94 11.95 -9.57 -0.42
CA GLU A 94 12.20 -9.50 1.01
C GLU A 94 13.57 -8.86 1.25
N LYS A 95 14.45 -9.01 0.27
CA LYS A 95 15.77 -8.42 0.37
C LYS A 95 15.69 -6.90 0.26
N GLN A 96 14.72 -6.40 -0.51
CA GLN A 96 14.53 -4.96 -0.53
C GLN A 96 14.02 -4.51 0.82
N ARG A 97 13.09 -5.26 1.40
CA ARG A 97 12.53 -4.91 2.70
C ARG A 97 13.63 -4.69 3.74
N CYS A 98 14.68 -5.48 3.66
CA CYS A 98 15.82 -5.30 4.54
C CYS A 98 16.68 -4.10 4.12
N LEU A 99 16.77 -3.87 2.81
CA LEU A 99 17.60 -2.80 2.27
C LEU A 99 17.02 -1.41 2.56
N GLU A 100 15.76 -1.19 2.19
CA GLU A 100 15.09 0.07 2.44
C GLU A 100 14.63 0.16 3.90
N SER A 101 14.06 -0.93 4.39
CA SER A 101 13.58 -1.04 5.77
C SER A 101 12.63 0.09 6.16
N GLY A 102 11.60 0.30 5.34
CA GLY A 102 10.58 1.27 5.69
C GLY A 102 9.20 0.80 5.30
N MET A 103 9.09 -0.46 4.92
CA MET A 103 7.83 -1.01 4.41
C MET A 103 7.09 -1.78 5.51
N ASP A 104 7.15 -3.10 5.39
CA ASP A 104 6.57 -4.05 6.34
C ASP A 104 6.44 -5.39 5.66
N SER A 105 5.78 -5.40 4.51
CA SER A 105 5.61 -6.62 3.73
C SER A 105 5.71 -6.32 2.24
N CYS A 106 6.14 -7.31 1.47
CA CYS A 106 6.25 -7.17 0.03
C CYS A 106 5.35 -8.17 -0.68
N LEU A 107 4.75 -7.76 -1.78
CA LEU A 107 3.85 -8.63 -2.55
C LEU A 107 4.30 -8.70 -4.00
N SER A 108 3.52 -9.38 -4.81
CA SER A 108 3.78 -9.45 -6.23
C SER A 108 2.74 -8.63 -6.98
N LYS A 109 3.12 -8.12 -8.15
CA LYS A 109 2.30 -7.18 -8.93
C LYS A 109 0.82 -7.58 -9.01
N PRO A 110 0.48 -8.76 -9.57
CA PRO A 110 -0.91 -9.13 -9.77
C PRO A 110 -1.54 -9.75 -8.53
N VAL A 111 -1.77 -8.92 -7.53
CA VAL A 111 -2.52 -9.33 -6.34
C VAL A 111 -3.99 -9.57 -6.69
N THR A 112 -4.40 -10.84 -6.66
CA THR A 112 -5.78 -11.20 -6.97
C THR A 112 -6.71 -10.89 -5.81
N LEU A 113 -8.01 -11.16 -5.99
CA LEU A 113 -9.02 -10.91 -4.97
C LEU A 113 -8.68 -11.63 -3.66
N ASP A 114 -8.24 -12.88 -3.77
CA ASP A 114 -7.94 -13.68 -2.59
C ASP A 114 -6.82 -13.05 -1.78
N VAL A 115 -5.68 -12.83 -2.41
CA VAL A 115 -4.54 -12.23 -1.73
C VAL A 115 -4.87 -10.82 -1.22
N ILE A 116 -5.66 -10.08 -1.99
CA ILE A 116 -6.05 -8.73 -1.59
C ILE A 116 -6.89 -8.78 -0.32
N LYS A 117 -7.78 -9.77 -0.23
CA LYS A 117 -8.60 -9.95 0.96
C LYS A 117 -7.74 -10.39 2.13
N GLN A 118 -6.77 -11.26 1.85
CA GLN A 118 -5.84 -11.75 2.86
C GLN A 118 -5.08 -10.60 3.49
N THR A 119 -4.47 -9.78 2.64
CA THR A 119 -3.67 -8.67 3.10
C THR A 119 -4.52 -7.57 3.74
N LEU A 120 -5.66 -7.27 3.14
CA LEU A 120 -6.53 -6.21 3.64
C LEU A 120 -7.07 -6.56 5.03
N THR A 121 -7.55 -7.79 5.19
CA THR A 121 -8.11 -8.23 6.46
C THR A 121 -7.03 -8.29 7.54
N LEU A 122 -5.86 -8.83 7.19
CA LEU A 122 -4.78 -8.98 8.15
C LEU A 122 -4.24 -7.62 8.59
N TYR A 123 -4.17 -6.68 7.65
CA TYR A 123 -3.64 -5.36 7.96
C TYR A 123 -4.67 -4.51 8.69
N ALA A 124 -5.94 -4.69 8.35
CA ALA A 124 -7.02 -3.96 9.00
C ALA A 124 -7.06 -4.28 10.50
N GLU A 125 -6.98 -5.56 10.82
CA GLU A 125 -6.99 -5.97 12.22
C GLU A 125 -5.70 -5.53 12.90
N ARG A 126 -4.60 -5.50 12.15
CA ARG A 126 -3.30 -5.10 12.68
C ARG A 126 -3.32 -3.64 13.10
N VAL A 127 -3.80 -2.77 12.21
CA VAL A 127 -3.79 -1.34 12.49
C VAL A 127 -4.75 -1.02 13.64
N ARG A 128 -5.81 -1.79 13.76
CA ARG A 128 -6.78 -1.61 14.83
C ARG A 128 -6.17 -1.94 16.18
N LYS A 129 -5.55 -3.11 16.29
CA LYS A 129 -5.02 -3.58 17.56
C LYS A 129 -3.71 -2.87 17.92
N SER A 130 -3.01 -2.37 16.92
CA SER A 130 -1.78 -1.63 17.17
C SER A 130 -2.09 -0.17 17.50
N ARG A 131 -3.30 0.26 17.15
CA ARG A 131 -3.75 1.60 17.51
C ARG A 131 -4.32 1.60 18.92
N ASP A 132 -5.34 0.77 19.16
CA ASP A 132 -5.96 0.70 20.47
C ASP A 132 -6.99 -0.44 20.53
N SER A 133 -8.20 -0.14 20.07
CA SER A 133 -9.33 -1.04 20.24
C SER A 133 -9.43 -2.05 19.09
N LYS A 1 -31.01 4.67 17.58
CA LYS A 1 -31.61 5.52 16.53
C LYS A 1 -30.78 6.78 16.32
N ALA A 2 -29.73 6.65 15.52
CA ALA A 2 -28.85 7.77 15.22
C ALA A 2 -28.10 7.53 13.92
N VAL A 3 -27.33 8.52 13.48
CA VAL A 3 -26.54 8.39 12.26
C VAL A 3 -25.44 7.35 12.45
N SER A 4 -25.49 6.31 11.64
CA SER A 4 -24.54 5.21 11.74
C SER A 4 -23.18 5.59 11.15
N ASP A 5 -22.15 5.58 11.98
CA ASP A 5 -20.80 5.82 11.51
C ASP A 5 -20.11 4.50 11.17
N ASN A 6 -19.53 4.45 9.99
CA ASN A 6 -18.82 3.25 9.54
C ASN A 6 -17.44 3.22 10.18
N ASP A 7 -16.58 4.08 9.67
CA ASP A 7 -15.19 4.13 10.06
C ASP A 7 -14.52 5.24 9.26
N ASP A 8 -13.41 4.91 8.62
CA ASP A 8 -12.71 5.79 7.69
C ASP A 8 -11.41 5.14 7.27
N MET A 9 -11.51 3.91 6.80
CA MET A 9 -10.33 3.16 6.39
C MET A 9 -9.84 3.65 5.03
N MET A 10 -8.93 4.62 5.06
CA MET A 10 -8.35 5.15 3.85
C MET A 10 -7.06 4.41 3.52
N ILE A 11 -7.09 3.65 2.44
CA ILE A 11 -5.94 2.88 2.03
C ILE A 11 -5.31 3.48 0.78
N LEU A 12 -4.00 3.50 0.73
CA LEU A 12 -3.29 4.03 -0.41
C LEU A 12 -2.96 2.91 -1.38
N VAL A 13 -3.72 2.86 -2.45
CA VAL A 13 -3.53 1.86 -3.48
C VAL A 13 -2.71 2.46 -4.63
N VAL A 14 -1.41 2.23 -4.57
CA VAL A 14 -0.49 2.78 -5.55
C VAL A 14 -0.07 1.69 -6.54
N ASP A 15 0.10 2.06 -7.79
CA ASP A 15 0.60 1.13 -8.80
C ASP A 15 1.17 1.92 -9.98
N ASP A 16 2.24 1.41 -10.58
CA ASP A 16 2.92 2.10 -11.67
C ASP A 16 2.37 1.73 -13.03
N HIS A 17 1.71 0.58 -13.11
CA HIS A 17 1.17 0.10 -14.38
C HIS A 17 -0.35 0.05 -14.31
N PRO A 18 -1.01 1.16 -14.73
CA PRO A 18 -2.44 1.45 -14.47
C PRO A 18 -3.41 0.29 -14.66
N ILE A 19 -3.04 -0.71 -15.45
CA ILE A 19 -3.86 -1.89 -15.64
C ILE A 19 -4.15 -2.55 -14.28
N ASN A 20 -3.15 -2.54 -13.41
CA ASN A 20 -3.32 -3.13 -12.09
C ASN A 20 -4.03 -2.16 -11.17
N ARG A 21 -3.74 -0.87 -11.33
CA ARG A 21 -4.42 0.18 -10.57
C ARG A 21 -5.93 0.09 -10.72
N ARG A 22 -6.39 -0.13 -11.95
CA ARG A 22 -7.83 -0.27 -12.19
C ARG A 22 -8.34 -1.57 -11.59
N LEU A 23 -7.49 -2.61 -11.62
CA LEU A 23 -7.86 -3.90 -11.06
C LEU A 23 -8.07 -3.80 -9.54
N LEU A 24 -7.12 -3.19 -8.83
CA LEU A 24 -7.27 -3.00 -7.38
C LEU A 24 -8.35 -1.97 -7.10
N ALA A 25 -8.59 -1.06 -8.03
CA ALA A 25 -9.67 -0.10 -7.85
C ALA A 25 -11.00 -0.84 -7.72
N ASP A 26 -11.13 -1.88 -8.53
CA ASP A 26 -12.30 -2.73 -8.51
C ASP A 26 -12.29 -3.66 -7.29
N GLN A 27 -11.16 -4.32 -7.08
CA GLN A 27 -11.03 -5.31 -6.00
C GLN A 27 -11.10 -4.64 -4.62
N LEU A 28 -10.27 -3.62 -4.41
CA LEU A 28 -10.29 -2.86 -3.16
C LEU A 28 -11.65 -2.20 -2.96
N GLY A 29 -12.22 -1.72 -4.05
CA GLY A 29 -13.56 -1.16 -4.02
C GLY A 29 -14.60 -2.16 -3.57
N SER A 30 -14.41 -3.43 -3.94
CA SER A 30 -15.31 -4.50 -3.54
C SER A 30 -15.15 -4.80 -2.04
N LEU A 31 -13.97 -4.49 -1.51
CA LEU A 31 -13.71 -4.65 -0.09
C LEU A 31 -14.44 -3.59 0.71
N GLY A 32 -14.86 -2.53 0.03
CA GLY A 32 -15.62 -1.48 0.66
C GLY A 32 -14.74 -0.44 1.33
N TYR A 33 -13.45 -0.52 1.09
CA TYR A 33 -12.51 0.41 1.72
C TYR A 33 -12.22 1.60 0.80
N GLN A 34 -11.72 2.69 1.40
CA GLN A 34 -11.42 3.89 0.66
C GLN A 34 -10.17 3.71 -0.17
N CYS A 35 -10.32 3.65 -1.48
CA CYS A 35 -9.20 3.45 -2.37
C CYS A 35 -8.63 4.78 -2.84
N LYS A 36 -7.44 5.12 -2.36
CA LYS A 36 -6.76 6.33 -2.81
C LYS A 36 -5.70 5.93 -3.81
N THR A 37 -5.92 6.25 -5.08
CA THR A 37 -5.05 5.77 -6.15
C THR A 37 -3.88 6.72 -6.40
N ALA A 38 -2.70 6.14 -6.52
CA ALA A 38 -1.49 6.90 -6.78
C ALA A 38 -0.61 6.15 -7.77
N ASN A 39 0.47 6.80 -8.23
CA ASN A 39 1.33 6.19 -9.23
C ASN A 39 2.78 6.65 -9.07
N ASP A 40 3.43 6.11 -8.03
CA ASP A 40 4.88 6.24 -7.82
C ASP A 40 5.21 5.92 -6.37
N GLY A 41 6.47 5.60 -6.10
CA GLY A 41 6.89 5.44 -4.73
C GLY A 41 6.97 6.77 -4.03
N VAL A 42 7.47 7.78 -4.74
CA VAL A 42 7.55 9.13 -4.21
C VAL A 42 6.17 9.78 -4.15
N ASP A 43 5.29 9.38 -5.06
CA ASP A 43 3.91 9.85 -5.07
C ASP A 43 3.24 9.57 -3.72
N ALA A 44 3.59 8.42 -3.14
CA ALA A 44 3.10 8.05 -1.82
C ALA A 44 3.49 9.09 -0.77
N LEU A 45 4.73 9.56 -0.86
CA LEU A 45 5.21 10.61 0.04
C LEU A 45 4.36 11.87 -0.11
N ASN A 46 4.12 12.23 -1.36
CA ASN A 46 3.39 13.45 -1.70
C ASN A 46 1.96 13.37 -1.15
N VAL A 47 1.25 12.30 -1.46
CA VAL A 47 -0.15 12.17 -1.05
C VAL A 47 -0.27 11.99 0.46
N LEU A 48 0.70 11.32 1.07
CA LEU A 48 0.70 11.10 2.51
C LEU A 48 0.83 12.42 3.27
N SER A 49 1.55 13.36 2.69
CA SER A 49 1.74 14.66 3.30
C SER A 49 0.52 15.55 3.08
N LYS A 50 -0.19 15.30 1.98
CA LYS A 50 -1.36 16.08 1.64
C LYS A 50 -2.58 15.63 2.45
N ASN A 51 -2.90 14.36 2.36
CA ASN A 51 -4.06 13.80 3.05
C ASN A 51 -3.62 12.67 3.97
N HIS A 52 -4.43 12.35 4.96
CA HIS A 52 -4.08 11.30 5.89
C HIS A 52 -4.53 9.94 5.38
N ILE A 53 -3.62 8.98 5.44
CA ILE A 53 -3.87 7.62 4.99
C ILE A 53 -3.40 6.63 6.06
N ASP A 54 -4.15 5.56 6.25
CA ASP A 54 -3.88 4.59 7.30
C ASP A 54 -2.79 3.59 6.89
N ILE A 55 -2.98 2.96 5.74
CA ILE A 55 -2.03 1.96 5.26
C ILE A 55 -1.65 2.22 3.81
N VAL A 56 -0.39 2.00 3.47
CA VAL A 56 0.07 2.27 2.11
C VAL A 56 0.59 1.00 1.45
N LEU A 57 0.16 0.76 0.22
CA LEU A 57 0.69 -0.35 -0.57
C LEU A 57 1.11 0.16 -1.95
N SER A 58 2.38 -0.01 -2.27
CA SER A 58 2.91 0.47 -3.54
C SER A 58 3.24 -0.69 -4.47
N ASP A 59 2.44 -0.83 -5.51
CA ASP A 59 2.65 -1.86 -6.53
C ASP A 59 3.62 -1.36 -7.58
N VAL A 60 4.81 -1.93 -7.60
CA VAL A 60 5.88 -1.47 -8.46
C VAL A 60 6.39 -2.61 -9.34
N ASN A 61 6.38 -2.39 -10.65
CA ASN A 61 6.93 -3.36 -11.59
C ASN A 61 7.92 -2.70 -12.53
N MET A 62 7.68 -1.44 -12.90
CA MET A 62 8.60 -0.72 -13.79
C MET A 62 10.01 -0.68 -13.21
N PRO A 63 10.19 -0.20 -11.96
CA PRO A 63 11.50 -0.22 -11.29
C PRO A 63 11.79 -1.59 -10.66
N ASN A 64 11.74 -2.64 -11.47
CA ASN A 64 12.02 -4.00 -10.99
C ASN A 64 13.52 -4.26 -10.93
N MET A 65 14.27 -3.59 -11.78
CA MET A 65 15.72 -3.69 -11.77
C MET A 65 16.29 -2.46 -11.11
N ASP A 66 15.38 -1.64 -10.60
CA ASP A 66 15.71 -0.48 -9.79
C ASP A 66 15.10 -0.71 -8.41
N GLY A 67 14.10 0.07 -8.05
CA GLY A 67 13.36 -0.19 -6.84
C GLY A 67 14.12 0.21 -5.60
N TYR A 68 13.86 -0.52 -4.51
CA TYR A 68 14.36 -0.25 -3.14
C TYR A 68 14.20 1.20 -2.72
N ARG A 69 14.99 2.04 -3.33
CA ARG A 69 15.23 3.37 -2.84
C ARG A 69 13.93 4.18 -2.65
N LEU A 70 12.91 3.84 -3.41
CA LEU A 70 11.69 4.66 -3.42
C LEU A 70 11.04 4.60 -2.04
N THR A 71 11.10 3.43 -1.47
CA THR A 71 10.58 3.22 -0.14
C THR A 71 11.57 3.77 0.88
N GLN A 72 12.83 3.82 0.49
CA GLN A 72 13.86 4.44 1.32
C GLN A 72 13.51 5.90 1.54
N ARG A 73 13.01 6.53 0.48
CA ARG A 73 12.51 7.89 0.55
C ARG A 73 11.37 8.00 1.56
N ILE A 74 10.46 7.03 1.55
CA ILE A 74 9.37 6.99 2.53
C ILE A 74 9.93 6.85 3.95
N ARG A 75 11.06 6.16 4.08
CA ARG A 75 11.72 5.97 5.36
C ARG A 75 12.45 7.26 5.79
N GLN A 76 12.93 8.01 4.80
CA GLN A 76 13.61 9.28 5.06
C GLN A 76 12.61 10.30 5.61
N LEU A 77 11.36 10.14 5.23
CA LEU A 77 10.29 10.96 5.78
C LEU A 77 10.09 10.61 7.26
N GLY A 78 9.99 9.33 7.54
CA GLY A 78 9.79 8.88 8.90
C GLY A 78 8.33 8.61 9.20
N LEU A 79 7.74 7.68 8.47
CA LEU A 79 6.34 7.34 8.65
C LEU A 79 6.18 6.23 9.68
N THR A 80 5.07 6.27 10.40
CA THR A 80 4.78 5.31 11.45
C THR A 80 4.06 4.08 10.90
N LEU A 81 3.22 4.31 9.90
CA LEU A 81 2.34 3.27 9.39
C LEU A 81 3.08 2.29 8.48
N PRO A 82 2.54 1.06 8.32
CA PRO A 82 3.16 0.01 7.53
C PRO A 82 2.96 0.17 6.03
N VAL A 83 3.95 -0.29 5.27
CA VAL A 83 3.89 -0.25 3.82
C VAL A 83 3.98 -1.66 3.23
N ILE A 84 3.04 -1.97 2.37
CA ILE A 84 3.02 -3.25 1.69
C ILE A 84 3.55 -3.08 0.27
N GLY A 85 4.78 -3.54 0.05
CA GLY A 85 5.43 -3.35 -1.22
C GLY A 85 5.12 -4.46 -2.19
N VAL A 86 4.21 -4.19 -3.11
CA VAL A 86 3.87 -5.13 -4.16
C VAL A 86 4.98 -5.11 -5.21
N THR A 87 5.59 -6.26 -5.46
CA THR A 87 6.77 -6.31 -6.30
C THR A 87 6.62 -7.34 -7.41
N ALA A 88 7.32 -7.13 -8.51
CA ALA A 88 7.29 -8.07 -9.63
C ALA A 88 8.65 -8.18 -10.31
N ASN A 89 9.30 -9.33 -10.15
CA ASN A 89 10.52 -9.68 -10.89
C ASN A 89 11.69 -8.76 -10.54
N ALA A 90 12.04 -8.68 -9.27
CA ALA A 90 13.21 -7.89 -8.86
C ALA A 90 14.34 -8.82 -8.43
N LEU A 91 13.98 -10.01 -7.95
CA LEU A 91 14.93 -11.04 -7.52
C LEU A 91 15.77 -10.57 -6.34
N ALA A 92 15.27 -9.56 -5.65
CA ALA A 92 15.93 -9.00 -4.49
C ALA A 92 14.96 -8.10 -3.74
N GLU A 93 13.68 -8.43 -3.86
CA GLU A 93 12.60 -7.63 -3.30
C GLU A 93 12.74 -7.49 -1.79
N GLU A 94 12.85 -8.63 -1.13
CA GLU A 94 12.99 -8.67 0.32
C GLU A 94 14.27 -7.99 0.76
N LYS A 95 15.32 -8.15 -0.04
CA LYS A 95 16.60 -7.52 0.24
C LYS A 95 16.53 -6.01 0.07
N GLN A 96 15.66 -5.54 -0.83
CA GLN A 96 15.48 -4.10 -0.99
C GLN A 96 14.76 -3.56 0.23
N ARG A 97 13.79 -4.33 0.72
CA ARG A 97 13.05 -3.94 1.91
C ARG A 97 13.99 -3.84 3.11
N CYS A 98 15.07 -4.60 3.09
CA CYS A 98 16.09 -4.50 4.13
C CYS A 98 16.92 -3.24 3.95
N LEU A 99 17.29 -2.96 2.71
CA LEU A 99 18.17 -1.83 2.39
C LEU A 99 17.45 -0.50 2.61
N GLU A 100 16.29 -0.36 2.00
CA GLU A 100 15.52 0.88 2.08
C GLU A 100 14.78 0.97 3.41
N SER A 101 14.25 -0.16 3.87
CA SER A 101 13.60 -0.29 5.17
C SER A 101 12.49 0.75 5.41
N GLY A 102 11.56 0.85 4.50
CA GLY A 102 10.42 1.74 4.72
C GLY A 102 9.11 1.01 4.58
N MET A 103 9.19 -0.29 4.31
CA MET A 103 8.01 -1.08 4.01
C MET A 103 7.41 -1.73 5.27
N ASP A 104 7.29 -3.05 5.21
CA ASP A 104 6.81 -3.89 6.31
C ASP A 104 6.61 -5.29 5.79
N SER A 105 5.81 -5.41 4.74
CA SER A 105 5.58 -6.68 4.07
C SER A 105 5.73 -6.51 2.56
N CYS A 106 6.01 -7.60 1.86
CA CYS A 106 6.14 -7.55 0.41
C CYS A 106 5.14 -8.50 -0.24
N LEU A 107 4.65 -8.11 -1.42
CA LEU A 107 3.66 -8.90 -2.15
C LEU A 107 4.09 -9.06 -3.60
N SER A 108 3.21 -9.69 -4.40
CA SER A 108 3.47 -9.87 -5.81
C SER A 108 2.40 -9.12 -6.62
N LYS A 109 2.81 -8.57 -7.76
CA LYS A 109 1.92 -7.75 -8.61
C LYS A 109 0.57 -8.44 -8.91
N PRO A 110 0.53 -9.75 -9.23
CA PRO A 110 -0.73 -10.48 -9.41
C PRO A 110 -1.56 -10.60 -8.13
N VAL A 111 -1.96 -9.46 -7.56
CA VAL A 111 -2.83 -9.44 -6.39
C VAL A 111 -4.29 -9.53 -6.78
N THR A 112 -4.74 -10.73 -7.08
CA THR A 112 -6.13 -10.97 -7.44
C THR A 112 -7.02 -10.86 -6.20
N LEU A 113 -8.34 -10.93 -6.39
CA LEU A 113 -9.30 -10.79 -5.28
C LEU A 113 -8.97 -11.76 -4.14
N ASP A 114 -8.55 -12.97 -4.48
CA ASP A 114 -8.24 -13.99 -3.49
C ASP A 114 -7.07 -13.54 -2.62
N VAL A 115 -5.95 -13.23 -3.28
CA VAL A 115 -4.72 -12.88 -2.59
C VAL A 115 -4.87 -11.56 -1.84
N ILE A 116 -5.50 -10.59 -2.48
CA ILE A 116 -5.65 -9.26 -1.91
C ILE A 116 -6.51 -9.30 -0.64
N LYS A 117 -7.46 -10.24 -0.60
CA LYS A 117 -8.33 -10.37 0.56
C LYS A 117 -7.59 -11.02 1.72
N GLN A 118 -6.65 -11.91 1.41
CA GLN A 118 -5.80 -12.50 2.44
C GLN A 118 -5.08 -11.40 3.22
N THR A 119 -4.37 -10.55 2.49
CA THR A 119 -3.60 -9.47 3.09
C THR A 119 -4.49 -8.39 3.67
N LEU A 120 -5.57 -8.04 2.96
CA LEU A 120 -6.48 -6.97 3.40
C LEU A 120 -7.11 -7.30 4.74
N THR A 121 -7.64 -8.50 4.87
CA THR A 121 -8.29 -8.93 6.11
C THR A 121 -7.31 -8.95 7.27
N LEU A 122 -6.11 -9.48 7.05
CA LEU A 122 -5.10 -9.55 8.09
C LEU A 122 -4.64 -8.15 8.49
N TYR A 123 -4.47 -7.29 7.50
CA TYR A 123 -3.96 -5.94 7.73
C TYR A 123 -5.00 -5.08 8.44
N ALA A 124 -6.26 -5.19 8.02
CA ALA A 124 -7.33 -4.41 8.62
C ALA A 124 -7.48 -4.74 10.10
N GLU A 125 -7.37 -6.01 10.43
CA GLU A 125 -7.44 -6.45 11.81
C GLU A 125 -6.20 -6.01 12.59
N ARG A 126 -5.05 -6.08 11.93
CA ARG A 126 -3.77 -5.71 12.54
C ARG A 126 -3.77 -4.23 12.92
N VAL A 127 -4.17 -3.38 11.98
CA VAL A 127 -4.22 -1.94 12.23
C VAL A 127 -5.34 -1.61 13.19
N ARG A 128 -6.41 -2.39 13.16
CA ARG A 128 -7.51 -2.22 14.11
C ARG A 128 -7.00 -2.35 15.54
N LYS A 129 -6.17 -3.35 15.75
CA LYS A 129 -5.55 -3.57 17.07
C LYS A 129 -4.51 -2.50 17.36
N SER A 130 -3.69 -2.18 16.37
CA SER A 130 -2.62 -1.20 16.53
C SER A 130 -3.18 0.18 16.92
N ARG A 131 -4.29 0.55 16.31
CA ARG A 131 -4.94 1.84 16.59
C ARG A 131 -5.72 1.79 17.89
N ASP A 132 -6.70 0.87 17.94
CA ASP A 132 -7.71 0.85 19.00
C ASP A 132 -8.52 2.14 18.95
N SER A 133 -8.00 3.19 19.58
CA SER A 133 -8.57 4.53 19.54
C SER A 133 -7.71 5.45 20.39
N LYS A 1 -32.33 5.86 19.41
CA LYS A 1 -30.90 6.24 19.42
C LYS A 1 -30.27 6.03 18.05
N ALA A 2 -30.00 7.13 17.36
CA ALA A 2 -29.41 7.07 16.03
C ALA A 2 -27.88 7.14 16.10
N VAL A 3 -27.32 6.34 17.00
CA VAL A 3 -25.87 6.27 17.15
C VAL A 3 -25.28 5.49 15.97
N SER A 4 -24.46 6.16 15.19
CA SER A 4 -23.96 5.57 13.96
C SER A 4 -22.50 5.16 14.11
N ASP A 5 -22.05 4.32 13.19
CA ASP A 5 -20.69 3.82 13.20
C ASP A 5 -20.01 4.13 11.86
N ASN A 6 -18.72 3.87 11.78
CA ASN A 6 -17.97 4.15 10.56
C ASN A 6 -16.63 3.43 10.53
N ASP A 7 -16.51 2.46 9.64
CA ASP A 7 -15.23 1.84 9.35
C ASP A 7 -14.44 2.74 8.42
N ASP A 8 -13.98 3.86 8.97
CA ASP A 8 -13.31 4.90 8.19
C ASP A 8 -11.84 4.52 7.94
N MET A 9 -11.66 3.43 7.22
CA MET A 9 -10.33 2.96 6.86
C MET A 9 -10.02 3.27 5.40
N MET A 10 -8.95 4.03 5.19
CA MET A 10 -8.54 4.44 3.86
C MET A 10 -7.26 3.72 3.45
N ILE A 11 -7.25 3.19 2.24
CA ILE A 11 -6.11 2.44 1.74
C ILE A 11 -5.57 3.08 0.46
N LEU A 12 -4.26 3.05 0.33
CA LEU A 12 -3.58 3.62 -0.82
C LEU A 12 -3.34 2.57 -1.89
N VAL A 13 -3.93 2.76 -3.06
CA VAL A 13 -3.72 1.85 -4.18
C VAL A 13 -2.82 2.50 -5.21
N VAL A 14 -1.54 2.16 -5.16
CA VAL A 14 -0.56 2.74 -6.06
C VAL A 14 -0.08 1.70 -7.07
N ASP A 15 0.05 2.12 -8.32
CA ASP A 15 0.67 1.30 -9.35
C ASP A 15 1.45 2.18 -10.30
N ASP A 16 2.70 1.81 -10.57
CA ASP A 16 3.57 2.59 -11.44
C ASP A 16 3.05 2.57 -12.89
N HIS A 17 2.13 1.67 -13.17
CA HIS A 17 1.50 1.57 -14.48
C HIS A 17 0.00 1.89 -14.35
N PRO A 18 -0.80 1.79 -15.44
CA PRO A 18 -2.23 2.02 -15.36
C PRO A 18 -3.07 0.75 -15.15
N ILE A 19 -2.64 -0.39 -15.70
CA ILE A 19 -3.45 -1.59 -15.70
C ILE A 19 -3.62 -2.18 -14.29
N ASN A 20 -2.55 -2.22 -13.53
CA ASN A 20 -2.61 -2.79 -12.20
C ASN A 20 -3.25 -1.80 -11.24
N ARG A 21 -3.20 -0.52 -11.60
CA ARG A 21 -3.86 0.52 -10.82
C ARG A 21 -5.38 0.30 -10.81
N ARG A 22 -5.96 0.15 -11.99
CA ARG A 22 -7.41 -0.04 -12.10
C ARG A 22 -7.81 -1.38 -11.50
N LEU A 23 -6.92 -2.36 -11.55
CA LEU A 23 -7.20 -3.68 -10.99
C LEU A 23 -7.13 -3.65 -9.47
N LEU A 24 -6.11 -3.00 -8.94
CA LEU A 24 -5.89 -2.90 -7.51
C LEU A 24 -6.99 -2.09 -6.84
N ALA A 25 -7.31 -0.94 -7.43
CA ALA A 25 -8.34 -0.07 -6.89
C ALA A 25 -9.71 -0.73 -7.01
N ASP A 26 -9.88 -1.57 -8.02
CA ASP A 26 -11.10 -2.33 -8.20
C ASP A 26 -11.28 -3.32 -7.06
N GLN A 27 -10.20 -4.04 -6.76
CA GLN A 27 -10.18 -5.00 -5.67
C GLN A 27 -10.52 -4.31 -4.35
N LEU A 28 -9.86 -3.19 -4.10
CA LEU A 28 -10.09 -2.41 -2.88
C LEU A 28 -11.53 -1.96 -2.77
N GLY A 29 -12.08 -1.50 -3.89
CA GLY A 29 -13.47 -1.07 -3.92
C GLY A 29 -14.43 -2.23 -3.75
N SER A 30 -13.95 -3.43 -4.07
CA SER A 30 -14.78 -4.63 -3.96
C SER A 30 -14.81 -5.17 -2.53
N LEU A 31 -13.83 -4.77 -1.71
CA LEU A 31 -13.86 -5.14 -0.30
C LEU A 31 -14.45 -4.01 0.54
N GLY A 32 -14.63 -2.85 -0.09
CA GLY A 32 -15.37 -1.77 0.54
C GLY A 32 -14.50 -0.81 1.33
N TYR A 33 -13.25 -0.65 0.95
CA TYR A 33 -12.39 0.32 1.63
C TYR A 33 -12.06 1.49 0.71
N GLN A 34 -11.72 2.63 1.31
CA GLN A 34 -11.47 3.86 0.55
C GLN A 34 -10.24 3.71 -0.32
N CYS A 35 -10.45 3.70 -1.63
CA CYS A 35 -9.36 3.48 -2.58
C CYS A 35 -8.80 4.80 -3.09
N LYS A 36 -7.62 5.16 -2.62
CA LYS A 36 -6.94 6.37 -3.07
C LYS A 36 -5.90 6.00 -4.12
N THR A 37 -6.09 6.46 -5.35
CA THR A 37 -5.24 6.04 -6.46
C THR A 37 -4.05 6.97 -6.69
N ALA A 38 -2.89 6.37 -6.92
CA ALA A 38 -1.68 7.09 -7.27
C ALA A 38 -0.80 6.20 -8.14
N ASN A 39 0.19 6.75 -8.82
CA ASN A 39 1.01 5.93 -9.72
C ASN A 39 2.49 6.23 -9.58
N ASP A 40 3.06 5.75 -8.47
CA ASP A 40 4.51 5.76 -8.21
C ASP A 40 4.75 5.56 -6.72
N GLY A 41 5.93 5.06 -6.37
CA GLY A 41 6.27 4.90 -4.98
C GLY A 41 6.37 6.25 -4.27
N VAL A 42 7.02 7.20 -4.93
CA VAL A 42 7.14 8.55 -4.39
C VAL A 42 5.81 9.29 -4.50
N ASP A 43 5.00 8.94 -5.50
CA ASP A 43 3.64 9.47 -5.61
C ASP A 43 2.87 9.19 -4.33
N ALA A 44 3.05 7.98 -3.81
CA ALA A 44 2.47 7.60 -2.52
C ALA A 44 2.92 8.57 -1.44
N LEU A 45 4.21 8.86 -1.40
CA LEU A 45 4.79 9.80 -0.43
C LEU A 45 4.11 11.17 -0.53
N ASN A 46 3.83 11.58 -1.76
CA ASN A 46 3.16 12.86 -2.01
C ASN A 46 1.76 12.85 -1.41
N VAL A 47 1.00 11.81 -1.73
CA VAL A 47 -0.35 11.67 -1.22
C VAL A 47 -0.37 11.58 0.30
N LEU A 48 0.67 10.94 0.86
CA LEU A 48 0.82 10.82 2.30
C LEU A 48 1.13 12.17 2.94
N SER A 49 1.83 13.01 2.19
CA SER A 49 2.16 14.36 2.65
C SER A 49 0.89 15.18 2.82
N LYS A 50 -0.11 14.87 2.00
CA LYS A 50 -1.41 15.52 2.14
C LYS A 50 -2.24 14.83 3.21
N ASN A 51 -2.50 13.54 3.01
CA ASN A 51 -3.37 12.77 3.87
C ASN A 51 -2.63 11.54 4.39
N HIS A 52 -2.82 11.23 5.67
CA HIS A 52 -2.11 10.16 6.33
C HIS A 52 -2.32 8.80 5.65
N ILE A 53 -3.58 8.41 5.45
CA ILE A 53 -3.91 7.07 4.92
C ILE A 53 -3.51 5.99 5.94
N ASP A 54 -4.23 4.87 5.96
CA ASP A 54 -3.96 3.82 6.96
C ASP A 54 -2.98 2.79 6.41
N ILE A 55 -3.40 2.08 5.38
CA ILE A 55 -2.56 1.05 4.77
C ILE A 55 -2.13 1.48 3.37
N VAL A 56 -0.87 1.28 3.04
CA VAL A 56 -0.37 1.68 1.73
C VAL A 56 0.14 0.46 0.93
N LEU A 57 -0.35 0.30 -0.28
CA LEU A 57 0.13 -0.75 -1.17
C LEU A 57 0.71 -0.13 -2.44
N SER A 58 2.03 -0.06 -2.52
CA SER A 58 2.70 0.55 -3.65
C SER A 58 3.19 -0.52 -4.63
N ASP A 59 2.50 -0.64 -5.75
CA ASP A 59 2.86 -1.55 -6.81
C ASP A 59 3.92 -0.95 -7.73
N VAL A 60 4.96 -1.73 -8.01
CA VAL A 60 6.03 -1.30 -8.89
C VAL A 60 6.39 -2.41 -9.87
N ASN A 61 6.41 -2.09 -11.16
CA ASN A 61 6.76 -3.07 -12.18
C ASN A 61 8.24 -2.97 -12.48
N MET A 62 8.87 -1.99 -11.90
CA MET A 62 10.24 -1.67 -12.23
C MET A 62 11.10 -1.51 -10.98
N PRO A 63 11.27 -2.58 -10.18
CA PRO A 63 12.09 -2.54 -8.97
C PRO A 63 13.58 -2.48 -9.31
N ASN A 64 13.91 -2.93 -10.51
CA ASN A 64 15.27 -2.86 -11.03
C ASN A 64 15.71 -1.41 -11.18
N MET A 65 14.75 -0.56 -11.52
CA MET A 65 14.99 0.87 -11.65
C MET A 65 14.86 1.53 -10.29
N ASP A 66 13.64 1.50 -9.74
CA ASP A 66 13.41 2.04 -8.41
C ASP A 66 12.03 1.63 -7.90
N GLY A 67 12.01 0.59 -7.09
CA GLY A 67 10.80 0.19 -6.40
C GLY A 67 11.03 0.14 -4.92
N TYR A 68 12.20 0.62 -4.52
CA TYR A 68 12.65 0.53 -3.14
C TYR A 68 12.89 1.91 -2.55
N ARG A 69 13.65 2.73 -3.27
CA ARG A 69 14.22 3.95 -2.70
C ARG A 69 13.13 4.88 -2.17
N LEU A 70 11.96 4.77 -2.77
CA LEU A 70 10.86 5.68 -2.46
C LEU A 70 10.30 5.33 -1.08
N THR A 71 10.45 4.07 -0.73
CA THR A 71 10.01 3.58 0.55
C THR A 71 11.02 4.02 1.61
N GLN A 72 12.27 4.21 1.18
CA GLN A 72 13.30 4.73 2.04
C GLN A 72 12.92 6.16 2.46
N ARG A 73 12.33 6.88 1.53
CA ARG A 73 11.82 8.22 1.81
C ARG A 73 10.71 8.14 2.87
N ILE A 74 9.87 7.11 2.76
CA ILE A 74 8.81 6.88 3.75
C ILE A 74 9.42 6.65 5.15
N ARG A 75 10.53 5.94 5.20
CA ARG A 75 11.19 5.64 6.47
C ARG A 75 11.90 6.88 7.02
N GLN A 76 12.37 7.73 6.11
CA GLN A 76 13.10 8.92 6.49
C GLN A 76 12.14 10.01 6.96
N LEU A 77 10.93 10.01 6.41
CA LEU A 77 9.92 10.98 6.78
C LEU A 77 9.34 10.67 8.16
N GLY A 78 9.33 9.40 8.51
CA GLY A 78 8.74 8.97 9.76
C GLY A 78 7.42 8.29 9.53
N LEU A 79 7.47 7.09 8.99
CA LEU A 79 6.27 6.36 8.58
C LEU A 79 5.42 5.97 9.77
N THR A 80 4.15 6.33 9.71
CA THR A 80 3.17 5.94 10.71
C THR A 80 2.10 5.09 10.05
N LEU A 81 2.55 4.11 9.27
CA LEU A 81 1.66 3.30 8.46
C LEU A 81 2.42 2.11 7.89
N PRO A 82 1.79 0.93 7.80
CA PRO A 82 2.41 -0.26 7.23
C PRO A 82 2.52 -0.16 5.71
N VAL A 83 3.74 -0.31 5.19
CA VAL A 83 3.95 -0.22 3.76
C VAL A 83 4.04 -1.60 3.14
N ILE A 84 3.02 -1.95 2.38
CA ILE A 84 3.02 -3.21 1.68
C ILE A 84 3.54 -3.00 0.26
N GLY A 85 4.74 -3.51 0.01
CA GLY A 85 5.38 -3.29 -1.25
C GLY A 85 5.07 -4.40 -2.21
N VAL A 86 4.17 -4.14 -3.12
CA VAL A 86 3.78 -5.13 -4.10
C VAL A 86 4.52 -4.85 -5.40
N THR A 87 5.18 -5.85 -5.96
CA THR A 87 6.10 -5.63 -7.05
C THR A 87 6.06 -6.73 -8.08
N ALA A 88 6.60 -6.45 -9.26
CA ALA A 88 6.81 -7.46 -10.26
C ALA A 88 8.17 -8.12 -10.05
N ASN A 89 8.18 -9.45 -10.00
CA ASN A 89 9.40 -10.20 -9.69
C ASN A 89 10.50 -9.91 -10.70
N ALA A 90 11.54 -9.23 -10.24
CA ALA A 90 12.70 -8.93 -11.07
C ALA A 90 13.96 -9.53 -10.47
N LEU A 91 13.81 -10.06 -9.25
CA LEU A 91 14.90 -10.74 -8.53
C LEU A 91 16.00 -9.76 -8.12
N ALA A 92 15.62 -8.52 -7.87
CA ALA A 92 16.56 -7.51 -7.38
C ALA A 92 15.92 -6.71 -6.25
N GLU A 93 14.61 -6.87 -6.12
CA GLU A 93 13.84 -6.16 -5.14
C GLU A 93 14.14 -6.64 -3.72
N GLU A 94 14.71 -7.83 -3.58
CA GLU A 94 15.05 -8.36 -2.27
C GLU A 94 16.15 -7.53 -1.63
N LYS A 95 17.22 -7.31 -2.38
CA LYS A 95 18.33 -6.50 -1.89
C LYS A 95 17.92 -5.04 -1.77
N GLN A 96 17.00 -4.60 -2.63
CA GLN A 96 16.58 -3.21 -2.60
C GLN A 96 15.73 -2.93 -1.37
N ARG A 97 14.90 -3.91 -0.99
CA ARG A 97 14.08 -3.79 0.21
C ARG A 97 14.95 -3.81 1.45
N CYS A 98 16.10 -4.46 1.35
CA CYS A 98 17.08 -4.42 2.41
C CYS A 98 17.73 -3.04 2.47
N LEU A 99 17.88 -2.40 1.32
CA LEU A 99 18.47 -1.08 1.24
C LEU A 99 17.53 0.00 1.80
N GLU A 100 16.30 0.05 1.31
CA GLU A 100 15.37 1.10 1.73
C GLU A 100 14.77 0.75 3.10
N SER A 101 14.38 -0.51 3.28
CA SER A 101 13.86 -1.02 4.55
C SER A 101 12.82 -0.11 5.21
N GLY A 102 11.80 0.28 4.48
CA GLY A 102 10.76 1.11 5.06
C GLY A 102 9.39 0.52 4.90
N MET A 103 9.32 -0.64 4.26
CA MET A 103 8.06 -1.26 3.88
C MET A 103 7.33 -1.88 5.08
N ASP A 104 7.26 -3.22 5.06
CA ASP A 104 6.57 -4.02 6.07
C ASP A 104 6.34 -5.41 5.51
N SER A 105 5.74 -5.45 4.32
CA SER A 105 5.49 -6.70 3.63
C SER A 105 5.82 -6.57 2.15
N CYS A 106 5.91 -7.69 1.46
CA CYS A 106 6.19 -7.70 0.03
C CYS A 106 5.25 -8.67 -0.69
N LEU A 107 4.62 -8.19 -1.74
CA LEU A 107 3.68 -9.00 -2.52
C LEU A 107 4.06 -8.96 -4.00
N SER A 108 3.23 -9.57 -4.82
CA SER A 108 3.47 -9.61 -6.26
C SER A 108 2.36 -8.90 -7.00
N LYS A 109 2.75 -8.13 -8.01
CA LYS A 109 1.85 -7.31 -8.84
C LYS A 109 0.42 -7.87 -9.01
N PRO A 110 0.25 -9.14 -9.45
CA PRO A 110 -1.09 -9.72 -9.63
C PRO A 110 -1.81 -10.01 -8.31
N VAL A 111 -2.20 -8.97 -7.59
CA VAL A 111 -2.98 -9.12 -6.37
C VAL A 111 -4.46 -9.32 -6.72
N THR A 112 -4.91 -10.56 -6.64
CA THR A 112 -6.29 -10.88 -6.96
C THR A 112 -7.22 -10.57 -5.78
N LEU A 113 -8.51 -10.85 -5.96
CA LEU A 113 -9.53 -10.48 -4.98
C LEU A 113 -9.28 -11.13 -3.61
N ASP A 114 -8.98 -12.42 -3.59
CA ASP A 114 -8.81 -13.12 -2.33
C ASP A 114 -7.47 -12.81 -1.71
N VAL A 115 -6.45 -12.68 -2.55
CA VAL A 115 -5.12 -12.36 -2.07
C VAL A 115 -5.11 -10.98 -1.40
N ILE A 116 -5.76 -10.02 -2.04
CA ILE A 116 -5.88 -8.69 -1.46
C ILE A 116 -6.78 -8.71 -0.23
N LYS A 117 -7.73 -9.65 -0.22
CA LYS A 117 -8.69 -9.74 0.88
C LYS A 117 -8.02 -10.25 2.15
N GLN A 118 -7.25 -11.31 2.06
CA GLN A 118 -6.58 -11.85 3.24
C GLN A 118 -5.54 -10.85 3.76
N THR A 119 -4.85 -10.18 2.85
CA THR A 119 -3.86 -9.17 3.23
C THR A 119 -4.54 -7.98 3.92
N LEU A 120 -5.59 -7.46 3.30
CA LEU A 120 -6.35 -6.35 3.84
C LEU A 120 -6.91 -6.69 5.22
N THR A 121 -7.56 -7.85 5.31
CA THR A 121 -8.19 -8.29 6.54
C THR A 121 -7.17 -8.50 7.65
N LEU A 122 -6.04 -9.13 7.32
CA LEU A 122 -5.00 -9.42 8.30
C LEU A 122 -4.38 -8.14 8.84
N TYR A 123 -4.05 -7.23 7.94
CA TYR A 123 -3.40 -5.99 8.34
C TYR A 123 -4.38 -5.03 9.00
N ALA A 124 -5.66 -5.15 8.64
CA ALA A 124 -6.69 -4.36 9.28
C ALA A 124 -6.77 -4.68 10.75
N GLU A 125 -6.87 -5.97 11.07
CA GLU A 125 -6.92 -6.41 12.46
C GLU A 125 -5.62 -6.02 13.17
N ARG A 126 -4.52 -5.99 12.43
CA ARG A 126 -3.23 -5.65 13.00
C ARG A 126 -3.18 -4.18 13.41
N VAL A 127 -3.60 -3.29 12.51
CA VAL A 127 -3.59 -1.86 12.80
C VAL A 127 -4.65 -1.50 13.83
N ARG A 128 -5.75 -2.25 13.85
CA ARG A 128 -6.77 -2.07 14.87
C ARG A 128 -6.22 -2.49 16.22
N LYS A 129 -5.41 -3.54 16.22
CA LYS A 129 -4.74 -4.00 17.44
C LYS A 129 -3.74 -2.94 17.92
N SER A 130 -2.97 -2.40 16.99
CA SER A 130 -2.02 -1.34 17.31
C SER A 130 -2.75 -0.09 17.81
N ARG A 131 -3.99 0.08 17.37
CA ARG A 131 -4.77 1.27 17.71
C ARG A 131 -5.40 1.15 19.09
N ASP A 132 -6.27 0.16 19.28
CA ASP A 132 -6.99 0.03 20.54
C ASP A 132 -6.16 -0.66 21.60
N SER A 133 -5.07 -1.30 21.16
CA SER A 133 -4.14 -1.97 22.06
C SER A 133 -4.83 -3.04 22.91
N LYS A 1 -34.22 10.50 12.44
CA LYS A 1 -33.27 9.52 11.89
C LYS A 1 -32.17 10.24 11.13
N ALA A 2 -30.93 9.89 11.44
CA ALA A 2 -29.78 10.51 10.79
C ALA A 2 -28.66 9.50 10.59
N VAL A 3 -28.26 9.32 9.33
CA VAL A 3 -27.16 8.42 9.02
C VAL A 3 -25.84 9.05 9.43
N SER A 4 -25.05 8.32 10.21
CA SER A 4 -23.80 8.86 10.71
C SER A 4 -22.64 7.89 10.47
N ASP A 5 -21.99 8.04 9.33
CA ASP A 5 -20.81 7.24 9.01
C ASP A 5 -20.04 7.86 7.85
N ASN A 6 -18.97 7.20 7.45
CA ASN A 6 -18.10 7.71 6.39
C ASN A 6 -17.47 6.56 5.64
N ASP A 7 -16.71 5.76 6.40
CA ASP A 7 -15.96 4.65 5.85
C ASP A 7 -15.43 3.79 7.00
N ASP A 8 -14.13 3.93 7.25
CA ASP A 8 -13.43 3.23 8.33
C ASP A 8 -11.93 3.35 8.15
N MET A 9 -11.46 3.03 6.95
CA MET A 9 -10.02 2.97 6.70
C MET A 9 -9.68 3.50 5.32
N MET A 10 -8.56 4.22 5.24
CA MET A 10 -8.09 4.77 3.98
C MET A 10 -6.95 3.93 3.44
N ILE A 11 -7.16 3.35 2.27
CA ILE A 11 -6.16 2.52 1.62
C ILE A 11 -5.61 3.24 0.39
N LEU A 12 -4.29 3.24 0.27
CA LEU A 12 -3.63 3.90 -0.85
C LEU A 12 -3.25 2.88 -1.92
N VAL A 13 -3.85 3.01 -3.09
CA VAL A 13 -3.59 2.11 -4.20
C VAL A 13 -2.65 2.76 -5.20
N VAL A 14 -1.37 2.48 -5.06
CA VAL A 14 -0.35 3.16 -5.85
C VAL A 14 0.24 2.26 -6.94
N ASP A 15 -0.45 2.15 -8.06
CA ASP A 15 0.02 1.29 -9.16
C ASP A 15 0.42 2.13 -10.35
N ASP A 16 1.62 1.93 -10.84
CA ASP A 16 2.13 2.70 -11.98
C ASP A 16 1.33 2.44 -13.26
N HIS A 17 0.87 1.20 -13.44
CA HIS A 17 0.23 0.81 -14.69
C HIS A 17 -1.28 1.01 -14.60
N PRO A 18 -1.85 1.81 -15.51
CA PRO A 18 -3.27 2.19 -15.49
C PRO A 18 -4.24 1.01 -15.31
N ILE A 19 -4.11 -0.02 -16.14
CA ILE A 19 -5.03 -1.15 -16.07
C ILE A 19 -4.84 -1.95 -14.78
N ASN A 20 -3.62 -1.94 -14.27
CA ASN A 20 -3.32 -2.64 -13.04
C ASN A 20 -3.78 -1.80 -11.85
N ARG A 21 -3.70 -0.49 -12.02
CA ARG A 21 -4.20 0.46 -11.02
C ARG A 21 -5.69 0.28 -10.82
N ARG A 22 -6.45 0.33 -11.91
CA ARG A 22 -7.89 0.17 -11.84
C ARG A 22 -8.25 -1.22 -11.35
N LEU A 23 -7.38 -2.20 -11.59
CA LEU A 23 -7.62 -3.57 -11.16
C LEU A 23 -7.49 -3.68 -9.65
N LEU A 24 -6.38 -3.20 -9.11
CA LEU A 24 -6.14 -3.26 -7.67
C LEU A 24 -7.14 -2.35 -6.92
N ALA A 25 -7.54 -1.26 -7.58
CA ALA A 25 -8.58 -0.38 -7.05
C ALA A 25 -9.95 -1.04 -7.17
N ASP A 26 -10.08 -1.97 -8.11
CA ASP A 26 -11.31 -2.74 -8.28
C ASP A 26 -11.46 -3.72 -7.14
N GLN A 27 -10.36 -4.38 -6.81
CA GLN A 27 -10.30 -5.29 -5.67
C GLN A 27 -10.59 -4.53 -4.38
N LEU A 28 -9.99 -3.35 -4.26
CA LEU A 28 -10.23 -2.46 -3.13
C LEU A 28 -11.70 -2.06 -3.07
N GLY A 29 -12.28 -1.81 -4.24
CA GLY A 29 -13.69 -1.48 -4.34
C GLY A 29 -14.57 -2.64 -3.93
N SER A 30 -14.10 -3.86 -4.15
CA SER A 30 -14.82 -5.04 -3.73
C SER A 30 -14.84 -5.13 -2.20
N LEU A 31 -13.81 -4.57 -1.58
CA LEU A 31 -13.75 -4.47 -0.13
C LEU A 31 -14.73 -3.42 0.37
N GLY A 32 -14.76 -2.28 -0.30
CA GLY A 32 -15.67 -1.22 0.07
C GLY A 32 -15.03 -0.19 0.97
N TYR A 33 -13.70 -0.13 0.94
CA TYR A 33 -12.96 0.84 1.75
C TYR A 33 -12.57 2.06 0.93
N GLN A 34 -12.10 3.09 1.60
CA GLN A 34 -11.66 4.31 0.93
C GLN A 34 -10.43 4.03 0.09
N CYS A 35 -10.50 4.32 -1.19
CA CYS A 35 -9.40 4.06 -2.10
C CYS A 35 -8.90 5.36 -2.71
N LYS A 36 -7.62 5.63 -2.54
CA LYS A 36 -6.99 6.80 -3.15
C LYS A 36 -5.95 6.34 -4.15
N THR A 37 -6.07 6.80 -5.40
CA THR A 37 -5.20 6.32 -6.46
C THR A 37 -3.93 7.16 -6.60
N ALA A 38 -2.82 6.49 -6.87
CA ALA A 38 -1.55 7.16 -7.12
C ALA A 38 -0.65 6.20 -7.91
N ASN A 39 0.56 6.64 -8.27
CA ASN A 39 1.42 5.81 -9.10
C ASN A 39 2.89 6.21 -9.00
N ASP A 40 3.51 5.85 -7.87
CA ASP A 40 4.96 6.05 -7.64
C ASP A 40 5.27 5.91 -6.16
N GLY A 41 6.50 5.51 -5.86
CA GLY A 41 6.92 5.38 -4.48
C GLY A 41 6.93 6.70 -3.75
N VAL A 42 7.51 7.73 -4.36
CA VAL A 42 7.57 9.04 -3.75
C VAL A 42 6.20 9.72 -3.80
N ASP A 43 5.42 9.40 -4.83
CA ASP A 43 4.06 9.91 -4.95
C ASP A 43 3.20 9.38 -3.81
N ALA A 44 3.51 8.17 -3.37
CA ALA A 44 2.80 7.55 -2.26
C ALA A 44 2.96 8.34 -0.98
N LEU A 45 4.19 8.74 -0.66
CA LEU A 45 4.44 9.54 0.53
C LEU A 45 3.97 10.98 0.34
N ASN A 46 3.98 11.42 -0.91
CA ASN A 46 3.50 12.75 -1.27
C ASN A 46 2.02 12.88 -0.93
N VAL A 47 1.22 11.96 -1.46
CA VAL A 47 -0.21 11.96 -1.17
C VAL A 47 -0.45 11.64 0.30
N LEU A 48 0.45 10.85 0.90
CA LEU A 48 0.40 10.56 2.34
C LEU A 48 0.55 11.84 3.15
N SER A 49 1.32 12.79 2.64
CA SER A 49 1.52 14.06 3.31
C SER A 49 0.37 15.02 3.04
N LYS A 50 -0.37 14.76 1.98
CA LYS A 50 -1.49 15.64 1.61
C LYS A 50 -2.84 14.99 1.96
N ASN A 51 -2.80 13.83 2.60
CA ASN A 51 -4.02 13.13 3.01
C ASN A 51 -3.67 12.00 3.95
N HIS A 52 -4.49 11.80 4.98
CA HIS A 52 -4.25 10.73 5.95
C HIS A 52 -4.61 9.38 5.37
N ILE A 53 -3.60 8.59 5.04
CA ILE A 53 -3.82 7.24 4.58
C ILE A 53 -3.26 6.26 5.61
N ASP A 54 -3.96 5.16 5.81
CA ASP A 54 -3.61 4.22 6.88
C ASP A 54 -2.79 3.06 6.35
N ILE A 55 -3.32 2.38 5.33
CA ILE A 55 -2.64 1.25 4.73
C ILE A 55 -2.07 1.63 3.37
N VAL A 56 -0.76 1.50 3.21
CA VAL A 56 -0.11 1.93 1.98
C VAL A 56 0.45 0.74 1.20
N LEU A 57 -0.10 0.50 0.02
CA LEU A 57 0.37 -0.57 -0.85
C LEU A 57 0.83 0.00 -2.18
N SER A 58 2.14 0.00 -2.40
CA SER A 58 2.71 0.53 -3.63
C SER A 58 2.96 -0.58 -4.63
N ASP A 59 2.15 -0.62 -5.67
CA ASP A 59 2.24 -1.62 -6.71
C ASP A 59 3.17 -1.14 -7.81
N VAL A 60 4.36 -1.72 -7.85
CA VAL A 60 5.39 -1.28 -8.77
C VAL A 60 5.49 -2.21 -9.98
N ASN A 61 4.75 -1.88 -11.03
CA ASN A 61 4.85 -2.59 -12.29
C ASN A 61 5.83 -1.87 -13.21
N MET A 62 6.70 -1.09 -12.60
CA MET A 62 7.70 -0.32 -13.32
C MET A 62 9.09 -0.62 -12.75
N PRO A 63 9.92 -1.35 -13.51
CA PRO A 63 11.23 -1.77 -13.05
C PRO A 63 12.34 -0.77 -13.41
N ASN A 64 12.12 0.50 -13.14
CA ASN A 64 13.11 1.53 -13.46
C ASN A 64 13.72 2.13 -12.20
N MET A 65 13.80 1.32 -11.15
CA MET A 65 14.35 1.75 -9.87
C MET A 65 14.74 0.53 -9.05
N ASP A 66 15.80 0.66 -8.27
CA ASP A 66 16.19 -0.39 -7.34
C ASP A 66 15.01 -0.71 -6.44
N GLY A 67 14.68 -2.00 -6.32
CA GLY A 67 13.46 -2.41 -5.64
C GLY A 67 13.52 -2.24 -4.13
N TYR A 68 13.65 -0.99 -3.69
CA TYR A 68 13.75 -0.67 -2.28
C TYR A 68 13.59 0.82 -2.04
N ARG A 69 14.17 1.60 -2.93
CA ARG A 69 14.44 2.99 -2.64
C ARG A 69 13.18 3.76 -2.26
N LEU A 70 12.05 3.28 -2.74
CA LEU A 70 10.80 4.02 -2.60
C LEU A 70 10.45 4.10 -1.13
N THR A 71 10.75 3.03 -0.44
CA THR A 71 10.53 2.94 0.98
C THR A 71 11.63 3.67 1.73
N GLN A 72 12.81 3.74 1.12
CA GLN A 72 13.92 4.47 1.73
C GLN A 72 13.55 5.94 1.88
N ARG A 73 12.88 6.48 0.87
CA ARG A 73 12.45 7.86 0.91
C ARG A 73 11.30 8.04 1.92
N ILE A 74 10.45 7.04 2.03
CA ILE A 74 9.37 7.06 3.03
C ILE A 74 9.97 7.01 4.44
N ARG A 75 11.11 6.34 4.57
CA ARG A 75 11.82 6.25 5.83
C ARG A 75 12.44 7.60 6.18
N GLN A 76 12.98 8.27 5.16
CA GLN A 76 13.53 9.62 5.33
C GLN A 76 12.43 10.60 5.74
N LEU A 77 11.24 10.40 5.18
CA LEU A 77 10.09 11.24 5.47
C LEU A 77 9.60 11.01 6.91
N GLY A 78 9.68 9.77 7.36
CA GLY A 78 9.24 9.44 8.70
C GLY A 78 7.97 8.61 8.69
N LEU A 79 8.12 7.31 8.48
CA LEU A 79 6.98 6.41 8.39
C LEU A 79 6.54 5.95 9.77
N THR A 80 5.25 5.71 9.91
CA THR A 80 4.68 5.14 11.12
C THR A 80 3.46 4.30 10.76
N LEU A 81 3.57 3.57 9.66
CA LEU A 81 2.45 2.82 9.11
C LEU A 81 2.95 1.60 8.36
N PRO A 82 2.06 0.61 8.12
CA PRO A 82 2.41 -0.59 7.35
C PRO A 82 2.58 -0.32 5.85
N VAL A 83 3.78 -0.55 5.35
CA VAL A 83 4.05 -0.37 3.93
C VAL A 83 4.15 -1.73 3.24
N ILE A 84 3.26 -1.95 2.29
CA ILE A 84 3.24 -3.18 1.54
C ILE A 84 3.65 -2.93 0.10
N GLY A 85 4.82 -3.44 -0.27
CA GLY A 85 5.31 -3.22 -1.62
C GLY A 85 4.96 -4.38 -2.53
N VAL A 86 4.11 -4.11 -3.51
CA VAL A 86 3.75 -5.11 -4.50
C VAL A 86 4.77 -5.07 -5.63
N THR A 87 5.73 -5.98 -5.57
CA THR A 87 6.86 -5.95 -6.47
C THR A 87 6.78 -7.04 -7.53
N ALA A 88 6.88 -6.64 -8.79
CA ALA A 88 7.01 -7.58 -9.87
C ALA A 88 8.45 -8.09 -9.93
N ASN A 89 8.61 -9.41 -10.09
CA ASN A 89 9.94 -10.05 -10.15
C ASN A 89 10.57 -10.16 -8.77
N ALA A 90 10.60 -9.03 -8.05
CA ALA A 90 11.16 -8.95 -6.70
C ALA A 90 12.67 -9.23 -6.72
N LEU A 91 13.04 -10.50 -6.58
CA LEU A 91 14.45 -10.93 -6.54
C LEU A 91 15.18 -10.34 -5.32
N ALA A 92 15.47 -9.05 -5.38
CA ALA A 92 16.21 -8.36 -4.32
C ALA A 92 15.46 -8.45 -2.99
N GLU A 93 14.14 -8.35 -3.08
CA GLU A 93 13.22 -8.65 -1.98
C GLU A 93 13.74 -8.23 -0.60
N GLU A 94 14.04 -9.23 0.22
CA GLU A 94 14.40 -9.03 1.62
C GLU A 94 15.65 -8.17 1.77
N LYS A 95 16.58 -8.31 0.85
CA LYS A 95 17.83 -7.58 0.95
C LYS A 95 17.60 -6.09 0.74
N GLN A 96 16.84 -5.73 -0.30
CA GLN A 96 16.60 -4.31 -0.54
C GLN A 96 15.59 -3.77 0.47
N ARG A 97 14.70 -4.64 0.93
CA ARG A 97 13.75 -4.30 1.97
C ARG A 97 14.49 -3.94 3.26
N CYS A 98 15.60 -4.62 3.52
CA CYS A 98 16.44 -4.29 4.65
C CYS A 98 17.18 -2.99 4.39
N LEU A 99 17.40 -2.70 3.11
CA LEU A 99 18.09 -1.49 2.70
C LEU A 99 17.24 -0.24 2.98
N GLU A 100 15.98 -0.23 2.51
CA GLU A 100 15.10 0.91 2.76
C GLU A 100 14.60 0.91 4.20
N SER A 101 14.36 -0.30 4.72
CA SER A 101 13.98 -0.52 6.10
C SER A 101 12.79 0.34 6.55
N GLY A 102 11.72 0.33 5.78
CA GLY A 102 10.53 1.05 6.20
C GLY A 102 9.24 0.41 5.73
N MET A 103 9.34 -0.77 5.14
CA MET A 103 8.18 -1.41 4.52
C MET A 103 7.33 -2.15 5.55
N ASP A 104 7.25 -3.47 5.37
CA ASP A 104 6.49 -4.37 6.24
C ASP A 104 6.37 -5.72 5.56
N SER A 105 5.80 -5.70 4.35
CA SER A 105 5.64 -6.92 3.57
C SER A 105 5.68 -6.63 2.08
N CYS A 106 6.41 -7.45 1.35
CA CYS A 106 6.46 -7.33 -0.11
C CYS A 106 5.78 -8.53 -0.75
N LEU A 107 5.00 -8.26 -1.79
CA LEU A 107 4.28 -9.31 -2.50
C LEU A 107 4.65 -9.32 -3.97
N SER A 108 3.98 -10.16 -4.74
CA SER A 108 4.21 -10.25 -6.17
C SER A 108 3.15 -9.46 -6.92
N LYS A 109 3.49 -8.96 -8.10
CA LYS A 109 2.59 -8.15 -8.92
C LYS A 109 1.21 -8.83 -9.14
N PRO A 110 1.17 -10.11 -9.54
CA PRO A 110 -0.11 -10.81 -9.78
C PRO A 110 -0.87 -11.14 -8.49
N VAL A 111 -1.27 -10.11 -7.75
CA VAL A 111 -2.12 -10.28 -6.59
C VAL A 111 -3.58 -10.39 -7.02
N THR A 112 -4.27 -11.42 -6.54
CA THR A 112 -5.66 -11.64 -6.89
C THR A 112 -6.59 -11.09 -5.81
N LEU A 113 -7.89 -11.09 -6.11
CA LEU A 113 -8.92 -10.65 -5.17
C LEU A 113 -8.83 -11.45 -3.87
N ASP A 114 -8.49 -12.73 -3.99
CA ASP A 114 -8.37 -13.59 -2.81
C ASP A 114 -7.21 -13.15 -1.95
N VAL A 115 -6.06 -12.97 -2.57
CA VAL A 115 -4.86 -12.54 -1.87
C VAL A 115 -5.07 -11.18 -1.22
N ILE A 116 -5.64 -10.24 -1.97
CA ILE A 116 -5.86 -8.90 -1.47
C ILE A 116 -6.87 -8.88 -0.32
N LYS A 117 -7.77 -9.87 -0.30
CA LYS A 117 -8.79 -9.92 0.74
C LYS A 117 -8.21 -10.37 2.07
N GLN A 118 -7.45 -11.46 2.05
CA GLN A 118 -6.84 -11.95 3.29
C GLN A 118 -5.77 -10.99 3.79
N THR A 119 -5.06 -10.37 2.85
CA THR A 119 -4.06 -9.38 3.18
C THR A 119 -4.70 -8.14 3.82
N LEU A 120 -5.78 -7.67 3.20
CA LEU A 120 -6.51 -6.51 3.73
C LEU A 120 -7.08 -6.82 5.10
N THR A 121 -7.69 -8.00 5.24
CA THR A 121 -8.29 -8.40 6.49
C THR A 121 -7.25 -8.52 7.62
N LEU A 122 -6.09 -9.07 7.30
CA LEU A 122 -5.03 -9.25 8.28
C LEU A 122 -4.50 -7.91 8.78
N TYR A 123 -4.31 -6.97 7.86
CA TYR A 123 -3.75 -5.66 8.22
C TYR A 123 -4.79 -4.75 8.85
N ALA A 124 -6.04 -4.95 8.47
CA ALA A 124 -7.15 -4.23 9.11
C ALA A 124 -7.21 -4.60 10.58
N GLU A 125 -6.95 -5.88 10.86
CA GLU A 125 -6.87 -6.36 12.23
C GLU A 125 -5.65 -5.77 12.91
N ARG A 126 -4.57 -5.59 12.16
CA ARG A 126 -3.32 -5.09 12.71
C ARG A 126 -3.50 -3.67 13.23
N VAL A 127 -4.13 -2.80 12.43
CA VAL A 127 -4.31 -1.41 12.84
C VAL A 127 -5.32 -1.30 13.98
N ARG A 128 -6.29 -2.21 13.98
CA ARG A 128 -7.28 -2.26 15.03
C ARG A 128 -6.64 -2.68 16.35
N LYS A 129 -5.69 -3.60 16.27
CA LYS A 129 -4.98 -4.08 17.43
C LYS A 129 -3.97 -3.06 17.94
N SER A 130 -3.28 -2.41 17.01
CA SER A 130 -2.29 -1.40 17.37
C SER A 130 -2.96 -0.15 17.95
N ARG A 131 -4.21 0.10 17.57
CA ARG A 131 -4.97 1.21 18.12
C ARG A 131 -5.60 0.80 19.45
N ASP A 132 -6.21 -0.38 19.45
CA ASP A 132 -6.82 -0.99 20.65
C ASP A 132 -8.11 -0.26 21.07
N SER A 133 -8.38 0.86 20.43
CA SER A 133 -9.56 1.65 20.74
C SER A 133 -9.96 2.48 19.53
N LYS A 1 -32.42 14.49 11.52
CA LYS A 1 -31.46 13.47 12.00
C LYS A 1 -30.04 13.98 11.78
N ALA A 2 -29.05 13.17 12.19
CA ALA A 2 -27.66 13.54 12.01
C ALA A 2 -26.88 12.37 11.43
N VAL A 3 -26.40 12.51 10.21
CA VAL A 3 -25.66 11.45 9.54
C VAL A 3 -24.35 11.16 10.26
N SER A 4 -24.32 10.04 10.95
CA SER A 4 -23.17 9.66 11.74
C SER A 4 -22.31 8.63 11.01
N ASP A 5 -22.17 8.82 9.71
CA ASP A 5 -21.34 7.96 8.88
C ASP A 5 -20.17 8.76 8.31
N ASN A 6 -18.99 8.53 8.85
CA ASN A 6 -17.80 9.25 8.40
C ASN A 6 -17.34 8.74 7.07
N ASP A 7 -16.86 7.52 7.08
CA ASP A 7 -16.26 6.93 5.90
C ASP A 7 -16.03 5.45 6.15
N ASP A 8 -14.88 5.12 6.74
CA ASP A 8 -14.48 3.74 7.04
C ASP A 8 -13.00 3.69 7.39
N MET A 9 -12.20 3.36 6.38
CA MET A 9 -10.75 3.31 6.52
C MET A 9 -10.14 3.65 5.18
N MET A 10 -9.07 4.43 5.18
CA MET A 10 -8.47 4.89 3.95
C MET A 10 -7.30 4.00 3.53
N ILE A 11 -7.44 3.40 2.36
CA ILE A 11 -6.41 2.53 1.81
C ILE A 11 -5.78 3.18 0.58
N LEU A 12 -4.47 3.12 0.51
CA LEU A 12 -3.73 3.71 -0.59
C LEU A 12 -3.48 2.67 -1.67
N VAL A 13 -4.25 2.75 -2.75
CA VAL A 13 -4.04 1.86 -3.87
C VAL A 13 -3.09 2.51 -4.88
N VAL A 14 -1.82 2.19 -4.74
CA VAL A 14 -0.82 2.71 -5.65
C VAL A 14 -0.37 1.61 -6.58
N ASP A 15 -0.14 1.96 -7.83
CA ASP A 15 0.44 1.02 -8.78
C ASP A 15 1.29 1.77 -9.78
N ASP A 16 2.44 1.19 -10.09
CA ASP A 16 3.35 1.71 -11.11
C ASP A 16 2.95 1.17 -12.47
N HIS A 17 1.69 1.40 -12.82
CA HIS A 17 1.10 0.93 -14.07
C HIS A 17 -0.32 1.47 -14.16
N PRO A 18 -0.94 1.48 -15.34
CA PRO A 18 -2.32 1.89 -15.47
C PRO A 18 -3.32 0.73 -15.31
N ILE A 19 -3.00 -0.42 -15.88
CA ILE A 19 -3.90 -1.56 -15.86
C ILE A 19 -4.04 -2.15 -14.45
N ASN A 20 -2.93 -2.31 -13.74
CA ASN A 20 -2.97 -2.88 -12.40
C ASN A 20 -3.55 -1.86 -11.42
N ARG A 21 -3.42 -0.58 -11.76
CA ARG A 21 -4.00 0.50 -10.96
C ARG A 21 -5.52 0.35 -10.89
N ARG A 22 -6.15 0.17 -12.04
CA ARG A 22 -7.60 0.04 -12.10
C ARG A 22 -8.05 -1.29 -11.51
N LEU A 23 -7.20 -2.30 -11.63
CA LEU A 23 -7.53 -3.64 -11.16
C LEU A 23 -7.45 -3.71 -9.63
N LEU A 24 -6.40 -3.15 -9.06
CA LEU A 24 -6.21 -3.15 -7.63
C LEU A 24 -7.21 -2.22 -6.96
N ALA A 25 -7.61 -1.16 -7.67
CA ALA A 25 -8.65 -0.26 -7.19
C ALA A 25 -10.01 -0.96 -7.26
N ASP A 26 -10.16 -1.84 -8.24
CA ASP A 26 -11.38 -2.65 -8.37
C ASP A 26 -11.49 -3.61 -7.19
N GLN A 27 -10.37 -4.28 -6.90
CA GLN A 27 -10.28 -5.18 -5.74
C GLN A 27 -10.58 -4.42 -4.47
N LEU A 28 -10.01 -3.21 -4.35
CA LEU A 28 -10.24 -2.35 -3.20
C LEU A 28 -11.72 -1.96 -3.09
N GLY A 29 -12.31 -1.67 -4.24
CA GLY A 29 -13.72 -1.33 -4.30
C GLY A 29 -14.59 -2.51 -3.90
N SER A 30 -14.09 -3.72 -4.11
CA SER A 30 -14.78 -4.93 -3.70
C SER A 30 -14.72 -5.07 -2.18
N LEU A 31 -13.67 -4.52 -1.58
CA LEU A 31 -13.53 -4.50 -0.13
C LEU A 31 -14.42 -3.45 0.49
N GLY A 32 -14.79 -2.45 -0.33
CA GLY A 32 -15.68 -1.40 0.14
C GLY A 32 -14.96 -0.39 1.01
N TYR A 33 -13.66 -0.26 0.81
CA TYR A 33 -12.87 0.68 1.59
C TYR A 33 -12.53 1.92 0.78
N GLN A 34 -12.06 2.96 1.46
CA GLN A 34 -11.71 4.23 0.81
C GLN A 34 -10.50 4.03 -0.09
N CYS A 35 -10.69 4.24 -1.39
CA CYS A 35 -9.63 4.02 -2.36
C CYS A 35 -8.91 5.33 -2.69
N LYS A 36 -7.63 5.39 -2.37
CA LYS A 36 -6.81 6.54 -2.73
C LYS A 36 -5.83 6.12 -3.82
N THR A 37 -6.03 6.66 -5.02
CA THR A 37 -5.27 6.23 -6.18
C THR A 37 -3.99 7.05 -6.36
N ALA A 38 -2.90 6.37 -6.60
CA ALA A 38 -1.62 7.01 -6.89
C ALA A 38 -0.84 6.18 -7.90
N ASN A 39 0.20 6.76 -8.49
CA ASN A 39 1.00 6.06 -9.48
C ASN A 39 2.47 6.41 -9.33
N ASP A 40 3.07 5.86 -8.25
CA ASP A 40 4.52 5.90 -8.00
C ASP A 40 4.79 5.64 -6.52
N GLY A 41 6.02 5.29 -6.19
CA GLY A 41 6.39 5.11 -4.81
C GLY A 41 6.51 6.45 -4.12
N VAL A 42 7.09 7.43 -4.81
CA VAL A 42 7.21 8.78 -4.29
C VAL A 42 5.85 9.47 -4.30
N ASP A 43 5.01 9.05 -5.24
CA ASP A 43 3.63 9.54 -5.31
C ASP A 43 2.90 9.27 -4.02
N ALA A 44 3.16 8.10 -3.44
CA ALA A 44 2.57 7.72 -2.17
C ALA A 44 3.09 8.59 -1.03
N LEU A 45 4.34 9.02 -1.14
CA LEU A 45 4.95 9.90 -0.15
C LEU A 45 4.21 11.23 -0.10
N ASN A 46 3.94 11.78 -1.27
CA ASN A 46 3.28 13.08 -1.39
C ASN A 46 1.85 13.01 -0.87
N VAL A 47 1.11 12.00 -1.31
CA VAL A 47 -0.27 11.83 -0.88
C VAL A 47 -0.33 11.55 0.62
N LEU A 48 0.70 10.90 1.16
CA LEU A 48 0.81 10.68 2.60
C LEU A 48 0.98 12.00 3.34
N SER A 49 1.65 12.94 2.69
CA SER A 49 1.88 14.25 3.27
C SER A 49 0.67 15.17 3.06
N LYS A 50 -0.25 14.74 2.19
CA LYS A 50 -1.43 15.54 1.89
C LYS A 50 -2.66 15.07 2.68
N ASN A 51 -2.84 13.77 2.76
CA ASN A 51 -4.03 13.19 3.39
C ASN A 51 -3.64 11.98 4.24
N HIS A 52 -4.38 11.75 5.33
CA HIS A 52 -4.12 10.62 6.19
C HIS A 52 -4.66 9.32 5.59
N ILE A 53 -3.77 8.53 5.05
CA ILE A 53 -4.11 7.18 4.63
C ILE A 53 -3.70 6.21 5.73
N ASP A 54 -4.54 5.24 6.01
CA ASP A 54 -4.36 4.37 7.16
C ASP A 54 -3.51 3.15 6.81
N ILE A 55 -3.65 2.66 5.58
CA ILE A 55 -2.81 1.56 5.10
C ILE A 55 -2.28 1.89 3.71
N VAL A 56 -1.00 1.66 3.47
CA VAL A 56 -0.41 1.98 2.17
C VAL A 56 0.04 0.73 1.44
N LEU A 57 -0.35 0.60 0.17
CA LEU A 57 0.11 -0.49 -0.68
C LEU A 57 0.52 0.05 -2.04
N SER A 58 1.78 -0.12 -2.40
CA SER A 58 2.28 0.44 -3.65
C SER A 58 2.84 -0.63 -4.57
N ASP A 59 2.14 -0.86 -5.68
CA ASP A 59 2.60 -1.75 -6.74
C ASP A 59 3.69 -1.05 -7.54
N VAL A 60 4.54 -1.82 -8.20
CA VAL A 60 5.64 -1.24 -8.97
C VAL A 60 5.96 -2.05 -10.21
N ASN A 61 6.60 -1.37 -11.17
CA ASN A 61 7.22 -1.95 -12.38
C ASN A 61 6.64 -1.33 -13.65
N MET A 62 7.04 -0.11 -13.92
CA MET A 62 6.72 0.55 -15.19
C MET A 62 8.00 0.92 -15.95
N PRO A 63 8.94 1.68 -15.31
CA PRO A 63 10.21 2.03 -15.96
C PRO A 63 11.13 0.82 -16.11
N ASN A 64 11.62 0.30 -14.99
CA ASN A 64 12.55 -0.83 -15.00
C ASN A 64 12.55 -1.55 -13.67
N MET A 65 13.69 -2.14 -13.30
CA MET A 65 13.79 -2.92 -12.09
C MET A 65 14.00 -2.04 -10.87
N ASP A 66 12.93 -1.39 -10.44
CA ASP A 66 12.94 -0.61 -9.22
C ASP A 66 11.68 -0.92 -8.41
N GLY A 67 11.45 -0.13 -7.37
CA GLY A 67 10.29 -0.35 -6.53
C GLY A 67 10.67 -0.38 -5.07
N TYR A 68 11.96 -0.57 -4.82
CA TYR A 68 12.46 -0.62 -3.46
C TYR A 68 12.91 0.76 -3.01
N ARG A 69 13.63 1.46 -3.88
CA ARG A 69 14.28 2.69 -3.51
C ARG A 69 13.29 3.70 -2.93
N LEU A 70 12.05 3.55 -3.31
CA LEU A 70 11.03 4.54 -2.98
C LEU A 70 10.63 4.34 -1.53
N THR A 71 10.89 3.15 -1.05
CA THR A 71 10.67 2.80 0.33
C THR A 71 11.78 3.40 1.17
N GLN A 72 12.96 3.51 0.56
CA GLN A 72 14.07 4.20 1.20
C GLN A 72 13.68 5.64 1.48
N ARG A 73 12.93 6.21 0.55
CA ARG A 73 12.40 7.55 0.72
C ARG A 73 11.29 7.56 1.77
N ILE A 74 10.52 6.48 1.85
CA ILE A 74 9.46 6.35 2.85
C ILE A 74 10.05 6.39 4.26
N ARG A 75 11.07 5.58 4.50
CA ARG A 75 11.72 5.52 5.81
C ARG A 75 12.52 6.78 6.07
N GLN A 76 12.90 7.48 5.00
CA GLN A 76 13.61 8.74 5.12
C GLN A 76 12.63 9.83 5.58
N LEU A 77 11.41 9.77 5.05
CA LEU A 77 10.36 10.71 5.39
C LEU A 77 9.83 10.42 6.80
N GLY A 78 9.48 9.16 7.05
CA GLY A 78 8.97 8.78 8.35
C GLY A 78 7.63 8.05 8.24
N LEU A 79 7.69 6.74 8.16
CA LEU A 79 6.48 5.93 8.04
C LEU A 79 5.77 5.81 9.39
N THR A 80 4.50 6.14 9.40
CA THR A 80 3.69 6.05 10.61
C THR A 80 2.76 4.83 10.54
N LEU A 81 2.82 4.12 9.42
CA LEU A 81 1.88 3.05 9.15
C LEU A 81 2.54 1.95 8.30
N PRO A 82 1.95 0.75 8.27
CA PRO A 82 2.48 -0.38 7.49
C PRO A 82 2.44 -0.12 5.98
N VAL A 83 3.55 -0.43 5.32
CA VAL A 83 3.62 -0.29 3.87
C VAL A 83 3.76 -1.66 3.21
N ILE A 84 2.80 -2.00 2.39
CA ILE A 84 2.82 -3.24 1.65
C ILE A 84 3.18 -2.99 0.19
N GLY A 85 4.36 -3.41 -0.20
CA GLY A 85 4.82 -3.17 -1.55
C GLY A 85 4.53 -4.33 -2.46
N VAL A 86 3.93 -4.05 -3.60
CA VAL A 86 3.65 -5.09 -4.59
C VAL A 86 4.72 -5.04 -5.66
N THR A 87 5.74 -5.87 -5.47
CA THR A 87 6.90 -5.90 -6.34
C THR A 87 6.68 -6.85 -7.52
N ALA A 88 7.51 -6.75 -8.54
CA ALA A 88 7.31 -7.54 -9.74
C ALA A 88 8.61 -8.03 -10.36
N ASN A 89 8.74 -9.36 -10.43
CA ASN A 89 9.75 -10.02 -11.26
C ASN A 89 11.18 -9.78 -10.78
N ALA A 90 11.39 -9.84 -9.47
CA ALA A 90 12.75 -9.72 -8.95
C ALA A 90 13.11 -10.93 -8.09
N LEU A 91 12.13 -11.47 -7.38
CA LEU A 91 12.30 -12.63 -6.49
C LEU A 91 13.04 -12.24 -5.22
N ALA A 92 14.15 -11.53 -5.37
CA ALA A 92 14.91 -11.04 -4.22
C ALA A 92 14.33 -9.72 -3.72
N GLU A 93 13.04 -9.53 -3.95
CA GLU A 93 12.35 -8.31 -3.55
C GLU A 93 12.44 -8.11 -2.04
N GLU A 94 12.38 -9.22 -1.31
CA GLU A 94 12.50 -9.18 0.14
C GLU A 94 13.87 -8.64 0.56
N LYS A 95 14.87 -8.84 -0.30
CA LYS A 95 16.20 -8.33 -0.02
C LYS A 95 16.23 -6.82 -0.23
N GLN A 96 15.53 -6.33 -1.25
CA GLN A 96 15.46 -4.89 -1.45
C GLN A 96 14.65 -4.26 -0.32
N ARG A 97 13.70 -5.02 0.21
CA ARG A 97 12.97 -4.60 1.40
C ARG A 97 13.93 -4.44 2.59
N CYS A 98 14.99 -5.23 2.58
CA CYS A 98 16.05 -5.06 3.57
C CYS A 98 16.89 -3.83 3.23
N LEU A 99 16.97 -3.52 1.94
CA LEU A 99 17.77 -2.41 1.46
C LEU A 99 17.14 -1.06 1.84
N GLU A 100 15.88 -0.86 1.48
CA GLU A 100 15.20 0.41 1.78
C GLU A 100 14.73 0.44 3.23
N SER A 101 14.28 -0.70 3.73
CA SER A 101 13.90 -0.89 5.13
C SER A 101 12.86 0.14 5.61
N GLY A 102 11.76 0.26 4.88
CA GLY A 102 10.69 1.13 5.33
C GLY A 102 9.32 0.64 4.92
N MET A 103 9.22 -0.65 4.60
CA MET A 103 7.98 -1.22 4.07
C MET A 103 7.17 -1.89 5.16
N ASP A 104 7.01 -3.21 5.02
CA ASP A 104 6.32 -4.06 5.99
C ASP A 104 6.19 -5.45 5.40
N SER A 105 5.66 -5.50 4.18
CA SER A 105 5.50 -6.75 3.45
C SER A 105 5.78 -6.55 1.96
N CYS A 106 6.13 -7.63 1.27
CA CYS A 106 6.39 -7.58 -0.16
C CYS A 106 5.64 -8.70 -0.88
N LEU A 107 4.75 -8.30 -1.79
CA LEU A 107 3.96 -9.25 -2.57
C LEU A 107 4.36 -9.18 -4.04
N SER A 108 3.66 -9.91 -4.88
CA SER A 108 3.95 -9.91 -6.31
C SER A 108 2.83 -9.21 -7.09
N LYS A 109 3.23 -8.48 -8.13
CA LYS A 109 2.32 -7.70 -8.99
C LYS A 109 1.07 -8.49 -9.44
N PRO A 110 1.20 -9.77 -9.86
CA PRO A 110 0.04 -10.62 -10.16
C PRO A 110 -0.78 -10.96 -8.91
N VAL A 111 -1.27 -9.93 -8.25
CA VAL A 111 -2.13 -10.08 -7.09
C VAL A 111 -3.57 -10.35 -7.52
N THR A 112 -4.31 -11.03 -6.67
CA THR A 112 -5.70 -11.34 -6.97
C THR A 112 -6.62 -10.86 -5.85
N LEU A 113 -7.92 -10.92 -6.08
CA LEU A 113 -8.92 -10.51 -5.10
C LEU A 113 -8.70 -11.19 -3.75
N ASP A 114 -8.46 -12.50 -3.79
CA ASP A 114 -8.29 -13.27 -2.56
C ASP A 114 -7.04 -12.84 -1.82
N VAL A 115 -5.95 -12.73 -2.55
CA VAL A 115 -4.66 -12.35 -1.96
C VAL A 115 -4.73 -10.95 -1.36
N ILE A 116 -5.31 -10.01 -2.09
CA ILE A 116 -5.43 -8.64 -1.62
C ILE A 116 -6.37 -8.56 -0.43
N LYS A 117 -7.42 -9.37 -0.43
CA LYS A 117 -8.37 -9.40 0.67
C LYS A 117 -7.72 -9.97 1.92
N GLN A 118 -6.83 -10.93 1.73
CA GLN A 118 -6.11 -11.53 2.83
C GLN A 118 -5.20 -10.51 3.50
N THR A 119 -4.39 -9.84 2.67
CA THR A 119 -3.49 -8.81 3.17
C THR A 119 -4.26 -7.65 3.81
N LEU A 120 -5.37 -7.27 3.18
CA LEU A 120 -6.26 -6.23 3.70
C LEU A 120 -6.77 -6.62 5.08
N THR A 121 -7.38 -7.78 5.17
CA THR A 121 -8.00 -8.27 6.39
C THR A 121 -6.98 -8.42 7.52
N LEU A 122 -5.84 -9.02 7.22
CA LEU A 122 -4.80 -9.27 8.22
C LEU A 122 -4.25 -7.97 8.78
N TYR A 123 -4.06 -6.98 7.93
CA TYR A 123 -3.48 -5.71 8.36
C TYR A 123 -4.51 -4.81 9.01
N ALA A 124 -5.76 -4.92 8.56
CA ALA A 124 -6.84 -4.15 9.15
C ALA A 124 -7.06 -4.53 10.60
N GLU A 125 -7.04 -5.83 10.88
CA GLU A 125 -7.19 -6.30 12.25
C GLU A 125 -5.94 -5.96 13.06
N ARG A 126 -4.78 -5.98 12.41
CA ARG A 126 -3.52 -5.67 13.05
C ARG A 126 -3.50 -4.22 13.55
N VAL A 127 -3.90 -3.29 12.69
CA VAL A 127 -3.94 -1.88 13.09
C VAL A 127 -5.09 -1.62 14.05
N ARG A 128 -6.16 -2.41 13.91
CA ARG A 128 -7.31 -2.29 14.80
C ARG A 128 -6.92 -2.63 16.24
N LYS A 129 -6.23 -3.74 16.43
CA LYS A 129 -5.83 -4.18 17.76
C LYS A 129 -4.62 -3.39 18.26
N SER A 130 -3.92 -2.72 17.37
CA SER A 130 -2.80 -1.87 17.77
C SER A 130 -3.30 -0.52 18.28
N ARG A 131 -4.26 0.06 17.57
CA ARG A 131 -4.82 1.35 17.96
C ARG A 131 -5.75 1.18 19.17
N ASP A 132 -6.63 0.19 19.08
CA ASP A 132 -7.60 -0.05 20.15
C ASP A 132 -7.01 -0.98 21.19
N SER A 133 -7.77 -1.23 22.24
CA SER A 133 -7.31 -2.11 23.31
C SER A 133 -8.45 -2.99 23.80
N LYS A 1 -32.36 12.65 13.89
CA LYS A 1 -31.09 12.14 14.45
C LYS A 1 -30.50 11.06 13.54
N ALA A 2 -30.18 11.46 12.31
CA ALA A 2 -29.63 10.53 11.34
C ALA A 2 -28.17 10.20 11.67
N VAL A 3 -27.65 9.15 11.07
CA VAL A 3 -26.29 8.73 11.35
C VAL A 3 -25.38 8.98 10.14
N SER A 4 -24.30 9.70 10.38
CA SER A 4 -23.33 9.96 9.34
C SER A 4 -22.00 9.32 9.73
N ASP A 5 -21.80 8.09 9.27
CA ASP A 5 -20.59 7.34 9.58
C ASP A 5 -19.37 8.00 8.97
N ASN A 6 -18.22 7.83 9.61
CA ASN A 6 -16.98 8.39 9.09
C ASN A 6 -16.65 7.74 7.76
N ASP A 7 -16.38 6.44 7.81
CA ASP A 7 -16.09 5.62 6.65
C ASP A 7 -15.81 4.20 7.10
N ASP A 8 -14.53 3.92 7.34
CA ASP A 8 -14.07 2.64 7.89
C ASP A 8 -12.56 2.59 7.90
N MET A 9 -11.99 2.45 6.71
CA MET A 9 -10.54 2.38 6.56
C MET A 9 -10.11 3.04 5.26
N MET A 10 -9.19 3.98 5.37
CA MET A 10 -8.62 4.63 4.20
C MET A 10 -7.38 3.89 3.75
N ILE A 11 -7.38 3.43 2.51
CA ILE A 11 -6.27 2.66 1.96
C ILE A 11 -5.64 3.39 0.79
N LEU A 12 -4.32 3.32 0.71
CA LEU A 12 -3.59 3.92 -0.41
C LEU A 12 -3.25 2.86 -1.44
N VAL A 13 -3.81 2.98 -2.62
CA VAL A 13 -3.54 2.03 -3.69
C VAL A 13 -2.72 2.69 -4.80
N VAL A 14 -1.44 2.36 -4.82
CA VAL A 14 -0.54 2.88 -5.83
C VAL A 14 -0.25 1.80 -6.86
N ASP A 15 -0.16 2.18 -8.13
CA ASP A 15 0.33 1.26 -9.16
C ASP A 15 0.82 2.05 -10.36
N ASP A 16 2.06 1.77 -10.76
CA ASP A 16 2.70 2.52 -11.84
C ASP A 16 2.27 2.05 -13.23
N HIS A 17 1.26 1.19 -13.30
CA HIS A 17 0.71 0.79 -14.59
C HIS A 17 -0.82 0.84 -14.54
N PRO A 18 -1.43 1.55 -15.50
CA PRO A 18 -2.88 1.84 -15.53
C PRO A 18 -3.76 0.60 -15.37
N ILE A 19 -3.43 -0.48 -16.05
CA ILE A 19 -4.26 -1.68 -16.03
C ILE A 19 -4.32 -2.29 -14.63
N ASN A 20 -3.19 -2.31 -13.95
CA ASN A 20 -3.15 -2.90 -12.62
C ASN A 20 -3.61 -1.91 -11.57
N ARG A 21 -3.41 -0.62 -11.82
CA ARG A 21 -3.97 0.42 -10.97
C ARG A 21 -5.50 0.31 -10.96
N ARG A 22 -6.05 0.06 -12.14
CA ARG A 22 -7.49 -0.15 -12.29
C ARG A 22 -7.93 -1.38 -11.50
N LEU A 23 -7.23 -2.48 -11.70
CA LEU A 23 -7.62 -3.77 -11.14
C LEU A 23 -7.44 -3.79 -9.62
N LEU A 24 -6.43 -3.10 -9.15
CA LEU A 24 -6.15 -3.00 -7.73
C LEU A 24 -7.23 -2.16 -7.03
N ALA A 25 -7.69 -1.13 -7.72
CA ALA A 25 -8.80 -0.31 -7.22
C ALA A 25 -10.11 -1.09 -7.32
N ASP A 26 -10.19 -1.96 -8.32
CA ASP A 26 -11.33 -2.85 -8.49
C ASP A 26 -11.43 -3.77 -7.28
N GLN A 27 -10.31 -4.36 -6.93
CA GLN A 27 -10.22 -5.27 -5.79
C GLN A 27 -10.60 -4.57 -4.49
N LEU A 28 -10.01 -3.41 -4.24
CA LEU A 28 -10.32 -2.64 -3.04
C LEU A 28 -11.78 -2.19 -3.02
N GLY A 29 -12.29 -1.87 -4.19
CA GLY A 29 -13.70 -1.50 -4.30
C GLY A 29 -14.62 -2.66 -3.99
N SER A 30 -14.15 -3.86 -4.31
CA SER A 30 -14.90 -5.08 -4.00
C SER A 30 -14.94 -5.29 -2.49
N LEU A 31 -13.92 -4.81 -1.80
CA LEU A 31 -13.89 -4.81 -0.35
C LEU A 31 -14.85 -3.75 0.18
N GLY A 32 -14.88 -2.62 -0.49
CA GLY A 32 -15.71 -1.52 -0.05
C GLY A 32 -14.92 -0.52 0.77
N TYR A 33 -13.61 -0.55 0.63
CA TYR A 33 -12.74 0.32 1.40
C TYR A 33 -12.30 1.53 0.57
N GLN A 34 -11.94 2.60 1.25
CA GLN A 34 -11.58 3.84 0.60
C GLN A 34 -10.30 3.67 -0.20
N CYS A 35 -10.37 3.99 -1.48
CA CYS A 35 -9.25 3.78 -2.39
C CYS A 35 -8.64 5.10 -2.82
N LYS A 36 -7.50 5.45 -2.24
CA LYS A 36 -6.76 6.64 -2.65
C LYS A 36 -5.75 6.25 -3.72
N THR A 37 -5.92 6.77 -4.92
CA THR A 37 -5.13 6.33 -6.06
C THR A 37 -3.85 7.15 -6.23
N ALA A 38 -2.79 6.46 -6.62
CA ALA A 38 -1.51 7.08 -6.92
C ALA A 38 -0.73 6.16 -7.85
N ASN A 39 0.35 6.63 -8.43
CA ASN A 39 1.12 5.79 -9.34
C ASN A 39 2.61 6.16 -9.36
N ASP A 40 3.29 5.79 -8.28
CA ASP A 40 4.75 5.90 -8.15
C ASP A 40 5.13 5.76 -6.68
N GLY A 41 6.37 5.39 -6.41
CA GLY A 41 6.84 5.27 -5.04
C GLY A 41 6.96 6.63 -4.38
N VAL A 42 7.52 7.58 -5.12
CA VAL A 42 7.62 8.95 -4.64
C VAL A 42 6.25 9.64 -4.68
N ASP A 43 5.39 9.21 -5.60
CA ASP A 43 4.01 9.70 -5.65
C ASP A 43 3.31 9.44 -4.31
N ALA A 44 3.60 8.29 -3.73
CA ALA A 44 3.06 7.93 -2.43
C ALA A 44 3.56 8.91 -1.35
N LEU A 45 4.79 9.37 -1.49
CA LEU A 45 5.37 10.34 -0.57
C LEU A 45 4.52 11.60 -0.52
N ASN A 46 4.21 12.14 -1.69
CA ASN A 46 3.44 13.38 -1.80
C ASN A 46 2.06 13.24 -1.16
N VAL A 47 1.34 12.18 -1.54
CA VAL A 47 -0.02 11.98 -1.05
C VAL A 47 -0.03 11.69 0.46
N LEU A 48 1.02 11.02 0.94
CA LEU A 48 1.14 10.71 2.37
C LEU A 48 1.32 11.99 3.19
N SER A 49 2.00 12.96 2.60
CA SER A 49 2.28 14.21 3.29
C SER A 49 1.07 15.14 3.27
N LYS A 50 0.23 15.01 2.25
CA LYS A 50 -0.91 15.91 2.09
C LYS A 50 -2.22 15.24 2.49
N ASN A 51 -2.16 13.98 2.91
CA ASN A 51 -3.35 13.25 3.32
C ASN A 51 -2.95 12.05 4.18
N HIS A 52 -3.70 11.82 5.25
CA HIS A 52 -3.40 10.73 6.17
C HIS A 52 -4.10 9.45 5.75
N ILE A 53 -3.34 8.37 5.69
CA ILE A 53 -3.86 7.06 5.31
C ILE A 53 -3.43 6.02 6.33
N ASP A 54 -4.27 5.02 6.60
CA ASP A 54 -3.95 4.02 7.61
C ASP A 54 -3.10 2.90 7.02
N ILE A 55 -3.60 2.28 5.96
CA ILE A 55 -2.87 1.23 5.28
C ILE A 55 -2.34 1.73 3.96
N VAL A 56 -1.03 1.67 3.78
CA VAL A 56 -0.39 2.18 2.57
C VAL A 56 0.26 1.05 1.79
N LEU A 57 -0.04 0.97 0.50
CA LEU A 57 0.61 -0.01 -0.37
C LEU A 57 0.98 0.66 -1.70
N SER A 58 2.18 0.35 -2.19
CA SER A 58 2.65 0.90 -3.45
C SER A 58 3.08 -0.22 -4.38
N ASP A 59 2.38 -0.31 -5.51
CA ASP A 59 2.63 -1.36 -6.48
C ASP A 59 3.63 -0.90 -7.54
N VAL A 60 4.84 -1.42 -7.45
CA VAL A 60 5.87 -1.14 -8.43
C VAL A 60 5.72 -2.07 -9.62
N ASN A 61 5.18 -1.55 -10.71
CA ASN A 61 4.83 -2.36 -11.85
C ASN A 61 5.92 -2.30 -12.91
N MET A 62 7.15 -2.07 -12.48
CA MET A 62 8.27 -1.92 -13.40
C MET A 62 9.59 -2.02 -12.65
N PRO A 63 10.48 -2.93 -13.09
CA PRO A 63 11.84 -3.02 -12.56
C PRO A 63 12.58 -1.71 -12.79
N ASN A 64 13.23 -1.20 -11.75
CA ASN A 64 13.85 0.11 -11.84
C ASN A 64 15.29 0.07 -11.36
N MET A 65 16.04 1.11 -11.68
CA MET A 65 17.43 1.23 -11.24
C MET A 65 17.48 2.03 -9.95
N ASP A 66 16.31 2.45 -9.50
CA ASP A 66 16.17 3.15 -8.23
C ASP A 66 15.61 2.20 -7.19
N GLY A 67 15.72 0.91 -7.48
CA GLY A 67 15.21 -0.12 -6.60
C GLY A 67 15.93 -0.14 -5.28
N TYR A 68 15.20 0.24 -4.22
CA TYR A 68 15.70 0.40 -2.83
C TYR A 68 15.37 1.82 -2.38
N ARG A 69 15.36 2.71 -3.31
CA ARG A 69 15.21 4.07 -2.92
C ARG A 69 13.77 4.47 -2.62
N LEU A 70 12.81 3.82 -3.27
CA LEU A 70 11.44 4.31 -3.27
C LEU A 70 10.94 4.42 -1.83
N THR A 71 11.17 3.35 -1.11
CA THR A 71 10.79 3.29 0.27
C THR A 71 11.84 4.00 1.13
N GLN A 72 13.09 4.08 0.64
CA GLN A 72 14.11 4.85 1.34
C GLN A 72 13.62 6.26 1.59
N ARG A 73 12.95 6.83 0.60
CA ARG A 73 12.37 8.16 0.73
C ARG A 73 11.16 8.12 1.65
N ILE A 74 10.38 7.03 1.58
CA ILE A 74 9.25 6.83 2.46
C ILE A 74 9.66 6.93 3.94
N ARG A 75 10.71 6.20 4.29
CA ARG A 75 11.19 6.17 5.67
C ARG A 75 11.88 7.48 6.03
N GLN A 76 12.38 8.20 5.03
CA GLN A 76 13.05 9.48 5.26
C GLN A 76 12.05 10.53 5.73
N LEU A 77 10.80 10.41 5.27
CA LEU A 77 9.75 11.32 5.68
C LEU A 77 9.33 11.04 7.13
N GLY A 78 9.75 9.88 7.63
CA GLY A 78 9.47 9.53 9.00
C GLY A 78 8.25 8.64 9.14
N LEU A 79 8.03 7.80 8.13
CA LEU A 79 6.90 6.88 8.15
C LEU A 79 7.13 5.78 9.18
N THR A 80 6.07 5.39 9.85
CA THR A 80 6.14 4.34 10.85
C THR A 80 4.82 3.57 10.88
N LEU A 81 4.27 3.35 9.70
CA LEU A 81 3.02 2.63 9.55
C LEU A 81 3.19 1.51 8.54
N PRO A 82 2.30 0.50 8.54
CA PRO A 82 2.41 -0.66 7.65
C PRO A 82 2.34 -0.30 6.16
N VAL A 83 3.46 -0.50 5.46
CA VAL A 83 3.51 -0.28 4.03
C VAL A 83 3.73 -1.59 3.29
N ILE A 84 2.84 -1.88 2.35
CA ILE A 84 2.95 -3.07 1.54
C ILE A 84 3.51 -2.71 0.18
N GLY A 85 4.56 -3.39 -0.22
CA GLY A 85 5.16 -3.14 -1.52
C GLY A 85 4.95 -4.31 -2.45
N VAL A 86 4.14 -4.12 -3.46
CA VAL A 86 3.88 -5.16 -4.44
C VAL A 86 4.86 -5.03 -5.61
N THR A 87 5.69 -6.03 -5.79
CA THR A 87 6.77 -5.97 -6.74
C THR A 87 6.48 -6.83 -7.97
N ALA A 88 7.16 -6.54 -9.08
CA ALA A 88 7.01 -7.31 -10.29
C ALA A 88 8.33 -7.96 -10.70
N ASN A 89 8.43 -9.26 -10.45
CA ASN A 89 9.59 -10.07 -10.86
C ASN A 89 10.90 -9.50 -10.35
N ALA A 90 10.86 -8.89 -9.18
CA ALA A 90 12.06 -8.40 -8.52
C ALA A 90 12.57 -9.46 -7.55
N LEU A 91 13.46 -10.30 -8.03
CA LEU A 91 13.90 -11.48 -7.28
C LEU A 91 14.84 -11.13 -6.11
N ALA A 92 14.91 -9.86 -5.75
CA ALA A 92 15.69 -9.43 -4.60
C ALA A 92 14.99 -8.27 -3.90
N GLU A 93 13.67 -8.20 -4.06
CA GLU A 93 12.90 -7.09 -3.53
C GLU A 93 12.88 -7.11 -2.01
N GLU A 94 12.99 -8.29 -1.41
CA GLU A 94 13.08 -8.40 0.04
C GLU A 94 14.35 -7.72 0.53
N LYS A 95 15.39 -7.72 -0.31
CA LYS A 95 16.64 -7.09 0.05
C LYS A 95 16.51 -5.58 0.02
N GLN A 96 15.79 -5.03 -0.97
CA GLN A 96 15.58 -3.59 -0.97
C GLN A 96 14.62 -3.23 0.15
N ARG A 97 13.66 -4.11 0.43
CA ARG A 97 12.71 -3.87 1.52
C ARG A 97 13.45 -3.54 2.81
N CYS A 98 14.56 -4.24 3.04
CA CYS A 98 15.41 -3.97 4.19
C CYS A 98 16.27 -2.72 3.98
N LEU A 99 16.63 -2.44 2.73
CA LEU A 99 17.48 -1.30 2.39
C LEU A 99 16.74 0.04 2.55
N GLU A 100 15.58 0.16 1.91
CA GLU A 100 14.72 1.34 2.04
C GLU A 100 14.14 1.44 3.45
N SER A 101 13.86 0.28 4.06
CA SER A 101 13.45 0.18 5.46
C SER A 101 12.27 1.10 5.84
N GLY A 102 11.20 1.06 5.08
CA GLY A 102 10.02 1.84 5.44
C GLY A 102 8.75 1.15 5.02
N MET A 103 8.82 -0.16 4.86
CA MET A 103 7.71 -0.93 4.33
C MET A 103 6.99 -1.70 5.44
N ASP A 104 6.87 -3.01 5.27
CA ASP A 104 6.23 -3.90 6.24
C ASP A 104 6.18 -5.30 5.66
N SER A 105 5.61 -5.40 4.47
CA SER A 105 5.53 -6.66 3.74
C SER A 105 5.57 -6.41 2.24
N CYS A 106 6.06 -7.38 1.48
CA CYS A 106 6.09 -7.29 0.03
C CYS A 106 5.23 -8.38 -0.59
N LEU A 107 4.58 -8.05 -1.70
CA LEU A 107 3.73 -9.00 -2.41
C LEU A 107 4.15 -9.10 -3.87
N SER A 108 3.46 -9.93 -4.63
CA SER A 108 3.77 -10.11 -6.04
C SER A 108 2.69 -9.46 -6.89
N LYS A 109 3.10 -8.97 -8.06
CA LYS A 109 2.23 -8.14 -8.90
C LYS A 109 0.84 -8.72 -9.17
N PRO A 110 0.70 -10.03 -9.49
CA PRO A 110 -0.62 -10.63 -9.76
C PRO A 110 -1.50 -10.74 -8.51
N VAL A 111 -1.77 -9.59 -7.87
CA VAL A 111 -2.67 -9.54 -6.73
C VAL A 111 -4.12 -9.68 -7.17
N THR A 112 -4.72 -10.81 -6.85
CA THR A 112 -6.11 -11.06 -7.16
C THR A 112 -6.99 -10.75 -5.94
N LEU A 113 -8.30 -10.95 -6.09
CA LEU A 113 -9.26 -10.66 -5.02
C LEU A 113 -8.92 -11.43 -3.75
N ASP A 114 -8.59 -12.69 -3.90
CA ASP A 114 -8.27 -13.54 -2.76
C ASP A 114 -7.02 -13.05 -2.06
N VAL A 115 -6.02 -12.71 -2.85
CA VAL A 115 -4.76 -12.22 -2.32
C VAL A 115 -4.98 -10.92 -1.55
N ILE A 116 -5.71 -9.99 -2.13
CA ILE A 116 -5.97 -8.72 -1.48
C ILE A 116 -6.84 -8.90 -0.24
N LYS A 117 -7.69 -9.92 -0.25
CA LYS A 117 -8.60 -10.18 0.86
C LYS A 117 -7.86 -10.68 2.09
N GLN A 118 -6.98 -11.66 1.92
CA GLN A 118 -6.25 -12.20 3.06
C GLN A 118 -5.34 -11.14 3.67
N THR A 119 -4.73 -10.33 2.80
CA THR A 119 -3.88 -9.24 3.27
C THR A 119 -4.72 -8.17 3.98
N LEU A 120 -5.86 -7.81 3.40
CA LEU A 120 -6.72 -6.78 3.95
C LEU A 120 -7.26 -7.17 5.31
N THR A 121 -7.83 -8.36 5.40
CA THR A 121 -8.44 -8.84 6.63
C THR A 121 -7.43 -8.95 7.77
N LEU A 122 -6.23 -9.44 7.45
CA LEU A 122 -5.18 -9.59 8.46
C LEU A 122 -4.63 -8.23 8.87
N TYR A 123 -4.41 -7.37 7.89
CA TYR A 123 -3.84 -6.06 8.14
C TYR A 123 -4.79 -5.21 8.96
N ALA A 124 -6.05 -5.15 8.53
CA ALA A 124 -7.07 -4.34 9.20
C ALA A 124 -7.23 -4.73 10.66
N GLU A 125 -7.21 -6.03 10.94
CA GLU A 125 -7.34 -6.51 12.31
C GLU A 125 -6.17 -6.00 13.16
N ARG A 126 -4.97 -6.05 12.60
CA ARG A 126 -3.77 -5.68 13.35
C ARG A 126 -3.70 -4.16 13.53
N VAL A 127 -4.00 -3.41 12.48
CA VAL A 127 -3.91 -1.96 12.53
C VAL A 127 -5.03 -1.38 13.39
N ARG A 128 -6.16 -2.07 13.41
CA ARG A 128 -7.27 -1.68 14.28
C ARG A 128 -6.85 -1.80 15.74
N LYS A 129 -6.16 -2.88 16.07
CA LYS A 129 -5.68 -3.12 17.42
C LYS A 129 -4.48 -2.22 17.72
N SER A 130 -3.84 -1.72 16.67
CA SER A 130 -2.71 -0.81 16.84
C SER A 130 -3.18 0.63 17.06
N ARG A 131 -4.33 0.97 16.48
CA ARG A 131 -4.88 2.32 16.59
C ARG A 131 -5.75 2.44 17.84
N ASP A 132 -6.60 1.43 18.04
CA ASP A 132 -7.52 1.36 19.18
C ASP A 132 -8.66 2.39 19.06
N SER A 133 -8.32 3.66 18.95
CA SER A 133 -9.30 4.72 18.87
C SER A 133 -9.02 5.62 17.67
N LYS A 1 -29.89 -1.23 16.83
CA LYS A 1 -30.78 -0.27 17.52
C LYS A 1 -30.48 1.16 17.11
N ALA A 2 -29.28 1.39 16.56
CA ALA A 2 -28.85 2.73 16.19
C ALA A 2 -27.91 2.68 14.99
N VAL A 3 -27.37 3.83 14.62
CA VAL A 3 -26.37 3.89 13.56
C VAL A 3 -25.16 3.08 13.98
N SER A 4 -24.81 2.07 13.19
CA SER A 4 -23.87 1.06 13.62
C SER A 4 -22.45 1.29 13.07
N ASP A 5 -22.09 0.55 12.05
CA ASP A 5 -20.68 0.38 11.69
C ASP A 5 -20.28 1.15 10.45
N ASN A 6 -19.11 1.77 10.55
CA ASN A 6 -18.45 2.37 9.39
C ASN A 6 -16.96 2.27 9.56
N ASP A 7 -16.29 1.73 8.57
CA ASP A 7 -14.84 1.76 8.56
C ASP A 7 -14.36 2.29 7.23
N ASP A 8 -14.22 3.61 7.16
CA ASP A 8 -13.73 4.26 5.96
C ASP A 8 -12.21 4.19 5.96
N MET A 9 -11.71 2.96 5.87
CA MET A 9 -10.29 2.70 5.91
C MET A 9 -9.65 3.11 4.60
N MET A 10 -8.69 4.01 4.70
CA MET A 10 -8.09 4.59 3.52
C MET A 10 -6.92 3.73 3.04
N ILE A 11 -7.05 3.22 1.83
CA ILE A 11 -6.02 2.39 1.24
C ILE A 11 -5.49 3.04 -0.03
N LEU A 12 -4.17 3.15 -0.12
CA LEU A 12 -3.53 3.79 -1.26
C LEU A 12 -3.13 2.75 -2.30
N VAL A 13 -3.73 2.84 -3.49
CA VAL A 13 -3.33 1.99 -4.59
C VAL A 13 -2.32 2.73 -5.47
N VAL A 14 -1.05 2.48 -5.21
CA VAL A 14 0.03 3.21 -5.86
C VAL A 14 0.73 2.36 -6.90
N ASP A 15 0.17 2.30 -8.09
CA ASP A 15 0.70 1.40 -9.13
C ASP A 15 1.26 2.20 -10.30
N ASP A 16 2.21 1.61 -11.03
CA ASP A 16 2.84 2.30 -12.16
C ASP A 16 2.14 2.03 -13.49
N HIS A 17 1.35 0.96 -13.55
CA HIS A 17 0.72 0.54 -14.80
C HIS A 17 -0.79 0.83 -14.77
N PRO A 18 -1.24 1.87 -15.49
CA PRO A 18 -2.64 2.34 -15.47
C PRO A 18 -3.68 1.21 -15.48
N ILE A 19 -3.44 0.17 -16.27
CA ILE A 19 -4.34 -0.98 -16.34
C ILE A 19 -4.43 -1.70 -14.99
N ASN A 20 -3.29 -1.83 -14.32
CA ASN A 20 -3.22 -2.53 -13.05
C ASN A 20 -3.82 -1.67 -11.95
N ARG A 21 -3.68 -0.36 -12.08
CA ARG A 21 -4.32 0.58 -11.16
C ARG A 21 -5.82 0.35 -11.15
N ARG A 22 -6.38 0.16 -12.34
CA ARG A 22 -7.81 -0.11 -12.50
C ARG A 22 -8.21 -1.35 -11.72
N LEU A 23 -7.47 -2.43 -11.94
CA LEU A 23 -7.82 -3.73 -11.42
C LEU A 23 -7.55 -3.84 -9.91
N LEU A 24 -6.51 -3.15 -9.47
CA LEU A 24 -6.13 -3.15 -8.07
C LEU A 24 -7.12 -2.32 -7.24
N ALA A 25 -7.50 -1.16 -7.77
CA ALA A 25 -8.51 -0.33 -7.13
C ALA A 25 -9.89 -1.01 -7.22
N ASP A 26 -10.03 -1.86 -8.23
CA ASP A 26 -11.24 -2.66 -8.39
C ASP A 26 -11.36 -3.65 -7.24
N GLN A 27 -10.28 -4.37 -6.98
CA GLN A 27 -10.22 -5.31 -5.85
C GLN A 27 -10.41 -4.56 -4.54
N LEU A 28 -9.86 -3.35 -4.47
CA LEU A 28 -10.02 -2.46 -3.32
C LEU A 28 -11.51 -2.16 -3.10
N GLY A 29 -12.20 -1.89 -4.19
CA GLY A 29 -13.63 -1.63 -4.11
C GLY A 29 -14.42 -2.84 -3.70
N SER A 30 -13.93 -4.03 -4.07
CA SER A 30 -14.57 -5.27 -3.70
C SER A 30 -14.63 -5.43 -2.18
N LEU A 31 -13.54 -5.08 -1.50
CA LEU A 31 -13.53 -5.12 -0.04
C LEU A 31 -14.49 -4.08 0.51
N GLY A 32 -14.50 -2.92 -0.14
CA GLY A 32 -15.42 -1.87 0.25
C GLY A 32 -14.76 -0.83 1.14
N TYR A 33 -13.51 -0.51 0.83
CA TYR A 33 -12.77 0.49 1.58
C TYR A 33 -12.50 1.71 0.70
N GLN A 34 -11.77 2.67 1.24
CA GLN A 34 -11.51 3.91 0.53
C GLN A 34 -10.32 3.76 -0.40
N CYS A 35 -10.57 3.73 -1.69
CA CYS A 35 -9.51 3.59 -2.68
C CYS A 35 -8.99 4.96 -3.11
N LYS A 36 -7.72 5.23 -2.82
CA LYS A 36 -7.08 6.46 -3.26
C LYS A 36 -6.02 6.13 -4.30
N THR A 37 -6.01 6.85 -5.41
CA THR A 37 -5.16 6.49 -6.54
C THR A 37 -3.87 7.30 -6.55
N ALA A 38 -2.77 6.63 -6.87
CA ALA A 38 -1.47 7.26 -7.03
C ALA A 38 -0.57 6.36 -7.88
N ASN A 39 0.53 6.90 -8.40
CA ASN A 39 1.37 6.10 -9.30
C ASN A 39 2.84 6.48 -9.24
N ASP A 40 3.49 6.12 -8.12
CA ASP A 40 4.95 6.13 -7.96
C ASP A 40 5.30 6.13 -6.48
N GLY A 41 6.53 5.75 -6.15
CA GLY A 41 6.94 5.63 -4.77
C GLY A 41 6.90 6.96 -4.02
N VAL A 42 7.38 8.02 -4.65
CA VAL A 42 7.44 9.32 -3.98
C VAL A 42 6.05 9.93 -3.88
N ASP A 43 5.19 9.64 -4.85
CA ASP A 43 3.80 10.08 -4.81
C ASP A 43 3.10 9.55 -3.58
N ALA A 44 3.41 8.30 -3.23
CA ALA A 44 2.81 7.64 -2.07
C ALA A 44 3.10 8.41 -0.78
N LEU A 45 4.36 8.74 -0.55
CA LEU A 45 4.75 9.43 0.68
C LEU A 45 4.30 10.89 0.64
N ASN A 46 4.34 11.49 -0.54
CA ASN A 46 3.96 12.89 -0.72
C ASN A 46 2.48 13.09 -0.42
N VAL A 47 1.63 12.23 -0.97
CA VAL A 47 0.21 12.30 -0.73
C VAL A 47 -0.12 11.89 0.70
N LEU A 48 0.68 10.98 1.25
CA LEU A 48 0.45 10.50 2.62
C LEU A 48 0.66 11.59 3.66
N SER A 49 1.64 12.46 3.41
CA SER A 49 1.91 13.56 4.33
C SER A 49 0.82 14.60 4.24
N LYS A 50 0.34 14.87 3.03
CA LYS A 50 -0.73 15.83 2.81
C LYS A 50 -2.05 15.32 3.42
N ASN A 51 -2.39 14.08 3.08
CA ASN A 51 -3.59 13.43 3.60
C ASN A 51 -3.22 12.04 4.09
N HIS A 52 -3.61 11.72 5.32
CA HIS A 52 -3.17 10.49 5.96
C HIS A 52 -4.02 9.31 5.52
N ILE A 53 -3.36 8.19 5.30
CA ILE A 53 -4.01 6.97 4.82
C ILE A 53 -3.68 5.82 5.80
N ASP A 54 -4.55 4.82 5.84
CA ASP A 54 -4.39 3.72 6.78
C ASP A 54 -3.36 2.70 6.30
N ILE A 55 -3.53 2.21 5.08
CA ILE A 55 -2.61 1.23 4.51
C ILE A 55 -2.20 1.63 3.09
N VAL A 56 -0.92 1.46 2.76
CA VAL A 56 -0.43 1.81 1.43
C VAL A 56 0.09 0.57 0.72
N LEU A 57 -0.28 0.43 -0.56
CA LEU A 57 0.24 -0.67 -1.37
C LEU A 57 0.88 -0.11 -2.65
N SER A 58 2.20 -0.18 -2.71
CA SER A 58 2.93 0.30 -3.87
C SER A 58 3.13 -0.83 -4.89
N ASP A 59 2.28 -0.83 -5.90
CA ASP A 59 2.29 -1.86 -6.94
C ASP A 59 3.22 -1.43 -8.08
N VAL A 60 4.39 -2.05 -8.16
CA VAL A 60 5.40 -1.63 -9.11
C VAL A 60 5.93 -2.79 -9.94
N ASN A 61 5.75 -2.69 -11.25
CA ASN A 61 6.30 -3.67 -12.18
C ASN A 61 7.44 -3.05 -12.98
N MET A 62 7.54 -1.73 -12.91
CA MET A 62 8.55 -1.00 -13.66
C MET A 62 9.96 -1.27 -13.12
N PRO A 63 10.79 -1.95 -13.93
CA PRO A 63 12.17 -2.24 -13.57
C PRO A 63 13.08 -1.05 -13.80
N ASN A 64 13.00 -0.09 -12.90
CA ASN A 64 13.80 1.13 -12.98
C ASN A 64 15.15 0.93 -12.30
N MET A 65 15.98 1.97 -12.28
CA MET A 65 17.26 1.91 -11.61
C MET A 65 17.08 2.16 -10.11
N ASP A 66 15.83 2.32 -9.71
CA ASP A 66 15.49 2.48 -8.31
C ASP A 66 14.70 1.28 -7.80
N GLY A 67 13.64 1.53 -7.06
CA GLY A 67 12.87 0.45 -6.49
C GLY A 67 13.17 0.26 -5.02
N TYR A 68 13.97 1.17 -4.49
CA TYR A 68 14.36 1.14 -3.10
C TYR A 68 14.24 2.52 -2.48
N ARG A 69 14.92 3.47 -3.09
CA ARG A 69 15.21 4.72 -2.44
C ARG A 69 13.93 5.43 -2.02
N LEU A 70 12.85 5.15 -2.72
CA LEU A 70 11.61 5.88 -2.55
C LEU A 70 11.05 5.61 -1.16
N THR A 71 11.28 4.38 -0.72
CA THR A 71 10.86 3.96 0.59
C THR A 71 11.85 4.45 1.64
N GLN A 72 13.09 4.64 1.22
CA GLN A 72 14.10 5.19 2.12
C GLN A 72 13.68 6.58 2.56
N ARG A 73 13.20 7.35 1.61
CA ARG A 73 12.62 8.67 1.88
C ARG A 73 11.44 8.54 2.83
N ILE A 74 10.61 7.52 2.61
CA ILE A 74 9.48 7.24 3.48
C ILE A 74 9.94 7.03 4.92
N ARG A 75 10.96 6.20 5.10
CA ARG A 75 11.51 5.89 6.41
C ARG A 75 12.11 7.13 7.05
N GLN A 76 12.80 7.94 6.24
CA GLN A 76 13.41 9.16 6.71
C GLN A 76 12.35 10.14 7.22
N LEU A 77 11.18 10.12 6.58
CA LEU A 77 10.07 10.98 6.97
C LEU A 77 9.48 10.53 8.30
N GLY A 78 9.63 9.24 8.61
CA GLY A 78 9.08 8.70 9.83
C GLY A 78 7.56 8.64 9.77
N LEU A 79 7.05 7.89 8.82
CA LEU A 79 5.61 7.82 8.60
C LEU A 79 5.00 6.70 9.44
N THR A 80 3.78 6.92 9.89
CA THR A 80 3.11 5.99 10.78
C THR A 80 2.12 5.12 10.04
N LEU A 81 2.63 4.24 9.19
CA LEU A 81 1.79 3.42 8.35
C LEU A 81 2.58 2.25 7.76
N PRO A 82 1.94 1.08 7.58
CA PRO A 82 2.57 -0.07 6.94
C PRO A 82 2.52 0.03 5.41
N VAL A 83 3.66 -0.26 4.77
CA VAL A 83 3.75 -0.19 3.33
C VAL A 83 3.89 -1.59 2.74
N ILE A 84 2.88 -2.01 1.99
CA ILE A 84 2.90 -3.30 1.34
C ILE A 84 3.30 -3.14 -0.12
N GLY A 85 4.52 -3.55 -0.43
CA GLY A 85 5.02 -3.42 -1.77
C GLY A 85 4.58 -4.56 -2.67
N VAL A 86 3.62 -4.29 -3.53
CA VAL A 86 3.19 -5.26 -4.53
C VAL A 86 4.15 -5.18 -5.71
N THR A 87 5.15 -6.04 -5.70
CA THR A 87 6.24 -5.94 -6.65
C THR A 87 6.12 -6.96 -7.78
N ALA A 88 6.68 -6.61 -8.93
CA ALA A 88 6.75 -7.54 -10.05
C ALA A 88 8.14 -7.50 -10.69
N ASN A 89 8.94 -8.51 -10.37
CA ASN A 89 10.30 -8.68 -10.90
C ASN A 89 11.11 -7.38 -10.89
N ALA A 90 11.50 -6.97 -9.71
CA ALA A 90 12.36 -5.80 -9.56
C ALA A 90 13.78 -6.24 -9.22
N LEU A 91 14.15 -7.44 -9.70
CA LEU A 91 15.48 -8.02 -9.52
C LEU A 91 15.72 -8.48 -8.09
N ALA A 92 15.80 -7.54 -7.16
CA ALA A 92 16.07 -7.85 -5.76
C ALA A 92 15.18 -7.03 -4.85
N GLU A 93 13.89 -7.32 -4.89
CA GLU A 93 12.90 -6.56 -4.14
C GLU A 93 13.18 -6.59 -2.64
N GLU A 94 13.40 -7.79 -2.11
CA GLU A 94 13.61 -7.96 -0.67
C GLU A 94 14.91 -7.28 -0.24
N LYS A 95 15.85 -7.16 -1.18
CA LYS A 95 17.10 -6.50 -0.89
C LYS A 95 16.90 -5.00 -0.80
N GLN A 96 15.99 -4.45 -1.62
CA GLN A 96 15.71 -3.04 -1.52
C GLN A 96 14.88 -2.78 -0.28
N ARG A 97 13.97 -3.69 0.03
CA ARG A 97 13.13 -3.58 1.23
C ARG A 97 13.99 -3.37 2.47
N CYS A 98 15.11 -4.07 2.53
CA CYS A 98 16.04 -3.91 3.64
C CYS A 98 16.88 -2.65 3.48
N LEU A 99 17.11 -2.24 2.24
CA LEU A 99 17.94 -1.07 1.95
C LEU A 99 17.22 0.21 2.36
N GLU A 100 16.00 0.40 1.90
CA GLU A 100 15.21 1.57 2.27
C GLU A 100 14.63 1.40 3.65
N SER A 101 14.20 0.18 3.96
CA SER A 101 13.67 -0.18 5.26
C SER A 101 12.54 0.75 5.71
N GLY A 102 11.55 0.94 4.85
CA GLY A 102 10.41 1.76 5.22
C GLY A 102 9.08 1.09 4.91
N MET A 103 9.15 -0.05 4.23
CA MET A 103 7.94 -0.74 3.77
C MET A 103 7.39 -1.66 4.87
N ASP A 104 7.75 -2.94 4.75
CA ASP A 104 7.49 -4.01 5.74
C ASP A 104 6.92 -5.24 5.04
N SER A 105 5.83 -5.06 4.31
CA SER A 105 5.18 -6.18 3.65
C SER A 105 5.48 -6.18 2.15
N CYS A 106 5.36 -7.35 1.52
CA CYS A 106 5.66 -7.48 0.10
C CYS A 106 4.78 -8.56 -0.55
N LEU A 107 4.22 -8.24 -1.71
CA LEU A 107 3.42 -9.19 -2.47
C LEU A 107 3.85 -9.19 -3.92
N SER A 108 3.14 -9.93 -4.74
CA SER A 108 3.41 -9.97 -6.16
C SER A 108 2.29 -9.24 -6.91
N LYS A 109 2.66 -8.48 -7.94
CA LYS A 109 1.69 -7.71 -8.73
C LYS A 109 0.45 -8.54 -9.14
N PRO A 110 0.62 -9.78 -9.67
CA PRO A 110 -0.52 -10.64 -9.97
C PRO A 110 -1.20 -11.18 -8.71
N VAL A 111 -1.87 -10.29 -7.98
CA VAL A 111 -2.63 -10.67 -6.80
C VAL A 111 -4.06 -11.05 -7.20
N THR A 112 -4.80 -11.62 -6.26
CA THR A 112 -6.18 -12.04 -6.51
C THR A 112 -7.10 -11.48 -5.42
N LEU A 113 -8.40 -11.66 -5.61
CA LEU A 113 -9.40 -11.08 -4.70
C LEU A 113 -9.24 -11.61 -3.27
N ASP A 114 -9.10 -12.92 -3.13
CA ASP A 114 -9.00 -13.51 -1.80
C ASP A 114 -7.64 -13.27 -1.19
N VAL A 115 -6.61 -13.18 -2.04
CA VAL A 115 -5.26 -12.89 -1.57
C VAL A 115 -5.21 -11.48 -1.01
N ILE A 116 -5.80 -10.54 -1.73
CA ILE A 116 -5.86 -9.16 -1.27
C ILE A 116 -6.81 -9.05 -0.08
N LYS A 117 -7.75 -10.00 0.01
CA LYS A 117 -8.72 -10.01 1.11
C LYS A 117 -8.07 -10.40 2.42
N GLN A 118 -7.28 -11.47 2.41
CA GLN A 118 -6.61 -11.91 3.62
C GLN A 118 -5.56 -10.89 4.05
N THR A 119 -4.88 -10.29 3.07
CA THR A 119 -3.90 -9.25 3.35
C THR A 119 -4.56 -8.01 3.96
N LEU A 120 -5.62 -7.54 3.31
CA LEU A 120 -6.37 -6.37 3.79
C LEU A 120 -6.90 -6.60 5.20
N THR A 121 -7.53 -7.75 5.38
CA THR A 121 -8.16 -8.08 6.65
C THR A 121 -7.12 -8.26 7.77
N LEU A 122 -6.01 -8.92 7.45
CA LEU A 122 -4.94 -9.16 8.42
C LEU A 122 -4.38 -7.85 8.94
N TYR A 123 -4.08 -6.93 8.03
CA TYR A 123 -3.50 -5.65 8.41
C TYR A 123 -4.54 -4.75 9.07
N ALA A 124 -5.79 -4.92 8.67
CA ALA A 124 -6.89 -4.17 9.27
C ALA A 124 -7.00 -4.48 10.75
N GLU A 125 -6.92 -5.76 11.11
CA GLU A 125 -6.95 -6.16 12.50
C GLU A 125 -5.72 -5.62 13.22
N ARG A 126 -4.59 -5.61 12.51
CA ARG A 126 -3.32 -5.19 13.07
C ARG A 126 -3.36 -3.73 13.48
N VAL A 127 -3.84 -2.88 12.59
CA VAL A 127 -3.90 -1.45 12.85
C VAL A 127 -5.03 -1.10 13.82
N ARG A 128 -6.11 -1.87 13.78
CA ARG A 128 -7.26 -1.58 14.63
C ARG A 128 -7.00 -2.01 16.07
N LYS A 129 -6.30 -3.13 16.27
CA LYS A 129 -5.96 -3.58 17.61
C LYS A 129 -4.87 -2.70 18.21
N SER A 130 -4.00 -2.16 17.36
CA SER A 130 -2.96 -1.26 17.82
C SER A 130 -3.52 0.14 18.05
N ARG A 131 -4.65 0.44 17.42
CA ARG A 131 -5.28 1.74 17.55
C ARG A 131 -6.20 1.78 18.76
N ASP A 132 -7.15 0.85 18.79
CA ASP A 132 -8.14 0.82 19.85
C ASP A 132 -7.62 0.04 21.05
N SER A 133 -7.34 0.75 22.13
CA SER A 133 -6.83 0.13 23.33
C SER A 133 -7.95 -0.05 24.35
N LYS A 1 -32.09 4.97 17.37
CA LYS A 1 -31.16 5.29 16.25
C LYS A 1 -30.07 4.23 16.16
N ALA A 2 -29.18 4.39 15.20
CA ALA A 2 -28.06 3.47 15.02
C ALA A 2 -26.78 4.23 14.72
N VAL A 3 -25.66 3.54 14.74
CA VAL A 3 -24.38 4.18 14.47
C VAL A 3 -24.07 4.15 12.97
N SER A 4 -23.93 5.33 12.39
CA SER A 4 -23.61 5.45 10.98
C SER A 4 -22.10 5.34 10.77
N ASP A 5 -21.58 4.14 10.91
CA ASP A 5 -20.15 3.90 10.74
C ASP A 5 -19.89 3.10 9.47
N ASN A 6 -18.65 3.13 9.02
CA ASN A 6 -18.28 2.48 7.78
C ASN A 6 -16.95 1.74 7.93
N ASP A 7 -16.25 2.01 9.03
CA ASP A 7 -14.86 1.58 9.20
C ASP A 7 -14.04 2.14 8.06
N ASP A 8 -14.02 3.47 7.98
CA ASP A 8 -13.42 4.20 6.87
C ASP A 8 -11.90 4.20 6.96
N MET A 9 -11.32 3.03 6.83
CA MET A 9 -9.88 2.88 6.74
C MET A 9 -9.41 3.29 5.35
N MET A 10 -8.46 4.22 5.30
CA MET A 10 -8.01 4.77 4.03
C MET A 10 -6.86 3.96 3.46
N ILE A 11 -7.08 3.34 2.32
CA ILE A 11 -6.07 2.50 1.70
C ILE A 11 -5.50 3.17 0.45
N LEU A 12 -4.19 3.14 0.33
CA LEU A 12 -3.51 3.73 -0.81
C LEU A 12 -3.18 2.67 -1.84
N VAL A 13 -3.92 2.64 -2.93
CA VAL A 13 -3.66 1.71 -4.01
C VAL A 13 -2.73 2.36 -5.03
N VAL A 14 -1.47 1.95 -5.01
CA VAL A 14 -0.47 2.50 -5.89
C VAL A 14 0.00 1.44 -6.86
N ASP A 15 0.09 1.81 -8.13
CA ASP A 15 0.61 0.91 -9.15
C ASP A 15 1.07 1.71 -10.36
N ASP A 16 2.20 1.32 -10.93
CA ASP A 16 2.80 2.07 -12.04
C ASP A 16 2.16 1.77 -13.41
N HIS A 17 1.28 0.78 -13.48
CA HIS A 17 0.73 0.35 -14.77
C HIS A 17 -0.80 0.44 -14.78
N PRO A 18 -1.34 1.56 -15.32
CA PRO A 18 -2.77 1.94 -15.27
C PRO A 18 -3.77 0.79 -15.22
N ILE A 19 -3.68 -0.15 -16.16
CA ILE A 19 -4.64 -1.27 -16.22
C ILE A 19 -4.68 -2.04 -14.88
N ASN A 20 -3.52 -2.28 -14.29
CA ASN A 20 -3.43 -3.01 -13.05
C ASN A 20 -3.80 -2.11 -11.88
N ARG A 21 -3.49 -0.84 -12.02
CA ARG A 21 -3.86 0.18 -11.03
C ARG A 21 -5.38 0.21 -10.84
N ARG A 22 -6.11 0.23 -11.95
CA ARG A 22 -7.57 0.27 -11.89
C ARG A 22 -8.10 -1.03 -11.30
N LEU A 23 -7.47 -2.15 -11.63
CA LEU A 23 -7.89 -3.45 -11.14
C LEU A 23 -7.72 -3.53 -9.62
N LEU A 24 -6.55 -3.12 -9.14
CA LEU A 24 -6.24 -3.13 -7.72
C LEU A 24 -7.19 -2.21 -6.95
N ALA A 25 -7.50 -1.06 -7.53
CA ALA A 25 -8.42 -0.11 -6.90
C ALA A 25 -9.84 -0.65 -6.90
N ASP A 26 -10.19 -1.37 -7.95
CA ASP A 26 -11.50 -1.99 -8.07
C ASP A 26 -11.68 -3.04 -6.98
N GLN A 27 -10.69 -3.92 -6.85
CA GLN A 27 -10.69 -4.96 -5.83
C GLN A 27 -10.85 -4.35 -4.43
N LEU A 28 -10.18 -3.22 -4.23
CA LEU A 28 -10.27 -2.48 -2.97
C LEU A 28 -11.70 -2.00 -2.73
N GLY A 29 -12.34 -1.54 -3.79
CA GLY A 29 -13.71 -1.08 -3.69
C GLY A 29 -14.68 -2.21 -3.41
N SER A 30 -14.39 -3.38 -3.96
CA SER A 30 -15.22 -4.56 -3.72
C SER A 30 -15.20 -4.93 -2.24
N LEU A 31 -14.05 -4.73 -1.61
CA LEU A 31 -13.91 -4.96 -0.18
C LEU A 31 -14.75 -3.96 0.61
N GLY A 32 -14.84 -2.74 0.10
CA GLY A 32 -15.61 -1.72 0.77
C GLY A 32 -14.74 -0.78 1.58
N TYR A 33 -13.45 -0.76 1.26
CA TYR A 33 -12.52 0.14 1.93
C TYR A 33 -12.17 1.32 1.03
N GLN A 34 -11.57 2.35 1.60
CA GLN A 34 -11.23 3.57 0.86
C GLN A 34 -10.11 3.30 -0.13
N CYS A 35 -10.30 3.73 -1.37
CA CYS A 35 -9.33 3.49 -2.41
C CYS A 35 -8.79 4.80 -2.99
N LYS A 36 -7.57 5.14 -2.62
CA LYS A 36 -6.90 6.32 -3.18
C LYS A 36 -5.84 5.87 -4.16
N THR A 37 -5.97 6.27 -5.42
CA THR A 37 -5.12 5.74 -6.48
C THR A 37 -3.87 6.61 -6.69
N ALA A 38 -2.72 5.96 -6.77
CA ALA A 38 -1.46 6.64 -7.01
C ALA A 38 -0.58 5.80 -7.93
N ASN A 39 0.50 6.37 -8.46
CA ASN A 39 1.38 5.63 -9.35
C ASN A 39 2.84 6.08 -9.22
N ASP A 40 3.44 5.70 -8.10
CA ASP A 40 4.87 5.93 -7.80
C ASP A 40 5.11 5.74 -6.31
N GLY A 41 6.35 5.59 -5.92
CA GLY A 41 6.67 5.48 -4.52
C GLY A 41 6.59 6.83 -3.85
N VAL A 42 7.20 7.83 -4.49
CA VAL A 42 7.18 9.20 -3.99
C VAL A 42 5.75 9.76 -4.05
N ASP A 43 4.97 9.26 -4.99
CA ASP A 43 3.56 9.65 -5.13
C ASP A 43 2.81 9.39 -3.83
N ALA A 44 3.09 8.23 -3.22
CA ALA A 44 2.48 7.87 -1.95
C ALA A 44 2.92 8.84 -0.84
N LEU A 45 4.17 9.28 -0.93
CA LEU A 45 4.71 10.24 0.03
C LEU A 45 3.97 11.57 -0.08
N ASN A 46 3.74 12.00 -1.31
CA ASN A 46 3.05 13.25 -1.59
C ASN A 46 1.68 13.27 -0.94
N VAL A 47 0.87 12.28 -1.27
CA VAL A 47 -0.48 12.20 -0.74
C VAL A 47 -0.47 11.98 0.77
N LEU A 48 0.53 11.26 1.27
CA LEU A 48 0.68 11.03 2.71
C LEU A 48 0.89 12.35 3.45
N SER A 49 1.64 13.25 2.82
CA SER A 49 1.93 14.54 3.41
C SER A 49 0.70 15.45 3.40
N LYS A 50 -0.19 15.22 2.44
CA LYS A 50 -1.42 16.00 2.34
C LYS A 50 -2.49 15.45 3.29
N ASN A 51 -2.67 14.15 3.26
CA ASN A 51 -3.67 13.47 4.09
C ASN A 51 -3.13 12.12 4.54
N HIS A 52 -3.31 11.81 5.81
CA HIS A 52 -2.79 10.57 6.38
C HIS A 52 -3.56 9.35 5.90
N ILE A 53 -2.91 8.53 5.10
CA ILE A 53 -3.48 7.26 4.67
C ILE A 53 -3.13 6.16 5.68
N ASP A 54 -3.99 5.17 5.79
CA ASP A 54 -3.85 4.14 6.81
C ASP A 54 -2.83 3.08 6.40
N ILE A 55 -3.02 2.48 5.24
CA ILE A 55 -2.10 1.46 4.73
C ILE A 55 -1.76 1.75 3.27
N VAL A 56 -0.49 1.60 2.93
CA VAL A 56 -0.04 1.87 1.56
C VAL A 56 0.33 0.57 0.87
N LEU A 57 -0.19 0.38 -0.34
CA LEU A 57 0.21 -0.75 -1.17
C LEU A 57 0.76 -0.23 -2.49
N SER A 58 2.08 -0.16 -2.59
CA SER A 58 2.73 0.38 -3.77
C SER A 58 3.31 -0.74 -4.64
N ASP A 59 2.69 -0.97 -5.79
CA ASP A 59 3.16 -1.97 -6.73
C ASP A 59 4.06 -1.33 -7.79
N VAL A 60 5.30 -1.77 -7.81
CA VAL A 60 6.31 -1.19 -8.67
C VAL A 60 6.89 -2.23 -9.63
N ASN A 61 6.31 -2.33 -10.81
CA ASN A 61 6.80 -3.24 -11.84
C ASN A 61 7.58 -2.44 -12.87
N MET A 62 8.39 -1.52 -12.38
CA MET A 62 9.15 -0.62 -13.24
C MET A 62 10.34 -0.07 -12.47
N PRO A 63 11.51 -0.72 -12.59
CA PRO A 63 12.70 -0.36 -11.85
C PRO A 63 13.60 0.62 -12.60
N ASN A 64 13.00 1.48 -13.41
CA ASN A 64 13.77 2.45 -14.20
C ASN A 64 14.38 3.51 -13.29
N MET A 65 13.56 4.06 -12.39
CA MET A 65 14.04 5.05 -11.44
C MET A 65 14.53 4.38 -10.17
N ASP A 66 15.43 3.42 -10.38
CA ASP A 66 16.13 2.73 -9.30
C ASP A 66 15.16 2.25 -8.21
N GLY A 67 14.54 1.11 -8.46
CA GLY A 67 13.63 0.53 -7.49
C GLY A 67 14.34 0.17 -6.21
N TYR A 68 14.16 1.00 -5.19
CA TYR A 68 14.86 0.88 -3.91
C TYR A 68 14.68 2.17 -3.10
N ARG A 69 15.04 3.26 -3.71
CA ARG A 69 15.12 4.50 -2.98
C ARG A 69 13.73 4.96 -2.54
N LEU A 70 12.70 4.48 -3.22
CA LEU A 70 11.36 5.01 -3.06
C LEU A 70 10.92 4.84 -1.61
N THR A 71 11.17 3.66 -1.09
CA THR A 71 10.88 3.37 0.30
C THR A 71 11.88 4.06 1.20
N GLN A 72 13.11 4.23 0.70
CA GLN A 72 14.14 4.94 1.47
C GLN A 72 13.68 6.35 1.78
N ARG A 73 13.02 6.95 0.82
CA ARG A 73 12.46 8.29 0.97
C ARG A 73 11.32 8.28 1.98
N ILE A 74 10.51 7.22 1.97
CA ILE A 74 9.43 7.09 2.94
C ILE A 74 9.99 6.95 4.36
N ARG A 75 11.10 6.25 4.50
CA ARG A 75 11.73 6.06 5.81
C ARG A 75 12.39 7.36 6.27
N GLN A 76 13.05 8.04 5.34
CA GLN A 76 13.73 9.29 5.62
C GLN A 76 12.71 10.39 5.92
N LEU A 77 11.51 10.23 5.41
CA LEU A 77 10.43 11.18 5.63
C LEU A 77 9.82 10.96 7.01
N GLY A 78 9.45 9.71 7.29
CA GLY A 78 8.84 9.40 8.56
C GLY A 78 7.51 8.69 8.40
N LEU A 79 7.56 7.38 8.28
CA LEU A 79 6.35 6.59 8.11
C LEU A 79 5.75 6.23 9.47
N THR A 80 4.44 6.34 9.56
CA THR A 80 3.70 5.94 10.76
C THR A 80 2.62 4.95 10.40
N LEU A 81 2.89 4.15 9.38
CA LEU A 81 1.91 3.23 8.84
C LEU A 81 2.62 2.07 8.12
N PRO A 82 1.98 0.91 8.01
CA PRO A 82 2.55 -0.25 7.32
C PRO A 82 2.63 -0.04 5.81
N VAL A 83 3.82 -0.26 5.26
CA VAL A 83 4.00 -0.13 3.83
C VAL A 83 4.13 -1.50 3.18
N ILE A 84 3.15 -1.85 2.37
CA ILE A 84 3.14 -3.13 1.68
C ILE A 84 3.66 -2.95 0.27
N GLY A 85 4.88 -3.39 0.04
CA GLY A 85 5.49 -3.25 -1.26
C GLY A 85 5.13 -4.39 -2.18
N VAL A 86 4.33 -4.09 -3.18
CA VAL A 86 4.00 -5.07 -4.21
C VAL A 86 5.03 -4.95 -5.33
N THR A 87 5.62 -6.08 -5.70
CA THR A 87 6.71 -6.06 -6.66
C THR A 87 6.67 -7.27 -7.57
N ALA A 88 7.35 -7.21 -8.70
CA ALA A 88 7.44 -8.36 -9.58
C ALA A 88 8.86 -8.47 -10.15
N ASN A 89 9.62 -9.42 -9.59
CA ASN A 89 10.97 -9.73 -10.04
C ASN A 89 11.80 -8.49 -10.37
N ALA A 90 12.24 -7.79 -9.32
CA ALA A 90 13.04 -6.59 -9.49
C ALA A 90 14.51 -6.90 -9.19
N LEU A 91 14.85 -8.17 -9.31
CA LEU A 91 16.20 -8.67 -9.02
C LEU A 91 16.57 -8.37 -7.57
N ALA A 92 15.97 -9.14 -6.67
CA ALA A 92 16.19 -9.02 -5.23
C ALA A 92 15.50 -7.77 -4.68
N GLU A 93 14.20 -7.69 -4.90
CA GLU A 93 13.40 -6.60 -4.36
C GLU A 93 13.45 -6.62 -2.84
N GLU A 94 13.57 -7.82 -2.28
CA GLU A 94 13.70 -7.98 -0.84
C GLU A 94 14.98 -7.33 -0.35
N LYS A 95 16.00 -7.33 -1.21
CA LYS A 95 17.27 -6.74 -0.86
C LYS A 95 17.15 -5.22 -0.85
N GLN A 96 16.33 -4.65 -1.74
CA GLN A 96 16.08 -3.22 -1.66
C GLN A 96 15.30 -2.92 -0.40
N ARG A 97 14.38 -3.81 -0.06
CA ARG A 97 13.60 -3.68 1.16
C ARG A 97 14.50 -3.54 2.38
N CYS A 98 15.66 -4.19 2.35
CA CYS A 98 16.65 -4.04 3.39
C CYS A 98 17.41 -2.72 3.26
N LEU A 99 17.56 -2.24 2.03
CA LEU A 99 18.27 -0.98 1.79
C LEU A 99 17.45 0.24 2.22
N GLU A 100 16.21 0.33 1.74
CA GLU A 100 15.34 1.46 2.05
C GLU A 100 14.72 1.34 3.45
N SER A 101 14.30 0.13 3.80
CA SER A 101 13.80 -0.20 5.13
C SER A 101 12.68 0.74 5.63
N GLY A 102 11.65 0.92 4.82
CA GLY A 102 10.52 1.71 5.26
C GLY A 102 9.20 1.05 4.91
N MET A 103 9.23 -0.27 4.75
CA MET A 103 8.08 -1.02 4.26
C MET A 103 7.37 -1.75 5.41
N ASP A 104 7.31 -3.08 5.27
CA ASP A 104 6.78 -3.99 6.30
C ASP A 104 6.48 -5.33 5.64
N SER A 105 5.70 -5.28 4.56
CA SER A 105 5.33 -6.47 3.83
C SER A 105 5.74 -6.35 2.37
N CYS A 106 5.83 -7.47 1.68
CA CYS A 106 6.15 -7.49 0.27
C CYS A 106 5.38 -8.61 -0.43
N LEU A 107 4.77 -8.29 -1.56
CA LEU A 107 3.98 -9.27 -2.30
C LEU A 107 4.35 -9.22 -3.78
N SER A 108 3.65 -10.02 -4.58
CA SER A 108 3.86 -10.07 -6.01
C SER A 108 2.78 -9.27 -6.71
N LYS A 109 3.12 -8.69 -7.87
CA LYS A 109 2.19 -7.87 -8.65
C LYS A 109 0.80 -8.52 -8.84
N PRO A 110 0.71 -9.80 -9.27
CA PRO A 110 -0.58 -10.46 -9.52
C PRO A 110 -1.37 -10.77 -8.23
N VAL A 111 -1.69 -9.74 -7.47
CA VAL A 111 -2.56 -9.88 -6.31
C VAL A 111 -4.02 -9.97 -6.75
N THR A 112 -4.57 -11.18 -6.76
CA THR A 112 -5.94 -11.39 -7.15
C THR A 112 -6.91 -11.04 -6.01
N LEU A 113 -8.20 -11.20 -6.27
CA LEU A 113 -9.24 -10.83 -5.32
C LEU A 113 -9.05 -11.54 -3.97
N ASP A 114 -8.79 -12.84 -4.03
CA ASP A 114 -8.66 -13.62 -2.81
C ASP A 114 -7.41 -13.21 -2.03
N VAL A 115 -6.35 -12.94 -2.76
CA VAL A 115 -5.10 -12.52 -2.16
C VAL A 115 -5.26 -11.17 -1.47
N ILE A 116 -5.91 -10.23 -2.17
CA ILE A 116 -6.14 -8.91 -1.60
C ILE A 116 -7.07 -8.99 -0.40
N LYS A 117 -7.96 -9.98 -0.40
CA LYS A 117 -8.86 -10.21 0.72
C LYS A 117 -8.07 -10.65 1.96
N GLN A 118 -7.07 -11.50 1.73
CA GLN A 118 -6.21 -11.97 2.80
C GLN A 118 -5.44 -10.80 3.43
N THR A 119 -4.75 -10.04 2.58
CA THR A 119 -3.94 -8.93 3.05
C THR A 119 -4.80 -7.85 3.71
N LEU A 120 -5.93 -7.51 3.06
CA LEU A 120 -6.84 -6.49 3.56
C LEU A 120 -7.34 -6.83 4.95
N THR A 121 -8.00 -7.96 5.06
CA THR A 121 -8.64 -8.38 6.31
C THR A 121 -7.60 -8.52 7.44
N LEU A 122 -6.46 -9.11 7.13
CA LEU A 122 -5.43 -9.35 8.13
C LEU A 122 -4.80 -8.04 8.61
N TYR A 123 -4.40 -7.19 7.68
CA TYR A 123 -3.71 -5.96 8.02
C TYR A 123 -4.67 -4.92 8.61
N ALA A 124 -5.92 -4.98 8.19
CA ALA A 124 -6.94 -4.08 8.74
C ALA A 124 -7.18 -4.39 10.20
N GLU A 125 -7.25 -5.66 10.54
CA GLU A 125 -7.42 -6.08 11.92
C GLU A 125 -6.14 -5.85 12.70
N ARG A 126 -5.01 -5.89 12.01
CA ARG A 126 -3.71 -5.65 12.63
C ARG A 126 -3.62 -4.22 13.12
N VAL A 127 -4.01 -3.28 12.27
CA VAL A 127 -3.99 -1.88 12.64
C VAL A 127 -5.15 -1.56 13.57
N ARG A 128 -6.26 -2.28 13.42
CA ARG A 128 -7.44 -2.05 14.26
C ARG A 128 -7.18 -2.50 15.70
N LYS A 129 -6.46 -3.60 15.87
CA LYS A 129 -6.13 -4.09 17.20
C LYS A 129 -5.02 -3.24 17.82
N SER A 130 -4.18 -2.64 16.98
CA SER A 130 -3.16 -1.71 17.47
C SER A 130 -3.81 -0.40 17.90
N ARG A 131 -4.84 0.00 17.18
CA ARG A 131 -5.60 1.21 17.49
C ARG A 131 -6.54 0.97 18.67
N ASP A 132 -6.81 -0.30 18.93
CA ASP A 132 -7.69 -0.70 20.03
C ASP A 132 -7.01 -0.43 21.37
N SER A 133 -7.07 0.81 21.80
CA SER A 133 -6.52 1.22 23.08
C SER A 133 -7.44 2.25 23.72
N LYS A 1 -32.09 15.10 9.42
CA LYS A 1 -33.06 14.00 9.32
C LYS A 1 -32.59 12.95 8.33
N ALA A 2 -31.31 12.65 8.37
CA ALA A 2 -30.71 11.67 7.47
C ALA A 2 -29.45 11.09 8.10
N VAL A 3 -28.79 10.17 7.42
CA VAL A 3 -27.60 9.54 7.97
C VAL A 3 -26.57 9.20 6.89
N SER A 4 -25.30 9.42 7.22
CA SER A 4 -24.18 9.06 6.38
C SER A 4 -22.97 8.84 7.26
N ASP A 5 -22.07 7.95 6.88
CA ASP A 5 -20.93 7.62 7.72
C ASP A 5 -19.90 6.76 7.00
N ASN A 6 -18.94 6.25 7.77
CA ASN A 6 -17.89 5.34 7.31
C ASN A 6 -16.80 6.05 6.54
N ASP A 7 -15.89 6.64 7.29
CA ASP A 7 -14.59 7.03 6.76
C ASP A 7 -13.59 6.13 7.46
N ASP A 8 -13.84 4.83 7.31
CA ASP A 8 -13.22 3.81 8.14
C ASP A 8 -11.69 3.85 8.08
N MET A 9 -11.13 3.24 7.04
CA MET A 9 -9.69 3.19 6.89
C MET A 9 -9.30 3.49 5.45
N MET A 10 -8.26 4.30 5.28
CA MET A 10 -7.82 4.72 3.96
C MET A 10 -6.70 3.82 3.45
N ILE A 11 -6.91 3.23 2.29
CA ILE A 11 -5.91 2.41 1.65
C ILE A 11 -5.43 3.08 0.36
N LEU A 12 -4.13 3.13 0.17
CA LEU A 12 -3.57 3.79 -1.01
C LEU A 12 -3.00 2.76 -1.99
N VAL A 13 -3.63 2.68 -3.15
CA VAL A 13 -3.13 1.84 -4.22
C VAL A 13 -2.26 2.67 -5.14
N VAL A 14 -0.97 2.48 -5.04
CA VAL A 14 -0.01 3.26 -5.81
C VAL A 14 0.62 2.40 -6.89
N ASP A 15 -0.07 2.24 -8.00
CA ASP A 15 0.43 1.43 -9.11
C ASP A 15 0.81 2.33 -10.26
N ASP A 16 2.06 2.19 -10.71
CA ASP A 16 2.59 2.99 -11.81
C ASP A 16 1.69 2.91 -13.05
N HIS A 17 1.12 1.75 -13.29
CA HIS A 17 0.32 1.52 -14.49
C HIS A 17 -1.16 1.61 -14.17
N PRO A 18 -1.82 2.69 -14.64
CA PRO A 18 -3.22 2.97 -14.34
C PRO A 18 -4.17 1.80 -14.63
N ILE A 19 -3.81 0.96 -15.59
CA ILE A 19 -4.63 -0.20 -15.95
C ILE A 19 -4.70 -1.20 -14.79
N ASN A 20 -3.56 -1.51 -14.19
CA ASN A 20 -3.53 -2.44 -13.08
C ASN A 20 -3.86 -1.71 -11.79
N ARG A 21 -3.64 -0.41 -11.81
CA ARG A 21 -4.03 0.46 -10.70
C ARG A 21 -5.53 0.41 -10.49
N ARG A 22 -6.29 0.57 -11.57
CA ARG A 22 -7.75 0.50 -11.47
C ARG A 22 -8.20 -0.93 -11.15
N LEU A 23 -7.41 -1.90 -11.57
CA LEU A 23 -7.68 -3.29 -11.24
C LEU A 23 -7.60 -3.50 -9.72
N LEU A 24 -6.50 -3.07 -9.14
CA LEU A 24 -6.31 -3.17 -7.69
C LEU A 24 -7.36 -2.34 -6.95
N ALA A 25 -7.71 -1.19 -7.51
CA ALA A 25 -8.73 -0.33 -6.94
C ALA A 25 -10.10 -0.99 -6.99
N ASP A 26 -10.31 -1.86 -7.96
CA ASP A 26 -11.56 -2.59 -8.09
C ASP A 26 -11.66 -3.66 -7.01
N GLN A 27 -10.54 -4.35 -6.77
CA GLN A 27 -10.45 -5.33 -5.69
C GLN A 27 -10.65 -4.62 -4.35
N LEU A 28 -10.10 -3.42 -4.24
CA LEU A 28 -10.31 -2.57 -3.08
C LEU A 28 -11.80 -2.23 -2.94
N GLY A 29 -12.43 -2.03 -4.07
CA GLY A 29 -13.87 -1.81 -4.10
C GLY A 29 -14.66 -3.00 -3.57
N SER A 30 -14.13 -4.20 -3.81
CA SER A 30 -14.75 -5.41 -3.29
C SER A 30 -14.63 -5.47 -1.77
N LEU A 31 -13.56 -4.87 -1.25
CA LEU A 31 -13.38 -4.74 0.19
C LEU A 31 -14.37 -3.72 0.75
N GLY A 32 -14.50 -2.60 0.06
CA GLY A 32 -15.43 -1.57 0.49
C GLY A 32 -14.79 -0.55 1.41
N TYR A 33 -13.48 -0.41 1.29
CA TYR A 33 -12.74 0.54 2.13
C TYR A 33 -12.37 1.78 1.32
N GLN A 34 -11.78 2.77 1.98
CA GLN A 34 -11.40 4.01 1.32
C GLN A 34 -10.29 3.76 0.30
N CYS A 35 -10.55 4.14 -0.93
CA CYS A 35 -9.64 3.85 -2.02
C CYS A 35 -8.99 5.13 -2.56
N LYS A 36 -7.70 5.26 -2.35
CA LYS A 36 -6.95 6.40 -2.87
C LYS A 36 -6.00 5.92 -3.97
N THR A 37 -6.05 6.55 -5.13
CA THR A 37 -5.28 6.10 -6.28
C THR A 37 -4.09 7.02 -6.57
N ALA A 38 -2.92 6.41 -6.81
CA ALA A 38 -1.71 7.15 -7.17
C ALA A 38 -0.74 6.21 -7.88
N ASN A 39 0.48 6.65 -8.16
CA ASN A 39 1.43 5.81 -8.90
C ASN A 39 2.89 6.18 -8.65
N ASP A 40 3.40 5.80 -7.46
CA ASP A 40 4.82 5.96 -7.10
C ASP A 40 4.97 5.81 -5.60
N GLY A 41 6.19 5.56 -5.16
CA GLY A 41 6.48 5.55 -3.76
C GLY A 41 6.70 6.96 -3.25
N VAL A 42 7.31 7.79 -4.09
CA VAL A 42 7.49 9.18 -3.76
C VAL A 42 6.17 9.93 -3.88
N ASP A 43 5.31 9.48 -4.79
CA ASP A 43 3.98 10.04 -4.92
C ASP A 43 3.09 9.53 -3.80
N ALA A 44 3.45 8.38 -3.25
CA ALA A 44 2.75 7.81 -2.12
C ALA A 44 2.90 8.69 -0.89
N LEU A 45 4.13 9.10 -0.61
CA LEU A 45 4.40 9.98 0.53
C LEU A 45 3.91 11.40 0.24
N ASN A 46 3.87 11.76 -1.03
CA ASN A 46 3.34 13.06 -1.45
C ASN A 46 1.84 13.13 -1.14
N VAL A 47 1.09 12.17 -1.65
CA VAL A 47 -0.35 12.11 -1.42
C VAL A 47 -0.64 11.87 0.06
N LEU A 48 0.25 11.14 0.73
CA LEU A 48 0.13 10.88 2.15
C LEU A 48 0.32 12.16 2.97
N SER A 49 1.15 13.07 2.47
CA SER A 49 1.35 14.34 3.12
C SER A 49 0.07 15.18 3.05
N LYS A 50 -0.66 15.02 1.97
CA LYS A 50 -1.96 15.67 1.83
C LYS A 50 -3.01 14.98 2.71
N ASN A 51 -3.19 13.70 2.48
CA ASN A 51 -4.14 12.90 3.25
C ASN A 51 -3.41 11.70 3.86
N HIS A 52 -3.49 11.58 5.17
CA HIS A 52 -2.80 10.51 5.88
C HIS A 52 -3.46 9.16 5.62
N ILE A 53 -3.01 8.50 4.56
CA ILE A 53 -3.45 7.14 4.27
C ILE A 53 -2.90 6.20 5.33
N ASP A 54 -3.67 5.17 5.66
CA ASP A 54 -3.27 4.23 6.71
C ASP A 54 -2.41 3.10 6.13
N ILE A 55 -3.03 2.26 5.32
CA ILE A 55 -2.33 1.11 4.74
C ILE A 55 -1.94 1.41 3.31
N VAL A 56 -0.68 1.16 2.98
CA VAL A 56 -0.16 1.53 1.67
C VAL A 56 0.27 0.31 0.87
N LEU A 57 -0.18 0.24 -0.37
CA LEU A 57 0.23 -0.82 -1.29
C LEU A 57 1.01 -0.21 -2.46
N SER A 58 2.33 -0.28 -2.39
CA SER A 58 3.17 0.27 -3.44
C SER A 58 3.35 -0.74 -4.56
N ASP A 59 2.62 -0.53 -5.64
CA ASP A 59 2.56 -1.48 -6.72
C ASP A 59 3.37 -0.99 -7.92
N VAL A 60 4.30 -1.81 -8.36
CA VAL A 60 5.16 -1.46 -9.48
C VAL A 60 5.12 -2.53 -10.55
N ASN A 61 4.75 -2.14 -11.76
CA ASN A 61 4.67 -3.06 -12.88
C ASN A 61 6.02 -3.15 -13.58
N MET A 62 6.87 -2.19 -13.26
CA MET A 62 8.18 -2.10 -13.86
C MET A 62 9.18 -2.99 -13.13
N PRO A 63 9.76 -3.97 -13.84
CA PRO A 63 10.78 -4.85 -13.28
C PRO A 63 12.15 -4.17 -13.29
N ASN A 64 13.09 -4.72 -12.51
CA ASN A 64 14.45 -4.18 -12.38
C ASN A 64 14.45 -2.89 -11.57
N MET A 65 13.62 -1.94 -11.97
CA MET A 65 13.43 -0.71 -11.21
C MET A 65 12.12 -0.80 -10.44
N ASP A 66 12.14 -1.61 -9.38
CA ASP A 66 10.94 -1.91 -8.62
C ASP A 66 10.67 -0.88 -7.52
N GLY A 67 9.98 -1.31 -6.47
CA GLY A 67 9.54 -0.39 -5.44
C GLY A 67 10.42 -0.38 -4.21
N TYR A 68 11.59 -0.99 -4.32
CA TYR A 68 12.57 -0.99 -3.24
C TYR A 68 12.87 0.43 -2.74
N ARG A 69 13.47 1.23 -3.60
CA ARG A 69 14.04 2.51 -3.22
C ARG A 69 12.98 3.44 -2.65
N LEU A 70 11.76 3.32 -3.14
CA LEU A 70 10.71 4.28 -2.78
C LEU A 70 10.25 3.96 -1.38
N THR A 71 10.55 2.74 -0.98
CA THR A 71 10.32 2.28 0.37
C THR A 71 11.29 3.00 1.29
N GLN A 72 12.49 3.23 0.77
CA GLN A 72 13.51 4.04 1.46
C GLN A 72 13.03 5.48 1.63
N ARG A 73 12.37 6.01 0.61
CA ARG A 73 11.86 7.38 0.65
C ARG A 73 10.79 7.51 1.73
N ILE A 74 9.97 6.48 1.89
CA ILE A 74 8.96 6.45 2.93
C ILE A 74 9.64 6.44 4.30
N ARG A 75 10.77 5.76 4.39
CA ARG A 75 11.57 5.72 5.61
C ARG A 75 12.11 7.13 5.92
N GLN A 76 12.61 7.81 4.90
CA GLN A 76 13.19 9.14 5.06
C GLN A 76 12.12 10.16 5.46
N LEU A 77 10.92 10.00 4.92
CA LEU A 77 9.84 10.92 5.19
C LEU A 77 9.32 10.76 6.62
N GLY A 78 9.56 9.60 7.21
CA GLY A 78 9.04 9.30 8.52
C GLY A 78 7.78 8.48 8.44
N LEU A 79 7.96 7.18 8.28
CA LEU A 79 6.85 6.29 8.01
C LEU A 79 6.05 5.96 9.27
N THR A 80 4.76 6.14 9.17
CA THR A 80 3.80 5.69 10.17
C THR A 80 2.98 4.58 9.55
N LEU A 81 3.40 4.20 8.36
CA LEU A 81 2.59 3.41 7.45
C LEU A 81 3.07 1.97 7.38
N PRO A 82 2.14 1.02 7.53
CA PRO A 82 2.40 -0.39 7.21
C PRO A 82 2.39 -0.57 5.69
N VAL A 83 3.57 -0.78 5.11
CA VAL A 83 3.69 -0.79 3.67
C VAL A 83 3.81 -2.20 3.11
N ILE A 84 2.91 -2.53 2.20
CA ILE A 84 2.97 -3.79 1.48
C ILE A 84 3.46 -3.51 0.07
N GLY A 85 4.65 -3.99 -0.24
CA GLY A 85 5.25 -3.73 -1.53
C GLY A 85 4.93 -4.80 -2.55
N VAL A 86 4.31 -4.39 -3.64
CA VAL A 86 3.99 -5.30 -4.73
C VAL A 86 5.04 -5.16 -5.83
N THR A 87 6.05 -6.01 -5.78
CA THR A 87 7.18 -5.90 -6.67
C THR A 87 7.04 -6.81 -7.89
N ALA A 88 7.83 -6.54 -8.93
CA ALA A 88 7.74 -7.33 -10.16
C ALA A 88 9.06 -7.99 -10.51
N ASN A 89 9.14 -9.30 -10.25
CA ASN A 89 10.30 -10.13 -10.61
C ASN A 89 11.64 -9.45 -10.36
N ALA A 90 11.89 -9.08 -9.12
CA ALA A 90 13.14 -8.46 -8.75
C ALA A 90 13.85 -9.35 -7.73
N LEU A 91 14.72 -10.24 -8.24
CA LEU A 91 15.43 -11.21 -7.41
C LEU A 91 15.93 -10.57 -6.11
N ALA A 92 15.56 -11.22 -4.99
CA ALA A 92 15.90 -10.73 -3.65
C ALA A 92 15.08 -9.49 -3.30
N GLU A 93 13.78 -9.52 -3.60
CA GLU A 93 12.87 -8.43 -3.27
C GLU A 93 12.88 -8.17 -1.77
N GLU A 94 12.88 -9.26 -1.00
CA GLU A 94 12.87 -9.19 0.45
C GLU A 94 14.14 -8.51 0.97
N LYS A 95 15.22 -8.64 0.20
CA LYS A 95 16.48 -8.03 0.58
C LYS A 95 16.45 -6.52 0.31
N GLN A 96 15.80 -6.12 -0.77
CA GLN A 96 15.72 -4.71 -1.11
C GLN A 96 14.78 -4.00 -0.13
N ARG A 97 13.74 -4.70 0.28
CA ARG A 97 12.83 -4.20 1.31
C ARG A 97 13.60 -3.94 2.60
N CYS A 98 14.51 -4.85 2.93
CA CYS A 98 15.31 -4.71 4.14
C CYS A 98 16.27 -3.54 4.04
N LEU A 99 16.79 -3.30 2.84
CA LEU A 99 17.76 -2.23 2.62
C LEU A 99 17.12 -0.85 2.73
N GLU A 100 15.98 -0.67 2.05
CA GLU A 100 15.27 0.61 2.03
C GLU A 100 14.49 0.84 3.34
N SER A 101 14.15 -0.27 4.02
CA SER A 101 13.63 -0.25 5.41
C SER A 101 12.43 0.69 5.63
N GLY A 102 11.39 0.54 4.82
CA GLY A 102 10.19 1.36 5.03
C GLY A 102 8.91 0.65 4.65
N MET A 103 8.93 -0.68 4.69
CA MET A 103 7.80 -1.47 4.19
C MET A 103 7.07 -2.18 5.33
N ASP A 104 6.94 -3.50 5.19
CA ASP A 104 6.38 -4.38 6.22
C ASP A 104 6.34 -5.80 5.68
N SER A 105 5.75 -5.95 4.51
CA SER A 105 5.66 -7.25 3.86
C SER A 105 5.88 -7.11 2.36
N CYS A 106 6.43 -8.15 1.74
CA CYS A 106 6.75 -8.11 0.32
C CYS A 106 5.90 -9.12 -0.45
N LEU A 107 5.39 -8.68 -1.59
CA LEU A 107 4.60 -9.52 -2.48
C LEU A 107 4.98 -9.23 -3.92
N SER A 108 4.29 -9.83 -4.87
CA SER A 108 4.60 -9.60 -6.27
C SER A 108 3.36 -9.21 -7.06
N LYS A 109 3.58 -8.56 -8.19
CA LYS A 109 2.51 -8.07 -9.08
C LYS A 109 1.40 -9.11 -9.33
N PRO A 110 1.71 -10.40 -9.59
CA PRO A 110 0.68 -11.45 -9.74
C PRO A 110 -0.11 -11.72 -8.46
N VAL A 111 -0.91 -10.75 -8.03
CA VAL A 111 -1.83 -10.93 -6.92
C VAL A 111 -3.21 -11.33 -7.44
N THR A 112 -4.14 -11.60 -6.52
CA THR A 112 -5.50 -11.97 -6.88
C THR A 112 -6.49 -11.41 -5.85
N LEU A 113 -7.78 -11.46 -6.20
CA LEU A 113 -8.84 -10.89 -5.35
C LEU A 113 -8.80 -11.46 -3.94
N ASP A 114 -8.67 -12.77 -3.83
CA ASP A 114 -8.72 -13.42 -2.52
C ASP A 114 -7.50 -13.06 -1.69
N VAL A 115 -6.34 -13.13 -2.32
CA VAL A 115 -5.08 -12.79 -1.66
C VAL A 115 -5.10 -11.34 -1.18
N ILE A 116 -5.63 -10.46 -2.02
CA ILE A 116 -5.75 -9.05 -1.69
C ILE A 116 -6.64 -8.86 -0.46
N LYS A 117 -7.79 -9.52 -0.45
CA LYS A 117 -8.73 -9.39 0.65
C LYS A 117 -8.16 -9.96 1.94
N GLN A 118 -7.46 -11.09 1.84
CA GLN A 118 -6.86 -11.73 2.99
C GLN A 118 -5.85 -10.79 3.66
N THR A 119 -4.92 -10.29 2.87
CA THR A 119 -3.87 -9.41 3.37
C THR A 119 -4.45 -8.08 3.86
N LEU A 120 -5.38 -7.52 3.10
CA LEU A 120 -5.97 -6.23 3.44
C LEU A 120 -6.75 -6.30 4.74
N THR A 121 -7.52 -7.38 4.92
CA THR A 121 -8.30 -7.57 6.13
C THR A 121 -7.38 -7.84 7.33
N LEU A 122 -6.24 -8.47 7.07
CA LEU A 122 -5.24 -8.71 8.12
C LEU A 122 -4.67 -7.38 8.61
N TYR A 123 -4.37 -6.49 7.67
CA TYR A 123 -3.83 -5.18 8.00
C TYR A 123 -4.87 -4.31 8.69
N ALA A 124 -6.11 -4.40 8.21
CA ALA A 124 -7.21 -3.61 8.76
C ALA A 124 -7.43 -3.93 10.24
N GLU A 125 -7.34 -5.21 10.59
CA GLU A 125 -7.50 -5.61 11.97
C GLU A 125 -6.30 -5.14 12.80
N ARG A 126 -5.12 -5.16 12.19
CA ARG A 126 -3.89 -4.77 12.87
C ARG A 126 -3.96 -3.32 13.34
N VAL A 127 -4.36 -2.43 12.44
CA VAL A 127 -4.42 -1.01 12.76
C VAL A 127 -5.59 -0.72 13.70
N ARG A 128 -6.66 -1.50 13.57
CA ARG A 128 -7.82 -1.35 14.43
C ARG A 128 -7.47 -1.65 15.89
N LYS A 129 -6.83 -2.79 16.12
CA LYS A 129 -6.49 -3.19 17.49
C LYS A 129 -5.30 -2.40 18.03
N SER A 130 -4.41 -1.96 17.16
CA SER A 130 -3.24 -1.20 17.59
C SER A 130 -3.63 0.22 18.01
N ARG A 131 -4.43 0.89 17.18
CA ARG A 131 -4.84 2.26 17.47
C ARG A 131 -5.99 2.27 18.47
N ASP A 132 -6.68 1.13 18.57
CA ASP A 132 -7.81 0.96 19.48
C ASP A 132 -9.05 1.70 18.96
N SER A 133 -8.97 3.02 18.86
CA SER A 133 -10.03 3.82 18.28
C SER A 133 -9.44 5.00 17.52
N LYS A 1 -27.94 7.62 15.48
CA LYS A 1 -28.52 6.81 16.56
C LYS A 1 -27.51 6.61 17.68
N ALA A 2 -27.55 5.45 18.32
CA ALA A 2 -26.74 5.19 19.49
C ALA A 2 -25.35 4.66 19.11
N VAL A 3 -25.31 3.73 18.17
CA VAL A 3 -24.05 3.11 17.77
C VAL A 3 -23.70 3.45 16.32
N SER A 4 -22.88 4.46 16.15
CA SER A 4 -22.43 4.86 14.82
C SER A 4 -20.92 4.62 14.66
N ASP A 5 -20.57 3.52 14.02
CA ASP A 5 -19.17 3.21 13.74
C ASP A 5 -18.83 3.62 12.32
N ASN A 6 -17.55 3.53 11.97
CA ASN A 6 -17.12 3.93 10.64
C ASN A 6 -16.60 2.73 9.86
N ASP A 7 -15.60 2.04 10.44
CA ASP A 7 -14.96 0.89 9.79
C ASP A 7 -14.48 1.24 8.39
N ASP A 8 -13.76 2.34 8.27
CA ASP A 8 -13.32 2.83 6.97
C ASP A 8 -11.83 3.09 6.97
N MET A 9 -11.06 2.06 6.73
CA MET A 9 -9.62 2.17 6.60
C MET A 9 -9.25 2.76 5.25
N MET A 10 -8.40 3.78 5.26
CA MET A 10 -7.98 4.43 4.03
C MET A 10 -6.80 3.69 3.43
N ILE A 11 -6.97 3.16 2.23
CA ILE A 11 -5.93 2.36 1.61
C ILE A 11 -5.42 3.01 0.33
N LEU A 12 -4.11 3.07 0.20
CA LEU A 12 -3.49 3.62 -0.97
C LEU A 12 -3.16 2.52 -1.96
N VAL A 13 -3.88 2.49 -3.07
CA VAL A 13 -3.61 1.54 -4.14
C VAL A 13 -2.76 2.21 -5.21
N VAL A 14 -1.50 1.84 -5.24
CA VAL A 14 -0.57 2.42 -6.19
C VAL A 14 -0.17 1.40 -7.24
N ASP A 15 -0.09 1.86 -8.48
CA ASP A 15 0.54 1.09 -9.54
C ASP A 15 1.30 2.05 -10.44
N ASP A 16 2.47 1.64 -10.88
CA ASP A 16 3.32 2.52 -11.67
C ASP A 16 2.76 2.73 -13.09
N HIS A 17 1.72 1.99 -13.45
CA HIS A 17 1.03 2.19 -14.72
C HIS A 17 -0.48 2.33 -14.46
N PRO A 18 -1.29 2.61 -15.51
CA PRO A 18 -2.74 2.75 -15.35
C PRO A 18 -3.50 1.42 -15.31
N ILE A 19 -3.05 0.45 -16.10
CA ILE A 19 -3.80 -0.80 -16.28
C ILE A 19 -3.92 -1.59 -14.97
N ASN A 20 -2.83 -1.78 -14.25
CA ASN A 20 -2.89 -2.56 -13.02
C ASN A 20 -3.43 -1.70 -11.90
N ARG A 21 -3.31 -0.39 -12.06
CA ARG A 21 -3.87 0.57 -11.12
C ARG A 21 -5.38 0.42 -11.04
N ARG A 22 -6.05 0.48 -12.20
CA ARG A 22 -7.52 0.34 -12.21
C ARG A 22 -7.92 -1.04 -11.73
N LEU A 23 -7.10 -2.04 -12.01
CA LEU A 23 -7.37 -3.40 -11.56
C LEU A 23 -7.34 -3.47 -10.03
N LEU A 24 -6.25 -2.99 -9.45
CA LEU A 24 -6.07 -2.99 -8.01
C LEU A 24 -7.13 -2.15 -7.32
N ALA A 25 -7.44 -1.00 -7.90
CA ALA A 25 -8.45 -0.10 -7.35
C ALA A 25 -9.83 -0.76 -7.38
N ASP A 26 -10.10 -1.53 -8.42
CA ASP A 26 -11.35 -2.26 -8.53
C ASP A 26 -11.47 -3.27 -7.40
N GLN A 27 -10.38 -3.99 -7.17
CA GLN A 27 -10.33 -5.00 -6.11
C GLN A 27 -10.56 -4.36 -4.74
N LEU A 28 -9.85 -3.27 -4.47
CA LEU A 28 -9.98 -2.56 -3.20
C LEU A 28 -11.40 -2.03 -3.01
N GLY A 29 -11.95 -1.44 -4.08
CA GLY A 29 -13.28 -0.90 -4.03
C GLY A 29 -14.34 -1.96 -3.76
N SER A 30 -14.15 -3.14 -4.35
CA SER A 30 -15.08 -4.25 -4.14
C SER A 30 -14.97 -4.80 -2.73
N LEU A 31 -13.81 -4.62 -2.11
CA LEU A 31 -13.59 -5.04 -0.75
C LEU A 31 -14.29 -4.06 0.19
N GLY A 32 -14.41 -2.81 -0.26
CA GLY A 32 -15.22 -1.84 0.46
C GLY A 32 -14.40 -0.86 1.27
N TYR A 33 -13.09 -0.86 1.06
CA TYR A 33 -12.21 0.06 1.79
C TYR A 33 -12.04 1.35 1.01
N GLN A 34 -11.39 2.33 1.62
CA GLN A 34 -11.14 3.62 0.97
C GLN A 34 -10.09 3.46 -0.12
N CYS A 35 -10.45 3.85 -1.34
CA CYS A 35 -9.58 3.67 -2.49
C CYS A 35 -8.87 4.97 -2.85
N LYS A 36 -7.58 5.03 -2.53
CA LYS A 36 -6.77 6.18 -2.91
C LYS A 36 -5.80 5.79 -4.01
N THR A 37 -6.04 6.30 -5.21
CA THR A 37 -5.24 5.91 -6.36
C THR A 37 -4.05 6.83 -6.56
N ALA A 38 -2.87 6.23 -6.73
CA ALA A 38 -1.65 6.97 -7.03
C ALA A 38 -0.79 6.15 -7.97
N ASN A 39 0.17 6.79 -8.65
CA ASN A 39 0.97 6.07 -9.63
C ASN A 39 2.46 6.34 -9.45
N ASP A 40 3.00 5.79 -8.35
CA ASP A 40 4.43 5.76 -8.05
C ASP A 40 4.61 5.50 -6.56
N GLY A 41 5.78 5.08 -6.16
CA GLY A 41 6.04 4.85 -4.76
C GLY A 41 6.13 6.16 -3.99
N VAL A 42 6.80 7.13 -4.60
CA VAL A 42 6.90 8.46 -4.03
C VAL A 42 5.53 9.14 -4.01
N ASP A 43 4.71 8.79 -5.01
CA ASP A 43 3.35 9.32 -5.09
C ASP A 43 2.55 8.94 -3.85
N ALA A 44 2.73 7.71 -3.40
CA ALA A 44 2.07 7.23 -2.20
C ALA A 44 2.50 8.04 -0.98
N LEU A 45 3.78 8.37 -0.91
CA LEU A 45 4.32 9.13 0.21
C LEU A 45 3.84 10.58 0.15
N ASN A 46 3.65 11.09 -1.05
CA ASN A 46 3.15 12.45 -1.24
C ASN A 46 1.68 12.52 -0.85
N VAL A 47 0.94 11.52 -1.30
CA VAL A 47 -0.48 11.41 -1.00
C VAL A 47 -0.69 11.22 0.50
N LEU A 48 0.24 10.53 1.15
CA LEU A 48 0.22 10.37 2.60
C LEU A 48 0.42 11.71 3.30
N SER A 49 1.25 12.56 2.71
CA SER A 49 1.56 13.86 3.32
C SER A 49 0.43 14.85 3.11
N LYS A 50 -0.44 14.58 2.14
CA LYS A 50 -1.56 15.47 1.86
C LYS A 50 -2.84 14.96 2.51
N ASN A 51 -3.17 13.71 2.24
CA ASN A 51 -4.40 13.11 2.73
C ASN A 51 -4.12 12.27 3.97
N HIS A 52 -5.12 11.55 4.45
CA HIS A 52 -4.93 10.61 5.52
C HIS A 52 -5.02 9.20 4.96
N ILE A 53 -4.25 8.28 5.52
CA ILE A 53 -4.25 6.90 5.06
C ILE A 53 -3.81 5.98 6.20
N ASP A 54 -4.28 4.74 6.17
CA ASP A 54 -3.93 3.75 7.17
C ASP A 54 -2.85 2.81 6.65
N ILE A 55 -3.06 2.28 5.46
CA ILE A 55 -2.13 1.32 4.87
C ILE A 55 -1.74 1.76 3.45
N VAL A 56 -0.46 1.61 3.10
CA VAL A 56 0.02 1.97 1.78
C VAL A 56 0.52 0.73 1.03
N LEU A 57 0.02 0.51 -0.17
CA LEU A 57 0.52 -0.58 -1.02
C LEU A 57 0.91 -0.03 -2.39
N SER A 58 2.15 -0.24 -2.78
CA SER A 58 2.64 0.27 -4.05
C SER A 58 3.06 -0.88 -4.98
N ASP A 59 2.26 -1.12 -5.99
CA ASP A 59 2.54 -2.11 -7.01
C ASP A 59 3.45 -1.51 -8.08
N VAL A 60 4.71 -1.92 -8.07
CA VAL A 60 5.71 -1.28 -8.93
C VAL A 60 6.62 -2.31 -9.57
N ASN A 61 6.61 -2.36 -10.91
CA ASN A 61 7.59 -3.14 -11.66
C ASN A 61 7.38 -3.10 -13.17
N MET A 62 7.17 -1.90 -13.69
CA MET A 62 7.27 -1.70 -15.14
C MET A 62 8.65 -1.13 -15.48
N PRO A 63 9.13 -0.10 -14.74
CA PRO A 63 10.52 0.34 -14.83
C PRO A 63 11.49 -0.76 -14.42
N ASN A 64 12.72 -0.66 -14.85
CA ASN A 64 13.69 -1.73 -14.67
C ASN A 64 14.43 -1.61 -13.33
N MET A 65 14.63 -0.40 -12.86
CA MET A 65 15.48 -0.18 -11.70
C MET A 65 14.74 0.54 -10.57
N ASP A 66 13.86 -0.19 -9.89
CA ASP A 66 13.22 0.30 -8.68
C ASP A 66 12.36 -0.80 -8.05
N GLY A 67 11.49 -0.39 -7.14
CA GLY A 67 10.69 -1.33 -6.39
C GLY A 67 11.02 -1.23 -4.91
N TYR A 68 12.07 -0.47 -4.61
CA TYR A 68 12.52 -0.29 -3.25
C TYR A 68 12.72 1.18 -2.90
N ARG A 69 13.23 1.93 -3.85
CA ARG A 69 13.74 3.26 -3.58
C ARG A 69 12.66 4.14 -2.97
N LEU A 70 11.42 3.83 -3.29
CA LEU A 70 10.31 4.68 -2.92
C LEU A 70 10.12 4.62 -1.42
N THR A 71 10.50 3.48 -0.88
CA THR A 71 10.39 3.24 0.52
C THR A 71 11.55 3.87 1.25
N GLN A 72 12.67 4.01 0.55
CA GLN A 72 13.80 4.76 1.10
C GLN A 72 13.35 6.17 1.48
N ARG A 73 12.59 6.79 0.59
CA ARG A 73 12.03 8.11 0.87
C ARG A 73 11.04 8.04 2.03
N ILE A 74 10.26 6.96 2.08
CA ILE A 74 9.28 6.76 3.14
C ILE A 74 9.94 6.67 4.53
N ARG A 75 11.01 5.88 4.61
CA ARG A 75 11.70 5.68 5.88
C ARG A 75 12.49 6.92 6.28
N GLN A 76 12.89 7.71 5.28
CA GLN A 76 13.53 8.99 5.54
C GLN A 76 12.55 9.91 6.26
N LEU A 77 11.31 9.90 5.80
CA LEU A 77 10.25 10.68 6.42
C LEU A 77 9.88 10.09 7.78
N GLY A 78 9.84 8.76 7.84
CA GLY A 78 9.53 8.09 9.07
C GLY A 78 8.05 7.79 9.22
N LEU A 79 7.45 7.30 8.13
CA LEU A 79 6.03 6.94 8.14
C LEU A 79 5.72 5.95 9.25
N THR A 80 4.70 6.26 10.02
CA THR A 80 4.32 5.44 11.16
C THR A 80 3.25 4.42 10.77
N LEU A 81 3.11 4.16 9.48
CA LEU A 81 2.12 3.22 9.00
C LEU A 81 2.78 2.14 8.14
N PRO A 82 2.23 0.93 8.14
CA PRO A 82 2.78 -0.21 7.40
C PRO A 82 2.78 0.01 5.88
N VAL A 83 3.93 -0.21 5.27
CA VAL A 83 4.07 -0.10 3.84
C VAL A 83 4.26 -1.48 3.22
N ILE A 84 3.37 -1.83 2.32
CA ILE A 84 3.43 -3.12 1.65
C ILE A 84 3.75 -2.93 0.17
N GLY A 85 4.94 -3.33 -0.22
CA GLY A 85 5.37 -3.15 -1.59
C GLY A 85 5.01 -4.32 -2.46
N VAL A 86 4.17 -4.07 -3.44
CA VAL A 86 3.80 -5.09 -4.42
C VAL A 86 4.81 -5.06 -5.56
N THR A 87 5.80 -5.94 -5.49
CA THR A 87 6.88 -5.91 -6.45
C THR A 87 7.06 -7.28 -7.10
N ALA A 88 7.28 -7.31 -8.40
CA ALA A 88 7.43 -8.57 -9.11
C ALA A 88 8.48 -8.46 -10.21
N ASN A 89 9.63 -9.11 -9.97
CA ASN A 89 10.74 -9.21 -10.94
C ASN A 89 11.63 -7.97 -10.87
N ALA A 90 11.97 -7.57 -9.65
CA ALA A 90 12.84 -6.41 -9.44
C ALA A 90 14.27 -6.84 -9.13
N LEU A 91 14.56 -8.12 -9.40
CA LEU A 91 15.91 -8.68 -9.24
C LEU A 91 16.33 -8.64 -7.77
N ALA A 92 15.95 -9.68 -7.03
CA ALA A 92 16.25 -9.78 -5.60
C ALA A 92 15.58 -8.65 -4.84
N GLU A 93 14.26 -8.66 -4.83
CA GLU A 93 13.48 -7.64 -4.16
C GLU A 93 13.73 -7.67 -2.66
N GLU A 94 14.08 -8.84 -2.15
CA GLU A 94 14.38 -9.01 -0.72
C GLU A 94 15.61 -8.19 -0.34
N LYS A 95 16.55 -8.11 -1.26
CA LYS A 95 17.78 -7.35 -1.04
C LYS A 95 17.49 -5.85 -1.11
N GLN A 96 16.63 -5.44 -2.04
CA GLN A 96 16.27 -4.03 -2.15
C GLN A 96 15.41 -3.62 -0.95
N ARG A 97 14.69 -4.59 -0.41
CA ARG A 97 13.91 -4.40 0.80
C ARG A 97 14.83 -3.99 1.95
N CYS A 98 15.96 -4.67 2.05
CA CYS A 98 16.99 -4.31 3.02
C CYS A 98 17.57 -2.94 2.69
N LEU A 99 17.53 -2.57 1.42
CA LEU A 99 18.06 -1.29 0.98
C LEU A 99 17.19 -0.11 1.44
N GLU A 100 15.88 -0.14 1.16
CA GLU A 100 15.00 0.97 1.57
C GLU A 100 14.70 0.88 3.06
N SER A 101 14.33 -0.31 3.50
CA SER A 101 14.02 -0.61 4.90
C SER A 101 13.05 0.40 5.55
N GLY A 102 11.93 0.66 4.90
CA GLY A 102 10.89 1.46 5.55
C GLY A 102 9.51 0.91 5.27
N MET A 103 9.47 -0.31 4.75
CA MET A 103 8.23 -0.91 4.27
C MET A 103 7.52 -1.64 5.41
N ASP A 104 7.54 -2.98 5.32
CA ASP A 104 6.97 -3.89 6.31
C ASP A 104 6.72 -5.24 5.67
N SER A 105 5.94 -5.23 4.59
CA SER A 105 5.58 -6.45 3.90
C SER A 105 5.71 -6.26 2.39
N CYS A 106 5.74 -7.37 1.65
CA CYS A 106 5.90 -7.32 0.21
C CYS A 106 5.08 -8.42 -0.47
N LEU A 107 4.44 -8.08 -1.58
CA LEU A 107 3.64 -9.05 -2.33
C LEU A 107 4.07 -9.05 -3.79
N SER A 108 3.42 -9.88 -4.59
CA SER A 108 3.74 -9.95 -6.01
C SER A 108 2.63 -9.29 -6.84
N LYS A 109 2.98 -8.89 -8.06
CA LYS A 109 2.06 -8.19 -8.96
C LYS A 109 0.69 -8.88 -9.13
N PRO A 110 0.63 -10.24 -9.24
CA PRO A 110 -0.65 -10.97 -9.29
C PRO A 110 -1.42 -10.92 -7.96
N VAL A 111 -1.77 -9.72 -7.52
CA VAL A 111 -2.59 -9.55 -6.33
C VAL A 111 -4.08 -9.57 -6.70
N THR A 112 -4.70 -10.72 -6.51
CA THR A 112 -6.10 -10.89 -6.85
C THR A 112 -7.01 -10.38 -5.74
N LEU A 113 -8.32 -10.52 -5.93
CA LEU A 113 -9.30 -10.06 -4.96
C LEU A 113 -9.08 -10.68 -3.59
N ASP A 114 -8.85 -12.00 -3.56
CA ASP A 114 -8.67 -12.71 -2.30
C ASP A 114 -7.32 -12.40 -1.69
N VAL A 115 -6.31 -12.25 -2.53
CA VAL A 115 -4.98 -11.91 -2.06
C VAL A 115 -4.99 -10.55 -1.37
N ILE A 116 -5.62 -9.57 -2.00
CA ILE A 116 -5.75 -8.26 -1.41
C ILE A 116 -6.68 -8.31 -0.18
N LYS A 117 -7.64 -9.23 -0.22
CA LYS A 117 -8.62 -9.37 0.85
C LYS A 117 -7.99 -9.85 2.14
N GLN A 118 -7.18 -10.89 2.06
CA GLN A 118 -6.55 -11.44 3.25
C GLN A 118 -5.53 -10.46 3.83
N THR A 119 -4.77 -9.81 2.94
CA THR A 119 -3.79 -8.80 3.37
C THR A 119 -4.50 -7.65 4.09
N LEU A 120 -5.57 -7.14 3.47
CA LEU A 120 -6.32 -6.01 4.02
C LEU A 120 -6.95 -6.37 5.35
N THR A 121 -7.75 -7.43 5.34
CA THR A 121 -8.51 -7.84 6.52
C THR A 121 -7.60 -8.14 7.72
N LEU A 122 -6.52 -8.87 7.47
CA LEU A 122 -5.64 -9.30 8.55
C LEU A 122 -4.85 -8.12 9.14
N TYR A 123 -4.44 -7.19 8.29
CA TYR A 123 -3.64 -6.08 8.75
C TYR A 123 -4.49 -4.96 9.34
N ALA A 124 -5.71 -4.83 8.84
CA ALA A 124 -6.65 -3.85 9.37
C ALA A 124 -7.01 -4.20 10.81
N GLU A 125 -7.13 -5.50 11.09
CA GLU A 125 -7.41 -5.94 12.43
C GLU A 125 -6.14 -5.85 13.28
N ARG A 126 -4.99 -6.07 12.66
CA ARG A 126 -3.71 -6.00 13.34
C ARG A 126 -3.48 -4.60 13.89
N VAL A 127 -3.67 -3.59 13.05
CA VAL A 127 -3.49 -2.21 13.49
C VAL A 127 -4.61 -1.79 14.44
N ARG A 128 -5.78 -2.37 14.25
CA ARG A 128 -6.93 -2.08 15.07
C ARG A 128 -6.69 -2.52 16.52
N LYS A 129 -6.22 -3.74 16.70
CA LYS A 129 -6.02 -4.28 18.04
C LYS A 129 -4.72 -3.79 18.67
N SER A 130 -3.73 -3.45 17.83
CA SER A 130 -2.45 -2.97 18.34
C SER A 130 -2.55 -1.51 18.81
N ARG A 131 -3.09 -0.65 17.96
CA ARG A 131 -3.17 0.77 18.26
C ARG A 131 -4.45 1.10 19.02
N ASP A 132 -5.47 0.27 18.84
CA ASP A 132 -6.80 0.49 19.43
C ASP A 132 -7.39 1.81 18.96
N SER A 133 -8.12 1.77 17.86
CA SER A 133 -8.64 2.98 17.26
C SER A 133 -10.10 2.80 16.88
N LYS A 1 -33.81 8.21 15.40
CA LYS A 1 -33.47 7.87 14.00
C LYS A 1 -32.36 6.84 13.98
N ALA A 2 -31.80 6.54 12.81
CA ALA A 2 -30.78 5.51 12.70
C ALA A 2 -29.67 5.93 11.74
N VAL A 3 -28.44 5.89 12.25
CA VAL A 3 -27.25 6.16 11.44
C VAL A 3 -26.08 5.32 11.94
N SER A 4 -25.77 4.25 11.23
CA SER A 4 -24.72 3.34 11.64
C SER A 4 -23.78 3.01 10.48
N ASP A 5 -22.73 3.81 10.34
CA ASP A 5 -21.75 3.60 9.26
C ASP A 5 -20.49 4.40 9.53
N ASN A 6 -19.37 3.71 9.56
CA ASN A 6 -18.06 4.35 9.75
C ASN A 6 -16.95 3.47 9.23
N ASP A 7 -16.73 3.50 7.93
CA ASP A 7 -15.60 2.81 7.37
C ASP A 7 -14.53 3.82 7.00
N ASP A 8 -14.00 4.47 8.02
CA ASP A 8 -13.00 5.52 7.83
C ASP A 8 -11.59 4.92 7.75
N MET A 9 -11.40 4.00 6.82
CA MET A 9 -10.09 3.40 6.61
C MET A 9 -9.58 3.73 5.21
N MET A 10 -8.69 4.71 5.15
CA MET A 10 -8.13 5.16 3.88
C MET A 10 -6.92 4.31 3.49
N ILE A 11 -7.09 3.52 2.45
CA ILE A 11 -6.01 2.69 1.94
C ILE A 11 -5.49 3.28 0.63
N LEU A 12 -4.19 3.19 0.41
CA LEU A 12 -3.57 3.74 -0.78
C LEU A 12 -3.42 2.68 -1.87
N VAL A 13 -4.24 2.75 -2.90
CA VAL A 13 -4.12 1.84 -4.03
C VAL A 13 -3.21 2.46 -5.08
N VAL A 14 -1.96 2.10 -5.04
CA VAL A 14 -0.97 2.68 -5.93
C VAL A 14 -0.42 1.65 -6.89
N ASP A 15 -0.30 2.03 -8.15
CA ASP A 15 0.41 1.23 -9.14
C ASP A 15 0.84 2.15 -10.28
N ASP A 16 2.09 2.06 -10.66
CA ASP A 16 2.69 3.00 -11.62
C ASP A 16 2.17 2.79 -13.05
N HIS A 17 1.55 1.64 -13.33
CA HIS A 17 1.01 1.38 -14.65
C HIS A 17 -0.47 1.05 -14.58
N PRO A 18 -1.32 2.09 -14.75
CA PRO A 18 -2.78 2.12 -14.50
C PRO A 18 -3.56 0.78 -14.49
N ILE A 19 -3.22 -0.17 -15.36
CA ILE A 19 -3.99 -1.41 -15.47
C ILE A 19 -4.09 -2.16 -14.12
N ASN A 20 -2.97 -2.30 -13.41
CA ASN A 20 -2.99 -3.02 -12.14
C ASN A 20 -3.54 -2.12 -11.05
N ARG A 21 -3.34 -0.83 -11.21
CA ARG A 21 -3.88 0.18 -10.32
C ARG A 21 -5.40 0.10 -10.24
N ARG A 22 -6.05 0.07 -11.40
CA ARG A 22 -7.50 -0.01 -11.45
C ARG A 22 -7.99 -1.37 -10.97
N LEU A 23 -7.17 -2.39 -11.17
CA LEU A 23 -7.49 -3.73 -10.69
C LEU A 23 -7.49 -3.76 -9.16
N LEU A 24 -6.45 -3.16 -8.58
CA LEU A 24 -6.31 -3.09 -7.12
C LEU A 24 -7.41 -2.21 -6.53
N ALA A 25 -7.69 -1.10 -7.18
CA ALA A 25 -8.74 -0.19 -6.74
C ALA A 25 -10.11 -0.84 -6.84
N ASP A 26 -10.27 -1.70 -7.83
CA ASP A 26 -11.52 -2.44 -8.03
C ASP A 26 -11.68 -3.51 -6.95
N GLN A 27 -10.59 -4.23 -6.68
CA GLN A 27 -10.61 -5.26 -5.67
C GLN A 27 -10.87 -4.67 -4.28
N LEU A 28 -10.17 -3.58 -3.96
CA LEU A 28 -10.38 -2.89 -2.69
C LEU A 28 -11.78 -2.27 -2.65
N GLY A 29 -12.26 -1.83 -3.80
CA GLY A 29 -13.60 -1.30 -3.90
C GLY A 29 -14.65 -2.36 -3.65
N SER A 30 -14.28 -3.62 -3.89
CA SER A 30 -15.15 -4.74 -3.60
C SER A 30 -15.05 -5.12 -2.13
N LEU A 31 -13.95 -4.72 -1.50
CA LEU A 31 -13.76 -4.92 -0.07
C LEU A 31 -14.59 -3.90 0.70
N GLY A 32 -14.72 -2.71 0.13
CA GLY A 32 -15.51 -1.66 0.73
C GLY A 32 -14.68 -0.70 1.53
N TYR A 33 -13.43 -0.52 1.11
CA TYR A 33 -12.52 0.37 1.81
C TYR A 33 -12.10 1.53 0.92
N GLN A 34 -11.69 2.63 1.54
CA GLN A 34 -11.33 3.84 0.79
C GLN A 34 -10.10 3.58 -0.07
N CYS A 35 -10.26 3.77 -1.38
CA CYS A 35 -9.18 3.54 -2.30
C CYS A 35 -8.62 4.85 -2.84
N LYS A 36 -7.50 5.29 -2.28
CA LYS A 36 -6.83 6.50 -2.73
C LYS A 36 -5.87 6.14 -3.85
N THR A 37 -6.17 6.62 -5.05
CA THR A 37 -5.45 6.19 -6.25
C THR A 37 -4.24 7.07 -6.55
N ALA A 38 -3.09 6.41 -6.72
CA ALA A 38 -1.86 7.07 -7.14
C ALA A 38 -1.09 6.14 -8.08
N ASN A 39 -0.05 6.63 -8.75
CA ASN A 39 0.69 5.78 -9.68
C ASN A 39 2.19 6.04 -9.65
N ASP A 40 2.82 5.59 -8.56
CA ASP A 40 4.27 5.64 -8.37
C ASP A 40 4.60 5.42 -6.90
N GLY A 41 5.82 4.99 -6.63
CA GLY A 41 6.24 4.80 -5.26
C GLY A 41 6.44 6.13 -4.57
N VAL A 42 7.00 7.10 -5.29
CA VAL A 42 7.19 8.42 -4.74
C VAL A 42 5.85 9.15 -4.64
N ASP A 43 4.94 8.81 -5.55
CA ASP A 43 3.59 9.38 -5.56
C ASP A 43 2.88 9.06 -4.25
N ALA A 44 3.02 7.82 -3.80
CA ALA A 44 2.40 7.35 -2.57
C ALA A 44 2.99 8.07 -1.36
N LEU A 45 4.30 8.29 -1.38
CA LEU A 45 4.96 8.98 -0.28
C LEU A 45 4.56 10.46 -0.25
N ASN A 46 4.31 11.02 -1.43
CA ASN A 46 3.91 12.42 -1.56
C ASN A 46 2.50 12.65 -1.01
N VAL A 47 1.59 11.73 -1.32
CA VAL A 47 0.23 11.83 -0.83
C VAL A 47 0.17 11.51 0.66
N LEU A 48 1.07 10.64 1.11
CA LEU A 48 1.20 10.31 2.53
C LEU A 48 1.46 11.58 3.36
N SER A 49 2.37 12.42 2.87
CA SER A 49 2.75 13.62 3.60
C SER A 49 1.65 14.68 3.53
N LYS A 50 0.94 14.71 2.42
CA LYS A 50 -0.09 15.73 2.22
C LYS A 50 -1.37 15.39 2.97
N ASN A 51 -1.70 14.11 3.03
CA ASN A 51 -2.92 13.66 3.71
C ASN A 51 -2.56 12.88 4.97
N HIS A 52 -3.06 11.66 5.07
CA HIS A 52 -2.76 10.79 6.20
C HIS A 52 -2.61 9.35 5.72
N ILE A 53 -3.75 8.73 5.38
CA ILE A 53 -3.78 7.32 4.95
C ILE A 53 -3.39 6.38 6.11
N ASP A 54 -4.02 5.23 6.18
CA ASP A 54 -3.75 4.28 7.24
C ASP A 54 -2.86 3.14 6.75
N ILE A 55 -3.22 2.53 5.62
CA ILE A 55 -2.45 1.45 5.04
C ILE A 55 -2.09 1.77 3.60
N VAL A 56 -0.84 1.49 3.21
CA VAL A 56 -0.37 1.80 1.87
C VAL A 56 -0.05 0.54 1.07
N LEU A 57 -0.57 0.47 -0.15
CA LEU A 57 -0.20 -0.60 -1.07
C LEU A 57 0.42 0.02 -2.32
N SER A 58 1.74 0.04 -2.40
CA SER A 58 2.41 0.68 -3.51
C SER A 58 2.96 -0.36 -4.49
N ASP A 59 2.30 -0.48 -5.63
CA ASP A 59 2.70 -1.41 -6.68
C ASP A 59 3.48 -0.68 -7.76
N VAL A 60 4.54 -1.32 -8.25
CA VAL A 60 5.37 -0.75 -9.30
C VAL A 60 5.45 -1.69 -10.48
N ASN A 61 5.25 -1.17 -11.67
CA ASN A 61 5.38 -1.97 -12.89
C ASN A 61 6.75 -1.76 -13.50
N MET A 62 7.12 -0.49 -13.61
CA MET A 62 8.42 -0.09 -14.16
C MET A 62 9.57 -0.71 -13.37
N PRO A 63 10.30 -1.67 -13.99
CA PRO A 63 11.42 -2.35 -13.34
C PRO A 63 12.72 -1.53 -13.42
N ASN A 64 12.63 -0.38 -14.08
CA ASN A 64 13.79 0.51 -14.25
C ASN A 64 14.02 1.33 -12.99
N MET A 65 13.25 1.02 -11.95
CA MET A 65 13.36 1.69 -10.67
C MET A 65 13.02 0.70 -9.58
N ASP A 66 14.05 0.27 -8.87
CA ASP A 66 13.89 -0.67 -7.77
C ASP A 66 12.75 -0.26 -6.87
N GLY A 67 11.73 -1.12 -6.79
CA GLY A 67 10.50 -0.80 -6.08
C GLY A 67 10.68 -0.70 -4.57
N TYR A 68 11.92 -0.74 -4.13
CA TYR A 68 12.23 -0.58 -2.72
C TYR A 68 12.61 0.87 -2.42
N ARG A 69 13.33 1.49 -3.34
CA ARG A 69 14.03 2.72 -3.05
C ARG A 69 13.08 3.82 -2.59
N LEU A 70 11.84 3.74 -3.02
CA LEU A 70 10.90 4.83 -2.81
C LEU A 70 10.39 4.74 -1.39
N THR A 71 10.46 3.55 -0.86
CA THR A 71 10.11 3.29 0.51
C THR A 71 11.22 3.83 1.41
N GLN A 72 12.43 3.86 0.87
CA GLN A 72 13.56 4.48 1.56
C GLN A 72 13.24 5.95 1.79
N ARG A 73 12.67 6.58 0.78
CA ARG A 73 12.21 7.96 0.89
C ARG A 73 11.14 8.08 1.97
N ILE A 74 10.29 7.06 2.08
CA ILE A 74 9.26 7.02 3.12
C ILE A 74 9.88 6.94 4.52
N ARG A 75 10.97 6.18 4.62
CA ARG A 75 11.69 6.04 5.90
C ARG A 75 12.28 7.38 6.34
N GLN A 76 12.64 8.20 5.36
CA GLN A 76 13.16 9.52 5.63
C GLN A 76 12.03 10.50 5.93
N LEU A 77 10.87 10.23 5.32
CA LEU A 77 9.68 11.01 5.56
C LEU A 77 9.20 10.82 7.00
N GLY A 78 9.16 9.57 7.43
CA GLY A 78 8.75 9.27 8.78
C GLY A 78 7.60 8.29 8.79
N LEU A 79 7.90 7.01 8.60
CA LEU A 79 6.88 5.98 8.56
C LEU A 79 6.46 5.60 9.97
N THR A 80 5.16 5.46 10.16
CA THR A 80 4.60 4.95 11.40
C THR A 80 3.33 4.18 11.10
N LEU A 81 3.28 3.63 9.90
CA LEU A 81 2.11 2.92 9.41
C LEU A 81 2.55 1.74 8.55
N PRO A 82 1.72 0.69 8.45
CA PRO A 82 2.05 -0.51 7.68
C PRO A 82 2.06 -0.26 6.17
N VAL A 83 3.22 -0.44 5.55
CA VAL A 83 3.35 -0.28 4.11
C VAL A 83 3.60 -1.63 3.45
N ILE A 84 2.72 -1.99 2.53
CA ILE A 84 2.88 -3.22 1.78
C ILE A 84 3.27 -2.90 0.34
N GLY A 85 4.49 -3.23 -0.02
CA GLY A 85 4.99 -2.89 -1.33
C GLY A 85 4.80 -4.00 -2.34
N VAL A 86 3.88 -3.78 -3.27
CA VAL A 86 3.67 -4.70 -4.36
C VAL A 86 4.73 -4.46 -5.43
N THR A 87 5.53 -5.46 -5.73
CA THR A 87 6.67 -5.26 -6.61
C THR A 87 6.81 -6.38 -7.63
N ALA A 88 7.38 -6.04 -8.77
CA ALA A 88 7.75 -7.03 -9.76
C ALA A 88 9.06 -7.70 -9.35
N ASN A 89 9.37 -8.83 -9.97
CA ASN A 89 10.56 -9.63 -9.65
C ASN A 89 10.40 -10.28 -8.28
N ALA A 90 10.53 -9.47 -7.22
CA ALA A 90 10.35 -9.94 -5.84
C ALA A 90 11.25 -11.13 -5.51
N LEU A 91 12.50 -11.06 -5.94
CA LEU A 91 13.46 -12.12 -5.67
C LEU A 91 14.32 -11.75 -4.47
N ALA A 92 14.73 -10.49 -4.41
CA ALA A 92 15.51 -9.99 -3.30
C ALA A 92 14.69 -9.00 -2.47
N GLU A 93 13.46 -9.40 -2.16
CA GLU A 93 12.54 -8.55 -1.42
C GLU A 93 13.01 -8.37 0.02
N GLU A 94 13.52 -9.44 0.62
CA GLU A 94 14.07 -9.38 1.96
C GLU A 94 15.19 -8.36 2.02
N LYS A 95 16.04 -8.39 0.99
CA LYS A 95 17.16 -7.48 0.90
C LYS A 95 16.69 -6.04 0.74
N GLN A 96 15.68 -5.82 -0.09
CA GLN A 96 15.21 -4.46 -0.34
C GLN A 96 14.46 -3.91 0.85
N ARG A 97 13.73 -4.77 1.55
CA ARG A 97 12.94 -4.32 2.70
C ARG A 97 13.85 -3.85 3.83
N CYS A 98 15.02 -4.48 3.96
CA CYS A 98 16.01 -4.02 4.91
C CYS A 98 16.68 -2.75 4.40
N LEU A 99 16.72 -2.62 3.08
CA LEU A 99 17.36 -1.48 2.44
C LEU A 99 16.55 -0.19 2.59
N GLU A 100 15.26 -0.22 2.22
CA GLU A 100 14.46 1.00 2.31
C GLU A 100 14.01 1.24 3.75
N SER A 101 13.70 0.16 4.44
CA SER A 101 13.31 0.20 5.85
C SER A 101 12.17 1.19 6.10
N GLY A 102 11.14 1.13 5.29
CA GLY A 102 9.98 2.00 5.50
C GLY A 102 8.68 1.32 5.15
N MET A 103 8.74 0.02 4.94
CA MET A 103 7.59 -0.74 4.46
C MET A 103 6.89 -1.47 5.60
N ASP A 104 6.92 -2.80 5.51
CA ASP A 104 6.27 -3.69 6.46
C ASP A 104 6.37 -5.09 5.90
N SER A 105 5.80 -5.27 4.72
CA SER A 105 5.87 -6.53 3.99
C SER A 105 5.85 -6.27 2.49
N CYS A 106 6.31 -7.24 1.71
CA CYS A 106 6.33 -7.09 0.25
C CYS A 106 5.39 -8.10 -0.39
N LEU A 107 4.86 -7.74 -1.55
CA LEU A 107 3.97 -8.62 -2.30
C LEU A 107 4.41 -8.67 -3.75
N SER A 108 3.86 -9.61 -4.50
CA SER A 108 4.18 -9.75 -5.92
C SER A 108 3.17 -8.97 -6.76
N LYS A 109 3.65 -8.38 -7.85
CA LYS A 109 2.83 -7.57 -8.76
C LYS A 109 1.51 -8.25 -9.16
N PRO A 110 1.52 -9.52 -9.63
CA PRO A 110 0.32 -10.22 -10.06
C PRO A 110 -0.57 -10.69 -8.91
N VAL A 111 -1.01 -9.76 -8.07
CA VAL A 111 -1.93 -10.07 -6.98
C VAL A 111 -3.33 -10.35 -7.53
N THR A 112 -4.05 -11.25 -6.88
CA THR A 112 -5.39 -11.61 -7.32
C THR A 112 -6.44 -11.23 -6.27
N LEU A 113 -7.71 -11.53 -6.56
CA LEU A 113 -8.83 -11.07 -5.72
C LEU A 113 -8.75 -11.66 -4.31
N ASP A 114 -8.54 -12.97 -4.22
CA ASP A 114 -8.54 -13.64 -2.93
C ASP A 114 -7.30 -13.30 -2.14
N VAL A 115 -6.16 -13.28 -2.83
CA VAL A 115 -4.89 -12.93 -2.21
C VAL A 115 -4.94 -11.51 -1.65
N ILE A 116 -5.61 -10.63 -2.38
CA ILE A 116 -5.80 -9.27 -1.93
C ILE A 116 -6.66 -9.24 -0.67
N LYS A 117 -7.67 -10.11 -0.63
CA LYS A 117 -8.59 -10.17 0.50
C LYS A 117 -7.89 -10.57 1.79
N GLN A 118 -7.09 -11.64 1.75
CA GLN A 118 -6.38 -12.10 2.94
C GLN A 118 -5.45 -11.02 3.46
N THR A 119 -4.66 -10.45 2.56
CA THR A 119 -3.69 -9.42 2.93
C THR A 119 -4.38 -8.17 3.49
N LEU A 120 -5.45 -7.73 2.82
CA LEU A 120 -6.16 -6.53 3.23
C LEU A 120 -6.84 -6.73 4.57
N THR A 121 -7.51 -7.86 4.74
CA THR A 121 -8.22 -8.16 5.97
C THR A 121 -7.27 -8.26 7.15
N LEU A 122 -6.12 -8.90 6.94
CA LEU A 122 -5.13 -9.07 7.99
C LEU A 122 -4.56 -7.72 8.44
N TYR A 123 -4.37 -6.82 7.49
CA TYR A 123 -3.80 -5.51 7.80
C TYR A 123 -4.87 -4.59 8.40
N ALA A 124 -6.11 -4.75 7.95
CA ALA A 124 -7.21 -3.97 8.47
C ALA A 124 -7.42 -4.25 9.95
N GLU A 125 -7.35 -5.52 10.32
CA GLU A 125 -7.49 -5.90 11.72
C GLU A 125 -6.21 -5.54 12.49
N ARG A 126 -5.09 -5.47 11.77
CA ARG A 126 -3.82 -5.09 12.36
C ARG A 126 -3.86 -3.63 12.82
N VAL A 127 -4.33 -2.75 11.95
CA VAL A 127 -4.45 -1.34 12.30
C VAL A 127 -5.62 -1.13 13.26
N ARG A 128 -6.63 -1.97 13.14
CA ARG A 128 -7.79 -1.90 14.03
C ARG A 128 -7.38 -2.21 15.47
N LYS A 129 -6.61 -3.27 15.65
CA LYS A 129 -6.18 -3.67 16.99
C LYS A 129 -5.12 -2.70 17.54
N SER A 130 -4.41 -2.03 16.65
CA SER A 130 -3.39 -1.06 17.07
C SER A 130 -4.02 0.28 17.42
N ARG A 131 -5.20 0.56 16.87
CA ARG A 131 -5.87 1.83 17.11
C ARG A 131 -6.87 1.71 18.25
N ASP A 132 -7.67 0.66 18.22
CA ASP A 132 -8.70 0.44 19.22
C ASP A 132 -8.12 -0.14 20.49
N SER A 133 -7.57 0.73 21.32
CA SER A 133 -7.01 0.32 22.60
C SER A 133 -7.60 1.18 23.72
N LYS A 1 -30.05 7.84 23.00
CA LYS A 1 -29.58 6.96 21.92
C LYS A 1 -28.45 7.62 21.15
N ALA A 2 -27.38 6.88 20.91
CA ALA A 2 -26.24 7.39 20.16
C ALA A 2 -25.58 6.28 19.37
N VAL A 3 -24.93 6.64 18.27
CA VAL A 3 -24.24 5.69 17.42
C VAL A 3 -23.27 6.41 16.49
N SER A 4 -22.06 5.90 16.40
CA SER A 4 -21.05 6.47 15.52
C SER A 4 -20.95 5.66 14.24
N ASP A 5 -20.52 6.30 13.17
CA ASP A 5 -20.47 5.67 11.86
C ASP A 5 -19.06 5.70 11.29
N ASN A 6 -18.97 5.40 10.00
CA ASN A 6 -17.75 5.55 9.21
C ASN A 6 -16.70 4.50 9.53
N ASP A 7 -16.72 3.44 8.75
CA ASP A 7 -15.63 2.47 8.73
C ASP A 7 -14.53 2.99 7.81
N ASP A 8 -13.98 4.13 8.21
CA ASP A 8 -13.07 4.92 7.37
C ASP A 8 -11.68 4.32 7.33
N MET A 9 -11.58 3.09 6.87
CA MET A 9 -10.29 2.46 6.63
C MET A 9 -9.72 2.96 5.30
N MET A 10 -8.74 3.85 5.38
CA MET A 10 -8.23 4.52 4.18
C MET A 10 -7.04 3.77 3.61
N ILE A 11 -7.23 3.23 2.41
CA ILE A 11 -6.17 2.48 1.73
C ILE A 11 -5.68 3.24 0.51
N LEU A 12 -4.38 3.37 0.39
CA LEU A 12 -3.77 4.06 -0.74
C LEU A 12 -3.23 3.05 -1.74
N VAL A 13 -3.77 3.09 -2.94
CA VAL A 13 -3.42 2.16 -3.99
C VAL A 13 -2.68 2.88 -5.11
N VAL A 14 -1.43 2.51 -5.33
CA VAL A 14 -0.67 3.09 -6.43
C VAL A 14 -0.16 2.00 -7.36
N ASP A 15 -0.19 2.27 -8.65
CA ASP A 15 0.47 1.41 -9.63
C ASP A 15 1.03 2.28 -10.73
N ASP A 16 2.30 2.05 -11.09
CA ASP A 16 2.96 2.86 -12.12
C ASP A 16 2.47 2.49 -13.54
N HIS A 17 1.30 1.87 -13.61
CA HIS A 17 0.71 1.48 -14.87
C HIS A 17 -0.80 1.73 -14.79
N PRO A 18 -1.50 1.79 -15.92
CA PRO A 18 -2.95 1.97 -15.93
C PRO A 18 -3.70 0.65 -15.69
N ILE A 19 -3.11 -0.46 -16.07
CA ILE A 19 -3.79 -1.75 -16.03
C ILE A 19 -3.99 -2.24 -14.59
N ASN A 20 -2.95 -2.22 -13.78
CA ASN A 20 -3.05 -2.74 -12.42
C ASN A 20 -3.60 -1.66 -11.50
N ARG A 21 -3.39 -0.41 -11.87
CA ARG A 21 -4.01 0.71 -11.19
C ARG A 21 -5.52 0.52 -11.14
N ARG A 22 -6.08 0.17 -12.30
CA ARG A 22 -7.51 -0.11 -12.42
C ARG A 22 -7.91 -1.32 -11.58
N LEU A 23 -7.16 -2.40 -11.75
CA LEU A 23 -7.54 -3.70 -11.20
C LEU A 23 -7.43 -3.73 -9.67
N LEU A 24 -6.39 -3.13 -9.16
CA LEU A 24 -6.15 -3.09 -7.73
C LEU A 24 -7.15 -2.17 -7.04
N ALA A 25 -7.51 -1.08 -7.72
CA ALA A 25 -8.55 -0.18 -7.21
C ALA A 25 -9.91 -0.86 -7.28
N ASP A 26 -10.07 -1.70 -8.30
CA ASP A 26 -11.28 -2.51 -8.48
C ASP A 26 -11.46 -3.44 -7.27
N GLN A 27 -10.44 -4.24 -7.02
CA GLN A 27 -10.47 -5.21 -5.92
C GLN A 27 -10.59 -4.51 -4.56
N LEU A 28 -9.92 -3.38 -4.42
CA LEU A 28 -10.01 -2.59 -3.19
C LEU A 28 -11.42 -2.04 -3.01
N GLY A 29 -12.07 -1.72 -4.12
CA GLY A 29 -13.44 -1.25 -4.08
C GLY A 29 -14.38 -2.32 -3.59
N SER A 30 -14.13 -3.56 -4.01
CA SER A 30 -14.94 -4.70 -3.58
C SER A 30 -14.70 -5.00 -2.09
N LEU A 31 -13.50 -4.68 -1.61
CA LEU A 31 -13.16 -4.86 -0.20
C LEU A 31 -14.03 -3.96 0.67
N GLY A 32 -14.41 -2.83 0.12
CA GLY A 32 -15.28 -1.91 0.83
C GLY A 32 -14.51 -0.95 1.70
N TYR A 33 -13.31 -0.60 1.26
CA TYR A 33 -12.47 0.34 1.99
C TYR A 33 -12.29 1.62 1.17
N GLN A 34 -11.82 2.67 1.82
CA GLN A 34 -11.59 3.94 1.15
C GLN A 34 -10.45 3.81 0.15
N CYS A 35 -10.75 4.03 -1.12
CA CYS A 35 -9.76 3.87 -2.17
C CYS A 35 -9.18 5.21 -2.61
N LYS A 36 -7.88 5.37 -2.43
CA LYS A 36 -7.18 6.57 -2.92
C LYS A 36 -6.09 6.13 -3.89
N THR A 37 -6.27 6.45 -5.16
CA THR A 37 -5.37 5.97 -6.21
C THR A 37 -4.29 6.97 -6.57
N ALA A 38 -3.09 6.44 -6.82
CA ALA A 38 -1.95 7.21 -7.30
C ALA A 38 -1.07 6.31 -8.17
N ASN A 39 0.14 6.75 -8.49
CA ASN A 39 0.98 5.97 -9.39
C ASN A 39 2.45 6.32 -9.20
N ASP A 40 3.00 5.85 -8.09
CA ASP A 40 4.42 6.03 -7.75
C ASP A 40 4.61 5.76 -6.27
N GLY A 41 5.78 5.25 -5.90
CA GLY A 41 6.06 4.97 -4.51
C GLY A 41 6.30 6.24 -3.73
N VAL A 42 6.97 7.19 -4.34
CA VAL A 42 7.23 8.48 -3.69
C VAL A 42 5.94 9.31 -3.67
N ASP A 43 5.09 9.13 -4.68
CA ASP A 43 3.80 9.81 -4.72
C ASP A 43 2.90 9.26 -3.61
N ALA A 44 3.14 8.02 -3.24
CA ALA A 44 2.42 7.40 -2.14
C ALA A 44 2.69 8.14 -0.83
N LEU A 45 3.96 8.34 -0.50
CA LEU A 45 4.32 9.03 0.74
C LEU A 45 4.02 10.53 0.63
N ASN A 46 4.08 11.04 -0.59
CA ASN A 46 3.68 12.42 -0.86
C ASN A 46 2.21 12.61 -0.52
N VAL A 47 1.40 11.66 -0.94
CA VAL A 47 -0.03 11.67 -0.66
C VAL A 47 -0.27 11.54 0.84
N LEU A 48 0.61 10.80 1.52
CA LEU A 48 0.55 10.66 2.96
C LEU A 48 0.75 12.00 3.65
N SER A 49 1.65 12.81 3.09
CA SER A 49 1.93 14.14 3.64
C SER A 49 0.86 15.14 3.18
N LYS A 50 0.15 14.80 2.12
CA LYS A 50 -0.92 15.63 1.60
C LYS A 50 -2.18 15.49 2.46
N ASN A 51 -2.54 14.25 2.72
CA ASN A 51 -3.73 13.95 3.52
C ASN A 51 -3.38 12.99 4.65
N HIS A 52 -3.78 11.74 4.48
CA HIS A 52 -3.53 10.69 5.46
C HIS A 52 -4.08 9.36 4.93
N ILE A 53 -3.39 8.28 5.24
CA ILE A 53 -3.83 6.95 4.82
C ILE A 53 -3.34 5.92 5.85
N ASP A 54 -4.11 4.85 6.03
CA ASP A 54 -3.81 3.85 7.03
C ASP A 54 -2.94 2.74 6.46
N ILE A 55 -3.32 2.25 5.29
CA ILE A 55 -2.60 1.17 4.64
C ILE A 55 -2.09 1.62 3.27
N VAL A 56 -0.79 1.47 3.03
CA VAL A 56 -0.19 1.89 1.76
C VAL A 56 0.20 0.69 0.92
N LEU A 57 -0.15 0.72 -0.36
CA LEU A 57 0.27 -0.32 -1.30
C LEU A 57 0.93 0.31 -2.51
N SER A 58 2.22 0.07 -2.69
CA SER A 58 2.94 0.65 -3.82
C SER A 58 3.28 -0.42 -4.86
N ASP A 59 2.51 -0.44 -5.94
CA ASP A 59 2.72 -1.38 -7.03
C ASP A 59 3.81 -0.88 -7.97
N VAL A 60 4.96 -1.55 -7.90
CA VAL A 60 6.13 -1.14 -8.66
C VAL A 60 6.57 -2.24 -9.61
N ASN A 61 6.64 -1.91 -10.89
CA ASN A 61 7.14 -2.82 -11.91
C ASN A 61 7.85 -2.02 -12.98
N MET A 62 9.17 -2.02 -12.92
CA MET A 62 9.98 -1.22 -13.82
C MET A 62 11.31 -1.92 -14.05
N PRO A 63 11.83 -1.90 -15.30
CA PRO A 63 13.10 -2.54 -15.65
C PRO A 63 14.20 -2.24 -14.63
N ASN A 64 14.43 -0.96 -14.36
CA ASN A 64 15.30 -0.58 -13.26
C ASN A 64 14.53 -0.68 -11.95
N MET A 65 14.64 -1.83 -11.31
CA MET A 65 13.84 -2.13 -10.12
C MET A 65 14.37 -1.40 -8.89
N ASP A 66 14.21 -0.09 -8.87
CA ASP A 66 14.55 0.72 -7.72
C ASP A 66 13.31 0.96 -6.87
N GLY A 67 12.34 0.06 -7.02
CA GLY A 67 11.08 0.17 -6.30
C GLY A 67 11.26 0.13 -4.79
N TYR A 68 12.24 -0.65 -4.34
CA TYR A 68 12.58 -0.72 -2.93
C TYR A 68 13.03 0.65 -2.44
N ARG A 69 13.90 1.28 -3.23
CA ARG A 69 14.51 2.53 -2.86
C ARG A 69 13.44 3.57 -2.51
N LEU A 70 12.27 3.35 -3.07
CA LEU A 70 11.15 4.27 -2.93
C LEU A 70 10.77 4.36 -1.47
N THR A 71 10.90 3.21 -0.83
CA THR A 71 10.59 3.07 0.55
C THR A 71 11.70 3.67 1.39
N GLN A 72 12.90 3.69 0.83
CA GLN A 72 14.02 4.36 1.48
C GLN A 72 13.69 5.83 1.71
N ARG A 73 12.98 6.42 0.74
CA ARG A 73 12.49 7.79 0.90
C ARG A 73 11.44 7.85 2.01
N ILE A 74 10.60 6.83 2.07
CA ILE A 74 9.60 6.71 3.15
C ILE A 74 10.28 6.77 4.52
N ARG A 75 11.35 5.98 4.69
CA ARG A 75 12.12 5.96 5.93
C ARG A 75 12.80 7.31 6.15
N GLN A 76 13.31 7.89 5.07
CA GLN A 76 13.96 9.20 5.12
C GLN A 76 13.05 10.25 5.72
N LEU A 77 11.78 10.22 5.31
CA LEU A 77 10.79 11.13 5.85
C LEU A 77 10.45 10.77 7.29
N GLY A 78 10.20 9.49 7.53
CA GLY A 78 9.91 9.03 8.88
C GLY A 78 8.58 8.32 8.98
N LEU A 79 8.11 7.78 7.87
CA LEU A 79 6.85 7.04 7.86
C LEU A 79 7.09 5.62 8.30
N THR A 80 6.43 5.22 9.38
CA THR A 80 6.61 3.89 9.94
C THR A 80 5.32 3.07 9.84
N LEU A 81 4.35 3.60 9.11
CA LEU A 81 3.08 2.91 8.92
C LEU A 81 3.25 1.72 7.98
N PRO A 82 2.32 0.74 8.04
CA PRO A 82 2.41 -0.48 7.22
C PRO A 82 2.43 -0.20 5.72
N VAL A 83 3.60 -0.33 5.13
CA VAL A 83 3.74 -0.18 3.68
C VAL A 83 3.93 -1.55 3.02
N ILE A 84 2.96 -1.92 2.21
CA ILE A 84 3.03 -3.18 1.49
C ILE A 84 3.33 -2.92 0.02
N GLY A 85 4.53 -3.29 -0.39
CA GLY A 85 4.94 -3.05 -1.76
C GLY A 85 4.56 -4.19 -2.68
N VAL A 86 3.79 -3.85 -3.71
CA VAL A 86 3.43 -4.82 -4.73
C VAL A 86 4.58 -4.90 -5.73
N THR A 87 5.47 -5.86 -5.51
CA THR A 87 6.69 -5.93 -6.27
C THR A 87 6.62 -6.99 -7.36
N ALA A 88 6.89 -6.58 -8.59
CA ALA A 88 6.98 -7.51 -9.70
C ALA A 88 8.44 -7.73 -10.08
N ASN A 89 8.96 -8.89 -9.70
CA ASN A 89 10.36 -9.26 -9.95
C ASN A 89 11.33 -8.23 -9.35
N ALA A 90 11.40 -8.21 -8.03
CA ALA A 90 12.32 -7.33 -7.33
C ALA A 90 13.51 -8.13 -6.80
N LEU A 91 13.82 -9.22 -7.49
CA LEU A 91 14.87 -10.15 -7.08
C LEU A 91 14.58 -10.68 -5.67
N ALA A 92 15.40 -10.29 -4.70
CA ALA A 92 15.15 -10.66 -3.32
C ALA A 92 14.53 -9.49 -2.58
N GLU A 93 13.20 -9.46 -2.53
CA GLU A 93 12.48 -8.33 -1.95
C GLU A 93 12.83 -8.12 -0.49
N GLU A 94 13.00 -9.21 0.25
CA GLU A 94 13.37 -9.12 1.67
C GLU A 94 14.70 -8.38 1.83
N LYS A 95 15.61 -8.60 0.90
CA LYS A 95 16.91 -7.96 0.94
C LYS A 95 16.79 -6.48 0.64
N GLN A 96 15.93 -6.14 -0.32
CA GLN A 96 15.73 -4.74 -0.68
C GLN A 96 15.00 -4.03 0.44
N ARG A 97 14.17 -4.78 1.17
CA ARG A 97 13.47 -4.26 2.34
C ARG A 97 14.45 -3.96 3.46
N CYS A 98 15.56 -4.66 3.46
CA CYS A 98 16.64 -4.34 4.38
C CYS A 98 17.33 -3.06 3.95
N LEU A 99 17.32 -2.81 2.64
CA LEU A 99 17.90 -1.60 2.08
C LEU A 99 17.04 -0.36 2.39
N GLU A 100 15.76 -0.39 2.03
CA GLU A 100 14.89 0.77 2.25
C GLU A 100 14.42 0.86 3.70
N SER A 101 14.04 -0.29 4.24
CA SER A 101 13.64 -0.43 5.63
C SER A 101 12.59 0.59 6.08
N GLY A 102 11.50 0.69 5.33
CA GLY A 102 10.40 1.53 5.75
C GLY A 102 9.06 0.97 5.34
N MET A 103 9.08 -0.28 4.90
CA MET A 103 7.90 -0.92 4.33
C MET A 103 7.11 -1.66 5.40
N ASP A 104 7.00 -2.97 5.22
CA ASP A 104 6.23 -3.84 6.12
C ASP A 104 6.17 -5.23 5.53
N SER A 105 5.63 -5.30 4.32
CA SER A 105 5.44 -6.57 3.64
C SER A 105 5.57 -6.38 2.14
N CYS A 106 5.90 -7.45 1.42
CA CYS A 106 6.01 -7.38 -0.02
C CYS A 106 5.14 -8.45 -0.68
N LEU A 107 4.42 -8.04 -1.71
CA LEU A 107 3.57 -8.97 -2.46
C LEU A 107 4.05 -9.02 -3.91
N SER A 108 3.36 -9.79 -4.72
CA SER A 108 3.66 -9.85 -6.14
C SER A 108 2.60 -9.09 -6.94
N LYS A 109 2.98 -8.63 -8.13
CA LYS A 109 2.09 -7.84 -8.99
C LYS A 109 0.73 -8.52 -9.25
N PRO A 110 0.70 -9.82 -9.62
CA PRO A 110 -0.57 -10.54 -9.81
C PRO A 110 -1.28 -10.85 -8.50
N VAL A 111 -1.74 -9.82 -7.81
CA VAL A 111 -2.51 -9.99 -6.59
C VAL A 111 -3.94 -10.35 -6.91
N THR A 112 -4.35 -11.54 -6.49
CA THR A 112 -5.69 -12.02 -6.71
C THR A 112 -6.63 -11.50 -5.63
N LEU A 113 -7.94 -11.61 -5.85
CA LEU A 113 -8.94 -11.20 -4.86
C LEU A 113 -8.73 -11.98 -3.57
N ASP A 114 -8.37 -13.25 -3.71
CA ASP A 114 -8.17 -14.13 -2.57
C ASP A 114 -7.05 -13.59 -1.68
N VAL A 115 -5.88 -13.42 -2.28
CA VAL A 115 -4.72 -12.89 -1.59
C VAL A 115 -4.98 -11.50 -1.04
N ILE A 116 -5.55 -10.64 -1.87
CA ILE A 116 -5.83 -9.27 -1.50
C ILE A 116 -6.72 -9.19 -0.26
N LYS A 117 -7.75 -10.03 -0.21
CA LYS A 117 -8.71 -9.99 0.89
C LYS A 117 -8.07 -10.41 2.20
N GLN A 118 -7.34 -11.52 2.20
CA GLN A 118 -6.76 -12.04 3.44
C GLN A 118 -5.69 -11.11 3.98
N THR A 119 -4.85 -10.58 3.09
CA THR A 119 -3.77 -9.70 3.51
C THR A 119 -4.30 -8.32 3.93
N LEU A 120 -5.26 -7.79 3.16
CA LEU A 120 -5.78 -6.45 3.43
C LEU A 120 -6.55 -6.43 4.73
N THR A 121 -7.45 -7.39 4.91
CA THR A 121 -8.27 -7.44 6.11
C THR A 121 -7.42 -7.73 7.35
N LEU A 122 -6.38 -8.55 7.18
CA LEU A 122 -5.50 -8.91 8.28
C LEU A 122 -4.76 -7.67 8.81
N TYR A 123 -4.30 -6.84 7.88
CA TYR A 123 -3.52 -5.66 8.25
C TYR A 123 -4.43 -4.49 8.65
N ALA A 124 -5.63 -4.46 8.08
CA ALA A 124 -6.63 -3.48 8.47
C ALA A 124 -7.08 -3.74 9.90
N GLU A 125 -7.29 -5.00 10.22
CA GLU A 125 -7.59 -5.41 11.58
C GLU A 125 -6.38 -5.17 12.47
N ARG A 126 -5.19 -5.34 11.89
CA ARG A 126 -3.93 -5.17 12.61
C ARG A 126 -3.82 -3.76 13.18
N VAL A 127 -4.10 -2.75 12.35
CA VAL A 127 -4.02 -1.37 12.79
C VAL A 127 -5.22 -1.02 13.67
N ARG A 128 -6.37 -1.63 13.37
CA ARG A 128 -7.58 -1.40 14.16
C ARG A 128 -7.39 -1.89 15.60
N LYS A 129 -6.73 -3.04 15.77
CA LYS A 129 -6.48 -3.60 17.09
C LYS A 129 -5.25 -2.97 17.73
N SER A 130 -4.40 -2.35 16.91
CA SER A 130 -3.24 -1.64 17.42
C SER A 130 -3.70 -0.42 18.23
N ARG A 131 -4.81 0.16 17.82
CA ARG A 131 -5.44 1.22 18.59
C ARG A 131 -6.41 0.62 19.60
N ASP A 132 -7.22 -0.34 19.12
CA ASP A 132 -8.24 -1.03 19.90
C ASP A 132 -9.37 -0.09 20.29
N SER A 133 -9.23 0.57 21.42
CA SER A 133 -10.25 1.50 21.90
C SER A 133 -9.64 2.85 22.18
N LYS A 1 -31.02 5.07 16.58
CA LYS A 1 -31.51 6.25 17.32
C LYS A 1 -30.37 6.93 18.09
N ALA A 2 -29.36 6.15 18.47
CA ALA A 2 -28.21 6.68 19.17
C ALA A 2 -26.97 5.83 18.89
N VAL A 3 -26.30 6.11 17.78
CA VAL A 3 -25.12 5.36 17.37
C VAL A 3 -24.23 6.19 16.46
N SER A 4 -22.93 6.02 16.60
CA SER A 4 -21.96 6.67 15.72
C SER A 4 -21.23 5.61 14.89
N ASP A 5 -21.06 5.90 13.61
CA ASP A 5 -20.52 4.91 12.69
C ASP A 5 -19.39 5.49 11.86
N ASN A 6 -18.29 4.75 11.74
CA ASN A 6 -17.16 5.20 10.93
C ASN A 6 -16.18 4.08 10.65
N ASP A 7 -16.51 3.27 9.66
CA ASP A 7 -15.59 2.25 9.16
C ASP A 7 -14.72 2.85 8.07
N ASP A 8 -14.10 3.97 8.39
CA ASP A 8 -13.37 4.77 7.41
C ASP A 8 -11.95 4.26 7.21
N MET A 9 -11.84 3.02 6.76
CA MET A 9 -10.54 2.42 6.47
C MET A 9 -10.02 2.93 5.13
N MET A 10 -9.19 3.95 5.19
CA MET A 10 -8.60 4.53 3.99
C MET A 10 -7.37 3.74 3.58
N ILE A 11 -7.40 3.22 2.36
CA ILE A 11 -6.29 2.45 1.81
C ILE A 11 -5.73 3.13 0.58
N LEU A 12 -4.42 3.06 0.41
CA LEU A 12 -3.76 3.70 -0.72
C LEU A 12 -3.47 2.69 -1.81
N VAL A 13 -4.27 2.71 -2.88
CA VAL A 13 -4.03 1.87 -4.04
C VAL A 13 -3.10 2.58 -5.00
N VAL A 14 -1.82 2.28 -4.89
CA VAL A 14 -0.81 2.90 -5.73
C VAL A 14 -0.31 1.89 -6.75
N ASP A 15 -0.27 2.29 -8.01
CA ASP A 15 0.36 1.49 -9.05
C ASP A 15 0.78 2.36 -10.22
N ASP A 16 1.98 2.14 -10.71
CA ASP A 16 2.56 2.98 -11.74
C ASP A 16 2.18 2.51 -13.15
N HIS A 17 1.50 1.37 -13.26
CA HIS A 17 1.08 0.85 -14.56
C HIS A 17 -0.43 0.77 -14.66
N PRO A 18 -1.08 1.90 -15.05
CA PRO A 18 -2.53 2.15 -14.97
C PRO A 18 -3.46 0.93 -14.94
N ILE A 19 -3.28 -0.04 -15.84
CA ILE A 19 -4.17 -1.19 -15.90
C ILE A 19 -4.22 -1.93 -14.56
N ASN A 20 -3.08 -1.99 -13.87
CA ASN A 20 -3.01 -2.69 -12.59
C ASN A 20 -3.71 -1.86 -11.52
N ARG A 21 -3.45 -0.56 -11.52
CA ARG A 21 -4.12 0.39 -10.63
C ARG A 21 -5.64 0.28 -10.74
N ARG A 22 -6.12 0.12 -11.97
CA ARG A 22 -7.54 -0.05 -12.24
C ARG A 22 -8.09 -1.25 -11.47
N LEU A 23 -7.42 -2.38 -11.61
CA LEU A 23 -7.91 -3.62 -11.04
C LEU A 23 -7.63 -3.68 -9.54
N LEU A 24 -6.62 -2.96 -9.11
CA LEU A 24 -6.23 -2.88 -7.72
C LEU A 24 -7.27 -2.06 -6.95
N ALA A 25 -7.68 -0.94 -7.54
CA ALA A 25 -8.73 -0.11 -6.96
C ALA A 25 -10.07 -0.83 -7.07
N ASP A 26 -10.23 -1.60 -8.14
CA ASP A 26 -11.42 -2.43 -8.34
C ASP A 26 -11.55 -3.42 -7.19
N GLN A 27 -10.45 -4.10 -6.88
CA GLN A 27 -10.40 -5.05 -5.78
C GLN A 27 -10.75 -4.37 -4.45
N LEU A 28 -10.14 -3.23 -4.20
CA LEU A 28 -10.39 -2.47 -2.96
C LEU A 28 -11.84 -2.04 -2.87
N GLY A 29 -12.41 -1.68 -3.99
CA GLY A 29 -13.81 -1.28 -4.03
C GLY A 29 -14.74 -2.43 -3.71
N SER A 30 -14.28 -3.65 -3.98
CA SER A 30 -15.03 -4.85 -3.66
C SER A 30 -14.91 -5.15 -2.17
N LEU A 31 -13.83 -4.68 -1.56
CA LEU A 31 -13.62 -4.83 -0.13
C LEU A 31 -14.46 -3.82 0.65
N GLY A 32 -14.80 -2.72 -0.02
CA GLY A 32 -15.64 -1.71 0.59
C GLY A 32 -14.85 -0.68 1.36
N TYR A 33 -13.58 -0.55 1.05
CA TYR A 33 -12.73 0.43 1.73
C TYR A 33 -12.46 1.62 0.80
N GLN A 34 -11.85 2.66 1.36
CA GLN A 34 -11.57 3.87 0.61
C GLN A 34 -10.36 3.67 -0.29
N CYS A 35 -10.56 3.80 -1.60
CA CYS A 35 -9.47 3.62 -2.56
C CYS A 35 -8.85 4.96 -2.93
N LYS A 36 -7.71 5.27 -2.31
CA LYS A 36 -6.98 6.48 -2.66
C LYS A 36 -6.00 6.16 -3.78
N THR A 37 -6.11 6.88 -4.88
CA THR A 37 -5.36 6.54 -6.08
C THR A 37 -4.00 7.26 -6.15
N ALA A 38 -2.98 6.52 -6.57
CA ALA A 38 -1.66 7.08 -6.81
C ALA A 38 -0.91 6.20 -7.81
N ASN A 39 0.22 6.67 -8.34
CA ASN A 39 0.92 5.88 -9.34
C ASN A 39 2.43 6.14 -9.34
N ASP A 40 3.11 5.62 -8.31
CA ASP A 40 4.57 5.65 -8.20
C ASP A 40 4.98 5.36 -6.76
N GLY A 41 6.20 4.91 -6.56
CA GLY A 41 6.68 4.63 -5.23
C GLY A 41 6.79 5.88 -4.39
N VAL A 42 7.44 6.90 -4.94
CA VAL A 42 7.59 8.18 -4.24
C VAL A 42 6.27 8.95 -4.23
N ASP A 43 5.45 8.73 -5.25
CA ASP A 43 4.12 9.34 -5.32
C ASP A 43 3.30 8.99 -4.08
N ALA A 44 3.51 7.77 -3.58
CA ALA A 44 2.83 7.33 -2.37
C ALA A 44 3.16 8.24 -1.19
N LEU A 45 4.37 8.78 -1.19
CA LEU A 45 4.81 9.71 -0.16
C LEU A 45 4.10 11.04 -0.31
N ASN A 46 3.97 11.48 -1.55
CA ASN A 46 3.32 12.75 -1.88
C ASN A 46 1.88 12.75 -1.38
N VAL A 47 1.13 11.73 -1.74
CA VAL A 47 -0.27 11.62 -1.34
C VAL A 47 -0.38 11.36 0.16
N LEU A 48 0.58 10.64 0.72
CA LEU A 48 0.61 10.34 2.16
C LEU A 48 0.78 11.63 2.97
N SER A 49 1.59 12.55 2.47
CA SER A 49 1.82 13.81 3.13
C SER A 49 0.60 14.72 3.02
N LYS A 50 -0.14 14.57 1.93
CA LYS A 50 -1.33 15.38 1.69
C LYS A 50 -2.50 14.87 2.53
N ASN A 51 -2.61 13.56 2.64
CA ASN A 51 -3.67 12.93 3.42
C ASN A 51 -3.14 11.66 4.07
N HIS A 52 -3.36 11.52 5.37
CA HIS A 52 -2.80 10.39 6.11
C HIS A 52 -3.64 9.14 5.95
N ILE A 53 -3.38 8.42 4.87
CA ILE A 53 -3.96 7.09 4.64
C ILE A 53 -3.37 6.09 5.64
N ASP A 54 -4.15 5.10 6.04
CA ASP A 54 -3.71 4.16 7.09
C ASP A 54 -2.88 3.02 6.50
N ILE A 55 -3.43 2.35 5.50
CA ILE A 55 -2.73 1.22 4.88
C ILE A 55 -2.22 1.61 3.50
N VAL A 56 -0.92 1.51 3.27
CA VAL A 56 -0.35 1.88 1.98
C VAL A 56 0.15 0.64 1.23
N LEU A 57 -0.22 0.53 -0.03
CA LEU A 57 0.32 -0.53 -0.89
C LEU A 57 0.83 0.08 -2.19
N SER A 58 2.15 0.05 -2.37
CA SER A 58 2.77 0.67 -3.54
C SER A 58 3.16 -0.39 -4.58
N ASP A 59 2.36 -0.49 -5.62
CA ASP A 59 2.63 -1.40 -6.73
C ASP A 59 3.47 -0.69 -7.79
N VAL A 60 4.64 -1.24 -8.05
CA VAL A 60 5.57 -0.63 -8.99
C VAL A 60 5.91 -1.58 -10.14
N ASN A 61 5.72 -1.11 -11.36
CA ASN A 61 6.02 -1.91 -12.54
C ASN A 61 7.29 -1.39 -13.16
N MET A 62 7.50 -0.09 -12.99
CA MET A 62 8.67 0.58 -13.51
C MET A 62 9.49 1.19 -12.38
N PRO A 63 10.36 0.38 -11.74
CA PRO A 63 11.22 0.85 -10.66
C PRO A 63 12.48 1.52 -11.21
N ASN A 64 13.64 0.94 -10.89
CA ASN A 64 14.91 1.43 -11.38
C ASN A 64 16.02 0.47 -10.98
N MET A 65 16.74 0.79 -9.93
CA MET A 65 17.79 -0.08 -9.43
C MET A 65 17.22 -1.02 -8.37
N ASP A 66 16.75 -2.19 -8.84
CA ASP A 66 16.18 -3.23 -7.98
C ASP A 66 14.80 -2.85 -7.45
N GLY A 67 14.68 -1.64 -6.92
CA GLY A 67 13.37 -1.15 -6.48
C GLY A 67 13.30 -0.86 -5.00
N TYR A 68 14.41 -1.02 -4.30
CA TYR A 68 14.45 -0.80 -2.85
C TYR A 68 14.21 0.66 -2.50
N ARG A 69 14.68 1.53 -3.34
CA ARG A 69 14.94 2.88 -2.94
C ARG A 69 13.68 3.62 -2.51
N LEU A 70 12.55 3.22 -3.04
CA LEU A 70 11.33 4.01 -2.89
C LEU A 70 10.89 3.93 -1.45
N THR A 71 11.20 2.80 -0.86
CA THR A 71 10.88 2.53 0.52
C THR A 71 11.89 3.23 1.41
N GLN A 72 13.08 3.43 0.87
CA GLN A 72 14.13 4.13 1.60
C GLN A 72 13.66 5.55 1.90
N ARG A 73 13.10 6.19 0.90
CA ARG A 73 12.51 7.52 1.08
C ARG A 73 11.40 7.48 2.11
N ILE A 74 10.60 6.40 2.10
CA ILE A 74 9.56 6.20 3.11
C ILE A 74 10.17 6.13 4.51
N ARG A 75 11.28 5.41 4.64
CA ARG A 75 11.97 5.28 5.92
C ARG A 75 12.46 6.64 6.41
N GLN A 76 13.04 7.42 5.49
CA GLN A 76 13.53 8.76 5.83
C GLN A 76 12.39 9.65 6.32
N LEU A 77 11.22 9.45 5.72
CA LEU A 77 10.01 10.19 6.11
C LEU A 77 9.67 9.94 7.57
N GLY A 78 9.87 8.70 8.01
CA GLY A 78 9.44 8.32 9.34
C GLY A 78 8.01 7.84 9.32
N LEU A 79 7.77 6.83 8.48
CA LEU A 79 6.43 6.23 8.32
C LEU A 79 5.75 5.97 9.66
N THR A 80 4.48 6.33 9.72
CA THR A 80 3.67 6.09 10.91
C THR A 80 2.58 5.06 10.60
N LEU A 81 2.82 4.26 9.56
CA LEU A 81 1.84 3.29 9.09
C LEU A 81 2.53 2.19 8.31
N PRO A 82 1.91 0.99 8.21
CA PRO A 82 2.50 -0.16 7.53
C PRO A 82 2.43 -0.05 6.00
N VAL A 83 3.53 -0.44 5.36
CA VAL A 83 3.63 -0.36 3.91
C VAL A 83 3.76 -1.74 3.28
N ILE A 84 2.87 -2.03 2.33
CA ILE A 84 2.92 -3.26 1.56
C ILE A 84 3.46 -2.96 0.17
N GLY A 85 4.68 -3.39 -0.08
CA GLY A 85 5.29 -3.12 -1.36
C GLY A 85 4.96 -4.17 -2.39
N VAL A 86 4.15 -3.79 -3.37
CA VAL A 86 3.81 -4.69 -4.47
C VAL A 86 4.83 -4.48 -5.58
N THR A 87 5.85 -5.32 -5.60
CA THR A 87 6.96 -5.13 -6.50
C THR A 87 6.89 -6.08 -7.69
N ALA A 88 7.19 -5.57 -8.87
CA ALA A 88 7.23 -6.39 -10.07
C ALA A 88 8.63 -6.98 -10.26
N ASN A 89 8.75 -8.27 -9.94
CA ASN A 89 9.99 -9.03 -10.14
C ASN A 89 11.18 -8.37 -9.45
N ALA A 90 11.03 -8.02 -8.19
CA ALA A 90 12.12 -7.45 -7.43
C ALA A 90 12.87 -8.55 -6.69
N LEU A 91 13.79 -9.20 -7.41
CA LEU A 91 14.57 -10.32 -6.87
C LEU A 91 15.19 -9.95 -5.53
N ALA A 92 15.03 -10.84 -4.54
CA ALA A 92 15.51 -10.61 -3.19
C ALA A 92 14.82 -9.40 -2.57
N GLU A 93 13.49 -9.44 -2.54
CA GLU A 93 12.69 -8.36 -1.98
C GLU A 93 13.06 -8.11 -0.53
N GLU A 94 13.33 -9.19 0.19
CA GLU A 94 13.73 -9.10 1.59
C GLU A 94 15.03 -8.33 1.74
N LYS A 95 15.89 -8.42 0.73
CA LYS A 95 17.16 -7.73 0.77
C LYS A 95 16.97 -6.26 0.45
N GLN A 96 15.98 -5.92 -0.38
CA GLN A 96 15.68 -4.51 -0.58
C GLN A 96 15.15 -3.98 0.72
N ARG A 97 14.33 -4.78 1.38
CA ARG A 97 13.74 -4.42 2.67
C ARG A 97 14.83 -4.13 3.71
N CYS A 98 15.97 -4.79 3.58
CA CYS A 98 17.11 -4.50 4.42
C CYS A 98 17.68 -3.12 4.11
N LEU A 99 17.71 -2.79 2.82
CA LEU A 99 18.26 -1.51 2.38
C LEU A 99 17.34 -0.33 2.71
N GLU A 100 16.08 -0.39 2.28
CA GLU A 100 15.16 0.71 2.47
C GLU A 100 14.59 0.73 3.89
N SER A 101 14.17 -0.45 4.37
CA SER A 101 13.64 -0.62 5.71
C SER A 101 12.52 0.37 6.07
N GLY A 102 11.51 0.46 5.22
CA GLY A 102 10.37 1.32 5.52
C GLY A 102 9.06 0.72 5.07
N MET A 103 9.03 -0.59 4.95
CA MET A 103 7.86 -1.28 4.41
C MET A 103 7.08 -2.01 5.50
N ASP A 104 6.99 -3.33 5.37
CA ASP A 104 6.31 -4.21 6.32
C ASP A 104 6.15 -5.58 5.69
N SER A 105 5.49 -5.60 4.54
CA SER A 105 5.27 -6.83 3.79
C SER A 105 5.49 -6.58 2.30
N CYS A 106 5.79 -7.63 1.55
CA CYS A 106 6.05 -7.50 0.12
C CYS A 106 5.20 -8.48 -0.67
N LEU A 107 4.76 -8.05 -1.85
CA LEU A 107 4.00 -8.89 -2.76
C LEU A 107 4.52 -8.67 -4.17
N SER A 108 3.88 -9.29 -5.15
CA SER A 108 4.28 -9.11 -6.53
C SER A 108 3.13 -8.54 -7.36
N LYS A 109 3.47 -7.96 -8.50
CA LYS A 109 2.50 -7.36 -9.42
C LYS A 109 1.25 -8.23 -9.64
N PRO A 110 1.40 -9.55 -9.92
CA PRO A 110 0.25 -10.46 -10.04
C PRO A 110 -0.49 -10.67 -8.71
N VAL A 111 -1.22 -9.65 -8.29
CA VAL A 111 -2.07 -9.74 -7.12
C VAL A 111 -3.47 -10.20 -7.52
N THR A 112 -4.20 -10.80 -6.59
CA THR A 112 -5.55 -11.27 -6.88
C THR A 112 -6.50 -10.93 -5.74
N LEU A 113 -7.81 -11.14 -5.96
CA LEU A 113 -8.84 -10.78 -5.00
C LEU A 113 -8.62 -11.45 -3.64
N ASP A 114 -8.34 -12.76 -3.66
CA ASP A 114 -8.18 -13.50 -2.41
C ASP A 114 -6.91 -13.08 -1.69
N VAL A 115 -5.85 -12.88 -2.46
CA VAL A 115 -4.57 -12.46 -1.89
C VAL A 115 -4.69 -11.10 -1.23
N ILE A 116 -5.35 -10.18 -1.94
CA ILE A 116 -5.56 -8.83 -1.44
C ILE A 116 -6.48 -8.85 -0.22
N LYS A 117 -7.42 -9.78 -0.21
CA LYS A 117 -8.33 -9.94 0.92
C LYS A 117 -7.56 -10.37 2.15
N GLN A 118 -6.61 -11.28 1.97
CA GLN A 118 -5.79 -11.78 3.04
C GLN A 118 -4.99 -10.65 3.68
N THR A 119 -4.40 -9.81 2.83
CA THR A 119 -3.62 -8.67 3.31
C THR A 119 -4.53 -7.63 3.98
N LEU A 120 -5.65 -7.34 3.34
CA LEU A 120 -6.60 -6.34 3.82
C LEU A 120 -7.10 -6.71 5.21
N THR A 121 -7.59 -7.93 5.35
CA THR A 121 -8.13 -8.41 6.61
C THR A 121 -7.08 -8.41 7.71
N LEU A 122 -5.87 -8.88 7.38
CA LEU A 122 -4.78 -8.94 8.34
C LEU A 122 -4.39 -7.54 8.81
N TYR A 123 -4.25 -6.62 7.86
CA TYR A 123 -3.80 -5.27 8.14
C TYR A 123 -4.86 -4.50 8.92
N ALA A 124 -6.08 -4.46 8.39
CA ALA A 124 -7.17 -3.73 9.01
C ALA A 124 -7.40 -4.19 10.45
N GLU A 125 -7.34 -5.49 10.66
CA GLU A 125 -7.52 -6.05 11.99
C GLU A 125 -6.40 -5.58 12.92
N ARG A 126 -5.16 -5.71 12.45
CA ARG A 126 -4.00 -5.45 13.30
C ARG A 126 -3.92 -3.98 13.70
N VAL A 127 -4.31 -3.07 12.81
CA VAL A 127 -4.28 -1.65 13.15
C VAL A 127 -5.48 -1.29 14.03
N ARG A 128 -6.59 -2.00 13.83
CA ARG A 128 -7.80 -1.77 14.61
C ARG A 128 -7.58 -2.19 16.07
N LYS A 129 -7.07 -3.41 16.27
CA LYS A 129 -6.89 -3.96 17.61
C LYS A 129 -5.80 -3.23 18.38
N SER A 130 -4.78 -2.75 17.66
CA SER A 130 -3.70 -2.03 18.30
C SER A 130 -4.13 -0.61 18.67
N ARG A 131 -4.67 0.12 17.70
CA ARG A 131 -5.06 1.51 17.91
C ARG A 131 -6.21 1.61 18.91
N ASP A 132 -7.18 0.73 18.79
CA ASP A 132 -8.32 0.74 19.69
C ASP A 132 -8.27 -0.46 20.62
N SER A 133 -7.35 -0.41 21.57
CA SER A 133 -7.21 -1.47 22.54
C SER A 133 -8.33 -1.40 23.57
N LYS A 1 -26.34 10.11 20.47
CA LYS A 1 -27.38 9.48 19.63
C LYS A 1 -26.75 8.77 18.43
N ALA A 2 -26.61 9.48 17.32
CA ALA A 2 -26.06 8.89 16.10
C ALA A 2 -24.68 9.48 15.81
N VAL A 3 -23.71 9.10 16.63
CA VAL A 3 -22.34 9.56 16.45
C VAL A 3 -21.41 8.39 16.16
N SER A 4 -22.00 7.21 16.02
CA SER A 4 -21.24 6.01 15.73
C SER A 4 -20.93 5.91 14.24
N ASP A 5 -19.77 6.43 13.86
CA ASP A 5 -19.36 6.44 12.45
C ASP A 5 -17.90 6.81 12.33
N ASN A 6 -17.14 5.95 11.66
CA ASN A 6 -15.76 6.21 11.31
C ASN A 6 -15.23 5.09 10.46
N ASP A 7 -15.92 4.87 9.36
CA ASP A 7 -15.44 3.90 8.37
C ASP A 7 -14.40 4.56 7.48
N ASP A 8 -13.54 5.33 8.12
CA ASP A 8 -12.54 6.12 7.41
C ASP A 8 -11.29 5.30 7.12
N MET A 9 -11.51 4.10 6.59
CA MET A 9 -10.41 3.22 6.24
C MET A 9 -9.97 3.50 4.81
N MET A 10 -9.00 4.39 4.66
CA MET A 10 -8.51 4.78 3.36
C MET A 10 -7.20 4.08 3.05
N ILE A 11 -7.19 3.35 1.96
CA ILE A 11 -6.04 2.60 1.51
C ILE A 11 -5.46 3.24 0.26
N LEU A 12 -4.14 3.27 0.16
CA LEU A 12 -3.48 3.87 -0.99
C LEU A 12 -3.16 2.82 -2.04
N VAL A 13 -3.82 2.90 -3.17
CA VAL A 13 -3.53 2.02 -4.30
C VAL A 13 -2.62 2.76 -5.28
N VAL A 14 -1.35 2.39 -5.27
CA VAL A 14 -0.34 3.11 -6.02
C VAL A 14 0.33 2.22 -7.04
N ASP A 15 -0.20 2.14 -8.25
CA ASP A 15 0.38 1.27 -9.27
C ASP A 15 0.99 2.10 -10.38
N ASP A 16 2.19 1.71 -10.77
CA ASP A 16 2.92 2.43 -11.82
C ASP A 16 2.26 2.24 -13.18
N HIS A 17 1.60 1.10 -13.38
CA HIS A 17 1.00 0.78 -14.66
C HIS A 17 -0.53 0.91 -14.59
N PRO A 18 -1.09 1.75 -15.47
CA PRO A 18 -2.53 2.08 -15.47
C PRO A 18 -3.44 0.85 -15.41
N ILE A 19 -3.09 -0.21 -16.12
CA ILE A 19 -3.94 -1.39 -16.20
C ILE A 19 -4.15 -2.03 -14.82
N ASN A 20 -3.08 -2.21 -14.06
CA ASN A 20 -3.19 -2.84 -12.77
C ASN A 20 -3.62 -1.83 -11.72
N ARG A 21 -3.39 -0.55 -12.00
CA ARG A 21 -3.83 0.50 -11.10
C ARG A 21 -5.35 0.46 -10.93
N ARG A 22 -6.06 0.44 -12.05
CA ARG A 22 -7.52 0.40 -12.01
C ARG A 22 -8.02 -0.94 -11.51
N LEU A 23 -7.29 -2.01 -11.81
CA LEU A 23 -7.68 -3.35 -11.37
C LEU A 23 -7.50 -3.50 -9.87
N LEU A 24 -6.44 -2.93 -9.34
CA LEU A 24 -6.15 -2.97 -7.91
C LEU A 24 -7.13 -2.09 -7.15
N ALA A 25 -7.49 -0.97 -7.74
CA ALA A 25 -8.50 -0.09 -7.18
C ALA A 25 -9.87 -0.76 -7.23
N ASP A 26 -10.07 -1.59 -8.25
CA ASP A 26 -11.29 -2.39 -8.38
C ASP A 26 -11.36 -3.43 -7.28
N GLN A 27 -10.23 -4.10 -7.05
CA GLN A 27 -10.11 -5.07 -5.95
C GLN A 27 -10.43 -4.41 -4.62
N LEU A 28 -9.83 -3.25 -4.40
CA LEU A 28 -10.06 -2.48 -3.17
C LEU A 28 -11.52 -2.07 -3.03
N GLY A 29 -12.12 -1.66 -4.14
CA GLY A 29 -13.51 -1.30 -4.15
C GLY A 29 -14.42 -2.49 -3.86
N SER A 30 -13.96 -3.67 -4.25
CA SER A 30 -14.69 -4.91 -3.98
C SER A 30 -14.62 -5.25 -2.50
N LEU A 31 -13.58 -4.78 -1.83
CA LEU A 31 -13.44 -4.96 -0.40
C LEU A 31 -14.40 -4.03 0.34
N GLY A 32 -14.52 -2.81 -0.16
CA GLY A 32 -15.40 -1.84 0.47
C GLY A 32 -14.64 -0.77 1.20
N TYR A 33 -13.33 -0.70 0.95
CA TYR A 33 -12.49 0.30 1.59
C TYR A 33 -12.13 1.40 0.60
N GLN A 34 -11.80 2.58 1.12
CA GLN A 34 -11.49 3.72 0.29
C GLN A 34 -10.23 3.46 -0.53
N CYS A 35 -10.31 3.75 -1.82
CA CYS A 35 -9.18 3.52 -2.72
C CYS A 35 -8.62 4.84 -3.23
N LYS A 36 -7.51 5.27 -2.65
CA LYS A 36 -6.82 6.48 -3.10
C LYS A 36 -5.82 6.11 -4.18
N THR A 37 -6.10 6.53 -5.40
CA THR A 37 -5.32 6.08 -6.55
C THR A 37 -4.13 7.00 -6.82
N ALA A 38 -2.94 6.41 -6.91
CA ALA A 38 -1.72 7.15 -7.21
C ALA A 38 -0.81 6.32 -8.10
N ASN A 39 0.33 6.89 -8.49
CA ASN A 39 1.23 6.25 -9.43
C ASN A 39 2.65 6.74 -9.22
N ASP A 40 3.25 6.25 -8.13
CA ASP A 40 4.67 6.49 -7.79
C ASP A 40 4.86 6.23 -6.30
N GLY A 41 6.00 5.67 -5.93
CA GLY A 41 6.26 5.39 -4.54
C GLY A 41 6.37 6.65 -3.71
N VAL A 42 7.03 7.66 -4.29
CA VAL A 42 7.18 8.94 -3.61
C VAL A 42 5.85 9.71 -3.64
N ASP A 43 5.06 9.50 -4.70
CA ASP A 43 3.73 10.08 -4.82
C ASP A 43 2.84 9.61 -3.67
N ALA A 44 2.96 8.33 -3.35
CA ALA A 44 2.19 7.74 -2.26
C ALA A 44 2.56 8.38 -0.93
N LEU A 45 3.86 8.59 -0.71
CA LEU A 45 4.34 9.14 0.54
C LEU A 45 3.98 10.64 0.64
N ASN A 46 4.00 11.33 -0.49
CA ASN A 46 3.59 12.75 -0.53
C ASN A 46 2.09 12.87 -0.26
N VAL A 47 1.33 11.97 -0.86
CA VAL A 47 -0.11 11.90 -0.65
C VAL A 47 -0.39 11.59 0.81
N LEU A 48 0.51 10.83 1.43
CA LEU A 48 0.40 10.48 2.84
C LEU A 48 0.62 11.71 3.74
N SER A 49 1.52 12.59 3.32
CA SER A 49 1.84 13.75 4.14
C SER A 49 0.66 14.70 4.23
N LYS A 50 -0.02 14.91 3.11
CA LYS A 50 -1.17 15.80 3.07
C LYS A 50 -2.44 15.09 3.52
N ASN A 51 -2.52 13.81 3.25
CA ASN A 51 -3.70 13.01 3.58
C ASN A 51 -3.32 11.77 4.36
N HIS A 52 -3.87 11.64 5.56
CA HIS A 52 -3.48 10.57 6.48
C HIS A 52 -4.15 9.24 6.09
N ILE A 53 -3.60 8.59 5.09
CA ILE A 53 -4.06 7.27 4.67
C ILE A 53 -3.64 6.22 5.71
N ASP A 54 -4.46 5.19 5.87
CA ASP A 54 -4.24 4.18 6.91
C ASP A 54 -3.28 3.10 6.42
N ILE A 55 -3.65 2.40 5.35
CA ILE A 55 -2.83 1.33 4.81
C ILE A 55 -2.35 1.71 3.41
N VAL A 56 -1.12 1.33 3.06
CA VAL A 56 -0.57 1.68 1.75
C VAL A 56 -0.13 0.42 0.99
N LEU A 57 -0.61 0.29 -0.24
CA LEU A 57 -0.14 -0.77 -1.12
C LEU A 57 0.44 -0.16 -2.38
N SER A 58 1.76 -0.07 -2.43
CA SER A 58 2.43 0.51 -3.58
C SER A 58 2.92 -0.59 -4.51
N ASP A 59 2.20 -0.76 -5.60
CA ASP A 59 2.52 -1.78 -6.58
C ASP A 59 3.45 -1.20 -7.64
N VAL A 60 4.67 -1.71 -7.68
CA VAL A 60 5.68 -1.22 -8.60
C VAL A 60 5.86 -2.19 -9.75
N ASN A 61 5.36 -1.80 -10.91
CA ASN A 61 5.51 -2.61 -12.13
C ASN A 61 6.90 -2.38 -12.69
N MET A 62 7.52 -1.32 -12.21
CA MET A 62 8.86 -0.94 -12.60
C MET A 62 9.87 -1.84 -11.88
N PRO A 63 10.49 -2.77 -12.62
CA PRO A 63 11.36 -3.79 -12.04
C PRO A 63 12.78 -3.29 -11.76
N ASN A 64 13.64 -3.39 -12.77
CA ASN A 64 15.04 -3.02 -12.64
C ASN A 64 15.22 -1.51 -12.75
N MET A 65 14.57 -0.78 -11.84
CA MET A 65 14.66 0.67 -11.82
C MET A 65 14.19 1.24 -10.50
N ASP A 66 14.94 0.97 -9.44
CA ASP A 66 14.70 1.57 -8.12
C ASP A 66 13.31 1.22 -7.57
N GLY A 67 12.87 -0.01 -7.78
CA GLY A 67 11.54 -0.43 -7.33
C GLY A 67 11.43 -0.56 -5.81
N TYR A 68 12.55 -0.34 -5.13
CA TYR A 68 12.62 -0.39 -3.67
C TYR A 68 12.76 1.02 -3.12
N ARG A 69 13.35 1.86 -3.95
CA ARG A 69 13.90 3.10 -3.49
C ARG A 69 12.82 3.98 -2.89
N LEU A 70 11.61 3.75 -3.31
CA LEU A 70 10.50 4.63 -2.97
C LEU A 70 10.22 4.51 -1.49
N THR A 71 10.40 3.30 -1.00
CA THR A 71 10.22 2.99 0.39
C THR A 71 11.38 3.55 1.19
N GLN A 72 12.53 3.68 0.54
CA GLN A 72 13.69 4.30 1.16
C GLN A 72 13.35 5.74 1.59
N ARG A 73 12.72 6.48 0.68
CA ARG A 73 12.27 7.84 0.99
C ARG A 73 11.24 7.83 2.11
N ILE A 74 10.41 6.79 2.13
CA ILE A 74 9.41 6.63 3.19
C ILE A 74 10.08 6.48 4.56
N ARG A 75 11.13 5.65 4.61
CA ARG A 75 11.87 5.43 5.85
C ARG A 75 12.63 6.68 6.25
N GLN A 76 13.19 7.38 5.26
CA GLN A 76 13.93 8.60 5.49
C GLN A 76 13.07 9.65 6.16
N LEU A 77 11.85 9.80 5.64
CA LEU A 77 10.92 10.81 6.14
C LEU A 77 10.47 10.48 7.57
N GLY A 78 10.42 9.21 7.90
CA GLY A 78 9.93 8.80 9.21
C GLY A 78 8.51 8.29 9.11
N LEU A 79 8.36 7.05 8.71
CA LEU A 79 7.06 6.48 8.42
C LEU A 79 6.33 6.00 9.68
N THR A 80 5.03 5.86 9.52
CA THR A 80 4.17 5.26 10.54
C THR A 80 3.33 4.17 9.85
N LEU A 81 3.51 4.10 8.55
CA LEU A 81 2.64 3.34 7.67
C LEU A 81 2.95 1.85 7.67
N PRO A 82 1.92 1.03 7.49
CA PRO A 82 2.07 -0.36 7.10
C PRO A 82 2.11 -0.46 5.57
N VAL A 83 3.32 -0.55 5.03
CA VAL A 83 3.49 -0.49 3.58
C VAL A 83 3.63 -1.87 2.96
N ILE A 84 2.66 -2.22 2.14
CA ILE A 84 2.72 -3.45 1.38
C ILE A 84 3.12 -3.15 -0.05
N GLY A 85 4.37 -3.45 -0.38
CA GLY A 85 4.88 -3.15 -1.69
C GLY A 85 4.80 -4.34 -2.62
N VAL A 86 4.04 -4.21 -3.69
CA VAL A 86 3.92 -5.26 -4.67
C VAL A 86 5.02 -5.12 -5.71
N THR A 87 5.64 -6.23 -6.08
CA THR A 87 6.76 -6.19 -7.00
C THR A 87 6.47 -6.99 -8.26
N ALA A 88 6.76 -6.40 -9.41
CA ALA A 88 6.62 -7.11 -10.67
C ALA A 88 7.99 -7.43 -11.26
N ASN A 89 8.38 -8.69 -11.12
CA ASN A 89 9.67 -9.19 -11.62
C ASN A 89 10.82 -8.26 -11.26
N ALA A 90 10.89 -7.85 -10.00
CA ALA A 90 11.93 -6.93 -9.55
C ALA A 90 13.24 -7.67 -9.28
N LEU A 91 13.14 -8.98 -9.05
CA LEU A 91 14.30 -9.85 -8.82
C LEU A 91 15.00 -9.55 -7.50
N ALA A 92 14.93 -10.50 -6.59
CA ALA A 92 15.54 -10.39 -5.26
C ALA A 92 15.06 -9.13 -4.55
N GLU A 93 13.75 -8.95 -4.54
CA GLU A 93 13.14 -7.80 -3.90
C GLU A 93 13.37 -7.86 -2.39
N GLU A 94 13.73 -9.04 -1.91
CA GLU A 94 14.10 -9.19 -0.50
C GLU A 94 15.33 -8.36 -0.18
N LYS A 95 16.27 -8.31 -1.13
CA LYS A 95 17.50 -7.53 -0.94
C LYS A 95 17.22 -6.05 -1.07
N GLN A 96 16.38 -5.68 -2.05
CA GLN A 96 15.98 -4.29 -2.20
C GLN A 96 15.19 -3.85 -0.97
N ARG A 97 14.55 -4.81 -0.34
CA ARG A 97 13.79 -4.57 0.86
C ARG A 97 14.69 -4.11 2.01
N CYS A 98 15.79 -4.84 2.25
CA CYS A 98 16.75 -4.41 3.26
C CYS A 98 17.28 -3.04 2.90
N LEU A 99 17.27 -2.74 1.61
CA LEU A 99 17.73 -1.46 1.11
C LEU A 99 16.78 -0.33 1.52
N GLU A 100 15.48 -0.47 1.27
CA GLU A 100 14.57 0.64 1.58
C GLU A 100 14.23 0.69 3.06
N SER A 101 13.93 -0.48 3.62
CA SER A 101 13.62 -0.64 5.04
C SER A 101 12.57 0.36 5.56
N GLY A 102 11.45 0.50 4.86
CA GLY A 102 10.38 1.35 5.36
C GLY A 102 9.01 0.83 4.97
N MET A 103 8.91 -0.46 4.73
CA MET A 103 7.72 -1.07 4.17
C MET A 103 6.92 -1.82 5.24
N ASP A 104 6.85 -3.14 5.09
CA ASP A 104 6.13 -4.02 6.01
C ASP A 104 6.15 -5.43 5.43
N SER A 105 5.73 -5.53 4.17
CA SER A 105 5.73 -6.79 3.45
C SER A 105 5.61 -6.56 1.95
N CYS A 106 6.14 -7.49 1.16
CA CYS A 106 6.09 -7.38 -0.28
C CYS A 106 5.11 -8.41 -0.87
N LEU A 107 4.53 -8.09 -2.02
CA LEU A 107 3.55 -8.97 -2.65
C LEU A 107 3.96 -9.27 -4.10
N SER A 108 3.30 -10.25 -4.70
CA SER A 108 3.55 -10.62 -6.07
C SER A 108 2.55 -9.93 -7.00
N LYS A 109 3.01 -9.58 -8.21
CA LYS A 109 2.18 -8.87 -9.18
C LYS A 109 0.78 -9.47 -9.38
N PRO A 110 0.63 -10.81 -9.50
CA PRO A 110 -0.69 -11.45 -9.63
C PRO A 110 -1.50 -11.39 -8.33
N VAL A 111 -1.77 -10.18 -7.84
CA VAL A 111 -2.60 -9.99 -6.66
C VAL A 111 -4.04 -10.36 -6.98
N THR A 112 -4.52 -11.43 -6.36
CA THR A 112 -5.89 -11.88 -6.56
C THR A 112 -6.81 -11.25 -5.53
N LEU A 113 -8.11 -11.24 -5.80
CA LEU A 113 -9.11 -10.67 -4.91
C LEU A 113 -8.98 -11.25 -3.50
N ASP A 114 -8.84 -12.57 -3.41
CA ASP A 114 -8.75 -13.23 -2.12
C ASP A 114 -7.43 -12.94 -1.44
N VAL A 115 -6.34 -12.93 -2.20
CA VAL A 115 -5.02 -12.71 -1.63
C VAL A 115 -4.89 -11.27 -1.11
N ILE A 116 -5.52 -10.32 -1.80
CA ILE A 116 -5.54 -8.95 -1.32
C ILE A 116 -6.44 -8.83 -0.09
N LYS A 117 -7.47 -9.68 -0.02
CA LYS A 117 -8.38 -9.69 1.11
C LYS A 117 -7.65 -10.18 2.37
N GLN A 118 -6.84 -11.22 2.20
CA GLN A 118 -6.06 -11.77 3.31
C GLN A 118 -5.14 -10.70 3.89
N THR A 119 -4.41 -10.02 3.01
CA THR A 119 -3.49 -8.97 3.43
C THR A 119 -4.25 -7.77 4.00
N LEU A 120 -5.40 -7.45 3.41
CA LEU A 120 -6.24 -6.34 3.87
C LEU A 120 -6.68 -6.60 5.30
N THR A 121 -7.30 -7.75 5.52
CA THR A 121 -7.76 -8.16 6.83
C THR A 121 -6.62 -8.17 7.84
N LEU A 122 -5.47 -8.70 7.41
CA LEU A 122 -4.28 -8.77 8.25
C LEU A 122 -3.90 -7.38 8.78
N TYR A 123 -3.77 -6.44 7.87
CA TYR A 123 -3.32 -5.10 8.23
C TYR A 123 -4.42 -4.33 8.96
N ALA A 124 -5.66 -4.61 8.60
CA ALA A 124 -6.80 -3.99 9.25
C ALA A 124 -6.86 -4.39 10.71
N GLU A 125 -6.59 -5.67 10.99
CA GLU A 125 -6.57 -6.16 12.35
C GLU A 125 -5.45 -5.50 13.15
N ARG A 126 -4.33 -5.26 12.48
CA ARG A 126 -3.16 -4.65 13.12
C ARG A 126 -3.45 -3.22 13.53
N VAL A 127 -4.01 -2.45 12.62
CA VAL A 127 -4.30 -1.04 12.90
C VAL A 127 -5.47 -0.92 13.87
N ARG A 128 -6.41 -1.86 13.81
CA ARG A 128 -7.57 -1.85 14.69
C ARG A 128 -7.16 -2.17 16.12
N LYS A 129 -6.34 -3.21 16.29
CA LYS A 129 -5.94 -3.64 17.63
C LYS A 129 -4.95 -2.64 18.25
N SER A 130 -4.26 -1.88 17.40
CA SER A 130 -3.34 -0.86 17.90
C SER A 130 -4.06 0.46 18.17
N ARG A 131 -5.22 0.64 17.53
CA ARG A 131 -5.96 1.89 17.66
C ARG A 131 -7.01 1.80 18.76
N ASP A 132 -7.96 0.89 18.60
CA ASP A 132 -9.12 0.83 19.47
C ASP A 132 -9.29 -0.56 20.05
N SER A 133 -8.27 -1.04 20.74
CA SER A 133 -8.34 -2.33 21.42
C SER A 133 -7.42 -2.29 22.64
#